data_7TCC
#
_entry.id   7TCC
#
_cell.length_a   1.00
_cell.length_b   1.00
_cell.length_c   1.00
_cell.angle_alpha   90.00
_cell.angle_beta   90.00
_cell.angle_gamma   90.00
#
_symmetry.space_group_name_H-M   'P 1'
#
loop_
_entity.id
_entity.type
_entity.pdbx_description
1 polymer 'Spike glycoprotein'
2 polymer 'Heavy chain of antibody A19-46.1'
3 polymer 'Light chain of antibody A19-46.1'
4 polymer 'heavy chain of antibody B1-182.1'
5 polymer 'Light chain of antibody B1-182.1'
6 branched 2-acetamido-2-deoxy-beta-D-glucopyranose-(1-4)-2-acetamido-2-deoxy-beta-D-glucopyranose
7 non-polymer 2-acetamido-2-deoxy-beta-D-glucopyranose
#
loop_
_entity_poly.entity_id
_entity_poly.type
_entity_poly.pdbx_seq_one_letter_code
_entity_poly.pdbx_strand_id
1 'polypeptide(L)'
;QCVNLTTRTQLPPAYTNSFTRGVYYPDKVFRSSVLHSTQDLFLPFFSNVTWFHVISGTNGTKRFDNPVLPFNDGVYFASI
EKSNIIRGWIFGTTLDSKTQSLLIVNNATNVVIKVCEFQFCNDPFLDHKNNKSWMESEFRVYSSANNCTFEYVSQPFLMD
LEGKQGNFKNLREFVFKNIDGYFKIYSKHTPIIVREPEDLPQGFSALEPLVDLPIGINITRFQTLLALHRSYLTPGDSSS
GWTAGAAAYYVGYLQPRTFLLKYNENGTITDAVDCALDPLSETKCTLKSFTVEKGIYQTSNFRVQPTESIVRFPNITNLC
PFDEVFNATRFASVYAWNRKRISNCVADYSVLYNLAPFFTFKCYGVSPTKLNDLCFTNVYADSFVIRGDEVRQIAPGQTG
NIADYNYKLPDDFTGCVIAWNSNKLDSKVSGNYNYLYRLFRKSNLKPFERDISTEIYQAGNKPCNGVAGFNCYFPLRSYS
FRPTYGVGHQPYRVVVLSFELLHAPATVCGPKKSTNLVKNKCVNFNFNGLKGTGVLTESNKKFLPFQQFGRDIADTTDAV
RDPQTLEILDITPCSFGGVSVITPGTNTSNQVAVLYQGVNCTEVPVAIHADQLTPTWRVYSTGSNVFQTRAGCLIGAEYV
NNSYECDIPIGAGICASYQTQTKSHGSASSVASQSIIAYTMSLGAENSVAYSNNSIAIPTNFTISVTTEILPVSMTKTSV
DCTMYICGDSTECSNLLLQYGSFCTQLKRALTGIAVEQDKNTQEVFAQVKQIYKTPPIKYFGGFNFSQILPDPSKPSKRS
FIEDLLFNKVTLADAGFIKQYGDCLGDIAARDLICAQKFKGLTVLPPLLTDEMIAQYTSALLAGTITSGWTFGAGAALQI
PFAMQMAYRFNGIGVTQNVLYENQKLIANQFNSAIGKIQDSLSSTASALGKLQDVVNHNAQALNTLVKQLSSKFGAISSV
LNDIFSRLDPPEAEVQIDRLITGRLQSLQTYVTQQLIRAAEIRASANLAATKMSECVLGQSKRVDFCGKGYHLMSFPQSA
PHGVVFLHVTYVPAQEKNFTTAPAICHDGKAHFPREGVFVSNGTHWFVTQRNFYEPQIITTDNTFVSGNCDVVIGIVNNT
VYDPLQPELDSFKEELDKYFKNHTSPDVDLGDISGINASVVNIQKEIDRLNEVAKNLNESLIDLQELGKYEQGSGYIPEA
PRDGQAYVRKDGEWVLLSTFLGRSLEVLFQGPGHHHHHHHHSAWSHPQFEKGGGSGGGGSGGSAWSHPQFEK
;
A,B,C
2 'polypeptide(L)'
;QVQLVESGGGVVQPGRSLRLSCAASGFTLSSYGMHWVRQAPGKGLEWVAVISYDGSNKYYVDSVKGRFTISRDNSKNTLY
LQMNSLRAEDTAVYYCARGWAYWELLPDYYYGMDVWGQGTTVTVSS
;
D,H,M
3 'polypeptide(L)'
;QTVVTQEPSFSVSPGGTVTLTCGLSSGSVSTAYFPSWYQQTPGQAPRTLIYGTNTRSSGVPDRFSGSILGNKAALTITGA
QADDESDYYCVLYMGRGIVVFGGGTKLTVL
;
E,L,N
4 'polypeptide(L)'
;QMQLVQSGPEVKKPGTSVKVSCKASGFTFTSSAVQWVRQARGQRLEWIGWIVVGSGNTNYAQKFQERVTITRDMSTSTAY
MELSSLRSEDTAVYYCAAPYCSGGSCFDGFDIWGQGTMVTVSS
;
J,O,F
5 'polypeptide(L)'
;EIVLTQSPGTLSLSPGERATLSCRASQSVSSSYLAWYQQKPGQAPRLLIYGASSRATGFPDRFSGSGSGTDFTLTISRLE
PEDFAVYYCQQYGNSPWTFGQGTKVEIR
;
K,P,G
#
loop_
_chem_comp.id
_chem_comp.type
_chem_comp.name
_chem_comp.formula
NAG D-saccharide, beta linking 2-acetamido-2-deoxy-beta-D-glucopyranose 'C8 H15 N O6'
#
# COMPACT_ATOMS: atom_id res chain seq x y z
N GLN A 1 -61.04 -2.53 -14.67
CA GLN A 1 -61.74 -1.26 -14.45
C GLN A 1 -61.16 -0.53 -13.23
N CYS A 2 -60.92 0.76 -13.40
CA CYS A 2 -60.21 1.58 -12.40
C CYS A 2 -61.15 2.28 -11.45
N VAL A 3 -62.38 1.78 -11.29
CA VAL A 3 -63.42 2.29 -10.39
C VAL A 3 -63.43 3.81 -10.25
N ASN A 4 -62.35 4.39 -9.74
CA ASN A 4 -62.27 5.84 -9.49
C ASN A 4 -63.45 6.31 -8.66
N LEU A 5 -63.68 5.61 -7.55
CA LEU A 5 -64.91 5.78 -6.78
C LEU A 5 -64.95 7.13 -6.08
N THR A 6 -66.15 7.69 -5.97
CA THR A 6 -66.44 8.82 -5.10
C THR A 6 -66.90 8.27 -3.74
N THR A 7 -67.43 9.16 -2.91
CA THR A 7 -67.93 8.89 -1.55
C THR A 7 -66.81 8.53 -0.59
N ARG A 8 -65.56 8.47 -1.04
CA ARG A 8 -64.44 8.24 -0.14
C ARG A 8 -64.19 9.50 0.67
N THR A 9 -64.76 9.57 1.88
CA THR A 9 -64.70 10.76 2.71
C THR A 9 -63.29 10.88 3.28
N GLN A 10 -62.58 11.94 2.88
CA GLN A 10 -61.23 12.15 3.38
C GLN A 10 -61.26 12.48 4.86
N LEU A 11 -60.47 11.77 5.64
CA LEU A 11 -60.42 11.97 7.09
C LEU A 11 -58.97 12.08 7.54
N PRO A 12 -58.71 12.84 8.61
CA PRO A 12 -57.36 12.90 9.15
C PRO A 12 -56.96 11.57 9.77
N PRO A 13 -55.67 11.24 9.78
CA PRO A 13 -55.24 9.98 10.40
C PRO A 13 -55.18 10.11 11.92
N ALA A 14 -55.89 9.23 12.61
CA ALA A 14 -55.88 9.23 14.06
C ALA A 14 -54.50 8.79 14.58
N TYR A 15 -54.17 9.23 15.78
CA TYR A 15 -52.87 8.96 16.38
C TYR A 15 -53.05 8.28 17.73
N THR A 16 -52.32 7.19 17.94
CA THR A 16 -52.28 6.49 19.22
C THR A 16 -50.84 6.06 19.48
N ASN A 17 -50.57 5.68 20.72
CA ASN A 17 -49.22 5.31 21.13
C ASN A 17 -49.06 3.79 21.19
N SER A 18 -47.88 3.33 20.81
CA SER A 18 -47.60 1.90 20.73
C SER A 18 -47.26 1.35 22.11
N PHE A 19 -47.03 0.03 22.17
CA PHE A 19 -46.69 -0.62 23.43
C PHE A 19 -45.74 -1.78 23.13
N THR A 20 -44.44 -1.52 23.25
CA THR A 20 -43.37 -2.53 23.34
C THR A 20 -43.63 -3.76 22.46
N ARG A 21 -43.77 -3.51 21.16
CA ARG A 21 -43.92 -4.60 20.21
C ARG A 21 -43.07 -4.33 18.98
N GLY A 22 -42.80 -5.40 18.23
CA GLY A 22 -41.90 -5.32 17.09
C GLY A 22 -40.56 -5.95 17.38
N VAL A 23 -40.57 -7.04 18.15
CA VAL A 23 -39.36 -7.74 18.56
C VAL A 23 -39.24 -8.98 17.69
N TYR A 24 -38.42 -8.90 16.65
CA TYR A 24 -38.21 -9.99 15.72
C TYR A 24 -36.79 -10.53 15.87
N TYR A 25 -36.65 -11.85 15.76
CA TYR A 25 -35.36 -12.50 15.91
C TYR A 25 -34.43 -12.05 14.80
N PRO A 26 -33.28 -11.45 15.12
CA PRO A 26 -32.42 -10.92 14.06
C PRO A 26 -31.71 -12.00 13.25
N ASP A 27 -31.67 -13.24 13.72
CA ASP A 27 -30.93 -14.28 13.03
C ASP A 27 -31.53 -15.64 13.36
N LYS A 28 -31.15 -16.64 12.58
CA LYS A 28 -31.60 -18.01 12.79
C LYS A 28 -30.77 -18.74 13.83
N VAL A 29 -29.76 -18.09 14.42
CA VAL A 29 -28.91 -18.72 15.42
C VAL A 29 -29.65 -18.80 16.75
N PHE A 30 -29.24 -19.76 17.57
CA PHE A 30 -29.85 -19.98 18.88
C PHE A 30 -28.89 -19.59 20.00
N ARG A 31 -29.46 -19.07 21.08
CA ARG A 31 -28.71 -18.74 22.29
C ARG A 31 -29.50 -19.20 23.50
N SER A 32 -28.80 -19.71 24.51
CA SER A 32 -29.43 -20.37 25.65
C SER A 32 -29.28 -19.52 26.91
N SER A 33 -30.43 -19.13 27.49
CA SER A 33 -30.48 -18.52 28.82
C SER A 33 -29.46 -17.40 29.00
N VAL A 34 -29.18 -16.68 27.92
CA VAL A 34 -28.13 -15.66 27.93
C VAL A 34 -28.74 -14.34 27.48
N LEU A 35 -28.14 -13.25 27.95
CA LEU A 35 -28.57 -11.91 27.60
C LEU A 35 -27.72 -11.41 26.44
N HIS A 36 -28.37 -10.84 25.42
CA HIS A 36 -27.68 -10.39 24.22
C HIS A 36 -28.00 -8.93 23.96
N SER A 37 -27.10 -8.27 23.24
CA SER A 37 -27.29 -6.88 22.86
C SER A 37 -27.15 -6.75 21.35
N THR A 38 -28.02 -5.95 20.75
CA THR A 38 -28.01 -5.76 19.30
C THR A 38 -28.13 -4.29 18.97
N GLN A 39 -27.62 -3.93 17.80
CA GLN A 39 -27.76 -2.58 17.25
C GLN A 39 -28.33 -2.73 15.84
N ASP A 40 -29.62 -2.46 15.68
CA ASP A 40 -30.28 -2.74 14.42
C ASP A 40 -31.59 -1.97 14.35
N LEU A 41 -32.34 -2.21 13.29
CA LEU A 41 -33.59 -1.50 13.04
C LEU A 41 -34.70 -2.04 13.95
N PHE A 42 -35.38 -1.12 14.64
CA PHE A 42 -36.50 -1.50 15.50
C PHE A 42 -37.47 -0.34 15.60
N LEU A 43 -38.65 -0.65 16.13
CA LEU A 43 -39.64 0.36 16.48
C LEU A 43 -39.40 0.84 17.90
N PRO A 44 -39.23 2.14 18.14
CA PRO A 44 -38.94 2.60 19.49
C PRO A 44 -40.10 2.33 20.43
N PHE A 45 -39.78 2.06 21.69
CA PHE A 45 -40.81 1.78 22.67
C PHE A 45 -41.70 2.99 22.91
N PHE A 46 -42.99 2.73 23.11
CA PHE A 46 -43.96 3.77 23.41
C PHE A 46 -43.94 4.87 22.37
N SER A 47 -43.88 4.47 21.10
CA SER A 47 -43.88 5.43 20.00
C SER A 47 -45.31 5.74 19.57
N ASN A 48 -45.47 6.90 18.95
CA ASN A 48 -46.76 7.37 18.48
C ASN A 48 -47.00 6.81 17.08
N VAL A 49 -48.05 6.01 16.93
CA VAL A 49 -48.27 5.25 15.70
C VAL A 49 -49.58 5.69 15.05
N THR A 50 -49.66 5.43 13.75
CA THR A 50 -50.81 5.84 12.94
C THR A 50 -51.88 4.76 12.95
N TRP A 51 -53.13 5.19 13.01
CA TRP A 51 -54.29 4.28 13.05
C TRP A 51 -55.20 4.62 11.88
N PHE A 52 -55.53 3.62 11.07
CA PHE A 52 -56.51 3.75 10.00
C PHE A 52 -57.72 2.86 10.31
N HIS A 53 -58.89 3.29 9.84
CA HIS A 53 -60.15 2.67 10.23
C HIS A 53 -61.02 2.38 9.01
N VAL A 54 -61.81 1.31 9.11
CA VAL A 54 -62.87 1.01 8.15
C VAL A 54 -64.09 0.54 8.93
N ILE A 55 -65.28 0.97 8.50
CA ILE A 55 -66.53 0.63 9.18
C ILE A 55 -67.56 0.26 8.12
N SER A 56 -68.59 -0.48 8.57
CA SER A 56 -69.70 -0.85 7.70
C SER A 56 -71.01 -0.20 8.13
N GLY A 57 -71.41 -0.33 9.39
CA GLY A 57 -72.71 0.15 9.81
C GLY A 57 -72.86 1.65 9.66
N THR A 58 -71.84 2.41 10.05
CA THR A 58 -71.87 3.85 9.89
C THR A 58 -71.79 4.23 8.41
N ASN A 59 -70.67 3.88 7.76
CA ASN A 59 -70.49 4.14 6.34
C ASN A 59 -69.86 2.90 5.70
N GLY A 60 -70.71 1.99 5.23
CA GLY A 60 -70.23 0.90 4.41
C GLY A 60 -69.93 1.31 2.98
N THR A 61 -70.29 2.54 2.61
CA THR A 61 -70.01 3.09 1.29
C THR A 61 -69.18 4.35 1.35
N LYS A 62 -68.99 4.95 2.52
CA LYS A 62 -68.26 6.21 2.63
C LYS A 62 -67.03 6.13 3.52
N ARG A 63 -66.74 4.98 4.12
CA ARG A 63 -65.62 4.86 5.05
C ARG A 63 -64.83 3.60 4.73
N PHE A 64 -63.76 3.77 3.96
CA PHE A 64 -62.72 2.76 3.80
C PHE A 64 -61.44 3.50 3.46
N ASP A 65 -60.30 2.90 3.83
CA ASP A 65 -59.03 3.61 3.81
C ASP A 65 -58.05 2.91 2.90
N ASN A 66 -57.69 3.56 1.80
CA ASN A 66 -56.67 3.10 0.86
C ASN A 66 -55.74 4.26 0.58
N PRO A 67 -55.00 4.72 1.60
CA PRO A 67 -54.29 6.00 1.48
C PRO A 67 -52.88 5.86 0.92
N VAL A 68 -52.20 7.00 0.79
CA VAL A 68 -50.82 7.03 0.34
C VAL A 68 -49.90 6.84 1.53
N LEU A 69 -48.93 5.93 1.40
CA LEU A 69 -48.01 5.65 2.49
C LEU A 69 -46.59 5.45 1.97
N PRO A 70 -45.67 6.36 2.28
CA PRO A 70 -44.27 6.15 1.91
C PRO A 70 -43.63 5.06 2.77
N PHE A 71 -42.60 4.43 2.20
CA PHE A 71 -41.84 3.38 2.89
C PHE A 71 -40.40 3.86 3.01
N ASN A 72 -39.98 4.23 4.21
CA ASN A 72 -38.63 4.74 4.41
C ASN A 72 -37.63 3.60 4.63
N ASP A 73 -37.79 2.85 5.71
CA ASP A 73 -36.89 1.74 6.01
C ASP A 73 -37.61 0.45 6.42
N GLY A 74 -38.84 0.51 6.88
CA GLY A 74 -39.57 -0.68 7.30
C GLY A 74 -40.87 -0.27 7.95
N VAL A 75 -41.72 -1.25 8.17
CA VAL A 75 -43.05 -1.01 8.70
C VAL A 75 -43.42 -2.11 9.68
N TYR A 76 -43.81 -1.72 10.89
CA TYR A 76 -44.46 -2.63 11.83
C TYR A 76 -45.96 -2.60 11.53
N PHE A 77 -46.39 -3.49 10.66
CA PHE A 77 -47.79 -3.57 10.27
C PHE A 77 -48.48 -4.63 11.12
N ALA A 78 -49.64 -4.28 11.67
CA ALA A 78 -50.42 -5.20 12.49
C ALA A 78 -51.89 -4.95 12.25
N SER A 79 -52.55 -5.85 11.52
CA SER A 79 -53.97 -5.75 11.26
C SER A 79 -54.75 -6.44 12.37
N ILE A 80 -56.08 -6.35 12.29
CA ILE A 80 -56.95 -6.92 13.30
C ILE A 80 -58.39 -6.96 12.78
N GLU A 81 -59.21 -7.80 13.41
CA GLU A 81 -60.66 -8.01 13.30
C GLU A 81 -61.03 -9.15 12.36
N LYS A 82 -61.98 -8.90 11.46
CA LYS A 82 -62.79 -9.94 10.84
C LYS A 82 -62.02 -10.74 9.79
N SER A 83 -62.55 -11.93 9.51
CA SER A 83 -61.84 -12.93 8.72
C SER A 83 -61.60 -12.42 7.30
N ASN A 84 -60.33 -12.45 6.89
CA ASN A 84 -59.90 -12.16 5.52
C ASN A 84 -60.54 -10.88 4.98
N ILE A 85 -60.40 -9.81 5.76
CA ILE A 85 -60.77 -8.48 5.29
C ILE A 85 -59.62 -7.78 4.57
N ILE A 86 -58.41 -8.35 4.61
CA ILE A 86 -57.27 -7.83 3.89
C ILE A 86 -56.65 -8.97 3.08
N ARG A 87 -56.05 -8.62 1.93
CA ARG A 87 -55.43 -9.66 1.11
C ARG A 87 -53.92 -9.52 1.00
N GLY A 88 -53.45 -8.38 0.50
CA GLY A 88 -52.07 -8.26 0.04
C GLY A 88 -51.68 -6.81 -0.19
N TRP A 89 -50.44 -6.64 -0.66
CA TRP A 89 -49.78 -5.35 -0.70
C TRP A 89 -49.10 -5.15 -2.04
N ILE A 90 -48.92 -3.88 -2.42
CA ILE A 90 -48.16 -3.50 -3.60
C ILE A 90 -46.97 -2.67 -3.15
N PHE A 91 -45.81 -2.95 -3.74
CA PHE A 91 -44.54 -2.32 -3.37
C PHE A 91 -43.91 -1.75 -4.63
N GLY A 92 -43.26 -0.61 -4.53
CA GLY A 92 -42.50 -0.13 -5.67
C GLY A 92 -42.16 1.35 -5.53
N THR A 93 -41.76 1.93 -6.67
CA THR A 93 -41.38 3.32 -6.76
C THR A 93 -42.30 4.11 -7.70
N THR A 94 -42.52 3.61 -8.91
CA THR A 94 -43.38 4.27 -9.87
C THR A 94 -44.80 3.72 -9.88
N LEU A 95 -44.97 2.44 -9.55
CA LEU A 95 -46.26 1.80 -9.34
C LEU A 95 -47.12 1.70 -10.59
N ASP A 96 -46.56 1.91 -11.78
CA ASP A 96 -47.33 1.81 -13.01
C ASP A 96 -46.52 1.09 -14.09
N SER A 97 -45.85 0.00 -13.71
CA SER A 97 -45.11 -0.91 -14.58
C SER A 97 -43.86 -0.29 -15.19
N LYS A 98 -43.57 0.99 -14.92
CA LYS A 98 -42.37 1.60 -15.47
C LYS A 98 -41.11 1.14 -14.75
N THR A 99 -41.24 0.75 -13.49
CA THR A 99 -40.11 0.25 -12.70
C THR A 99 -40.55 -1.03 -11.98
N GLN A 100 -39.58 -1.87 -11.66
CA GLN A 100 -39.88 -3.15 -11.04
C GLN A 100 -40.62 -2.96 -9.71
N SER A 101 -41.58 -3.84 -9.45
CA SER A 101 -42.46 -3.70 -8.31
C SER A 101 -42.82 -5.08 -7.77
N LEU A 102 -43.27 -5.10 -6.52
CA LEU A 102 -43.60 -6.34 -5.82
C LEU A 102 -45.10 -6.41 -5.56
N LEU A 103 -45.66 -7.60 -5.75
CA LEU A 103 -47.07 -7.85 -5.54
C LEU A 103 -47.22 -9.04 -4.60
N ILE A 104 -48.00 -8.88 -3.54
CA ILE A 104 -48.25 -9.96 -2.60
C ILE A 104 -49.76 -10.13 -2.48
N VAL A 105 -50.27 -11.28 -2.92
CA VAL A 105 -51.70 -11.55 -2.90
C VAL A 105 -51.94 -12.88 -2.21
N ASN A 106 -53.01 -12.95 -1.42
CA ASN A 106 -53.27 -14.19 -0.67
C ASN A 106 -53.79 -15.29 -1.58
N ASN A 107 -54.68 -14.96 -2.52
CA ASN A 107 -55.39 -15.93 -3.35
C ASN A 107 -56.29 -16.82 -2.49
N ALA A 108 -57.27 -17.47 -3.12
CA ALA A 108 -58.13 -18.39 -2.39
C ALA A 108 -57.39 -19.67 -2.02
N THR A 109 -56.39 -20.05 -2.81
CA THR A 109 -55.66 -21.30 -2.60
C THR A 109 -54.38 -21.10 -1.80
N ASN A 110 -53.47 -20.27 -2.30
CA ASN A 110 -52.14 -20.18 -1.74
C ASN A 110 -51.55 -18.81 -2.03
N VAL A 111 -50.66 -18.37 -1.13
CA VAL A 111 -50.09 -17.04 -1.26
C VAL A 111 -49.23 -16.97 -2.53
N VAL A 112 -49.36 -15.87 -3.26
CA VAL A 112 -48.65 -15.67 -4.51
C VAL A 112 -47.88 -14.36 -4.43
N ILE A 113 -46.65 -14.38 -4.95
CA ILE A 113 -45.75 -13.24 -4.93
C ILE A 113 -45.22 -13.03 -6.33
N LYS A 114 -45.28 -11.79 -6.81
CA LYS A 114 -44.84 -11.46 -8.15
C LYS A 114 -43.86 -10.30 -8.10
N VAL A 115 -42.86 -10.35 -8.97
CA VAL A 115 -41.99 -9.22 -9.22
C VAL A 115 -42.33 -8.57 -10.58
N CYS A 116 -43.52 -8.86 -11.09
CA CYS A 116 -43.92 -8.38 -12.41
C CYS A 116 -44.20 -6.89 -12.37
N GLU A 117 -44.65 -6.36 -13.51
CA GLU A 117 -44.94 -4.94 -13.67
C GLU A 117 -46.37 -4.81 -14.20
N PHE A 118 -47.15 -3.91 -13.59
CA PHE A 118 -48.55 -3.74 -13.95
C PHE A 118 -48.89 -2.25 -13.94
N GLN A 119 -50.06 -1.94 -14.49
CA GLN A 119 -50.64 -0.60 -14.44
C GLN A 119 -51.77 -0.62 -13.42
N PHE A 120 -51.43 -0.36 -12.16
CA PHE A 120 -52.44 -0.33 -11.11
C PHE A 120 -53.32 0.90 -11.24
N CYS A 121 -54.58 0.76 -10.84
CA CYS A 121 -55.55 1.84 -10.95
C CYS A 121 -55.43 2.77 -9.75
N ASN A 122 -56.24 3.84 -9.77
CA ASN A 122 -56.23 4.80 -8.67
C ASN A 122 -56.69 4.16 -7.37
N ASP A 123 -57.71 3.31 -7.44
CA ASP A 123 -58.26 2.63 -6.27
C ASP A 123 -58.32 1.13 -6.56
N PRO A 124 -57.17 0.45 -6.59
CA PRO A 124 -57.16 -0.98 -6.90
C PRO A 124 -57.59 -1.80 -5.68
N PHE A 125 -58.52 -2.72 -5.90
CA PHE A 125 -59.00 -3.57 -4.81
C PHE A 125 -59.48 -4.90 -5.39
N LEU A 126 -59.34 -5.95 -4.59
CA LEU A 126 -59.85 -7.27 -4.93
C LEU A 126 -61.14 -7.50 -4.16
N ASP A 127 -62.25 -7.56 -4.88
CA ASP A 127 -63.57 -7.72 -4.28
C ASP A 127 -64.20 -9.02 -4.73
N HIS A 128 -65.03 -9.58 -3.86
CA HIS A 128 -65.90 -10.69 -4.21
C HIS A 128 -67.29 -10.43 -3.65
N LYS A 129 -68.30 -10.74 -4.45
CA LYS A 129 -69.67 -10.37 -4.11
C LYS A 129 -70.19 -11.20 -2.95
N ASN A 130 -71.41 -10.89 -2.51
CA ASN A 130 -72.09 -11.65 -1.47
C ASN A 130 -72.67 -12.95 -2.00
N ASN A 131 -72.35 -13.32 -3.24
CA ASN A 131 -72.78 -14.60 -3.80
C ASN A 131 -72.16 -15.75 -3.03
N LYS A 132 -72.87 -16.88 -3.01
CA LYS A 132 -72.41 -18.03 -2.24
C LYS A 132 -71.09 -18.56 -2.76
N SER A 133 -70.80 -18.38 -4.06
CA SER A 133 -69.56 -18.84 -4.66
C SER A 133 -68.51 -17.74 -4.49
N TRP A 134 -67.58 -17.96 -3.55
CA TRP A 134 -66.52 -16.99 -3.31
C TRP A 134 -65.50 -17.05 -4.44
N MET A 135 -65.66 -16.19 -5.45
CA MET A 135 -64.76 -16.12 -6.58
C MET A 135 -64.53 -14.65 -6.93
N GLU A 136 -63.40 -14.38 -7.59
CA GLU A 136 -63.07 -13.02 -7.96
C GLU A 136 -63.96 -12.54 -9.10
N SER A 137 -65.07 -11.88 -8.75
CA SER A 137 -65.96 -11.35 -9.77
C SER A 137 -65.35 -10.15 -10.48
N GLU A 138 -64.51 -9.38 -9.78
CA GLU A 138 -63.81 -8.24 -10.39
C GLU A 138 -62.37 -8.24 -9.87
N PHE A 139 -61.49 -8.93 -10.59
CA PHE A 139 -60.06 -8.89 -10.32
C PHE A 139 -59.49 -7.69 -11.07
N ARG A 140 -59.59 -6.52 -10.44
CA ARG A 140 -59.35 -5.26 -11.12
C ARG A 140 -58.27 -4.44 -10.43
N VAL A 141 -57.24 -5.11 -9.89
CA VAL A 141 -56.14 -4.38 -9.27
C VAL A 141 -55.29 -3.66 -10.31
N TYR A 142 -55.12 -4.24 -11.49
CA TYR A 142 -54.38 -3.61 -12.57
C TYR A 142 -55.07 -3.89 -13.89
N SER A 143 -54.37 -3.60 -14.98
CA SER A 143 -54.90 -3.81 -16.33
C SER A 143 -54.07 -4.81 -17.13
N SER A 144 -52.76 -4.63 -17.19
CA SER A 144 -51.89 -5.44 -18.05
C SER A 144 -50.73 -5.99 -17.25
N ALA A 145 -50.07 -7.00 -17.84
CA ALA A 145 -48.92 -7.68 -17.23
C ALA A 145 -47.87 -7.88 -18.33
N ASN A 146 -46.93 -6.93 -18.43
CA ASN A 146 -45.97 -6.96 -19.53
C ASN A 146 -44.82 -7.93 -19.24
N ASN A 147 -44.05 -7.67 -18.18
CA ASN A 147 -42.87 -8.45 -17.87
C ASN A 147 -43.04 -9.12 -16.51
N CYS A 148 -42.41 -10.29 -16.36
CA CYS A 148 -42.43 -11.04 -15.10
C CYS A 148 -41.03 -11.61 -14.88
N THR A 149 -40.21 -10.88 -14.12
CA THR A 149 -38.86 -11.34 -13.83
C THR A 149 -38.83 -12.52 -12.87
N PHE A 150 -39.88 -12.70 -12.06
CA PHE A 150 -39.87 -13.76 -11.06
C PHE A 150 -41.30 -14.05 -10.63
N GLU A 151 -41.50 -15.26 -10.10
CA GLU A 151 -42.80 -15.69 -9.59
C GLU A 151 -42.57 -16.62 -8.42
N TYR A 152 -43.43 -16.53 -7.40
CA TYR A 152 -43.29 -17.35 -6.21
C TYR A 152 -44.65 -17.78 -5.71
N VAL A 153 -44.76 -19.04 -5.27
CA VAL A 153 -45.97 -19.59 -4.71
C VAL A 153 -45.61 -20.37 -3.45
N SER A 154 -46.40 -20.21 -2.40
CA SER A 154 -46.19 -20.91 -1.14
C SER A 154 -47.54 -21.08 -0.44
N GLN A 155 -47.51 -21.72 0.72
CA GLN A 155 -48.74 -21.93 1.47
C GLN A 155 -49.25 -20.60 2.03
N PRO A 156 -50.54 -20.34 1.97
CA PRO A 156 -51.06 -19.05 2.44
C PRO A 156 -50.88 -18.89 3.93
N PHE A 157 -50.79 -17.63 4.36
CA PHE A 157 -50.63 -17.35 5.78
C PHE A 157 -51.84 -17.83 6.57
N LEU A 158 -51.62 -18.07 7.86
CA LEU A 158 -52.53 -18.89 8.65
C LEU A 158 -53.88 -18.21 8.88
N MET A 159 -54.93 -19.02 8.89
CA MET A 159 -56.29 -18.62 9.19
C MET A 159 -56.74 -19.20 10.53
N ASP A 160 -57.62 -18.47 11.20
CA ASP A 160 -58.35 -18.99 12.34
C ASP A 160 -59.69 -19.61 11.94
N LEU A 161 -60.04 -19.53 10.66
CA LEU A 161 -61.19 -20.18 10.05
C LEU A 161 -62.52 -19.51 10.38
N GLU A 162 -62.52 -18.53 11.30
CA GLU A 162 -63.74 -17.84 11.70
C GLU A 162 -63.39 -16.56 12.43
N GLY A 163 -63.81 -15.42 11.86
CA GLY A 163 -63.71 -14.12 12.50
C GLY A 163 -64.92 -13.76 13.34
N LYS A 164 -64.98 -14.32 14.55
CA LYS A 164 -66.22 -14.24 15.34
C LYS A 164 -66.57 -12.80 15.71
N GLN A 165 -65.58 -12.01 16.12
CA GLN A 165 -65.73 -10.64 16.63
C GLN A 165 -66.35 -10.65 18.02
N GLY A 166 -66.80 -11.81 18.48
CA GLY A 166 -66.74 -12.09 19.89
C GLY A 166 -65.29 -12.26 20.32
N ASN A 167 -64.46 -12.68 19.38
CA ASN A 167 -63.01 -12.72 19.54
C ASN A 167 -62.40 -12.04 18.31
N PHE A 168 -61.43 -11.16 18.53
CA PHE A 168 -60.70 -10.56 17.41
C PHE A 168 -59.69 -11.56 16.87
N LYS A 169 -59.75 -11.83 15.56
CA LYS A 169 -59.06 -12.97 14.98
C LYS A 169 -57.99 -12.60 13.96
N ASN A 170 -57.83 -11.32 13.60
CA ASN A 170 -56.85 -10.94 12.60
C ASN A 170 -55.61 -10.27 13.16
N LEU A 171 -55.27 -10.48 14.43
CA LEU A 171 -54.12 -9.80 14.97
C LEU A 171 -52.86 -10.42 14.37
N ARG A 172 -52.58 -10.07 13.12
CA ARG A 172 -51.43 -10.60 12.38
C ARG A 172 -50.41 -9.48 12.25
N GLU A 173 -49.28 -9.63 12.92
CA GLU A 173 -48.19 -8.68 12.82
C GLU A 173 -47.25 -9.09 11.69
N PHE A 174 -46.73 -8.10 10.98
CA PHE A 174 -45.74 -8.32 9.94
C PHE A 174 -44.63 -7.30 10.08
N VAL A 175 -43.42 -7.72 9.73
CA VAL A 175 -42.24 -6.87 9.78
C VAL A 175 -41.53 -6.97 8.44
N PHE A 176 -41.42 -5.85 7.74
CA PHE A 176 -40.92 -5.83 6.36
C PHE A 176 -39.63 -5.02 6.32
N LYS A 177 -38.57 -5.62 5.78
CA LYS A 177 -37.26 -4.97 5.69
C LYS A 177 -36.58 -5.40 4.41
N ASN A 178 -36.00 -4.44 3.70
CA ASN A 178 -35.21 -4.71 2.50
C ASN A 178 -33.80 -4.17 2.73
N ILE A 179 -32.85 -5.08 2.90
CA ILE A 179 -31.46 -4.72 3.16
C ILE A 179 -30.55 -5.68 2.39
N ASP A 180 -29.44 -5.15 1.90
CA ASP A 180 -28.42 -5.92 1.19
C ASP A 180 -29.03 -6.68 0.01
N GLY A 181 -29.90 -6.00 -0.72
CA GLY A 181 -30.57 -6.63 -1.85
C GLY A 181 -31.40 -7.83 -1.48
N TYR A 182 -31.83 -7.94 -0.23
CA TYR A 182 -32.59 -9.08 0.25
C TYR A 182 -33.88 -8.58 0.88
N PHE A 183 -34.94 -9.37 0.74
CA PHE A 183 -36.24 -9.04 1.30
C PHE A 183 -36.58 -10.09 2.36
N LYS A 184 -36.84 -9.64 3.57
CA LYS A 184 -37.08 -10.52 4.71
C LYS A 184 -38.46 -10.22 5.30
N ILE A 185 -39.22 -11.27 5.57
CA ILE A 185 -40.60 -11.14 6.05
C ILE A 185 -40.72 -11.91 7.36
N TYR A 186 -41.30 -11.27 8.37
CA TYR A 186 -41.50 -11.88 9.66
C TYR A 186 -42.99 -11.79 10.01
N SER A 187 -43.45 -12.68 10.88
CA SER A 187 -44.88 -12.74 11.17
C SER A 187 -45.14 -13.30 12.55
N LYS A 188 -46.41 -13.20 12.96
CA LYS A 188 -46.97 -13.74 14.18
C LYS A 188 -48.48 -13.56 14.11
N HIS A 189 -49.20 -14.50 14.69
CA HIS A 189 -50.67 -14.44 14.72
C HIS A 189 -51.13 -14.90 16.11
N THR A 190 -51.60 -13.96 16.92
CA THR A 190 -52.15 -14.26 18.23
C THR A 190 -53.48 -13.53 18.37
N PRO A 191 -54.61 -14.17 18.07
CA PRO A 191 -55.90 -13.51 18.19
C PRO A 191 -56.24 -13.26 19.65
N ILE A 192 -57.27 -12.45 19.87
CA ILE A 192 -57.68 -12.04 21.20
C ILE A 192 -59.19 -12.19 21.32
N ILE A 193 -59.68 -12.25 22.55
CA ILE A 193 -61.10 -12.42 22.82
C ILE A 193 -61.72 -11.05 23.02
N VAL A 194 -62.10 -10.40 21.91
CA VAL A 194 -62.49 -8.98 21.84
C VAL A 194 -61.70 -8.11 22.81
N ARG A 195 -61.85 -8.35 24.12
CA ARG A 195 -61.21 -7.56 25.17
C ARG A 195 -61.32 -6.06 24.90
N GLU A 196 -60.22 -5.46 24.44
CA GLU A 196 -60.13 -4.02 24.22
C GLU A 196 -60.36 -3.73 22.74
N PRO A 197 -61.50 -3.16 22.34
CA PRO A 197 -61.73 -2.88 20.92
C PRO A 197 -61.05 -1.63 20.41
N GLU A 198 -60.55 -0.77 21.30
CA GLU A 198 -59.98 0.51 20.91
C GLU A 198 -58.50 0.53 21.28
N ASP A 199 -57.67 1.00 20.35
CA ASP A 199 -56.22 1.12 20.52
C ASP A 199 -55.56 -0.25 20.59
N LEU A 200 -54.29 -0.31 20.19
CA LEU A 200 -53.56 -1.57 20.20
C LEU A 200 -53.52 -2.14 21.62
N PRO A 201 -53.95 -3.38 21.82
CA PRO A 201 -53.98 -3.93 23.17
C PRO A 201 -52.58 -4.18 23.71
N GLN A 202 -52.48 -4.14 25.03
CA GLN A 202 -51.21 -4.41 25.70
C GLN A 202 -50.89 -5.90 25.66
N GLY A 203 -49.60 -6.21 25.46
CA GLY A 203 -49.16 -7.58 25.38
C GLY A 203 -47.84 -7.71 24.67
N PHE A 204 -46.98 -8.60 25.14
CA PHE A 204 -45.64 -8.77 24.59
C PHE A 204 -45.44 -10.22 24.14
N SER A 205 -44.84 -10.39 22.96
CA SER A 205 -44.51 -11.70 22.45
C SER A 205 -43.41 -11.54 21.41
N ALA A 206 -42.84 -12.67 21.01
CA ALA A 206 -41.76 -12.68 20.04
C ALA A 206 -42.32 -12.65 18.62
N LEU A 207 -41.45 -12.87 17.64
CA LEU A 207 -41.85 -12.95 16.24
C LEU A 207 -41.16 -14.14 15.59
N GLU A 208 -41.21 -14.24 14.25
CA GLU A 208 -40.63 -15.41 13.63
C GLU A 208 -40.34 -15.11 12.16
N PRO A 209 -39.20 -15.55 11.63
CA PRO A 209 -38.87 -15.28 10.22
C PRO A 209 -39.49 -16.28 9.27
N LEU A 210 -39.78 -15.80 8.06
CA LEU A 210 -40.49 -16.61 7.07
C LEU A 210 -39.62 -16.98 5.87
N VAL A 211 -39.08 -15.99 5.15
CA VAL A 211 -38.43 -16.26 3.88
C VAL A 211 -37.57 -15.07 3.50
N ASP A 212 -36.50 -15.34 2.75
CA ASP A 212 -35.63 -14.31 2.19
C ASP A 212 -35.82 -14.26 0.68
N LEU A 213 -35.86 -13.05 0.13
CA LEU A 213 -36.01 -12.85 -1.31
C LEU A 213 -34.85 -12.01 -1.81
N PRO A 214 -34.02 -12.53 -2.72
CA PRO A 214 -32.86 -11.76 -3.21
C PRO A 214 -33.20 -10.82 -4.36
N ILE A 215 -34.49 -10.50 -4.52
CA ILE A 215 -35.02 -9.74 -5.65
C ILE A 215 -34.12 -8.55 -5.98
N GLY A 216 -33.84 -7.71 -4.99
CA GLY A 216 -32.87 -6.64 -5.17
C GLY A 216 -33.28 -5.53 -6.10
N ILE A 217 -34.31 -4.77 -5.71
CA ILE A 217 -34.69 -3.55 -6.40
C ILE A 217 -34.92 -2.47 -5.36
N ASN A 218 -35.01 -1.23 -5.83
CA ASN A 218 -35.21 -0.08 -4.96
C ASN A 218 -36.69 0.23 -4.86
N ILE A 219 -37.23 0.20 -3.65
CA ILE A 219 -38.64 0.45 -3.39
C ILE A 219 -38.74 1.60 -2.40
N THR A 220 -39.50 2.64 -2.76
CA THR A 220 -39.67 3.81 -1.93
C THR A 220 -41.05 3.94 -1.33
N ARG A 221 -42.04 3.24 -1.88
CA ARG A 221 -43.42 3.45 -1.48
C ARG A 221 -44.15 2.12 -1.55
N PHE A 222 -45.22 1.99 -0.75
CA PHE A 222 -46.05 0.81 -0.82
C PHE A 222 -47.48 1.22 -0.50
N GLN A 223 -48.42 0.40 -0.96
CA GLN A 223 -49.83 0.66 -0.69
C GLN A 223 -50.54 -0.65 -0.42
N THR A 224 -51.42 -0.64 0.57
CA THR A 224 -52.09 -1.84 1.05
C THR A 224 -53.39 -2.06 0.29
N LEU A 225 -53.55 -3.27 -0.25
CA LEU A 225 -54.80 -3.66 -0.89
C LEU A 225 -55.76 -4.21 0.16
N LEU A 226 -57.03 -4.29 -0.22
CA LEU A 226 -58.09 -4.64 0.71
C LEU A 226 -58.91 -5.80 0.15
N ALA A 227 -59.30 -6.71 1.04
CA ALA A 227 -60.18 -7.82 0.68
C ALA A 227 -61.61 -7.35 0.80
N LEU A 228 -62.19 -6.92 -0.32
CA LEU A 228 -63.55 -6.41 -0.28
C LEU A 228 -64.55 -7.57 -0.27
N HIS A 229 -65.31 -7.66 0.82
CA HIS A 229 -66.36 -8.65 0.99
C HIS A 229 -67.70 -7.94 0.86
N ARG A 230 -68.39 -8.18 -0.24
CA ARG A 230 -69.69 -7.55 -0.47
C ARG A 230 -70.78 -8.21 0.37
N SER A 231 -71.75 -7.40 0.78
CA SER A 231 -72.95 -7.87 1.43
C SER A 231 -74.13 -7.06 0.92
N TYR A 232 -75.32 -7.64 1.02
CA TYR A 232 -76.52 -7.01 0.48
C TYR A 232 -77.07 -5.89 1.35
N LEU A 233 -76.33 -5.48 2.39
CA LEU A 233 -76.76 -4.31 3.16
C LEU A 233 -76.76 -3.06 2.30
N THR A 234 -75.70 -2.86 1.51
CA THR A 234 -75.61 -1.76 0.56
C THR A 234 -75.25 -2.35 -0.80
N PRO A 235 -76.22 -2.93 -1.50
CA PRO A 235 -75.93 -3.54 -2.81
C PRO A 235 -75.72 -2.49 -3.88
N GLY A 236 -75.10 -2.92 -4.97
CA GLY A 236 -74.88 -2.08 -6.13
C GLY A 236 -73.56 -2.41 -6.79
N ASP A 237 -73.03 -1.42 -7.51
CA ASP A 237 -71.77 -1.58 -8.20
C ASP A 237 -70.62 -1.73 -7.22
N SER A 238 -69.54 -2.38 -7.66
CA SER A 238 -68.41 -2.64 -6.78
C SER A 238 -67.75 -1.36 -6.29
N SER A 239 -68.06 -0.21 -6.89
CA SER A 239 -67.58 1.06 -6.37
C SER A 239 -68.16 1.36 -5.00
N SER A 240 -69.48 1.27 -4.87
CA SER A 240 -70.16 1.53 -3.60
C SER A 240 -71.08 0.41 -3.14
N GLY A 241 -71.49 -0.50 -4.03
CA GLY A 241 -72.34 -1.60 -3.63
C GLY A 241 -71.55 -2.69 -2.93
N TRP A 242 -71.18 -2.42 -1.68
CA TRP A 242 -70.30 -3.27 -0.89
C TRP A 242 -70.28 -2.80 0.55
N THR A 243 -69.82 -3.69 1.42
CA THR A 243 -69.65 -3.41 2.85
C THR A 243 -68.20 -3.62 3.24
N ALA A 244 -67.76 -2.91 4.27
CA ALA A 244 -66.38 -2.94 4.71
C ALA A 244 -66.18 -3.66 6.03
N GLY A 245 -67.02 -3.40 7.02
CA GLY A 245 -66.87 -4.00 8.32
C GLY A 245 -65.99 -3.19 9.25
N ALA A 246 -66.28 -3.29 10.54
CA ALA A 246 -65.48 -2.61 11.55
C ALA A 246 -64.12 -3.29 11.71
N ALA A 247 -63.19 -2.96 10.84
CA ALA A 247 -61.83 -3.49 10.90
C ALA A 247 -60.85 -2.34 11.05
N ALA A 248 -59.61 -2.68 11.41
CA ALA A 248 -58.62 -1.65 11.69
C ALA A 248 -57.23 -2.20 11.47
N TYR A 249 -56.29 -1.29 11.22
CA TYR A 249 -54.89 -1.64 11.05
C TYR A 249 -54.04 -0.42 11.34
N TYR A 250 -52.75 -0.66 11.57
CA TYR A 250 -51.85 0.39 12.03
C TYR A 250 -50.56 0.34 11.24
N VAL A 251 -49.85 1.46 11.21
CA VAL A 251 -48.55 1.56 10.56
C VAL A 251 -47.62 2.34 11.46
N GLY A 252 -46.45 1.78 11.73
CA GLY A 252 -45.41 2.49 12.45
C GLY A 252 -44.21 2.73 11.57
N TYR A 253 -43.02 2.78 12.15
CA TYR A 253 -41.80 2.94 11.36
C TYR A 253 -40.68 2.24 12.10
N LEU A 254 -39.45 2.43 11.62
CA LEU A 254 -38.28 1.80 12.22
C LEU A 254 -37.13 2.79 12.21
N GLN A 255 -36.14 2.52 13.06
CA GLN A 255 -34.90 3.28 13.09
C GLN A 255 -33.84 2.43 13.76
N PRO A 256 -32.56 2.69 13.48
CA PRO A 256 -31.49 1.89 14.10
C PRO A 256 -31.28 2.31 15.55
N ARG A 257 -31.49 1.37 16.47
CA ARG A 257 -31.31 1.59 17.89
C ARG A 257 -30.63 0.38 18.51
N THR A 258 -30.29 0.50 19.79
CA THR A 258 -29.63 -0.54 20.54
C THR A 258 -30.62 -1.16 21.52
N PHE A 259 -30.71 -2.49 21.49
CA PHE A 259 -31.68 -3.23 22.28
C PHE A 259 -30.96 -4.30 23.08
N LEU A 260 -31.55 -4.68 24.21
CA LEU A 260 -31.10 -5.83 24.98
C LEU A 260 -32.22 -6.86 25.00
N LEU A 261 -31.86 -8.11 24.77
CA LEU A 261 -32.80 -9.21 24.68
C LEU A 261 -32.43 -10.29 25.68
N LYS A 262 -33.44 -10.93 26.26
CA LYS A 262 -33.24 -12.02 27.22
C LYS A 262 -33.88 -13.28 26.67
N TYR A 263 -33.15 -14.39 26.73
CA TYR A 263 -33.63 -15.67 26.23
C TYR A 263 -34.08 -16.56 27.39
N ASN A 264 -34.97 -17.50 27.07
CA ASN A 264 -35.47 -18.46 28.05
C ASN A 264 -34.69 -19.77 27.91
N GLU A 265 -35.16 -20.80 28.60
CA GLU A 265 -34.43 -22.08 28.63
C GLU A 265 -34.48 -22.78 27.27
N ASN A 266 -35.62 -22.76 26.60
CA ASN A 266 -35.78 -23.49 25.34
C ASN A 266 -35.41 -22.64 24.13
N GLY A 267 -35.08 -21.37 24.32
CA GLY A 267 -34.50 -20.58 23.24
C GLY A 267 -35.43 -19.62 22.53
N THR A 268 -36.27 -18.90 23.27
CA THR A 268 -37.09 -17.85 22.70
C THR A 268 -37.03 -16.63 23.61
N ILE A 269 -37.08 -15.45 23.00
CA ILE A 269 -36.98 -14.22 23.78
C ILE A 269 -38.27 -14.01 24.58
N THR A 270 -38.11 -13.75 25.87
CA THR A 270 -39.24 -13.44 26.73
C THR A 270 -39.22 -12.02 27.25
N ASP A 271 -38.20 -11.23 26.93
CA ASP A 271 -38.17 -9.82 27.32
C ASP A 271 -37.13 -9.08 26.51
N ALA A 272 -37.44 -7.82 26.22
CA ALA A 272 -36.54 -6.91 25.51
C ALA A 272 -36.64 -5.53 26.12
N VAL A 273 -35.50 -4.86 26.26
CA VAL A 273 -35.44 -3.55 26.89
C VAL A 273 -34.64 -2.60 26.00
N ASP A 274 -35.18 -1.39 25.85
CA ASP A 274 -34.48 -0.35 25.10
C ASP A 274 -33.28 0.14 25.89
N CYS A 275 -32.27 0.61 25.16
CA CYS A 275 -31.08 1.15 25.77
C CYS A 275 -31.02 2.68 25.78
N ALA A 276 -31.97 3.33 25.11
CA ALA A 276 -31.94 4.79 24.98
C ALA A 276 -33.33 5.38 25.17
N LEU A 277 -34.09 4.87 26.13
CA LEU A 277 -35.41 5.41 26.42
C LEU A 277 -35.41 6.34 27.63
N ASP A 278 -35.00 5.83 28.78
CA ASP A 278 -34.98 6.59 30.02
C ASP A 278 -33.76 6.17 30.83
N PRO A 279 -33.32 7.00 31.78
CA PRO A 279 -32.06 6.71 32.51
C PRO A 279 -32.01 5.34 33.16
N LEU A 280 -33.11 4.87 33.76
CA LEU A 280 -33.07 3.59 34.45
C LEU A 280 -32.83 2.44 33.46
N SER A 281 -33.51 2.46 32.32
CA SER A 281 -33.29 1.42 31.32
C SER A 281 -31.91 1.53 30.70
N GLU A 282 -31.41 2.76 30.53
CA GLU A 282 -30.06 2.95 30.01
C GLU A 282 -29.03 2.35 30.96
N THR A 283 -29.22 2.56 32.26
CA THR A 283 -28.32 1.95 33.24
C THR A 283 -28.46 0.44 33.24
N LYS A 284 -29.69 -0.07 33.08
CA LYS A 284 -29.90 -1.51 32.94
C LYS A 284 -29.06 -2.06 31.78
N CYS A 285 -29.13 -1.39 30.63
CA CYS A 285 -28.36 -1.80 29.47
C CYS A 285 -26.86 -1.77 29.78
N THR A 286 -26.39 -0.67 30.38
CA THR A 286 -24.96 -0.52 30.64
C THR A 286 -24.46 -1.61 31.56
N LEU A 287 -25.20 -1.89 32.64
CA LEU A 287 -24.78 -2.90 33.60
C LEU A 287 -24.95 -4.32 33.05
N LYS A 288 -25.76 -4.50 32.00
CA LYS A 288 -26.00 -5.81 31.38
C LYS A 288 -26.62 -6.77 32.39
N SER A 289 -27.74 -6.35 32.97
CA SER A 289 -28.50 -7.17 33.91
C SER A 289 -29.88 -6.54 34.07
N PHE A 290 -30.75 -7.24 34.76
CA PHE A 290 -32.12 -6.80 34.97
C PHE A 290 -32.43 -6.45 36.42
N THR A 291 -31.46 -6.61 37.33
CA THR A 291 -31.65 -6.29 38.74
C THR A 291 -30.56 -5.31 39.15
N VAL A 292 -30.93 -4.04 39.24
CA VAL A 292 -30.02 -2.98 39.68
C VAL A 292 -30.32 -2.65 41.14
N GLU A 293 -29.28 -2.63 41.97
CA GLU A 293 -29.43 -2.40 43.39
C GLU A 293 -29.05 -0.96 43.76
N LYS A 294 -29.42 -0.59 44.98
CA LYS A 294 -29.26 0.79 45.43
C LYS A 294 -27.80 1.21 45.40
N GLY A 295 -27.55 2.38 44.81
CA GLY A 295 -26.19 2.90 44.71
C GLY A 295 -26.12 3.97 43.62
N ILE A 296 -24.91 4.15 43.08
CA ILE A 296 -24.66 5.09 42.00
C ILE A 296 -23.85 4.37 40.93
N TYR A 297 -24.17 4.64 39.66
CA TYR A 297 -23.53 3.95 38.54
C TYR A 297 -23.18 4.98 37.48
N GLN A 298 -21.90 5.36 37.42
CA GLN A 298 -21.43 6.22 36.34
C GLN A 298 -21.66 5.55 35.00
N THR A 299 -22.39 6.22 34.11
CA THR A 299 -22.86 5.56 32.90
C THR A 299 -22.29 6.10 31.61
N SER A 300 -22.36 7.41 31.35
CA SER A 300 -22.06 7.88 30.00
C SER A 300 -21.78 9.39 30.03
N ASN A 301 -21.74 9.97 28.84
CA ASN A 301 -21.28 11.33 28.60
C ASN A 301 -22.32 12.07 27.77
N PHE A 302 -22.32 13.40 27.89
CA PHE A 302 -23.21 14.25 27.11
C PHE A 302 -22.43 15.45 26.60
N ARG A 303 -22.88 15.98 25.47
CA ARG A 303 -22.23 17.10 24.82
C ARG A 303 -23.28 17.92 24.07
N VAL A 304 -22.89 19.13 23.70
CA VAL A 304 -23.77 20.05 22.97
C VAL A 304 -23.23 20.20 21.56
N GLN A 305 -24.05 19.86 20.57
CA GLN A 305 -23.63 19.93 19.19
C GLN A 305 -23.60 21.39 18.72
N PRO A 306 -22.68 21.73 17.82
CA PRO A 306 -22.70 23.06 17.21
C PRO A 306 -23.85 23.20 16.23
N THR A 307 -24.13 24.44 15.84
CA THR A 307 -25.27 24.74 14.99
C THR A 307 -24.86 25.25 13.61
N GLU A 308 -24.05 26.29 13.53
CA GLU A 308 -23.70 26.89 12.25
C GLU A 308 -22.19 27.16 12.19
N SER A 309 -21.77 27.77 11.09
CA SER A 309 -20.37 28.12 10.86
C SER A 309 -20.28 29.56 10.38
N ILE A 310 -19.15 30.19 10.69
CA ILE A 310 -18.87 31.56 10.27
C ILE A 310 -17.42 31.64 9.82
N VAL A 311 -17.19 32.23 8.66
CA VAL A 311 -15.86 32.41 8.10
C VAL A 311 -15.56 33.90 8.02
N ARG A 312 -14.35 34.27 8.41
CA ARG A 312 -13.90 35.64 8.37
C ARG A 312 -12.61 35.73 7.58
N PHE A 313 -12.29 36.95 7.14
CA PHE A 313 -11.13 37.20 6.30
C PHE A 313 -10.77 38.68 6.41
N PRO A 314 -9.52 39.07 6.08
CA PRO A 314 -8.98 40.34 6.59
C PRO A 314 -9.88 41.56 6.46
N ASN A 315 -10.21 41.95 5.23
CA ASN A 315 -10.97 43.18 5.01
C ASN A 315 -11.31 43.34 3.53
N ILE A 316 -11.97 44.44 3.18
CA ILE A 316 -12.08 44.85 1.78
C ILE A 316 -10.82 45.65 1.51
N THR A 317 -9.74 44.92 1.23
CA THR A 317 -8.40 45.48 1.14
C THR A 317 -8.13 45.82 -0.33
N ASN A 318 -6.86 46.08 -0.66
CA ASN A 318 -6.46 46.39 -2.03
C ASN A 318 -7.05 45.39 -3.02
N LEU A 319 -7.89 45.89 -3.91
CA LEU A 319 -8.50 45.10 -4.97
C LEU A 319 -7.77 45.35 -6.29
N CYS A 320 -7.88 44.37 -7.17
CA CYS A 320 -7.14 44.42 -8.43
C CYS A 320 -7.79 45.41 -9.38
N PRO A 321 -7.08 46.44 -9.85
CA PRO A 321 -7.67 47.42 -10.77
C PRO A 321 -7.82 46.83 -12.16
N PHE A 322 -9.06 46.52 -12.53
CA PHE A 322 -9.38 46.01 -13.86
C PHE A 322 -10.37 46.87 -14.63
N ASP A 323 -11.17 47.69 -13.95
CA ASP A 323 -12.09 48.58 -14.67
C ASP A 323 -11.32 49.63 -15.47
N GLU A 324 -10.09 49.94 -15.07
CA GLU A 324 -9.28 50.88 -15.85
C GLU A 324 -8.98 50.33 -17.23
N VAL A 325 -8.66 49.04 -17.33
CA VAL A 325 -8.40 48.43 -18.63
C VAL A 325 -9.68 48.32 -19.43
N PHE A 326 -10.76 47.86 -18.79
CA PHE A 326 -12.02 47.65 -19.49
C PHE A 326 -12.65 48.98 -19.89
N ASN A 327 -12.75 49.91 -18.95
CA ASN A 327 -13.24 51.26 -19.24
C ASN A 327 -12.05 52.21 -19.38
N ALA A 328 -11.29 51.98 -20.44
CA ALA A 328 -10.03 52.66 -20.64
C ALA A 328 -10.21 53.95 -21.42
N THR A 329 -9.22 54.84 -21.29
CA THR A 329 -9.16 56.02 -22.13
C THR A 329 -9.04 55.63 -23.59
N ARG A 330 -8.21 54.63 -23.88
CA ARG A 330 -8.15 54.02 -25.21
C ARG A 330 -7.66 52.59 -25.05
N PHE A 331 -7.93 51.79 -26.08
CA PHE A 331 -7.60 50.38 -26.08
C PHE A 331 -6.33 50.17 -26.91
N ALA A 332 -5.87 48.92 -26.97
CA ALA A 332 -4.65 48.60 -27.70
C ALA A 332 -4.97 48.20 -29.14
N SER A 333 -4.00 48.40 -30.01
CA SER A 333 -4.20 48.22 -31.44
C SER A 333 -4.36 46.74 -31.78
N VAL A 334 -4.90 46.48 -32.98
CA VAL A 334 -5.20 45.12 -33.39
C VAL A 334 -3.91 44.30 -33.48
N TYR A 335 -2.89 44.85 -34.11
CA TYR A 335 -1.54 44.27 -34.07
C TYR A 335 -0.72 45.08 -33.08
N ALA A 336 0.16 44.39 -32.36
CA ALA A 336 0.94 44.98 -31.27
C ALA A 336 0.01 45.32 -30.11
N TRP A 337 0.49 45.19 -28.88
CA TRP A 337 -0.42 45.21 -27.75
C TRP A 337 0.34 45.58 -26.48
N ASN A 338 -0.44 45.97 -25.48
CA ASN A 338 0.09 46.24 -24.15
C ASN A 338 0.07 44.98 -23.30
N ARG A 339 0.77 45.02 -22.18
CA ARG A 339 0.84 43.90 -21.25
C ARG A 339 0.86 44.48 -19.84
N LYS A 340 -0.27 44.48 -19.16
CA LYS A 340 -0.39 45.04 -17.83
C LYS A 340 -0.17 43.96 -16.78
N ARG A 341 0.67 44.27 -15.79
CA ARG A 341 1.03 43.34 -14.73
C ARG A 341 0.23 43.69 -13.48
N ILE A 342 -0.52 42.72 -12.97
CA ILE A 342 -1.41 42.90 -11.83
C ILE A 342 -0.93 42.02 -10.69
N SER A 343 -0.69 42.61 -9.53
CA SER A 343 -0.15 41.88 -8.40
C SER A 343 -0.52 42.58 -7.11
N ASN A 344 -0.40 41.85 -6.00
CA ASN A 344 -0.63 42.38 -4.65
C ASN A 344 -2.03 42.97 -4.52
N CYS A 345 -3.03 42.20 -4.94
CA CYS A 345 -4.42 42.63 -4.85
C CYS A 345 -5.32 41.40 -4.93
N VAL A 346 -6.60 41.61 -4.63
CA VAL A 346 -7.62 40.58 -4.71
C VAL A 346 -8.41 40.76 -5.99
N ALA A 347 -8.67 39.67 -6.70
CA ALA A 347 -9.43 39.72 -7.94
C ALA A 347 -10.91 39.90 -7.61
N ASP A 348 -11.50 40.99 -8.10
CA ASP A 348 -12.93 41.25 -7.95
C ASP A 348 -13.52 41.34 -9.35
N TYR A 349 -13.87 40.20 -9.90
CA TYR A 349 -14.42 40.10 -11.26
C TYR A 349 -15.93 39.98 -11.28
N SER A 350 -16.57 39.86 -10.12
CA SER A 350 -18.03 39.78 -10.09
C SER A 350 -18.68 41.10 -10.48
N VAL A 351 -17.96 42.22 -10.36
CA VAL A 351 -18.49 43.50 -10.81
C VAL A 351 -18.45 43.59 -12.33
N LEU A 352 -17.65 42.76 -12.99
CA LEU A 352 -17.52 42.81 -14.44
C LEU A 352 -18.82 42.45 -15.16
N TYR A 353 -19.69 41.66 -14.53
CA TYR A 353 -20.89 41.17 -15.21
C TYR A 353 -21.90 42.26 -15.50
N ASN A 354 -21.76 43.44 -14.90
CA ASN A 354 -22.67 44.55 -15.15
C ASN A 354 -22.18 45.30 -16.38
N LEU A 355 -22.58 44.82 -17.56
CA LEU A 355 -22.15 45.40 -18.81
C LEU A 355 -23.26 45.19 -19.84
N ALA A 356 -23.02 45.59 -21.07
CA ALA A 356 -24.05 45.56 -22.10
C ALA A 356 -24.46 44.12 -22.43
N PRO A 357 -25.69 43.92 -22.89
CA PRO A 357 -26.14 42.56 -23.25
C PRO A 357 -25.28 41.90 -24.31
N PHE A 358 -24.63 42.68 -25.17
CA PHE A 358 -23.67 42.10 -26.10
C PHE A 358 -22.44 41.67 -25.31
N PHE A 359 -22.39 40.40 -24.93
CA PHE A 359 -21.39 39.92 -23.98
C PHE A 359 -21.07 38.47 -24.27
N THR A 360 -19.77 38.17 -24.39
CA THR A 360 -19.29 36.81 -24.55
C THR A 360 -18.48 36.42 -23.32
N PHE A 361 -18.80 35.26 -22.74
CA PHE A 361 -18.09 34.80 -21.54
C PHE A 361 -17.98 33.27 -21.62
N LYS A 362 -16.86 32.80 -22.13
CA LYS A 362 -16.55 31.38 -22.22
C LYS A 362 -15.12 31.15 -21.79
N CYS A 363 -14.91 30.11 -20.98
CA CYS A 363 -13.58 29.80 -20.47
C CYS A 363 -13.36 28.29 -20.49
N TYR A 364 -12.08 27.90 -20.58
CA TYR A 364 -11.69 26.50 -20.66
C TYR A 364 -10.65 26.19 -19.60
N GLY A 365 -10.68 24.96 -19.10
CA GLY A 365 -9.75 24.51 -18.08
C GLY A 365 -10.03 25.05 -16.69
N VAL A 366 -11.06 25.87 -16.53
CA VAL A 366 -11.41 26.46 -15.25
C VAL A 366 -12.87 26.89 -15.32
N SER A 367 -13.59 26.66 -14.23
CA SER A 367 -14.99 27.07 -14.19
C SER A 367 -15.08 28.59 -14.29
N PRO A 368 -15.99 29.11 -15.12
CA PRO A 368 -16.01 30.56 -15.37
C PRO A 368 -16.34 31.39 -14.14
N THR A 369 -16.94 30.81 -13.10
CA THR A 369 -17.36 31.59 -11.95
C THR A 369 -16.49 31.40 -10.72
N LYS A 370 -15.80 30.27 -10.59
CA LYS A 370 -15.02 29.97 -9.39
C LYS A 370 -13.55 30.32 -9.63
N LEU A 371 -13.26 31.62 -9.58
CA LEU A 371 -11.90 32.11 -9.48
C LEU A 371 -11.63 32.84 -8.17
N ASN A 372 -12.66 33.09 -7.37
CA ASN A 372 -12.46 33.75 -6.08
C ASN A 372 -11.56 32.92 -5.18
N ASP A 373 -11.85 31.62 -5.07
CA ASP A 373 -11.05 30.74 -4.22
C ASP A 373 -9.71 30.39 -4.86
N LEU A 374 -9.51 30.70 -6.13
CA LEU A 374 -8.27 30.36 -6.83
C LEU A 374 -7.17 31.32 -6.39
N CYS A 375 -6.18 30.79 -5.68
CA CYS A 375 -5.01 31.54 -5.26
C CYS A 375 -3.85 31.31 -6.23
N PHE A 376 -4.17 31.16 -7.51
CA PHE A 376 -3.19 30.78 -8.52
C PHE A 376 -2.27 31.95 -8.83
N THR A 377 -1.46 31.79 -9.86
CA THR A 377 -0.47 32.78 -10.24
C THR A 377 -1.15 33.98 -10.90
N ASN A 378 -0.34 34.90 -11.40
CA ASN A 378 -0.85 36.17 -11.87
C ASN A 378 -1.49 36.04 -13.25
N VAL A 379 -2.28 37.06 -13.57
CA VAL A 379 -2.94 37.23 -14.86
C VAL A 379 -2.40 38.50 -15.50
N TYR A 380 -2.17 38.43 -16.81
CA TYR A 380 -1.69 39.56 -17.59
C TYR A 380 -2.88 40.24 -18.28
N ALA A 381 -3.07 41.52 -18.01
CA ALA A 381 -4.21 42.27 -18.52
C ALA A 381 -3.83 42.87 -19.86
N ASP A 382 -4.47 42.38 -20.93
CA ASP A 382 -4.23 42.89 -22.27
C ASP A 382 -5.51 42.74 -23.08
N SER A 383 -5.63 43.56 -24.12
CA SER A 383 -6.84 43.56 -24.94
C SER A 383 -6.54 44.25 -26.26
N PHE A 384 -7.46 44.07 -27.21
CA PHE A 384 -7.43 44.77 -28.49
C PHE A 384 -8.86 44.79 -29.03
N VAL A 385 -9.00 45.15 -30.30
CA VAL A 385 -10.30 45.20 -30.97
C VAL A 385 -10.32 44.20 -32.12
N ILE A 386 -11.38 43.41 -32.18
CA ILE A 386 -11.52 42.33 -33.15
C ILE A 386 -12.85 42.50 -33.87
N ARG A 387 -12.81 42.45 -35.21
CA ARG A 387 -14.02 42.59 -36.00
C ARG A 387 -14.95 41.41 -35.72
N GLY A 388 -16.26 41.68 -35.80
CA GLY A 388 -17.25 40.75 -35.26
C GLY A 388 -17.21 39.37 -35.89
N ASP A 389 -16.87 39.30 -37.18
CA ASP A 389 -16.87 38.00 -37.85
C ASP A 389 -15.80 37.07 -37.29
N GLU A 390 -14.60 37.59 -37.02
CA GLU A 390 -13.48 36.76 -36.63
C GLU A 390 -13.34 36.59 -35.11
N VAL A 391 -14.42 36.83 -34.35
CA VAL A 391 -14.37 36.53 -32.92
C VAL A 391 -14.24 35.03 -32.70
N ARG A 392 -14.88 34.22 -33.57
CA ARG A 392 -14.69 32.77 -33.53
C ARG A 392 -13.33 32.38 -34.08
N GLN A 393 -12.76 33.19 -34.97
CA GLN A 393 -11.52 32.84 -35.64
C GLN A 393 -10.34 32.75 -34.67
N ILE A 394 -10.47 33.32 -33.47
CA ILE A 394 -9.47 33.16 -32.42
C ILE A 394 -9.94 32.09 -31.44
N ALA A 395 -9.07 31.11 -31.18
CA ALA A 395 -9.37 29.97 -30.32
C ALA A 395 -8.09 29.18 -30.10
N PRO A 396 -8.07 28.24 -29.15
CA PRO A 396 -6.88 27.38 -29.00
C PRO A 396 -6.78 26.32 -30.09
N GLY A 397 -5.77 26.42 -30.95
CA GLY A 397 -5.47 25.38 -31.91
C GLY A 397 -6.26 25.38 -33.20
N GLN A 398 -6.17 26.47 -33.97
CA GLN A 398 -6.73 26.51 -35.31
C GLN A 398 -6.06 27.62 -36.10
N THR A 399 -6.21 27.56 -37.42
CA THR A 399 -5.59 28.54 -38.30
C THR A 399 -6.42 29.83 -38.33
N GLY A 400 -6.02 30.74 -39.22
CA GLY A 400 -6.71 32.00 -39.37
C GLY A 400 -5.78 33.16 -39.62
N ASN A 401 -6.20 34.12 -40.45
CA ASN A 401 -5.34 35.26 -40.75
C ASN A 401 -5.02 36.06 -39.51
N ILE A 402 -6.02 36.30 -38.65
CA ILE A 402 -5.74 36.91 -37.37
C ILE A 402 -4.97 35.96 -36.46
N ALA A 403 -5.20 34.65 -36.61
CA ALA A 403 -4.55 33.67 -35.75
C ALA A 403 -3.06 33.56 -36.05
N ASP A 404 -2.71 33.41 -37.33
CA ASP A 404 -1.33 33.11 -37.70
C ASP A 404 -0.47 34.36 -37.88
N TYR A 405 -1.07 35.52 -38.06
CA TYR A 405 -0.32 36.75 -38.32
C TYR A 405 -0.36 37.74 -37.17
N ASN A 406 -1.43 37.75 -36.37
CA ASN A 406 -1.61 38.75 -35.33
C ASN A 406 -1.59 38.14 -33.93
N TYR A 407 -2.47 37.19 -33.65
CA TYR A 407 -2.68 36.72 -32.28
C TYR A 407 -3.08 35.25 -32.32
N LYS A 408 -2.33 34.41 -31.63
CA LYS A 408 -2.66 33.01 -31.49
C LYS A 408 -2.70 32.65 -30.01
N LEU A 409 -3.43 31.58 -29.70
CA LEU A 409 -3.61 31.13 -28.33
C LEU A 409 -2.97 29.77 -28.16
N PRO A 410 -2.20 29.55 -27.10
CA PRO A 410 -1.55 28.24 -26.92
C PRO A 410 -2.57 27.14 -26.72
N ASP A 411 -2.18 25.92 -27.09
CA ASP A 411 -3.11 24.80 -27.05
C ASP A 411 -3.57 24.51 -25.63
N ASP A 412 -2.65 24.42 -24.69
CA ASP A 412 -2.99 24.24 -23.28
C ASP A 412 -2.95 25.59 -22.56
N PHE A 413 -3.89 26.45 -22.95
CA PHE A 413 -3.94 27.82 -22.47
C PHE A 413 -4.77 27.91 -21.20
N THR A 414 -4.23 28.60 -20.20
CA THR A 414 -4.94 28.87 -18.95
C THR A 414 -5.44 30.32 -19.01
N GLY A 415 -6.75 30.48 -19.14
CA GLY A 415 -7.38 31.77 -19.29
C GLY A 415 -8.50 31.69 -20.31
N CYS A 416 -9.02 32.85 -20.68
CA CYS A 416 -10.13 32.91 -21.63
C CYS A 416 -10.27 34.35 -22.14
N VAL A 417 -11.40 34.62 -22.81
CA VAL A 417 -11.65 35.91 -23.43
C VAL A 417 -13.04 36.39 -23.04
N ILE A 418 -13.22 37.71 -23.14
CA ILE A 418 -14.52 38.36 -22.93
C ILE A 418 -14.73 39.36 -24.06
N ALA A 419 -15.84 39.24 -24.77
CA ALA A 419 -16.15 40.12 -25.89
C ALA A 419 -17.43 40.89 -25.60
N TRP A 420 -17.40 42.19 -25.91
CA TRP A 420 -18.55 43.06 -25.72
C TRP A 420 -18.47 44.19 -26.75
N ASN A 421 -19.61 44.83 -26.98
CA ASN A 421 -19.76 45.78 -28.07
C ASN A 421 -19.53 47.20 -27.57
N SER A 422 -18.62 47.91 -28.23
CA SER A 422 -18.37 49.33 -28.03
C SER A 422 -18.52 50.07 -29.36
N ASN A 423 -19.60 49.75 -30.08
CA ASN A 423 -19.78 50.26 -31.43
C ASN A 423 -19.90 51.78 -31.46
N LYS A 424 -20.63 52.35 -30.50
CA LYS A 424 -20.83 53.79 -30.47
C LYS A 424 -19.67 54.55 -29.84
N LEU A 425 -18.63 53.85 -29.39
CA LEU A 425 -17.45 54.48 -28.82
C LEU A 425 -16.28 54.54 -29.79
N ASP A 426 -16.36 53.84 -30.92
CA ASP A 426 -15.28 53.81 -31.91
C ASP A 426 -15.73 54.22 -33.31
N SER A 427 -16.94 53.84 -33.72
CA SER A 427 -17.40 54.12 -35.07
C SER A 427 -17.67 55.60 -35.27
N LYS A 428 -17.32 56.11 -36.44
CA LYS A 428 -17.60 57.49 -36.83
C LYS A 428 -18.38 57.50 -38.14
N VAL A 429 -18.99 58.66 -38.43
CA VAL A 429 -19.92 58.76 -39.55
C VAL A 429 -19.19 58.52 -40.87
N SER A 430 -18.07 59.22 -41.08
CA SER A 430 -17.35 59.11 -42.34
C SER A 430 -16.49 57.86 -42.42
N GLY A 431 -16.35 57.10 -41.33
CA GLY A 431 -15.55 55.89 -41.35
C GLY A 431 -14.23 56.05 -40.61
N ASN A 432 -14.15 55.44 -39.43
CA ASN A 432 -12.93 55.53 -38.64
C ASN A 432 -11.83 54.70 -39.28
N TYR A 433 -10.63 55.29 -39.38
CA TYR A 433 -9.44 54.58 -39.85
C TYR A 433 -8.41 54.67 -38.73
N ASN A 434 -8.49 53.75 -37.78
CA ASN A 434 -7.59 53.77 -36.64
C ASN A 434 -7.05 52.41 -36.22
N TYR A 435 -7.63 51.30 -36.67
CA TYR A 435 -7.19 49.97 -36.28
C TYR A 435 -6.86 49.15 -37.51
N LEU A 436 -5.85 48.28 -37.37
CA LEU A 436 -5.31 47.54 -38.51
C LEU A 436 -4.49 46.37 -37.99
N TYR A 437 -4.23 45.41 -38.89
CA TYR A 437 -3.63 44.14 -38.50
C TYR A 437 -2.60 43.72 -39.53
N ARG A 438 -1.66 42.87 -39.11
CA ARG A 438 -0.66 42.33 -40.02
C ARG A 438 -1.32 41.47 -41.08
N LEU A 439 -0.93 41.71 -42.34
CA LEU A 439 -1.64 41.14 -43.47
C LEU A 439 -0.83 40.14 -44.30
N PHE A 440 0.48 40.34 -44.43
CA PHE A 440 1.30 39.53 -45.33
C PHE A 440 2.58 39.08 -44.65
N ARG A 441 2.45 38.55 -43.42
CA ARG A 441 3.61 37.98 -42.74
C ARG A 441 4.12 36.76 -43.49
N LYS A 442 5.44 36.69 -43.68
CA LYS A 442 6.06 35.56 -44.38
C LYS A 442 6.40 34.43 -43.40
N SER A 443 5.41 34.05 -42.60
CA SER A 443 5.54 32.95 -41.63
C SER A 443 4.21 32.71 -40.93
N ASN A 444 4.15 31.71 -40.08
CA ASN A 444 3.00 31.47 -39.20
C ASN A 444 3.45 31.80 -37.78
N LEU A 445 3.09 33.00 -37.32
CA LEU A 445 3.59 33.49 -36.04
C LEU A 445 3.10 32.62 -34.89
N LYS A 446 3.98 32.37 -33.94
CA LYS A 446 3.65 31.56 -32.77
C LYS A 446 2.77 32.35 -31.80
N PRO A 447 2.06 31.66 -30.91
CA PRO A 447 1.28 32.38 -29.90
C PRO A 447 2.17 33.04 -28.85
N PHE A 448 1.78 34.26 -28.48
CA PHE A 448 2.39 35.00 -27.36
C PHE A 448 3.87 35.27 -27.58
N GLU A 449 4.15 36.07 -28.62
CA GLU A 449 5.47 36.68 -28.80
C GLU A 449 5.30 38.10 -29.31
N ARG A 450 6.28 38.95 -28.98
CA ARG A 450 6.28 40.31 -29.48
C ARG A 450 6.50 40.32 -30.99
N ASP A 451 5.68 41.07 -31.71
CA ASP A 451 5.79 41.20 -33.16
C ASP A 451 5.49 42.66 -33.52
N ILE A 452 6.54 43.48 -33.56
CA ILE A 452 6.42 44.88 -33.94
C ILE A 452 7.44 45.17 -35.05
N SER A 453 6.94 45.60 -36.20
CA SER A 453 7.77 45.95 -37.34
C SER A 453 6.91 46.73 -38.32
N THR A 454 7.57 47.52 -39.17
CA THR A 454 6.88 48.40 -40.10
C THR A 454 7.37 48.29 -41.54
N GLU A 455 8.42 47.54 -41.82
CA GLU A 455 8.98 47.49 -43.16
C GLU A 455 7.99 46.85 -44.13
N ILE A 456 8.08 47.28 -45.39
CA ILE A 456 7.18 46.77 -46.43
C ILE A 456 7.48 45.29 -46.67
N TYR A 457 6.47 44.57 -47.16
CA TYR A 457 6.60 43.15 -47.40
C TYR A 457 7.32 42.87 -48.71
N GLN A 458 8.22 41.89 -48.69
CA GLN A 458 8.95 41.45 -49.86
C GLN A 458 8.61 39.99 -50.14
N ALA A 459 8.30 39.69 -51.41
CA ALA A 459 8.01 38.33 -51.83
C ALA A 459 9.26 37.50 -52.04
N GLY A 460 10.40 37.96 -51.54
CA GLY A 460 11.66 37.26 -51.75
C GLY A 460 12.15 37.41 -53.18
N ASN A 461 13.08 36.53 -53.55
CA ASN A 461 13.61 36.46 -54.90
C ASN A 461 14.22 37.78 -55.34
N LYS A 462 13.44 38.61 -56.04
CA LYS A 462 13.92 39.85 -56.63
C LYS A 462 14.00 40.97 -55.58
N PRO A 463 15.08 41.74 -55.61
CA PRO A 463 15.25 42.81 -54.61
C PRO A 463 14.53 44.10 -54.98
N CYS A 464 13.25 44.23 -54.60
CA CYS A 464 12.52 45.46 -54.86
C CYS A 464 13.25 46.67 -54.30
N ASN A 465 13.78 46.55 -53.08
CA ASN A 465 14.65 47.56 -52.47
C ASN A 465 13.95 48.91 -52.33
N GLY A 466 12.84 48.89 -51.59
CA GLY A 466 12.17 50.12 -51.23
C GLY A 466 11.59 50.92 -52.38
N VAL A 467 11.08 50.25 -53.41
CA VAL A 467 10.42 50.93 -54.51
C VAL A 467 8.93 50.63 -54.56
N ALA A 468 8.47 49.52 -53.98
CA ALA A 468 7.05 49.16 -53.91
C ALA A 468 6.45 49.05 -55.31
N GLY A 469 6.99 48.10 -56.08
CA GLY A 469 6.45 47.78 -57.38
C GLY A 469 5.68 46.47 -57.35
N PHE A 470 6.03 45.54 -58.24
CA PHE A 470 5.41 44.22 -58.21
C PHE A 470 6.15 43.32 -57.22
N ASN A 471 5.39 42.48 -56.53
CA ASN A 471 5.86 41.54 -55.51
C ASN A 471 6.43 42.24 -54.28
N CYS A 472 6.40 43.57 -54.24
CA CYS A 472 6.87 44.34 -53.10
C CYS A 472 5.72 45.26 -52.69
N TYR A 473 4.83 44.74 -51.85
CA TYR A 473 3.62 45.45 -51.46
C TYR A 473 3.73 45.93 -50.01
N PHE A 474 2.88 46.90 -49.67
CA PHE A 474 2.81 47.40 -48.31
C PHE A 474 1.72 46.67 -47.55
N PRO A 475 2.04 45.98 -46.46
CA PRO A 475 1.02 45.23 -45.71
C PRO A 475 0.19 46.12 -44.80
N LEU A 476 -0.63 45.47 -43.95
CA LEU A 476 -1.40 46.04 -42.85
C LEU A 476 -2.85 46.33 -43.26
N ARG A 477 -3.06 47.40 -44.03
CA ARG A 477 -4.36 47.66 -44.68
C ARG A 477 -5.50 47.78 -43.67
N SER A 478 -5.49 48.89 -42.94
CA SER A 478 -6.52 49.21 -41.97
C SER A 478 -7.95 49.03 -42.47
N TYR A 479 -8.88 48.82 -41.54
CA TYR A 479 -10.29 48.63 -41.90
C TYR A 479 -10.90 49.95 -42.38
N SER A 480 -12.20 49.91 -42.64
CA SER A 480 -12.97 51.11 -42.96
C SER A 480 -13.83 51.58 -41.79
N PHE A 481 -14.30 50.67 -40.95
CA PHE A 481 -15.10 50.98 -39.76
C PHE A 481 -16.27 51.92 -40.10
N ARG A 482 -17.14 51.43 -40.96
CA ARG A 482 -18.33 52.19 -41.31
C ARG A 482 -19.27 52.26 -40.11
N PRO A 483 -19.96 53.39 -39.92
CA PRO A 483 -20.78 53.56 -38.71
C PRO A 483 -21.93 52.57 -38.62
N THR A 484 -22.77 52.52 -39.65
CA THR A 484 -23.93 51.63 -39.67
C THR A 484 -23.74 50.59 -40.77
N TYR A 485 -23.99 49.33 -40.42
CA TYR A 485 -23.85 48.20 -41.33
C TYR A 485 -24.43 46.98 -40.63
N GLY A 486 -24.30 45.83 -41.28
CA GLY A 486 -24.67 44.58 -40.65
C GLY A 486 -23.65 44.16 -39.61
N VAL A 487 -24.00 43.09 -38.89
CA VAL A 487 -23.09 42.55 -37.88
C VAL A 487 -21.83 41.97 -38.49
N GLY A 488 -21.84 41.71 -39.80
CA GLY A 488 -20.66 41.15 -40.44
C GLY A 488 -19.47 42.09 -40.43
N HIS A 489 -19.72 43.40 -40.52
CA HIS A 489 -18.66 44.41 -40.56
C HIS A 489 -18.75 45.36 -39.38
N GLN A 490 -19.00 44.83 -38.18
CA GLN A 490 -19.12 45.64 -36.99
C GLN A 490 -17.97 45.31 -36.03
N PRO A 491 -17.10 46.27 -35.71
CA PRO A 491 -16.00 45.99 -34.78
C PRO A 491 -16.51 45.67 -33.39
N TYR A 492 -15.79 44.78 -32.70
CA TYR A 492 -16.11 44.35 -31.35
C TYR A 492 -14.91 44.58 -30.44
N ARG A 493 -15.20 44.86 -29.16
CA ARG A 493 -14.16 45.05 -28.16
C ARG A 493 -13.96 43.75 -27.40
N VAL A 494 -12.76 43.17 -27.50
CA VAL A 494 -12.46 41.88 -26.89
C VAL A 494 -11.25 42.03 -25.98
N VAL A 495 -11.30 41.37 -24.82
CA VAL A 495 -10.22 41.38 -23.85
C VAL A 495 -9.83 39.95 -23.54
N VAL A 496 -8.53 39.69 -23.42
CA VAL A 496 -8.02 38.37 -23.12
C VAL A 496 -7.50 38.37 -21.69
N LEU A 497 -8.04 37.49 -20.86
CA LEU A 497 -7.59 37.31 -19.49
C LEU A 497 -6.75 36.04 -19.44
N SER A 498 -5.45 36.21 -19.23
CA SER A 498 -4.49 35.11 -19.31
C SER A 498 -3.74 35.04 -17.98
N PHE A 499 -4.17 34.13 -17.12
CA PHE A 499 -3.48 33.85 -15.87
C PHE A 499 -2.74 32.53 -16.01
N GLU A 500 -1.48 32.50 -15.59
CA GLU A 500 -0.72 31.27 -15.79
C GLU A 500 -0.97 30.33 -14.61
N LEU A 501 -0.22 29.22 -14.56
CA LEU A 501 -0.53 28.13 -13.63
C LEU A 501 0.70 27.76 -12.80
N LEU A 502 0.63 26.66 -12.06
CA LEU A 502 1.64 26.03 -11.21
C LEU A 502 1.75 26.71 -9.84
N HIS A 503 1.09 27.85 -9.62
CA HIS A 503 0.82 28.38 -8.28
C HIS A 503 2.06 28.76 -7.48
N ALA A 504 3.26 28.66 -8.07
CA ALA A 504 4.45 29.07 -7.31
C ALA A 504 4.50 30.57 -7.12
N PRO A 505 4.33 31.42 -8.16
CA PRO A 505 4.12 32.85 -7.85
C PRO A 505 2.66 33.15 -7.50
N ALA A 506 2.26 32.73 -6.30
CA ALA A 506 0.89 32.97 -5.84
C ALA A 506 0.65 34.47 -5.71
N THR A 507 -0.13 35.02 -6.63
CA THR A 507 -0.16 36.48 -6.82
C THR A 507 -1.50 37.10 -6.52
N VAL A 508 -2.59 36.63 -7.13
CA VAL A 508 -3.84 37.38 -7.08
C VAL A 508 -4.75 36.86 -5.98
N CYS A 509 -5.23 35.61 -6.08
CA CYS A 509 -6.00 34.96 -5.03
C CYS A 509 -7.26 35.71 -4.63
N GLY A 510 -7.99 35.18 -3.65
CA GLY A 510 -8.98 35.95 -2.93
C GLY A 510 -9.54 35.18 -1.75
N PRO A 511 -9.49 35.80 -0.56
CA PRO A 511 -10.15 35.20 0.60
C PRO A 511 -11.66 35.37 0.56
N LYS A 512 -12.10 36.62 0.33
CA LYS A 512 -13.48 37.00 0.10
C LYS A 512 -14.44 36.46 1.16
N LYS A 513 -15.74 36.47 0.83
CA LYS A 513 -16.83 35.90 1.64
C LYS A 513 -16.62 36.14 3.14
N SER A 514 -16.36 37.40 3.49
CA SER A 514 -16.26 37.78 4.89
C SER A 514 -17.66 37.87 5.48
N THR A 515 -17.91 37.12 6.54
CA THR A 515 -19.25 36.95 7.11
C THR A 515 -19.37 37.69 8.44
N ASN A 516 -20.51 37.50 9.10
CA ASN A 516 -20.81 38.18 10.35
C ASN A 516 -20.16 37.41 11.52
N LEU A 517 -20.54 37.78 12.74
CA LEU A 517 -19.97 37.18 13.95
C LEU A 517 -21.10 36.87 14.93
N VAL A 518 -20.86 35.84 15.76
CA VAL A 518 -21.79 35.45 16.81
C VAL A 518 -21.03 35.30 18.11
N LYS A 519 -21.77 35.35 19.22
CA LYS A 519 -21.19 35.21 20.55
C LYS A 519 -22.07 34.29 21.39
N ASN A 520 -21.43 33.63 22.37
CA ASN A 520 -22.10 32.75 23.31
C ASN A 520 -22.90 31.67 22.59
N LYS A 521 -22.31 31.08 21.55
CA LYS A 521 -23.00 30.09 20.74
C LYS A 521 -22.02 29.01 20.31
N CYS A 522 -22.53 27.78 20.21
CA CYS A 522 -21.76 26.65 19.70
C CYS A 522 -21.65 26.77 18.19
N VAL A 523 -20.54 27.32 17.72
CA VAL A 523 -20.36 27.66 16.31
C VAL A 523 -18.99 27.20 15.83
N ASN A 524 -18.88 27.00 14.51
CA ASN A 524 -17.61 26.75 13.86
C ASN A 524 -17.02 28.08 13.40
N PHE A 525 -15.72 28.26 13.63
CA PHE A 525 -15.06 29.51 13.26
C PHE A 525 -13.98 29.27 12.22
N ASN A 526 -13.85 30.20 11.28
CA ASN A 526 -12.84 30.15 10.23
C ASN A 526 -12.19 31.51 10.07
N PHE A 527 -11.74 32.08 11.20
CA PHE A 527 -11.31 33.47 11.24
C PHE A 527 -10.27 33.81 10.17
N ASN A 528 -9.28 32.94 9.98
CA ASN A 528 -8.25 33.20 8.98
C ASN A 528 -7.87 31.93 8.23
N GLY A 529 -8.83 31.04 8.00
CA GLY A 529 -8.56 29.74 7.46
C GLY A 529 -8.35 28.67 8.50
N LEU A 530 -8.30 29.04 9.78
CA LEU A 530 -8.16 28.05 10.84
C LEU A 530 -9.47 27.29 11.02
N LYS A 531 -9.37 25.98 11.13
CA LYS A 531 -10.52 25.12 11.32
C LYS A 531 -10.70 24.83 12.80
N GLY A 532 -11.93 24.98 13.28
CA GLY A 532 -12.22 24.69 14.67
C GLY A 532 -13.63 25.10 15.03
N THR A 533 -14.05 24.63 16.20
CA THR A 533 -15.38 24.88 16.71
C THR A 533 -15.30 25.28 18.18
N GLY A 534 -16.42 25.76 18.71
CA GLY A 534 -16.50 26.11 20.10
C GLY A 534 -17.39 27.31 20.30
N VAL A 535 -17.16 28.03 21.40
CA VAL A 535 -17.95 29.19 21.77
C VAL A 535 -17.05 30.41 21.85
N LEU A 536 -17.55 31.53 21.37
CA LEU A 536 -16.80 32.78 21.27
C LEU A 536 -17.29 33.75 22.34
N THR A 537 -16.35 34.48 22.93
CA THR A 537 -16.69 35.50 23.93
C THR A 537 -15.66 36.61 23.89
N GLU A 538 -15.84 37.60 24.76
CA GLU A 538 -14.99 38.78 24.81
C GLU A 538 -13.76 38.52 25.66
N SER A 539 -12.59 38.92 25.15
CA SER A 539 -11.32 38.78 25.85
C SER A 539 -10.64 40.13 25.94
N ASN A 540 -10.10 40.46 27.11
CA ASN A 540 -9.45 41.74 27.32
C ASN A 540 -7.95 41.69 27.07
N LYS A 541 -7.33 40.51 27.17
CA LYS A 541 -5.88 40.41 27.07
C LYS A 541 -5.39 40.93 25.72
N LYS A 542 -4.34 41.74 25.77
CA LYS A 542 -3.87 42.49 24.61
C LYS A 542 -2.81 41.70 23.85
N PHE A 543 -2.76 41.93 22.54
CA PHE A 543 -1.75 41.37 21.66
C PHE A 543 -0.71 42.42 21.32
N LEU A 544 0.18 42.08 20.40
CA LEU A 544 1.10 43.00 19.77
C LEU A 544 0.67 43.23 18.32
N PRO A 545 1.04 44.37 17.72
CA PRO A 545 0.54 44.68 16.37
C PRO A 545 0.81 43.59 15.35
N PHE A 546 1.99 42.96 15.40
CA PHE A 546 2.26 41.84 14.52
C PHE A 546 1.59 40.55 15.00
N GLN A 547 1.40 40.40 16.31
CA GLN A 547 0.85 39.17 16.86
C GLN A 547 -0.54 38.89 16.32
N GLN A 548 -0.78 37.65 15.90
CA GLN A 548 -2.01 37.30 15.21
C GLN A 548 -2.98 36.50 16.09
N PHE A 549 -2.56 35.37 16.64
CA PHE A 549 -3.44 34.56 17.46
C PHE A 549 -2.66 33.97 18.62
N GLY A 550 -3.36 33.77 19.74
CA GLY A 550 -2.72 33.27 20.94
C GLY A 550 -2.78 31.76 21.08
N ARG A 551 -1.85 31.24 21.88
CA ARG A 551 -1.80 29.82 22.22
C ARG A 551 -1.42 29.69 23.69
N ASP A 552 -1.86 28.59 24.29
CA ASP A 552 -1.60 28.32 25.70
C ASP A 552 -0.71 27.09 25.85
N ILE A 553 -0.41 26.75 27.10
CA ILE A 553 0.42 25.58 27.40
C ILE A 553 -0.26 24.33 26.85
N ALA A 554 0.57 23.34 26.52
CA ALA A 554 0.11 22.12 25.85
C ALA A 554 -0.61 22.47 24.54
N ASP A 555 -0.01 23.38 23.78
CA ASP A 555 -0.41 23.79 22.42
C ASP A 555 -1.93 23.79 22.22
N THR A 556 -2.60 24.57 23.06
CA THR A 556 -4.04 24.79 22.95
C THR A 556 -4.30 26.23 22.54
N THR A 557 -5.11 26.41 21.50
CA THR A 557 -5.52 27.73 21.07
C THR A 557 -6.54 28.31 22.05
N ASP A 558 -6.32 29.54 22.48
CA ASP A 558 -7.20 30.18 23.45
C ASP A 558 -7.92 31.40 22.88
N ALA A 559 -7.18 32.36 22.32
CA ALA A 559 -7.78 33.60 21.84
C ALA A 559 -7.24 33.91 20.45
N VAL A 560 -8.10 34.46 19.61
CA VAL A 560 -7.77 34.77 18.23
C VAL A 560 -8.25 36.18 17.89
N ARG A 561 -7.43 36.93 17.18
CA ARG A 561 -7.82 38.26 16.71
C ARG A 561 -8.63 38.14 15.44
N ASP A 562 -9.79 38.81 15.41
CA ASP A 562 -10.61 38.79 14.21
C ASP A 562 -9.92 39.56 13.09
N PRO A 563 -9.93 39.04 11.86
CA PRO A 563 -9.22 39.72 10.78
C PRO A 563 -9.76 41.09 10.44
N GLN A 564 -11.06 41.34 10.70
CA GLN A 564 -11.69 42.59 10.27
C GLN A 564 -11.55 43.69 11.31
N THR A 565 -12.06 43.46 12.53
CA THR A 565 -12.03 44.46 13.58
C THR A 565 -10.69 44.53 14.29
N LEU A 566 -9.84 43.52 14.12
CA LEU A 566 -8.55 43.43 14.80
C LEU A 566 -8.73 43.47 16.32
N GLU A 567 -9.71 42.71 16.80
CA GLU A 567 -9.96 42.55 18.22
C GLU A 567 -9.83 41.08 18.60
N ILE A 568 -9.12 40.83 19.69
CA ILE A 568 -8.81 39.46 20.11
C ILE A 568 -9.98 38.95 20.95
N LEU A 569 -10.70 37.96 20.43
CA LEU A 569 -11.79 37.31 21.14
C LEU A 569 -11.33 35.98 21.71
N ASP A 570 -12.01 35.54 22.77
CA ASP A 570 -11.66 34.33 23.49
C ASP A 570 -12.50 33.16 22.99
N ILE A 571 -11.86 32.00 22.89
CA ILE A 571 -12.48 30.78 22.38
C ILE A 571 -12.48 29.75 23.50
N THR A 572 -13.63 29.12 23.74
CA THR A 572 -13.75 28.10 24.76
C THR A 572 -14.40 26.86 24.17
N PRO A 573 -13.94 25.66 24.54
CA PRO A 573 -14.60 24.45 24.04
C PRO A 573 -16.05 24.38 24.47
N CYS A 574 -16.87 23.76 23.62
CA CYS A 574 -18.30 23.71 23.86
C CYS A 574 -18.61 22.89 25.11
N SER A 575 -19.79 23.16 25.68
CA SER A 575 -20.17 22.53 26.94
C SER A 575 -20.34 21.03 26.79
N PHE A 576 -19.91 20.30 27.80
CA PHE A 576 -19.99 18.84 27.82
C PHE A 576 -19.78 18.39 29.26
N GLY A 577 -20.03 17.10 29.50
CA GLY A 577 -19.78 16.57 30.83
C GLY A 577 -20.20 15.12 30.92
N GLY A 578 -20.09 14.59 32.13
CA GLY A 578 -20.48 13.22 32.42
C GLY A 578 -21.80 13.17 33.17
N VAL A 579 -22.54 12.08 32.98
CA VAL A 579 -23.83 11.90 33.61
C VAL A 579 -23.77 10.68 34.52
N SER A 580 -24.42 10.79 35.67
CA SER A 580 -24.52 9.69 36.61
C SER A 580 -25.98 9.51 37.01
N VAL A 581 -26.34 8.26 37.33
CA VAL A 581 -27.72 7.90 37.64
C VAL A 581 -27.78 7.48 39.09
N ILE A 582 -28.60 8.17 39.88
CA ILE A 582 -28.82 7.81 41.28
C ILE A 582 -30.07 6.94 41.33
N THR A 583 -29.91 5.72 41.83
CA THR A 583 -30.95 4.71 41.80
C THR A 583 -31.13 4.11 43.19
N PRO A 584 -32.38 3.92 43.64
CA PRO A 584 -32.62 3.33 44.95
C PRO A 584 -32.76 1.81 44.96
N GLY A 585 -32.63 1.16 43.82
CA GLY A 585 -32.83 -0.28 43.76
C GLY A 585 -34.05 -0.65 42.95
N THR A 586 -33.90 -1.61 42.04
CA THR A 586 -34.99 -1.96 41.14
C THR A 586 -36.17 -2.57 41.89
N ASN A 587 -35.89 -3.35 42.95
CA ASN A 587 -36.96 -4.04 43.66
C ASN A 587 -37.87 -3.06 44.39
N THR A 588 -37.30 -1.98 44.93
CA THR A 588 -38.07 -1.08 45.77
C THR A 588 -38.90 -0.10 44.95
N SER A 589 -38.24 0.73 44.15
CA SER A 589 -38.93 1.78 43.41
C SER A 589 -38.34 1.87 42.00
N ASN A 590 -38.95 2.75 41.20
CA ASN A 590 -38.48 3.01 39.84
C ASN A 590 -38.26 4.51 39.63
N GLN A 591 -38.00 5.24 40.71
CA GLN A 591 -37.76 6.68 40.63
C GLN A 591 -36.26 6.92 40.70
N VAL A 592 -35.74 7.67 39.74
CA VAL A 592 -34.31 7.87 39.62
C VAL A 592 -34.01 9.35 39.66
N ALA A 593 -32.79 9.68 40.06
CA ALA A 593 -32.28 11.04 39.99
C ALA A 593 -31.11 11.08 39.01
N VAL A 594 -30.87 12.24 38.43
CA VAL A 594 -29.76 12.36 37.48
C VAL A 594 -28.77 13.37 38.04
N LEU A 595 -27.51 13.20 37.70
CA LEU A 595 -26.45 14.08 38.17
C LEU A 595 -25.55 14.44 37.00
N TYR A 596 -25.43 15.73 36.73
CA TYR A 596 -24.50 16.24 35.73
C TYR A 596 -23.25 16.70 36.46
N GLN A 597 -22.09 16.14 36.06
CA GLN A 597 -20.84 16.37 36.77
C GLN A 597 -20.15 17.62 36.26
N GLY A 598 -19.62 18.42 37.19
CA GLY A 598 -18.72 19.50 36.87
C GLY A 598 -19.27 20.57 35.94
N VAL A 599 -20.48 21.05 36.20
CA VAL A 599 -21.08 22.10 35.37
C VAL A 599 -22.23 22.72 36.15
N ASN A 600 -22.36 24.04 36.06
CA ASN A 600 -23.61 24.67 36.46
C ASN A 600 -24.63 24.39 35.37
N CYS A 601 -25.82 23.95 35.77
CA CYS A 601 -26.82 23.45 34.84
C CYS A 601 -27.96 24.43 34.59
N THR A 602 -27.62 25.71 34.47
CA THR A 602 -28.54 26.66 33.84
C THR A 602 -28.76 26.35 32.36
N GLU A 603 -28.00 25.39 31.79
CA GLU A 603 -28.08 25.12 30.36
C GLU A 603 -28.17 23.63 30.03
N VAL A 604 -28.64 22.79 30.94
CA VAL A 604 -28.87 21.39 30.62
C VAL A 604 -30.13 21.14 29.80
N PRO A 605 -31.24 21.89 29.96
CA PRO A 605 -32.37 21.65 29.04
C PRO A 605 -31.97 21.84 27.59
N VAL A 606 -31.17 22.86 27.29
CA VAL A 606 -30.66 23.03 25.93
C VAL A 606 -29.69 21.91 25.59
N ALA A 607 -28.94 21.41 26.58
CA ALA A 607 -28.02 20.30 26.33
C ALA A 607 -28.77 19.06 25.87
N ILE A 608 -29.87 18.73 26.53
CA ILE A 608 -30.67 17.58 26.12
C ILE A 608 -31.40 17.87 24.81
N HIS A 609 -31.82 19.12 24.58
CA HIS A 609 -32.45 19.47 23.31
C HIS A 609 -31.50 19.22 22.14
N ALA A 610 -30.25 19.66 22.28
CA ALA A 610 -29.28 19.49 21.19
C ALA A 610 -28.81 18.05 21.08
N ASP A 611 -28.57 17.39 22.22
CA ASP A 611 -28.11 16.01 22.20
C ASP A 611 -29.20 15.06 21.70
N GLN A 612 -30.45 15.50 21.69
CA GLN A 612 -31.60 14.75 21.17
C GLN A 612 -31.75 13.41 21.92
N LEU A 613 -32.08 13.55 23.20
CA LEU A 613 -32.52 12.43 24.01
C LEU A 613 -34.04 12.50 24.18
N THR A 614 -34.62 11.36 24.56
CA THR A 614 -36.07 11.23 24.56
C THR A 614 -36.71 12.17 25.59
N PRO A 615 -37.98 12.52 25.40
CA PRO A 615 -38.67 13.34 26.42
C PRO A 615 -38.63 12.75 27.81
N THR A 616 -38.37 11.45 27.94
CA THR A 616 -38.09 10.88 29.26
C THR A 616 -36.83 11.48 29.86
N TRP A 617 -35.93 12.01 29.03
CA TRP A 617 -34.80 12.81 29.51
C TRP A 617 -35.09 14.30 29.49
N ARG A 618 -35.97 14.75 28.60
CA ARG A 618 -36.31 16.16 28.57
C ARG A 618 -37.11 16.59 29.80
N VAL A 619 -37.85 15.67 30.41
CA VAL A 619 -38.58 15.99 31.62
C VAL A 619 -37.61 16.37 32.75
N TYR A 620 -36.48 15.66 32.84
CA TYR A 620 -35.45 16.04 33.78
C TYR A 620 -34.65 17.24 33.29
N SER A 621 -34.53 17.42 31.98
CA SER A 621 -33.85 18.61 31.48
C SER A 621 -34.57 19.88 31.91
N THR A 622 -35.90 19.85 31.87
CA THR A 622 -36.69 20.94 32.44
C THR A 622 -36.50 20.99 33.95
N GLY A 623 -36.42 22.20 34.49
CA GLY A 623 -36.11 22.38 35.89
C GLY A 623 -37.26 22.11 36.84
N SER A 624 -37.72 20.86 36.88
CA SER A 624 -38.73 20.49 37.86
C SER A 624 -38.19 20.56 39.28
N ASN A 625 -37.05 19.93 39.53
CA ASN A 625 -36.40 19.92 40.84
C ASN A 625 -34.89 19.90 40.60
N VAL A 626 -34.27 21.07 40.65
CA VAL A 626 -32.85 21.24 40.36
C VAL A 626 -32.15 21.71 41.63
N PHE A 627 -31.04 21.06 41.98
CA PHE A 627 -30.20 21.50 43.08
C PHE A 627 -28.76 21.53 42.62
N GLN A 628 -28.08 22.64 42.89
CA GLN A 628 -26.70 22.86 42.43
C GLN A 628 -25.75 22.66 43.59
N THR A 629 -25.07 21.51 43.61
CA THR A 629 -24.07 21.20 44.61
C THR A 629 -22.69 21.61 44.09
N ARG A 630 -21.65 21.19 44.82
CA ARG A 630 -20.28 21.46 44.35
C ARG A 630 -19.89 20.54 43.20
N ALA A 631 -20.52 19.37 43.10
CA ALA A 631 -20.14 18.37 42.10
C ALA A 631 -20.96 18.44 40.83
N GLY A 632 -21.38 19.64 40.43
CA GLY A 632 -22.23 19.80 39.27
C GLY A 632 -23.63 20.17 39.70
N CYS A 633 -24.61 19.36 39.31
CA CYS A 633 -25.93 19.51 39.92
C CYS A 633 -26.69 18.20 39.80
N LEU A 634 -27.72 18.07 40.62
CA LEU A 634 -28.60 16.91 40.58
C LEU A 634 -30.02 17.37 40.30
N ILE A 635 -30.72 16.57 39.51
CA ILE A 635 -32.07 16.86 39.05
C ILE A 635 -32.96 15.68 39.42
N GLY A 636 -34.11 15.98 40.02
CA GLY A 636 -35.07 14.97 40.41
C GLY A 636 -35.06 14.60 41.88
N ALA A 637 -34.28 15.30 42.71
CA ALA A 637 -34.19 15.01 44.13
C ALA A 637 -34.52 16.26 44.94
N GLU A 638 -35.45 16.12 45.88
CA GLU A 638 -35.75 17.19 46.82
C GLU A 638 -34.64 17.29 47.87
N TYR A 639 -34.35 18.52 48.29
CA TYR A 639 -33.30 18.78 49.26
C TYR A 639 -33.94 19.12 50.60
N VAL A 640 -33.88 18.17 51.53
CA VAL A 640 -34.37 18.39 52.89
C VAL A 640 -33.33 19.20 53.66
N ASN A 641 -33.74 19.72 54.81
CA ASN A 641 -32.89 20.64 55.57
C ASN A 641 -32.46 20.08 56.91
N ASN A 642 -32.79 18.82 57.21
CA ASN A 642 -32.32 18.16 58.41
C ASN A 642 -31.08 17.33 58.08
N SER A 643 -30.63 16.52 59.04
CA SER A 643 -29.41 15.73 58.87
C SER A 643 -29.65 14.29 59.28
N TYR A 644 -28.91 13.39 58.64
CA TYR A 644 -28.97 11.95 58.92
C TYR A 644 -27.59 11.36 58.64
N GLU A 645 -27.52 10.03 58.67
CA GLU A 645 -26.32 9.33 58.24
C GLU A 645 -26.30 9.23 56.72
N CYS A 646 -25.25 8.62 56.17
CA CYS A 646 -25.03 8.60 54.73
C CYS A 646 -25.08 7.17 54.22
N ASP A 647 -25.82 6.96 53.12
CA ASP A 647 -25.90 5.68 52.45
C ASP A 647 -25.38 5.74 51.02
N ILE A 648 -25.85 6.69 50.21
CA ILE A 648 -25.41 6.79 48.81
C ILE A 648 -24.62 8.07 48.63
N PRO A 649 -23.30 8.00 48.56
CA PRO A 649 -22.49 9.22 48.42
C PRO A 649 -22.64 9.85 47.04
N ILE A 650 -22.45 11.16 46.99
CA ILE A 650 -22.31 11.91 45.74
C ILE A 650 -21.01 12.70 45.71
N GLY A 651 -20.78 13.51 46.72
CA GLY A 651 -19.58 14.33 46.80
C GLY A 651 -19.82 15.55 47.64
N ALA A 652 -18.72 16.24 47.95
CA ALA A 652 -18.74 17.48 48.74
C ALA A 652 -19.50 17.29 50.05
N GLY A 653 -19.51 16.07 50.58
CA GLY A 653 -20.23 15.78 51.80
C GLY A 653 -21.73 15.92 51.66
N ILE A 654 -22.31 15.42 50.57
CA ILE A 654 -23.75 15.46 50.36
C ILE A 654 -24.19 14.07 49.90
N CYS A 655 -25.23 13.54 50.54
CA CYS A 655 -25.71 12.20 50.26
C CYS A 655 -27.15 12.24 49.79
N ALA A 656 -27.62 11.09 49.29
CA ALA A 656 -28.99 10.93 48.82
C ALA A 656 -29.54 9.61 49.30
N SER A 657 -30.80 9.60 49.70
CA SER A 657 -31.43 8.39 50.22
C SER A 657 -32.92 8.42 49.94
N TYR A 658 -33.52 7.24 49.94
CA TYR A 658 -34.94 7.06 49.67
C TYR A 658 -35.69 7.06 50.99
N GLN A 659 -36.74 7.89 51.09
CA GLN A 659 -37.45 8.03 52.35
C GLN A 659 -38.95 8.14 52.09
N THR A 660 -39.72 7.67 53.07
CA THR A 660 -41.18 7.55 52.94
C THR A 660 -41.89 8.76 53.57
N GLN A 661 -41.55 9.95 53.10
CA GLN A 661 -42.24 11.18 53.53
C GLN A 661 -41.86 12.36 52.64
N SER A 673 -45.03 10.35 51.67
CA SER A 673 -44.57 10.80 50.36
C SER A 673 -43.22 10.18 50.02
N GLN A 674 -43.23 8.90 49.66
CA GLN A 674 -42.00 8.20 49.32
C GLN A 674 -41.33 8.87 48.13
N SER A 675 -40.03 9.14 48.27
CA SER A 675 -39.29 9.82 47.20
C SER A 675 -37.79 9.68 47.49
N ILE A 676 -36.99 10.30 46.63
CA ILE A 676 -35.55 10.32 46.74
C ILE A 676 -35.16 11.70 47.28
N ILE A 677 -34.80 11.74 48.55
CA ILE A 677 -34.36 12.98 49.18
C ILE A 677 -32.85 13.07 49.08
N ALA A 678 -32.34 14.30 49.16
CA ALA A 678 -30.91 14.57 49.16
C ALA A 678 -30.60 15.55 50.28
N TYR A 679 -29.57 15.27 51.06
CA TYR A 679 -29.29 16.03 52.26
C TYR A 679 -27.79 16.10 52.50
N THR A 680 -27.43 16.75 53.60
CA THR A 680 -26.04 16.95 54.00
C THR A 680 -25.64 15.89 55.01
N MET A 681 -24.43 15.38 54.87
CA MET A 681 -23.93 14.34 55.77
C MET A 681 -23.85 14.86 57.19
N SER A 682 -24.11 13.96 58.14
CA SER A 682 -23.93 14.25 59.56
C SER A 682 -23.02 13.18 60.15
N LEU A 683 -21.97 13.63 60.83
CA LEU A 683 -20.96 12.69 61.33
C LEU A 683 -21.56 11.73 62.34
N GLY A 684 -22.37 12.23 63.26
CA GLY A 684 -22.96 11.38 64.27
C GLY A 684 -23.55 12.21 65.39
N ALA A 685 -24.09 11.50 66.38
CA ALA A 685 -24.71 12.14 67.51
C ALA A 685 -23.69 12.88 68.36
N GLU A 686 -23.78 14.21 68.38
CA GLU A 686 -22.87 15.01 69.18
C GLU A 686 -23.08 14.72 70.66
N ASN A 687 -21.99 14.69 71.42
CA ASN A 687 -22.04 14.37 72.83
C ASN A 687 -21.03 15.23 73.58
N SER A 688 -21.30 15.47 74.86
CA SER A 688 -20.39 16.22 75.71
C SER A 688 -20.10 15.41 76.97
N VAL A 689 -18.85 15.42 77.38
CA VAL A 689 -18.43 14.68 78.57
C VAL A 689 -18.46 15.61 79.76
N ALA A 690 -18.83 15.07 80.92
CA ALA A 690 -18.85 15.83 82.16
C ALA A 690 -17.46 15.74 82.77
N TYR A 691 -16.62 16.71 82.43
CA TYR A 691 -15.23 16.71 82.86
C TYR A 691 -15.06 17.62 84.07
N SER A 692 -14.19 17.21 84.99
CA SER A 692 -13.84 18.01 86.15
C SER A 692 -12.50 17.51 86.66
N ASN A 693 -11.99 18.18 87.69
CA ASN A 693 -10.68 17.86 88.24
C ASN A 693 -10.76 17.24 89.63
N ASN A 694 -11.92 16.69 90.00
CA ASN A 694 -12.00 15.85 91.19
C ASN A 694 -12.94 14.67 91.02
N SER A 695 -13.48 14.43 89.82
CA SER A 695 -14.51 13.44 89.60
C SER A 695 -13.99 12.28 88.75
N ILE A 696 -14.50 11.08 89.02
CA ILE A 696 -14.12 9.87 88.31
C ILE A 696 -15.39 9.13 87.89
N ALA A 697 -15.29 8.39 86.79
CA ALA A 697 -16.32 7.45 86.36
C ALA A 697 -15.70 6.07 86.33
N ILE A 698 -16.27 5.14 87.08
CA ILE A 698 -15.78 3.77 87.18
C ILE A 698 -16.86 2.84 86.64
N PRO A 699 -16.52 1.91 85.75
CA PRO A 699 -17.51 0.92 85.33
C PRO A 699 -17.80 -0.07 86.46
N THR A 700 -18.99 -0.63 86.41
CA THR A 700 -19.42 -1.60 87.41
C THR A 700 -19.78 -2.96 86.82
N ASN A 701 -20.05 -3.04 85.53
CA ASN A 701 -20.43 -4.30 84.91
C ASN A 701 -19.63 -4.49 83.63
N PHE A 702 -19.67 -5.71 83.12
CA PHE A 702 -18.88 -6.05 81.95
C PHE A 702 -19.68 -6.97 81.04
N THR A 703 -19.27 -7.02 79.77
CA THR A 703 -19.90 -7.87 78.78
C THR A 703 -18.82 -8.54 77.95
N ILE A 704 -19.17 -9.69 77.38
CA ILE A 704 -18.30 -10.42 76.46
C ILE A 704 -18.98 -10.42 75.10
N SER A 705 -18.25 -9.97 74.08
CA SER A 705 -18.78 -9.85 72.73
C SER A 705 -17.96 -10.72 71.78
N VAL A 706 -18.56 -11.01 70.62
CA VAL A 706 -17.94 -11.83 69.59
C VAL A 706 -17.97 -11.04 68.29
N THR A 707 -16.81 -10.92 67.65
CA THR A 707 -16.67 -10.13 66.42
C THR A 707 -16.08 -11.02 65.34
N THR A 708 -16.39 -10.70 64.09
CA THR A 708 -15.97 -11.49 62.94
C THR A 708 -15.00 -10.70 62.06
N GLU A 709 -14.00 -11.39 61.53
CA GLU A 709 -13.12 -10.81 60.52
C GLU A 709 -12.95 -11.81 59.39
N ILE A 710 -12.83 -11.31 58.17
CA ILE A 710 -12.68 -12.15 56.99
C ILE A 710 -11.50 -11.64 56.19
N LEU A 711 -10.59 -12.55 55.82
CA LEU A 711 -9.42 -12.14 55.02
C LEU A 711 -9.11 -13.18 53.96
N PRO A 712 -9.02 -12.79 52.69
CA PRO A 712 -8.58 -13.72 51.66
C PRO A 712 -7.10 -14.01 51.79
N VAL A 713 -6.71 -15.24 51.44
CA VAL A 713 -5.31 -15.64 51.57
C VAL A 713 -4.80 -16.22 50.26
N SER A 714 -5.71 -16.46 49.32
CA SER A 714 -5.30 -17.07 48.05
C SER A 714 -6.34 -16.78 46.98
N MET A 715 -5.85 -16.58 45.76
CA MET A 715 -6.66 -16.48 44.57
C MET A 715 -6.60 -17.81 43.82
N THR A 716 -7.17 -17.84 42.63
CA THR A 716 -7.20 -19.04 41.81
C THR A 716 -6.03 -19.05 40.84
N LYS A 717 -5.26 -20.13 40.86
CA LYS A 717 -4.18 -20.28 39.90
C LYS A 717 -4.72 -20.38 38.49
N THR A 718 -3.85 -20.16 37.51
CA THR A 718 -4.25 -20.22 36.12
C THR A 718 -3.03 -20.45 35.25
N SER A 719 -3.28 -20.88 34.01
CA SER A 719 -2.22 -21.07 33.03
C SER A 719 -2.82 -20.91 31.64
N VAL A 720 -1.95 -20.61 30.67
CA VAL A 720 -2.38 -20.33 29.31
C VAL A 720 -1.40 -20.98 28.35
N ASP A 721 -1.92 -21.51 27.24
CA ASP A 721 -1.11 -22.02 26.15
C ASP A 721 -1.11 -20.99 25.03
N CYS A 722 0.08 -20.47 24.70
CA CYS A 722 0.17 -19.40 23.71
C CYS A 722 -0.38 -19.85 22.36
N THR A 723 0.10 -20.98 21.86
CA THR A 723 -0.22 -21.42 20.50
C THR A 723 -1.72 -21.64 20.34
N MET A 724 -2.35 -22.29 21.31
CA MET A 724 -3.78 -22.55 21.22
C MET A 724 -4.57 -21.25 21.19
N TYR A 725 -4.13 -20.24 21.93
CA TYR A 725 -4.84 -18.97 21.98
C TYR A 725 -4.66 -18.18 20.69
N ILE A 726 -3.41 -17.87 20.34
CA ILE A 726 -3.15 -16.95 19.23
C ILE A 726 -3.55 -17.58 17.90
N CYS A 727 -3.33 -18.87 17.75
CA CYS A 727 -3.37 -19.48 16.42
C CYS A 727 -4.71 -20.11 16.08
N GLY A 728 -5.33 -20.81 17.03
CA GLY A 728 -6.57 -21.50 16.71
C GLY A 728 -6.38 -22.63 15.73
N ASP A 729 -5.27 -23.37 15.85
CA ASP A 729 -5.00 -24.56 15.04
C ASP A 729 -4.88 -24.22 13.55
N SER A 730 -3.96 -23.31 13.25
CA SER A 730 -3.60 -22.98 11.88
C SER A 730 -2.07 -23.03 11.77
N THR A 731 -1.58 -23.76 10.77
CA THR A 731 -0.14 -23.96 10.62
C THR A 731 0.58 -22.64 10.35
N GLU A 732 0.05 -21.84 9.43
CA GLU A 732 0.71 -20.59 9.04
C GLU A 732 0.90 -19.67 10.24
N CYS A 733 -0.02 -19.71 11.20
CA CYS A 733 0.12 -18.90 12.41
C CYS A 733 1.43 -19.21 13.13
N SER A 734 1.70 -20.48 13.41
CA SER A 734 2.97 -20.84 14.04
C SER A 734 4.14 -20.55 13.11
N ASN A 735 3.99 -20.87 11.83
CA ASN A 735 5.07 -20.66 10.88
C ASN A 735 5.53 -19.21 10.85
N LEU A 736 4.63 -18.27 11.12
CA LEU A 736 5.02 -16.87 11.22
C LEU A 736 5.34 -16.45 12.65
N LEU A 737 4.81 -17.16 13.65
CA LEU A 737 5.03 -16.76 15.04
C LEU A 737 6.43 -17.11 15.52
N LEU A 738 6.96 -18.26 15.09
CA LEU A 738 8.23 -18.74 15.64
C LEU A 738 9.36 -17.72 15.51
N GLN A 739 9.34 -16.88 14.46
CA GLN A 739 10.44 -15.95 14.28
C GLN A 739 10.38 -14.77 15.25
N TYR A 740 9.24 -14.55 15.93
CA TYR A 740 9.16 -13.47 16.89
C TYR A 740 9.89 -13.78 18.20
N GLY A 741 10.12 -15.05 18.51
CA GLY A 741 10.96 -15.40 19.63
C GLY A 741 10.25 -16.21 20.70
N SER A 742 10.81 -16.16 21.91
CA SER A 742 10.40 -17.00 23.02
C SER A 742 9.70 -16.20 24.11
N PHE A 743 8.88 -15.23 23.70
CA PHE A 743 8.06 -14.48 24.65
C PHE A 743 7.16 -15.42 25.46
N CYS A 744 6.65 -16.47 24.81
CA CYS A 744 5.79 -17.44 25.51
C CYS A 744 6.49 -18.00 26.74
N THR A 745 7.80 -18.19 26.68
CA THR A 745 8.54 -18.63 27.86
C THR A 745 8.45 -17.60 28.98
N GLN A 746 8.56 -16.32 28.64
CA GLN A 746 8.42 -15.27 29.65
C GLN A 746 7.04 -15.32 30.27
N LEU A 747 6.01 -15.51 29.44
CA LEU A 747 4.64 -15.57 29.96
C LEU A 747 4.47 -16.76 30.89
N LYS A 748 5.00 -17.93 30.50
CA LYS A 748 4.87 -19.12 31.34
C LYS A 748 5.57 -18.93 32.67
N ARG A 749 6.78 -18.36 32.65
CA ARG A 749 7.49 -18.12 33.91
C ARG A 749 6.72 -17.15 34.79
N ALA A 750 6.17 -16.08 34.19
CA ALA A 750 5.40 -15.11 34.97
C ALA A 750 4.22 -15.79 35.66
N LEU A 751 3.47 -16.61 34.92
CA LEU A 751 2.31 -17.26 35.53
C LEU A 751 2.71 -18.28 36.58
N THR A 752 3.77 -19.05 36.33
CA THR A 752 4.21 -20.04 37.32
C THR A 752 4.66 -19.37 38.61
N GLY A 753 5.16 -18.15 38.52
CA GLY A 753 5.47 -17.40 39.74
C GLY A 753 4.29 -17.29 40.69
N ILE A 754 3.18 -16.74 40.20
CA ILE A 754 1.98 -16.64 41.02
C ILE A 754 1.47 -18.03 41.40
N ALA A 755 1.62 -19.00 40.49
CA ALA A 755 1.16 -20.35 40.77
C ALA A 755 1.81 -20.90 42.03
N VAL A 756 3.13 -20.76 42.14
CA VAL A 756 3.80 -21.23 43.35
C VAL A 756 3.54 -20.29 44.52
N GLU A 757 3.31 -19.01 44.24
CA GLU A 757 3.07 -18.06 45.33
C GLU A 757 1.80 -18.39 46.11
N GLN A 758 0.75 -18.83 45.41
CA GLN A 758 -0.49 -19.19 46.11
C GLN A 758 -0.25 -20.32 47.10
N ASP A 759 0.43 -21.37 46.66
CA ASP A 759 0.74 -22.48 47.57
C ASP A 759 1.61 -22.02 48.71
N LYS A 760 2.58 -21.15 48.44
CA LYS A 760 3.42 -20.63 49.53
C LYS A 760 2.60 -19.90 50.57
N ASN A 761 1.67 -19.05 50.12
CA ASN A 761 0.82 -18.30 51.05
C ASN A 761 0.01 -19.25 51.92
N THR A 762 -0.68 -20.21 51.30
CA THR A 762 -1.51 -21.12 52.07
C THR A 762 -0.65 -21.93 53.05
N GLN A 763 0.50 -22.42 52.59
CA GLN A 763 1.38 -23.20 53.44
C GLN A 763 1.83 -22.41 54.65
N GLU A 764 2.30 -21.17 54.44
CA GLU A 764 2.83 -20.41 55.57
C GLU A 764 1.72 -19.87 56.46
N VAL A 765 0.48 -19.81 55.99
CA VAL A 765 -0.60 -19.34 56.86
C VAL A 765 -1.25 -20.46 57.65
N PHE A 766 -1.15 -21.71 57.20
CA PHE A 766 -1.78 -22.81 57.93
C PHE A 766 -0.82 -23.90 58.39
N ALA A 767 0.48 -23.62 58.49
CA ALA A 767 1.41 -24.65 58.95
C ALA A 767 2.25 -24.17 60.12
N GLN A 768 1.61 -23.60 61.14
CA GLN A 768 2.32 -23.07 62.30
C GLN A 768 2.43 -24.08 63.45
N VAL A 769 1.97 -25.30 63.26
CA VAL A 769 2.05 -26.32 64.31
C VAL A 769 2.69 -27.57 63.73
N LYS A 770 3.40 -28.31 64.59
CA LYS A 770 4.13 -29.50 64.16
C LYS A 770 3.22 -30.72 64.07
N GLN A 771 2.61 -31.11 65.19
CA GLN A 771 1.77 -32.30 65.24
C GLN A 771 0.35 -31.95 64.82
N ILE A 772 -0.56 -32.89 65.00
CA ILE A 772 -1.99 -32.69 64.75
C ILE A 772 -2.70 -33.12 66.03
N TYR A 773 -2.93 -32.17 66.93
CA TYR A 773 -3.60 -32.48 68.19
C TYR A 773 -5.07 -32.83 67.93
N LYS A 774 -5.64 -33.58 68.86
CA LYS A 774 -7.05 -33.94 68.79
C LYS A 774 -7.70 -33.72 70.15
N THR A 775 -8.98 -33.37 70.11
CA THR A 775 -9.72 -33.04 71.32
C THR A 775 -9.97 -34.29 72.16
N PRO A 776 -10.19 -34.12 73.47
CA PRO A 776 -10.58 -35.25 74.31
C PRO A 776 -11.95 -35.76 73.91
N PRO A 777 -12.23 -37.05 74.12
CA PRO A 777 -13.52 -37.60 73.65
C PRO A 777 -14.73 -36.91 74.26
N ILE A 778 -14.67 -36.56 75.54
CA ILE A 778 -15.78 -35.89 76.21
C ILE A 778 -15.44 -34.40 76.31
N LYS A 779 -16.43 -33.56 76.04
CA LYS A 779 -16.24 -32.11 75.95
C LYS A 779 -17.02 -31.46 77.09
N TYR A 780 -16.37 -31.38 78.25
CA TYR A 780 -16.90 -30.68 79.42
C TYR A 780 -15.89 -29.59 79.78
N PHE A 781 -16.28 -28.33 79.59
CA PHE A 781 -15.32 -27.24 79.65
C PHE A 781 -15.74 -26.16 80.64
N GLY A 782 -16.15 -26.57 81.84
CA GLY A 782 -16.52 -25.62 82.87
C GLY A 782 -17.69 -24.74 82.50
N GLY A 783 -18.66 -25.26 81.75
CA GLY A 783 -19.85 -24.54 81.39
C GLY A 783 -19.85 -23.93 80.00
N PHE A 784 -18.68 -23.81 79.38
CA PHE A 784 -18.63 -23.31 78.02
C PHE A 784 -19.14 -24.37 77.05
N ASN A 785 -19.52 -23.91 75.86
CA ASN A 785 -20.14 -24.78 74.86
C ASN A 785 -19.51 -24.47 73.51
N PHE A 786 -18.75 -25.42 72.97
CA PHE A 786 -18.02 -25.24 71.72
C PHE A 786 -18.56 -26.12 70.60
N SER A 787 -19.78 -26.64 70.73
CA SER A 787 -20.30 -27.56 69.73
C SER A 787 -20.40 -26.92 68.36
N GLN A 788 -20.72 -25.63 68.30
CA GLN A 788 -20.91 -24.96 67.02
C GLN A 788 -19.62 -24.93 66.20
N ILE A 789 -18.49 -24.66 66.84
CA ILE A 789 -17.24 -24.46 66.12
C ILE A 789 -16.34 -25.69 66.10
N LEU A 790 -16.57 -26.66 66.96
CA LEU A 790 -15.80 -27.89 66.89
C LEU A 790 -16.27 -28.74 65.71
N PRO A 791 -15.36 -29.37 64.98
CA PRO A 791 -15.78 -30.28 63.92
C PRO A 791 -16.48 -31.50 64.49
N ASP A 792 -17.42 -32.04 63.73
CA ASP A 792 -18.17 -33.17 64.22
C ASP A 792 -17.81 -34.45 63.47
N PRO A 793 -17.83 -35.60 64.15
CA PRO A 793 -17.55 -36.87 63.45
C PRO A 793 -18.79 -37.45 62.79
N SER A 794 -19.97 -37.09 63.31
CA SER A 794 -21.23 -37.57 62.76
C SER A 794 -21.66 -36.72 61.56
N LYS A 795 -20.83 -36.77 60.52
CA LYS A 795 -21.02 -35.98 59.31
C LYS A 795 -20.08 -36.48 58.23
N PRO A 796 -20.51 -36.51 56.97
CA PRO A 796 -19.54 -36.76 55.88
C PRO A 796 -18.44 -35.73 55.90
N SER A 797 -17.21 -36.21 55.72
CA SER A 797 -16.00 -35.39 55.88
C SER A 797 -15.93 -34.81 57.29
N LYS A 798 -14.93 -33.98 57.56
CA LYS A 798 -14.76 -33.34 58.86
C LYS A 798 -14.95 -31.84 58.67
N ARG A 799 -16.04 -31.30 59.21
CA ARG A 799 -16.37 -29.90 59.03
C ARG A 799 -17.31 -29.46 60.13
N SER A 800 -16.97 -28.37 60.82
CA SER A 800 -17.84 -27.85 61.87
C SER A 800 -19.05 -27.17 61.27
N PHE A 801 -19.98 -26.77 62.16
CA PHE A 801 -21.24 -26.18 61.70
C PHE A 801 -21.02 -24.84 61.03
N ILE A 802 -20.24 -23.96 61.65
CA ILE A 802 -20.09 -22.59 61.16
C ILE A 802 -19.42 -22.59 59.80
N GLU A 803 -18.32 -23.33 59.67
CA GLU A 803 -17.60 -23.34 58.39
C GLU A 803 -18.46 -23.93 57.28
N ASP A 804 -19.19 -25.00 57.57
CA ASP A 804 -20.06 -25.59 56.56
C ASP A 804 -21.17 -24.63 56.16
N LEU A 805 -21.73 -23.91 57.14
CA LEU A 805 -22.69 -22.87 56.82
C LEU A 805 -22.09 -21.83 55.90
N LEU A 806 -20.83 -21.47 56.13
CA LEU A 806 -20.17 -20.49 55.27
C LEU A 806 -20.00 -21.02 53.85
N PHE A 807 -19.55 -22.27 53.70
CA PHE A 807 -19.45 -22.87 52.37
C PHE A 807 -20.81 -22.85 51.66
N ASN A 808 -21.85 -23.29 52.34
CA ASN A 808 -23.16 -23.34 51.71
C ASN A 808 -23.70 -21.93 51.41
N LYS A 809 -23.28 -20.93 52.18
CA LYS A 809 -23.76 -19.58 51.94
C LYS A 809 -23.04 -18.93 50.76
N VAL A 810 -21.76 -19.20 50.58
CA VAL A 810 -21.02 -18.51 49.52
C VAL A 810 -21.48 -19.04 48.17
N THR A 811 -21.16 -20.31 47.89
CA THR A 811 -21.67 -21.07 46.75
C THR A 811 -21.80 -20.28 45.46
N LEU A 812 -20.90 -19.33 45.22
CA LEU A 812 -20.91 -18.55 43.98
C LEU A 812 -19.81 -18.98 43.02
N ALA A 813 -19.16 -20.11 43.29
CA ALA A 813 -18.24 -20.72 42.34
C ALA A 813 -18.49 -22.20 42.14
N ASP A 814 -19.22 -22.87 43.03
CA ASP A 814 -19.47 -24.31 42.97
C ASP A 814 -18.14 -25.06 42.81
N ALA A 815 -17.20 -24.71 43.68
CA ALA A 815 -15.81 -25.16 43.60
C ALA A 815 -15.20 -24.70 42.28
N GLY A 816 -15.56 -25.36 41.19
CA GLY A 816 -15.09 -24.96 39.88
C GLY A 816 -13.65 -25.31 39.58
N PHE A 817 -12.97 -26.01 40.48
CA PHE A 817 -11.59 -26.40 40.26
C PHE A 817 -11.51 -27.67 39.42
N ILE A 818 -12.14 -27.63 38.23
CA ILE A 818 -12.20 -28.73 37.27
C ILE A 818 -12.34 -30.08 37.98
N LYS A 819 -13.47 -30.27 38.67
CA LYS A 819 -13.67 -31.50 39.43
C LYS A 819 -13.89 -32.67 38.49
N GLN A 820 -12.79 -33.32 38.09
CA GLN A 820 -12.80 -34.33 37.04
C GLN A 820 -13.37 -33.77 35.74
N TYR A 821 -13.33 -32.44 35.59
CA TYR A 821 -13.95 -31.78 34.45
C TYR A 821 -13.03 -31.86 33.24
N GLY A 822 -13.37 -31.13 32.19
CA GLY A 822 -12.91 -31.43 30.86
C GLY A 822 -13.65 -32.59 30.23
N ASP A 823 -14.26 -33.44 31.06
CA ASP A 823 -15.19 -34.48 30.65
C ASP A 823 -16.60 -33.96 30.48
N CYS A 824 -16.78 -32.65 30.34
CA CYS A 824 -18.11 -32.11 30.10
C CYS A 824 -18.47 -32.31 28.63
N LEU A 825 -18.34 -33.54 28.16
CA LEU A 825 -18.63 -33.88 26.77
C LEU A 825 -20.13 -33.93 26.52
N GLY A 826 -20.89 -34.46 27.46
CA GLY A 826 -22.33 -34.46 27.33
C GLY A 826 -22.92 -33.16 27.83
N ASP A 827 -23.17 -32.23 26.92
CA ASP A 827 -23.67 -30.91 27.25
C ASP A 827 -25.20 -30.86 27.10
N ILE A 828 -25.87 -31.65 27.93
CA ILE A 828 -27.33 -31.55 28.01
C ILE A 828 -27.73 -30.20 28.57
N ALA A 829 -26.88 -29.62 29.42
CA ALA A 829 -27.07 -28.27 29.94
C ALA A 829 -26.36 -27.29 29.01
N ALA A 830 -26.18 -26.04 29.45
CA ALA A 830 -25.60 -24.99 28.63
C ALA A 830 -24.10 -24.83 28.89
N ARG A 831 -23.40 -25.94 29.15
CA ARG A 831 -21.95 -26.02 29.28
C ARG A 831 -21.39 -25.29 30.49
N ASP A 832 -22.24 -24.73 31.34
CA ASP A 832 -21.82 -23.93 32.51
C ASP A 832 -20.96 -22.78 31.98
N LEU A 833 -19.89 -22.41 32.67
CA LEU A 833 -18.97 -21.38 32.19
C LEU A 833 -17.54 -21.86 32.09
N ILE A 834 -17.10 -22.72 33.01
CA ILE A 834 -15.68 -23.09 33.07
C ILE A 834 -15.23 -23.79 31.80
N CYS A 835 -16.06 -24.70 31.28
CA CYS A 835 -15.69 -25.42 30.06
C CYS A 835 -15.45 -24.46 28.90
N ALA A 836 -16.20 -23.35 28.85
CA ALA A 836 -16.06 -22.38 27.77
C ALA A 836 -14.65 -21.82 27.69
N GLN A 837 -14.19 -21.13 28.75
CA GLN A 837 -12.85 -20.58 28.72
C GLN A 837 -11.79 -21.66 28.75
N LYS A 838 -12.10 -22.84 29.30
CA LYS A 838 -11.14 -23.93 29.28
C LYS A 838 -10.84 -24.36 27.84
N PHE A 839 -11.86 -24.43 27.00
CA PHE A 839 -11.69 -24.86 25.62
C PHE A 839 -11.17 -23.75 24.71
N LYS A 840 -10.63 -22.69 25.29
CA LYS A 840 -9.96 -21.62 24.56
C LYS A 840 -8.47 -21.56 24.89
N GLY A 841 -7.91 -22.67 25.38
CA GLY A 841 -6.52 -22.70 25.75
C GLY A 841 -6.20 -22.06 27.09
N LEU A 842 -7.20 -21.66 27.86
CA LEU A 842 -7.03 -21.02 29.15
C LEU A 842 -7.42 -22.04 30.22
N THR A 843 -6.42 -22.64 30.87
CA THR A 843 -6.67 -23.70 31.83
C THR A 843 -6.51 -23.16 33.26
N VAL A 844 -7.15 -23.86 34.19
CA VAL A 844 -7.07 -23.54 35.61
C VAL A 844 -6.54 -24.75 36.34
N LEU A 845 -5.54 -24.54 37.18
CA LEU A 845 -4.92 -25.62 37.93
C LEU A 845 -5.66 -25.87 39.23
N PRO A 846 -5.48 -27.05 39.83
CA PRO A 846 -6.08 -27.30 41.14
C PRO A 846 -5.12 -26.91 42.25
N PRO A 847 -5.63 -26.45 43.38
CA PRO A 847 -4.75 -26.07 44.49
C PRO A 847 -4.04 -27.27 45.07
N LEU A 848 -2.86 -27.03 45.61
CA LEU A 848 -2.05 -28.12 46.16
C LEU A 848 -2.70 -28.74 47.38
N LEU A 849 -3.12 -27.90 48.33
CA LEU A 849 -3.81 -28.36 49.52
C LEU A 849 -5.31 -28.28 49.29
N THR A 850 -6.02 -29.36 49.59
CA THR A 850 -7.46 -29.35 49.44
C THR A 850 -8.14 -28.92 50.74
N ASP A 851 -9.45 -28.74 50.67
CA ASP A 851 -10.21 -28.29 51.83
C ASP A 851 -10.07 -29.25 53.01
N GLU A 852 -9.88 -30.54 52.75
CA GLU A 852 -9.80 -31.51 53.83
C GLU A 852 -8.59 -31.25 54.72
N MET A 853 -7.41 -31.06 54.12
CA MET A 853 -6.22 -30.85 54.94
C MET A 853 -6.29 -29.53 55.71
N ILE A 854 -6.80 -28.47 55.09
CA ILE A 854 -6.88 -27.21 55.80
C ILE A 854 -7.90 -27.29 56.93
N ALA A 855 -8.98 -28.05 56.72
CA ALA A 855 -9.92 -28.30 57.81
C ALA A 855 -9.25 -29.05 58.95
N GLN A 856 -8.40 -30.02 58.61
CA GLN A 856 -7.66 -30.75 59.64
C GLN A 856 -6.75 -29.82 60.42
N TYR A 857 -6.06 -28.92 59.72
CA TYR A 857 -5.23 -27.91 60.39
C TYR A 857 -6.07 -27.04 61.32
N THR A 858 -7.23 -26.57 60.86
CA THR A 858 -8.04 -25.71 61.71
C THR A 858 -8.52 -26.46 62.95
N SER A 859 -8.92 -27.72 62.79
CA SER A 859 -9.35 -28.51 63.93
C SER A 859 -8.23 -28.70 64.93
N ALA A 860 -7.03 -29.05 64.44
CA ALA A 860 -5.90 -29.26 65.34
C ALA A 860 -5.53 -27.97 66.05
N LEU A 861 -5.52 -26.85 65.33
CA LEU A 861 -5.18 -25.57 65.94
C LEU A 861 -6.18 -25.17 67.01
N LEU A 862 -7.48 -25.37 66.72
CA LEU A 862 -8.50 -25.03 67.70
C LEU A 862 -8.38 -25.91 68.93
N ALA A 863 -8.11 -27.21 68.75
CA ALA A 863 -7.91 -28.08 69.90
C ALA A 863 -6.73 -27.61 70.73
N GLY A 864 -5.61 -27.29 70.07
CA GLY A 864 -4.44 -26.84 70.79
C GLY A 864 -4.69 -25.57 71.57
N THR A 865 -5.43 -24.63 70.98
CA THR A 865 -5.70 -23.38 71.68
C THR A 865 -6.85 -23.47 72.67
N ILE A 866 -7.60 -24.58 72.68
CA ILE A 866 -8.70 -24.71 73.62
C ILE A 866 -8.29 -25.52 74.84
N THR A 867 -7.35 -26.46 74.69
CA THR A 867 -7.02 -27.36 75.79
C THR A 867 -5.63 -27.16 76.37
N SER A 868 -4.73 -26.47 75.67
CA SER A 868 -3.35 -26.35 76.14
C SER A 868 -2.91 -24.91 76.35
N GLY A 869 -3.79 -23.93 76.17
CA GLY A 869 -3.35 -22.57 76.36
C GLY A 869 -2.42 -22.11 75.23
N TRP A 870 -1.69 -21.03 75.51
CA TRP A 870 -0.73 -20.50 74.54
C TRP A 870 0.56 -21.31 74.50
N THR A 871 0.76 -22.22 75.44
CA THR A 871 2.07 -22.83 75.63
C THR A 871 2.52 -23.63 74.41
N PHE A 872 1.59 -24.22 73.68
CA PHE A 872 1.99 -25.09 72.57
C PHE A 872 2.60 -24.31 71.41
N GLY A 873 2.44 -22.98 71.38
CA GLY A 873 3.02 -22.19 70.32
C GLY A 873 4.51 -22.01 70.43
N ALA A 874 5.09 -22.28 71.60
CA ALA A 874 6.52 -22.10 71.83
C ALA A 874 7.25 -23.42 71.99
N GLY A 875 6.83 -24.26 72.93
CA GLY A 875 7.43 -25.56 73.11
C GLY A 875 6.52 -26.69 72.66
N ALA A 876 5.90 -27.36 73.63
CA ALA A 876 4.94 -28.40 73.36
C ALA A 876 3.70 -28.16 74.20
N ALA A 877 2.59 -28.75 73.79
CA ALA A 877 1.32 -28.56 74.48
C ALA A 877 1.41 -29.10 75.90
N LEU A 878 0.88 -28.35 76.85
CA LEU A 878 0.79 -28.76 78.24
C LEU A 878 -0.66 -28.71 78.68
N GLN A 879 -1.09 -29.71 79.44
CA GLN A 879 -2.47 -29.76 79.90
C GLN A 879 -2.77 -28.57 80.79
N ILE A 880 -3.99 -28.05 80.66
CA ILE A 880 -4.48 -26.97 81.53
C ILE A 880 -6.00 -26.96 81.49
N PRO A 881 -6.67 -27.03 82.63
CA PRO A 881 -8.13 -26.83 82.65
C PRO A 881 -8.49 -25.43 82.21
N PHE A 882 -9.66 -25.31 81.59
CA PHE A 882 -10.04 -24.07 80.93
C PHE A 882 -10.19 -22.92 81.92
N ALA A 883 -10.66 -23.23 83.13
CA ALA A 883 -11.00 -22.17 84.08
C ALA A 883 -9.79 -21.30 84.41
N MET A 884 -8.67 -21.92 84.78
CA MET A 884 -7.51 -21.10 85.10
C MET A 884 -6.84 -20.51 83.86
N GLN A 885 -7.07 -21.09 82.67
CA GLN A 885 -6.63 -20.40 81.46
C GLN A 885 -7.36 -19.08 81.29
N MET A 886 -8.68 -19.10 81.47
CA MET A 886 -9.45 -17.86 81.43
C MET A 886 -9.03 -16.93 82.56
N ALA A 887 -8.69 -17.49 83.73
CA ALA A 887 -8.19 -16.66 84.82
C ALA A 887 -6.89 -15.97 84.44
N TYR A 888 -5.99 -16.70 83.77
CA TYR A 888 -4.77 -16.09 83.23
C TYR A 888 -5.12 -14.93 82.32
N ARG A 889 -6.02 -15.17 81.37
CA ARG A 889 -6.32 -14.14 80.38
C ARG A 889 -6.93 -12.90 81.02
N PHE A 890 -7.82 -13.08 82.00
CA PHE A 890 -8.31 -11.94 82.76
C PHE A 890 -7.19 -11.23 83.51
N ASN A 891 -6.28 -12.01 84.12
CA ASN A 891 -5.13 -11.41 84.78
C ASN A 891 -4.28 -10.60 83.82
N GLY A 892 -4.36 -10.92 82.52
CA GLY A 892 -3.69 -10.14 81.51
C GLY A 892 -4.10 -8.68 81.51
N ILE A 893 -5.37 -8.41 81.25
CA ILE A 893 -5.85 -7.01 81.11
C ILE A 893 -6.27 -6.55 82.50
N GLY A 894 -5.28 -6.13 83.29
CA GLY A 894 -5.47 -5.32 84.48
C GLY A 894 -6.63 -5.64 85.40
N VAL A 895 -7.09 -6.89 85.41
CA VAL A 895 -8.21 -7.31 86.25
C VAL A 895 -7.78 -8.54 87.03
N THR A 896 -8.01 -8.53 88.35
CA THR A 896 -7.56 -9.62 89.19
C THR A 896 -8.40 -10.88 88.97
N GLN A 897 -7.90 -12.00 89.50
CA GLN A 897 -8.47 -13.30 89.19
C GLN A 897 -9.88 -13.47 89.73
N ASN A 898 -10.13 -12.99 90.95
CA ASN A 898 -11.34 -13.36 91.68
C ASN A 898 -12.61 -13.10 90.90
N VAL A 899 -12.64 -12.05 90.08
CA VAL A 899 -13.86 -11.68 89.37
C VAL A 899 -14.34 -12.85 88.50
N LEU A 900 -13.41 -13.61 87.93
CA LEU A 900 -13.80 -14.77 87.14
C LEU A 900 -14.33 -15.88 88.04
N TYR A 901 -13.65 -16.13 89.15
CA TYR A 901 -14.08 -17.23 90.00
C TYR A 901 -15.28 -16.90 90.83
N GLU A 902 -15.92 -15.77 90.52
CA GLU A 902 -17.16 -15.37 91.17
C GLU A 902 -18.29 -15.15 90.18
N ASN A 903 -18.05 -15.33 88.87
CA ASN A 903 -19.08 -15.11 87.86
C ASN A 903 -19.05 -16.17 86.77
N GLN A 904 -18.73 -17.42 87.13
CA GLN A 904 -18.57 -18.46 86.12
C GLN A 904 -19.85 -18.68 85.33
N LYS A 905 -20.98 -18.79 86.03
CA LYS A 905 -22.25 -19.04 85.35
C LYS A 905 -22.62 -17.88 84.43
N LEU A 906 -22.42 -16.65 84.90
CA LEU A 906 -22.69 -15.48 84.07
C LEU A 906 -21.83 -15.51 82.80
N ILE A 907 -20.54 -15.81 82.96
CA ILE A 907 -19.64 -15.85 81.81
C ILE A 907 -20.11 -16.90 80.82
N ALA A 908 -20.44 -18.09 81.32
CA ALA A 908 -20.89 -19.17 80.43
C ALA A 908 -22.15 -18.78 79.67
N ASN A 909 -23.13 -18.22 80.38
CA ASN A 909 -24.38 -17.85 79.72
C ASN A 909 -24.16 -16.77 78.67
N GLN A 910 -23.36 -15.76 79.00
CA GLN A 910 -23.10 -14.68 78.05
C GLN A 910 -22.37 -15.21 76.82
N PHE A 911 -21.40 -16.09 77.02
CA PHE A 911 -20.65 -16.63 75.89
C PHE A 911 -21.54 -17.48 75.00
N ASN A 912 -22.38 -18.31 75.58
CA ASN A 912 -23.30 -19.13 74.78
C ASN A 912 -24.25 -18.25 73.99
N SER A 913 -24.81 -17.22 74.63
CA SER A 913 -25.70 -16.31 73.94
C SER A 913 -24.98 -15.60 72.79
N ALA A 914 -23.73 -15.19 73.02
CA ALA A 914 -22.97 -14.51 71.98
C ALA A 914 -22.70 -15.43 70.79
N ILE A 915 -22.37 -16.69 71.05
CA ILE A 915 -22.08 -17.60 69.94
C ILE A 915 -23.37 -17.89 69.16
N GLY A 916 -24.50 -18.03 69.86
CA GLY A 916 -25.76 -18.16 69.15
C GLY A 916 -26.05 -16.94 68.31
N LYS A 917 -25.76 -15.75 68.85
CA LYS A 917 -26.00 -14.51 68.13
C LYS A 917 -25.17 -14.46 66.86
N ILE A 918 -23.89 -14.82 66.94
CA ILE A 918 -23.05 -14.74 65.75
C ILE A 918 -23.51 -15.77 64.72
N GLN A 919 -23.93 -16.95 65.17
CA GLN A 919 -24.44 -17.95 64.23
C GLN A 919 -25.65 -17.42 63.48
N ASP A 920 -26.65 -16.91 64.22
CA ASP A 920 -27.86 -16.44 63.54
C ASP A 920 -27.59 -15.23 62.68
N SER A 921 -26.68 -14.34 63.12
CA SER A 921 -26.36 -13.17 62.32
C SER A 921 -25.70 -13.56 61.01
N LEU A 922 -24.78 -14.53 61.03
CA LEU A 922 -24.13 -14.96 59.81
C LEU A 922 -24.99 -15.91 58.99
N SER A 923 -26.12 -16.37 59.53
CA SER A 923 -26.94 -17.36 58.84
C SER A 923 -27.43 -16.84 57.49
N SER A 924 -28.06 -15.67 57.47
CA SER A 924 -28.80 -15.21 56.30
C SER A 924 -28.27 -13.96 55.63
N THR A 925 -27.43 -13.17 56.31
CA THR A 925 -26.95 -11.92 55.73
C THR A 925 -25.88 -12.22 54.68
N ALA A 926 -26.15 -11.82 53.44
CA ALA A 926 -25.25 -12.07 52.31
C ALA A 926 -24.33 -10.90 52.02
N SER A 927 -24.16 -9.98 52.97
CA SER A 927 -23.28 -8.83 52.80
C SER A 927 -22.01 -8.91 53.64
N ALA A 928 -21.90 -9.90 54.53
CA ALA A 928 -20.74 -9.99 55.41
C ALA A 928 -19.51 -10.49 54.68
N LEU A 929 -19.67 -11.45 53.76
CA LEU A 929 -18.51 -12.08 53.13
C LEU A 929 -17.73 -11.08 52.27
N GLY A 930 -18.43 -10.31 51.43
CA GLY A 930 -17.81 -9.23 50.71
C GLY A 930 -16.65 -9.57 49.81
N LYS A 931 -15.44 -9.19 50.25
CA LYS A 931 -14.27 -9.08 49.38
C LYS A 931 -13.93 -10.39 48.67
N LEU A 932 -14.29 -11.54 49.23
CA LEU A 932 -14.06 -12.79 48.52
C LEU A 932 -14.81 -12.80 47.19
N GLN A 933 -16.05 -12.31 47.20
CA GLN A 933 -16.78 -12.13 45.95
C GLN A 933 -16.05 -11.14 45.04
N ASP A 934 -15.40 -10.13 45.61
CA ASP A 934 -14.63 -9.21 44.80
C ASP A 934 -13.50 -9.93 44.06
N VAL A 935 -12.79 -10.82 44.77
CA VAL A 935 -11.70 -11.57 44.13
C VAL A 935 -12.25 -12.44 43.00
N VAL A 936 -13.32 -13.18 43.29
CA VAL A 936 -13.88 -14.07 42.28
C VAL A 936 -14.36 -13.29 41.07
N ASN A 937 -15.06 -12.18 41.31
CA ASN A 937 -15.57 -11.37 40.21
C ASN A 937 -14.44 -10.75 39.41
N HIS A 938 -13.35 -10.37 40.07
CA HIS A 938 -12.21 -9.80 39.34
C HIS A 938 -11.60 -10.85 38.41
N ASN A 939 -11.43 -12.07 38.90
CA ASN A 939 -10.91 -13.12 38.02
C ASN A 939 -11.85 -13.37 36.86
N ALA A 940 -13.15 -13.44 37.12
CA ALA A 940 -14.12 -13.66 36.06
C ALA A 940 -14.08 -12.53 35.05
N GLN A 941 -13.96 -11.29 35.52
CA GLN A 941 -13.90 -10.14 34.63
C GLN A 941 -12.67 -10.19 33.74
N ALA A 942 -11.53 -10.55 34.31
CA ALA A 942 -10.31 -10.65 33.49
C ALA A 942 -10.47 -11.70 32.40
N LEU A 943 -10.96 -12.89 32.77
CA LEU A 943 -11.14 -13.95 31.78
C LEU A 943 -12.15 -13.54 30.71
N ASN A 944 -13.25 -12.92 31.12
CA ASN A 944 -14.27 -12.50 30.16
C ASN A 944 -13.73 -11.44 29.22
N THR A 945 -12.93 -10.50 29.75
CA THR A 945 -12.32 -9.48 28.90
C THR A 945 -11.40 -10.12 27.86
N LEU A 946 -10.61 -11.10 28.29
CA LEU A 946 -9.73 -11.79 27.33
C LEU A 946 -10.54 -12.48 26.24
N VAL A 947 -11.54 -13.26 26.63
CA VAL A 947 -12.28 -14.02 25.62
C VAL A 947 -13.06 -13.10 24.70
N LYS A 948 -13.54 -11.96 25.22
CA LYS A 948 -14.19 -10.98 24.35
C LYS A 948 -13.19 -10.35 23.37
N GLN A 949 -12.01 -9.97 23.88
CA GLN A 949 -10.99 -9.38 23.02
C GLN A 949 -10.48 -10.36 21.97
N LEU A 950 -10.72 -11.66 22.16
CA LEU A 950 -10.31 -12.64 21.16
C LEU A 950 -10.88 -12.33 19.78
N SER A 951 -12.04 -11.68 19.71
CA SER A 951 -12.74 -11.54 18.44
C SER A 951 -12.88 -10.08 18.00
N SER A 952 -11.81 -9.31 18.09
CA SER A 952 -11.81 -7.94 17.59
C SER A 952 -11.01 -7.84 16.30
N LYS A 953 -11.42 -6.92 15.43
CA LYS A 953 -10.78 -6.79 14.12
C LYS A 953 -9.34 -6.30 14.23
N PHE A 954 -9.07 -5.41 15.19
CA PHE A 954 -7.74 -4.82 15.36
C PHE A 954 -7.29 -4.10 14.09
N GLY A 955 -8.22 -3.44 13.42
CA GLY A 955 -7.92 -2.73 12.19
C GLY A 955 -7.53 -3.63 11.04
N ALA A 956 -8.09 -4.84 10.99
CA ALA A 956 -7.87 -5.77 9.90
C ALA A 956 -9.19 -6.12 9.24
N ILE A 957 -9.12 -6.95 8.20
CA ILE A 957 -10.33 -7.34 7.47
C ILE A 957 -11.26 -8.14 8.37
N SER A 958 -10.71 -9.09 9.12
CA SER A 958 -11.52 -9.93 10.00
C SER A 958 -10.68 -10.40 11.16
N SER A 959 -11.33 -11.12 12.09
CA SER A 959 -10.69 -11.68 13.26
C SER A 959 -10.64 -13.20 13.23
N VAL A 960 -11.04 -13.82 12.13
CA VAL A 960 -10.99 -15.27 11.96
C VAL A 960 -9.92 -15.60 10.94
N LEU A 961 -9.05 -16.56 11.28
CA LEU A 961 -7.87 -16.83 10.47
C LEU A 961 -8.20 -17.61 9.20
N ASN A 962 -9.20 -18.50 9.28
CA ASN A 962 -9.40 -19.49 8.22
C ASN A 962 -9.71 -18.83 6.88
N ASP A 963 -10.72 -17.95 6.86
CA ASP A 963 -11.15 -17.36 5.59
C ASP A 963 -10.07 -16.44 5.02
N ILE A 964 -9.50 -15.58 5.87
CA ILE A 964 -8.51 -14.62 5.39
C ILE A 964 -7.29 -15.33 4.82
N PHE A 965 -6.82 -16.38 5.51
CA PHE A 965 -5.67 -17.12 5.00
C PHE A 965 -6.01 -17.84 3.71
N SER A 966 -7.28 -18.21 3.50
CA SER A 966 -7.68 -19.00 2.37
C SER A 966 -8.37 -18.20 1.27
N ARG A 967 -8.42 -16.87 1.39
CA ARG A 967 -9.09 -16.05 0.39
C ARG A 967 -8.27 -14.81 0.05
N LEU A 968 -6.94 -14.97 -0.05
CA LEU A 968 -6.11 -13.82 -0.38
C LEU A 968 -4.76 -14.28 -0.86
N ASP A 969 -4.06 -13.37 -1.53
CA ASP A 969 -2.70 -13.63 -1.98
C ASP A 969 -1.74 -13.65 -0.80
N PRO A 970 -0.59 -14.31 -0.93
CA PRO A 970 0.33 -14.49 0.21
C PRO A 970 0.71 -13.18 0.88
N PRO A 971 1.21 -12.15 0.13
CA PRO A 971 1.83 -11.00 0.82
C PRO A 971 0.88 -10.23 1.73
N GLU A 972 -0.25 -9.77 1.18
CA GLU A 972 -1.21 -9.02 1.98
C GLU A 972 -1.79 -9.87 3.09
N ALA A 973 -2.01 -11.17 2.83
CA ALA A 973 -2.47 -12.06 3.89
C ALA A 973 -1.49 -12.09 5.04
N GLU A 974 -0.19 -12.19 4.73
CA GLU A 974 0.83 -12.20 5.79
C GLU A 974 0.84 -10.88 6.54
N VAL A 975 0.64 -9.77 5.84
CA VAL A 975 0.58 -8.46 6.50
C VAL A 975 -0.57 -8.44 7.52
N GLN A 976 -1.75 -8.90 7.09
CA GLN A 976 -2.88 -8.96 8.01
C GLN A 976 -2.60 -9.90 9.18
N ILE A 977 -1.94 -11.01 8.89
CA ILE A 977 -1.61 -11.98 9.94
C ILE A 977 -0.75 -11.32 11.00
N ASP A 978 0.29 -10.60 10.56
CA ASP A 978 1.19 -9.94 11.50
C ASP A 978 0.44 -8.90 12.33
N ARG A 979 -0.42 -8.11 11.68
CA ARG A 979 -1.20 -7.12 12.42
C ARG A 979 -2.02 -7.78 13.52
N LEU A 980 -2.78 -8.82 13.16
CA LEU A 980 -3.68 -9.45 14.12
C LEU A 980 -2.91 -10.11 15.26
N ILE A 981 -1.82 -10.81 14.94
CA ILE A 981 -1.09 -11.50 15.99
C ILE A 981 -0.42 -10.52 16.93
N THR A 982 0.08 -9.39 16.39
CA THR A 982 0.65 -8.38 17.27
C THR A 982 -0.40 -7.83 18.23
N GLY A 983 -1.59 -7.53 17.72
CA GLY A 983 -2.65 -7.05 18.60
C GLY A 983 -2.98 -8.04 19.70
N ARG A 984 -3.14 -9.31 19.32
CA ARG A 984 -3.52 -10.32 20.32
C ARG A 984 -2.43 -10.50 21.37
N LEU A 985 -1.16 -10.52 20.94
CA LEU A 985 -0.07 -10.65 21.91
C LEU A 985 -0.02 -9.48 22.86
N GLN A 986 -0.25 -8.26 22.36
CA GLN A 986 -0.27 -7.11 23.24
C GLN A 986 -1.38 -7.23 24.28
N SER A 987 -2.57 -7.67 23.86
CA SER A 987 -3.66 -7.85 24.80
C SER A 987 -3.32 -8.89 25.87
N LEU A 988 -2.73 -10.02 25.44
CA LEU A 988 -2.35 -11.04 26.41
C LEU A 988 -1.33 -10.51 27.41
N GLN A 989 -0.35 -9.74 26.92
CA GLN A 989 0.67 -9.19 27.79
C GLN A 989 0.06 -8.27 28.85
N THR A 990 -0.84 -7.38 28.43
CA THR A 990 -1.42 -6.47 29.43
C THR A 990 -2.30 -7.23 30.42
N TYR A 991 -2.98 -8.29 29.98
CA TYR A 991 -3.73 -9.11 30.92
C TYR A 991 -2.82 -9.72 31.98
N VAL A 992 -1.68 -10.27 31.54
CA VAL A 992 -0.76 -10.89 32.48
C VAL A 992 -0.21 -9.86 33.45
N THR A 993 0.04 -8.65 32.96
CA THR A 993 0.45 -7.57 33.86
C THR A 993 -0.60 -7.29 34.93
N GLN A 994 -1.87 -7.27 34.53
CA GLN A 994 -2.94 -7.06 35.50
C GLN A 994 -2.95 -8.14 36.56
N GLN A 995 -2.81 -9.40 36.13
CA GLN A 995 -2.78 -10.51 37.10
C GLN A 995 -1.62 -10.36 38.07
N LEU A 996 -0.44 -10.02 37.56
CA LEU A 996 0.72 -9.81 38.42
C LEU A 996 0.46 -8.69 39.42
N ILE A 997 -0.27 -7.66 39.00
CA ILE A 997 -0.59 -6.56 39.90
C ILE A 997 -1.46 -7.05 41.04
N ARG A 998 -2.52 -7.81 40.71
CA ARG A 998 -3.42 -8.31 41.75
C ARG A 998 -2.68 -9.20 42.74
N ALA A 999 -1.70 -9.95 42.24
CA ALA A 999 -0.95 -10.86 43.11
C ALA A 999 -0.32 -10.13 44.29
N ALA A 1000 0.16 -8.90 44.07
CA ALA A 1000 0.84 -8.18 45.14
C ALA A 1000 -0.09 -7.86 46.30
N GLU A 1001 -1.28 -7.34 46.00
CA GLU A 1001 -2.24 -7.03 47.05
C GLU A 1001 -2.67 -8.30 47.77
N ILE A 1002 -2.87 -9.39 47.03
CA ILE A 1002 -3.22 -10.65 47.69
C ILE A 1002 -2.10 -11.09 48.62
N ARG A 1003 -0.84 -10.88 48.19
CA ARG A 1003 0.30 -11.23 49.03
C ARG A 1003 0.31 -10.42 50.32
N ALA A 1004 0.04 -9.11 50.22
CA ALA A 1004 0.00 -8.29 51.41
C ALA A 1004 -1.09 -8.74 52.37
N SER A 1005 -2.27 -9.06 51.83
CA SER A 1005 -3.36 -9.56 52.68
C SER A 1005 -2.96 -10.87 53.36
N ALA A 1006 -2.28 -11.75 52.62
CA ALA A 1006 -1.83 -13.01 53.21
C ALA A 1006 -0.85 -12.78 54.34
N ASN A 1007 0.09 -11.84 54.16
CA ASN A 1007 1.04 -11.54 55.23
C ASN A 1007 0.32 -11.00 56.46
N LEU A 1008 -0.65 -10.11 56.27
CA LEU A 1008 -1.40 -9.59 57.40
C LEU A 1008 -2.15 -10.71 58.12
N ALA A 1009 -2.77 -11.62 57.35
CA ALA A 1009 -3.48 -12.73 57.95
C ALA A 1009 -2.53 -13.62 58.75
N ALA A 1010 -1.33 -13.87 58.21
CA ALA A 1010 -0.36 -14.68 58.94
C ALA A 1010 0.02 -14.02 60.25
N THR A 1011 0.24 -12.70 60.24
CA THR A 1011 0.60 -12.00 61.46
C THR A 1011 -0.51 -12.11 62.50
N LYS A 1012 -1.76 -11.89 62.07
CA LYS A 1012 -2.88 -11.98 63.01
C LYS A 1012 -3.04 -13.40 63.54
N MET A 1013 -2.84 -14.40 62.69
CA MET A 1013 -2.94 -15.78 63.14
C MET A 1013 -1.87 -16.10 64.17
N SER A 1014 -0.65 -15.61 63.96
CA SER A 1014 0.42 -15.85 64.91
C SER A 1014 0.15 -15.15 66.24
N GLU A 1015 -0.37 -13.93 66.20
CA GLU A 1015 -0.47 -13.14 67.43
C GLU A 1015 -1.77 -13.41 68.19
N CYS A 1016 -2.92 -13.17 67.55
CA CYS A 1016 -4.19 -13.19 68.27
C CYS A 1016 -4.57 -14.59 68.76
N VAL A 1017 -4.09 -15.63 68.10
CA VAL A 1017 -4.51 -16.99 68.43
C VAL A 1017 -3.57 -17.61 69.46
N LEU A 1018 -2.29 -17.70 69.11
CA LEU A 1018 -1.30 -18.35 69.97
C LEU A 1018 -0.96 -17.56 71.20
N GLY A 1019 -1.67 -16.47 71.46
CA GLY A 1019 -1.44 -15.67 72.66
C GLY A 1019 -2.43 -14.54 72.71
N GLN A 1020 -2.34 -13.78 73.79
CA GLN A 1020 -3.19 -12.61 73.98
C GLN A 1020 -2.42 -11.38 73.53
N SER A 1021 -2.98 -10.66 72.55
CA SER A 1021 -2.29 -9.55 71.92
C SER A 1021 -2.54 -8.29 72.73
N LYS A 1022 -1.51 -7.79 73.39
CA LYS A 1022 -1.65 -6.61 74.24
C LYS A 1022 -1.92 -5.35 73.41
N ARG A 1023 -1.54 -5.34 72.13
CA ARG A 1023 -1.81 -4.19 71.29
C ARG A 1023 -3.31 -3.93 71.20
N VAL A 1024 -3.70 -2.67 71.34
CA VAL A 1024 -5.10 -2.30 71.38
C VAL A 1024 -5.65 -2.19 69.96
N ASP A 1025 -6.92 -2.55 69.82
CA ASP A 1025 -7.69 -2.36 68.58
C ASP A 1025 -6.98 -3.02 67.39
N PHE A 1026 -6.42 -4.20 67.62
CA PHE A 1026 -5.81 -4.99 66.56
C PHE A 1026 -6.54 -6.29 66.31
N CYS A 1027 -6.74 -7.09 67.35
CA CYS A 1027 -7.49 -8.35 67.26
C CYS A 1027 -8.93 -8.18 67.74
N GLY A 1028 -9.55 -7.04 67.46
CA GLY A 1028 -10.93 -6.83 67.83
C GLY A 1028 -11.17 -5.57 68.62
N LYS A 1029 -12.41 -5.07 68.60
CA LYS A 1029 -12.75 -3.86 69.33
C LYS A 1029 -12.68 -4.13 70.84
N GLY A 1030 -12.26 -3.11 71.58
CA GLY A 1030 -12.12 -3.27 73.01
C GLY A 1030 -10.94 -4.18 73.34
N TYR A 1031 -10.85 -4.51 74.63
CA TYR A 1031 -9.80 -5.41 75.06
C TYR A 1031 -10.04 -6.82 74.53
N HIS A 1032 -8.96 -7.58 74.41
CA HIS A 1032 -8.98 -8.87 73.74
C HIS A 1032 -8.78 -10.00 74.75
N LEU A 1033 -9.50 -11.10 74.55
CA LEU A 1033 -9.37 -12.28 75.39
C LEU A 1033 -8.80 -13.46 74.62
N MET A 1034 -9.43 -13.87 73.53
CA MET A 1034 -8.96 -14.99 72.73
C MET A 1034 -9.63 -14.94 71.37
N SER A 1035 -9.32 -15.93 70.53
CA SER A 1035 -9.86 -15.95 69.18
C SER A 1035 -9.84 -17.38 68.68
N PHE A 1036 -10.60 -17.61 67.61
CA PHE A 1036 -10.64 -18.91 66.96
C PHE A 1036 -10.63 -18.73 65.45
N PRO A 1037 -9.92 -19.59 64.73
CA PRO A 1037 -9.94 -19.54 63.27
C PRO A 1037 -10.98 -20.49 62.68
N GLN A 1038 -11.40 -20.18 61.45
CA GLN A 1038 -12.31 -21.03 60.71
C GLN A 1038 -11.97 -20.92 59.23
N SER A 1039 -12.18 -22.02 58.51
CA SER A 1039 -11.86 -22.08 57.11
C SER A 1039 -12.92 -21.37 56.27
N ALA A 1040 -12.55 -21.09 55.02
CA ALA A 1040 -13.43 -20.41 54.08
C ALA A 1040 -13.15 -20.97 52.71
N PRO A 1041 -14.03 -20.69 51.72
CA PRO A 1041 -13.77 -21.22 50.37
C PRO A 1041 -12.42 -20.84 49.82
N HIS A 1042 -11.94 -19.62 50.08
CA HIS A 1042 -10.60 -19.24 49.68
C HIS A 1042 -9.81 -18.65 50.83
N GLY A 1043 -10.47 -17.90 51.70
CA GLY A 1043 -9.78 -17.18 52.75
C GLY A 1043 -9.89 -17.81 54.12
N VAL A 1044 -9.84 -16.97 55.16
CA VAL A 1044 -9.95 -17.43 56.53
C VAL A 1044 -10.83 -16.45 57.30
N VAL A 1045 -11.54 -16.96 58.30
CA VAL A 1045 -12.46 -16.15 59.10
C VAL A 1045 -12.06 -16.28 60.56
N PHE A 1046 -11.82 -15.15 61.22
CA PHE A 1046 -11.48 -15.12 62.63
C PHE A 1046 -12.69 -14.73 63.46
N LEU A 1047 -12.87 -15.42 64.58
CA LEU A 1047 -13.83 -15.03 65.61
C LEU A 1047 -13.04 -14.51 66.79
N HIS A 1048 -13.29 -13.26 67.16
CA HIS A 1048 -12.61 -12.62 68.28
C HIS A 1048 -13.57 -12.52 69.46
N VAL A 1049 -13.09 -12.91 70.64
CA VAL A 1049 -13.87 -12.81 71.88
C VAL A 1049 -13.29 -11.67 72.69
N THR A 1050 -14.10 -10.65 72.93
CA THR A 1050 -13.60 -9.38 73.45
C THR A 1050 -14.37 -8.98 74.70
N TYR A 1051 -13.70 -8.18 75.52
CA TYR A 1051 -14.21 -7.68 76.79
C TYR A 1051 -14.65 -6.23 76.63
N VAL A 1052 -15.80 -5.89 77.20
CA VAL A 1052 -16.30 -4.51 77.09
C VAL A 1052 -16.91 -4.07 78.42
N PRO A 1053 -16.35 -3.08 79.09
CA PRO A 1053 -16.97 -2.57 80.32
C PRO A 1053 -18.17 -1.71 80.02
N ALA A 1054 -19.08 -1.63 80.99
CA ALA A 1054 -20.31 -0.86 80.84
C ALA A 1054 -20.94 -0.71 82.22
N GLN A 1055 -22.07 0.02 82.26
CA GLN A 1055 -22.85 0.24 83.47
C GLN A 1055 -21.99 0.92 84.55
N GLU A 1056 -21.56 2.13 84.22
CA GLU A 1056 -20.62 2.89 85.02
C GLU A 1056 -21.33 3.85 85.97
N LYS A 1057 -20.56 4.42 86.89
CA LYS A 1057 -21.11 5.34 87.88
C LYS A 1057 -20.02 6.30 88.36
N ASN A 1058 -20.48 7.41 88.93
CA ASN A 1058 -19.62 8.51 89.37
C ASN A 1058 -19.03 8.23 90.74
N PHE A 1059 -17.90 8.88 91.00
CA PHE A 1059 -17.26 8.93 92.32
C PHE A 1059 -16.41 10.18 92.37
N THR A 1060 -15.92 10.49 93.57
CA THR A 1060 -14.95 11.56 93.77
C THR A 1060 -13.66 10.99 94.33
N THR A 1061 -12.55 11.66 94.05
CA THR A 1061 -11.23 11.07 94.28
C THR A 1061 -10.32 12.11 94.93
N ALA A 1062 -9.04 11.75 94.97
CA ALA A 1062 -7.93 12.60 95.38
C ALA A 1062 -6.64 11.95 94.91
N PRO A 1063 -5.67 12.72 94.40
CA PRO A 1063 -4.47 12.10 93.83
C PRO A 1063 -3.69 11.24 94.83
N ALA A 1064 -3.65 11.66 96.10
CA ALA A 1064 -2.89 10.92 97.10
C ALA A 1064 -3.54 11.12 98.45
N ILE A 1065 -2.90 10.58 99.49
CA ILE A 1065 -3.40 10.64 100.86
C ILE A 1065 -2.26 11.07 101.78
N CYS A 1066 -2.54 12.00 102.68
CA CYS A 1066 -1.61 12.36 103.75
C CYS A 1066 -2.14 11.85 105.08
N HIS A 1067 -1.32 11.06 105.77
CA HIS A 1067 -1.57 10.68 107.15
C HIS A 1067 -0.28 10.86 107.94
N ASP A 1068 -0.41 11.47 109.12
CA ASP A 1068 0.73 11.73 110.01
C ASP A 1068 1.81 12.55 109.29
N GLY A 1069 1.39 13.53 108.50
CA GLY A 1069 2.34 14.43 107.87
C GLY A 1069 3.17 13.83 106.76
N LYS A 1070 2.76 12.70 106.22
CA LYS A 1070 3.48 12.05 105.12
C LYS A 1070 2.50 11.66 104.03
N ALA A 1071 2.96 11.71 102.79
CA ALA A 1071 2.12 11.35 101.67
C ALA A 1071 1.88 9.84 101.65
N HIS A 1072 0.91 9.43 100.83
CA HIS A 1072 0.61 8.02 100.63
C HIS A 1072 0.03 7.84 99.24
N PHE A 1073 0.45 6.78 98.55
CA PHE A 1073 0.05 6.52 97.19
C PHE A 1073 -0.47 5.09 97.06
N PRO A 1074 -1.40 4.85 96.14
CA PRO A 1074 -1.88 3.49 95.95
C PRO A 1074 -0.98 2.70 95.00
N ARG A 1075 -0.47 1.56 95.47
CA ARG A 1075 0.49 0.82 94.66
C ARG A 1075 -0.14 0.29 93.38
N GLU A 1076 -1.38 -0.22 93.47
CA GLU A 1076 -2.12 -0.70 92.30
C GLU A 1076 -3.59 -0.37 92.52
N GLY A 1077 -4.05 0.70 91.91
CA GLY A 1077 -5.44 1.09 92.00
C GLY A 1077 -5.56 2.60 91.99
N VAL A 1078 -6.63 3.08 92.63
CA VAL A 1078 -6.88 4.52 92.75
C VAL A 1078 -7.77 4.73 93.96
N PHE A 1079 -7.65 5.91 94.58
CA PHE A 1079 -8.46 6.27 95.72
C PHE A 1079 -9.78 6.84 95.26
N VAL A 1080 -10.88 6.33 95.82
CA VAL A 1080 -12.21 6.83 95.53
C VAL A 1080 -12.95 6.98 96.85
N SER A 1081 -14.15 7.56 96.77
CA SER A 1081 -15.01 7.74 97.93
C SER A 1081 -16.40 8.10 97.45
N ASN A 1082 -17.42 7.41 97.97
CA ASN A 1082 -18.78 7.74 97.60
C ASN A 1082 -19.22 9.08 98.20
N GLY A 1083 -18.42 9.65 99.09
CA GLY A 1083 -18.73 10.93 99.70
C GLY A 1083 -18.51 10.92 101.20
N THR A 1084 -18.45 9.72 101.78
CA THR A 1084 -18.29 9.57 103.22
C THR A 1084 -16.99 8.87 103.59
N HIS A 1085 -16.70 7.71 103.01
CA HIS A 1085 -15.51 6.93 103.34
C HIS A 1085 -14.66 6.71 102.11
N TRP A 1086 -13.34 6.66 102.32
CA TRP A 1086 -12.38 6.49 101.24
C TRP A 1086 -12.00 5.02 101.09
N PHE A 1087 -11.67 4.63 99.87
CA PHE A 1087 -11.30 3.26 99.55
C PHE A 1087 -10.32 3.24 98.40
N VAL A 1088 -9.69 2.08 98.20
CA VAL A 1088 -8.81 1.82 97.08
C VAL A 1088 -9.51 0.83 96.16
N THR A 1089 -9.45 1.08 94.85
CA THR A 1089 -10.12 0.19 93.91
C THR A 1089 -9.26 0.00 92.67
N GLN A 1090 -9.56 -1.07 91.93
CA GLN A 1090 -8.89 -1.33 90.67
C GLN A 1090 -9.33 -0.31 89.62
N ARG A 1091 -8.74 -0.42 88.43
CA ARG A 1091 -9.01 0.56 87.39
C ARG A 1091 -10.20 0.23 86.51
N ASN A 1092 -10.53 -1.06 86.37
CA ASN A 1092 -11.57 -1.47 85.42
C ASN A 1092 -12.69 -2.25 86.09
N PHE A 1093 -12.82 -2.12 87.41
CA PHE A 1093 -13.94 -2.73 88.12
C PHE A 1093 -14.06 -2.05 89.47
N TYR A 1094 -15.26 -2.15 90.06
CA TYR A 1094 -15.55 -1.52 91.34
C TYR A 1094 -15.55 -2.60 92.42
N GLU A 1095 -14.60 -2.51 93.34
CA GLU A 1095 -14.46 -3.48 94.42
C GLU A 1095 -13.62 -2.87 95.55
N PRO A 1096 -14.20 -2.03 96.39
CA PRO A 1096 -13.39 -1.28 97.35
C PRO A 1096 -12.82 -2.15 98.45
N GLN A 1097 -11.75 -1.65 99.07
CA GLN A 1097 -11.17 -2.24 100.27
C GLN A 1097 -10.87 -1.12 101.25
N ILE A 1098 -10.14 -1.44 102.31
CA ILE A 1098 -9.78 -0.49 103.35
C ILE A 1098 -8.30 -0.17 103.23
N ILE A 1099 -7.96 1.12 103.32
CA ILE A 1099 -6.59 1.57 103.09
C ILE A 1099 -5.72 1.06 104.24
N THR A 1100 -4.84 0.12 103.95
CA THR A 1100 -3.87 -0.39 104.91
C THR A 1100 -2.46 -0.19 104.34
N THR A 1101 -1.47 -0.62 105.12
CA THR A 1101 -0.07 -0.42 104.73
C THR A 1101 0.30 -1.27 103.53
N ASP A 1102 -0.14 -2.54 103.52
CA ASP A 1102 0.37 -3.49 102.53
C ASP A 1102 0.02 -3.09 101.10
N ASN A 1103 -1.09 -2.39 100.89
CA ASN A 1103 -1.49 -1.97 99.56
C ASN A 1103 -1.22 -0.50 99.30
N THR A 1104 -0.14 0.04 99.87
CA THR A 1104 0.28 1.41 99.61
C THR A 1104 1.75 1.53 100.00
N PHE A 1105 2.28 2.73 99.82
CA PHE A 1105 3.65 3.02 100.22
C PHE A 1105 3.80 4.53 100.37
N VAL A 1106 4.90 4.95 100.98
CA VAL A 1106 5.16 6.35 101.28
C VAL A 1106 6.26 6.86 100.36
N SER A 1107 6.24 8.17 100.13
CA SER A 1107 7.30 8.83 99.36
C SER A 1107 7.34 10.29 99.81
N GLY A 1108 8.29 10.62 100.69
CA GLY A 1108 8.43 11.98 101.15
C GLY A 1108 7.29 12.38 102.08
N ASN A 1109 7.25 13.68 102.35
CA ASN A 1109 6.21 14.28 103.17
C ASN A 1109 4.98 14.55 102.30
N CYS A 1110 4.02 15.31 102.83
CA CYS A 1110 2.79 15.59 102.09
C CYS A 1110 2.53 17.09 101.98
N ASP A 1111 3.57 17.85 101.65
CA ASP A 1111 3.45 19.30 101.49
C ASP A 1111 3.65 19.79 100.07
N VAL A 1112 4.19 18.96 99.18
CA VAL A 1112 4.43 19.36 97.79
C VAL A 1112 3.36 18.85 96.84
N VAL A 1113 2.59 17.83 97.24
CA VAL A 1113 1.55 17.31 96.36
C VAL A 1113 0.48 18.38 96.14
N ILE A 1114 -0.17 18.31 94.97
CA ILE A 1114 -1.10 19.37 94.57
C ILE A 1114 -2.46 19.17 95.23
N GLY A 1115 -3.09 18.03 94.99
CA GLY A 1115 -4.44 17.80 95.47
C GLY A 1115 -4.53 16.87 96.66
N ILE A 1116 -3.58 16.97 97.59
CA ILE A 1116 -3.58 16.08 98.74
C ILE A 1116 -4.85 16.26 99.56
N VAL A 1117 -5.23 15.20 100.28
CA VAL A 1117 -6.44 15.20 101.10
C VAL A 1117 -6.12 14.50 102.42
N ASN A 1118 -6.97 14.75 103.42
CA ASN A 1118 -6.76 14.26 104.76
C ASN A 1118 -7.57 13.00 105.02
N ASN A 1119 -6.92 11.98 105.57
CA ASN A 1119 -7.56 10.76 106.05
C ASN A 1119 -6.52 10.02 106.89
N THR A 1120 -6.83 8.79 107.27
CA THR A 1120 -5.94 7.98 108.08
C THR A 1120 -5.81 6.59 107.49
N VAL A 1121 -4.63 6.02 107.61
CA VAL A 1121 -4.32 4.69 107.10
C VAL A 1121 -4.16 3.75 108.29
N TYR A 1122 -4.61 2.51 108.12
CA TYR A 1122 -4.69 1.56 109.21
C TYR A 1122 -3.56 0.54 109.13
N ASP A 1123 -3.27 -0.06 110.28
CA ASP A 1123 -2.19 -1.03 110.43
C ASP A 1123 -2.77 -2.36 110.89
N PRO A 1124 -2.58 -3.46 110.15
CA PRO A 1124 -3.19 -4.73 110.56
C PRO A 1124 -2.72 -5.23 111.92
N LEU A 1125 -1.45 -5.00 112.28
CA LEU A 1125 -0.91 -5.57 113.50
C LEU A 1125 -1.21 -4.75 114.74
N GLN A 1126 -1.52 -3.46 114.57
CA GLN A 1126 -1.73 -2.57 115.71
C GLN A 1126 -2.81 -3.06 116.68
N PRO A 1127 -4.01 -3.49 116.25
CA PRO A 1127 -5.00 -3.91 117.23
C PRO A 1127 -4.54 -5.05 118.12
N GLU A 1128 -3.79 -6.01 117.59
CA GLU A 1128 -3.31 -7.14 118.35
C GLU A 1128 -1.92 -6.92 118.94
N LEU A 1129 -1.39 -5.70 118.84
CA LEU A 1129 -0.06 -5.39 119.34
C LEU A 1129 0.04 -5.60 120.86
N GLN B 1 28.30 54.20 -14.92
CA GLN B 1 29.74 54.32 -14.73
C GLN B 1 30.13 53.69 -13.39
N CYS B 2 31.32 53.10 -13.34
CA CYS B 2 31.74 52.25 -12.22
C CYS B 2 32.71 52.96 -11.28
N VAL B 3 32.49 54.26 -11.05
CA VAL B 3 33.24 55.12 -10.14
C VAL B 3 34.75 54.85 -10.13
N ASN B 4 35.15 53.62 -9.81
CA ASN B 4 36.56 53.22 -9.80
C ASN B 4 37.40 54.12 -8.89
N LEU B 5 36.92 54.30 -7.67
CA LEU B 5 37.66 55.08 -6.69
C LEU B 5 38.81 54.26 -6.12
N THR B 6 39.50 54.84 -5.15
CA THR B 6 40.75 54.27 -4.62
C THR B 6 40.84 54.59 -3.14
N THR B 7 42.06 54.48 -2.59
CA THR B 7 42.36 54.69 -1.17
C THR B 7 41.76 53.59 -0.29
N ARG B 8 41.72 52.36 -0.82
CA ARG B 8 41.27 51.20 -0.07
C ARG B 8 42.33 50.85 0.97
N THR B 9 42.09 51.25 2.22
CA THR B 9 43.05 51.02 3.31
C THR B 9 42.69 49.70 4.00
N GLN B 10 43.46 48.65 3.68
CA GLN B 10 43.22 47.35 4.30
C GLN B 10 43.45 47.41 5.79
N LEU B 11 42.61 46.69 6.55
CA LEU B 11 42.68 46.68 8.00
C LEU B 11 42.48 45.26 8.50
N PRO B 12 43.06 44.94 9.65
CA PRO B 12 42.91 43.58 10.21
C PRO B 12 41.49 43.34 10.70
N PRO B 13 41.07 42.08 10.83
CA PRO B 13 39.70 41.80 11.27
C PRO B 13 39.54 41.85 12.79
N ALA B 14 39.33 43.05 13.33
CA ALA B 14 39.11 43.19 14.77
C ALA B 14 37.88 42.42 15.20
N TYR B 15 38.00 41.67 16.30
CA TYR B 15 36.93 40.84 16.82
C TYR B 15 36.58 41.28 18.23
N THR B 16 35.28 41.31 18.53
CA THR B 16 34.79 41.59 19.87
C THR B 16 33.70 40.57 20.22
N ASN B 17 33.63 40.22 21.50
CA ASN B 17 32.71 39.18 21.93
C ASN B 17 31.29 39.71 22.03
N SER B 18 30.33 38.88 21.62
CA SER B 18 28.93 39.21 21.80
C SER B 18 28.51 39.00 23.25
N PHE B 19 27.36 39.56 23.62
CA PHE B 19 26.83 39.41 24.98
C PHE B 19 25.31 39.19 24.88
N THR B 20 24.91 37.93 24.77
CA THR B 20 23.51 37.47 24.79
C THR B 20 22.58 38.46 24.07
N ARG B 21 22.88 38.71 22.81
CA ARG B 21 22.09 39.57 21.95
C ARG B 21 21.66 38.81 20.70
N GLY B 22 20.66 39.37 20.01
CA GLY B 22 20.21 38.80 18.76
C GLY B 22 19.14 37.74 18.89
N VAL B 23 18.03 38.06 19.54
CA VAL B 23 16.92 37.14 19.72
C VAL B 23 15.71 37.70 18.99
N TYR B 24 15.10 36.87 18.16
CA TYR B 24 13.94 37.25 17.36
C TYR B 24 12.79 36.31 17.65
N TYR B 25 11.57 36.84 17.59
CA TYR B 25 10.39 36.00 17.76
C TYR B 25 10.35 34.96 16.64
N PRO B 26 10.35 33.67 16.94
CA PRO B 26 10.46 32.65 15.89
C PRO B 26 9.23 32.57 15.00
N ASP B 27 8.06 32.39 15.60
CA ASP B 27 6.83 32.16 14.86
C ASP B 27 5.77 33.16 15.32
N LYS B 28 4.62 33.13 14.65
CA LYS B 28 3.56 34.09 14.89
C LYS B 28 2.52 33.48 15.83
N VAL B 29 2.93 33.32 17.08
CA VAL B 29 2.05 32.84 18.14
C VAL B 29 2.22 33.73 19.36
N PHE B 30 1.25 33.66 20.25
CA PHE B 30 1.25 34.43 21.49
C PHE B 30 1.22 33.49 22.68
N ARG B 31 2.04 33.80 23.69
CA ARG B 31 2.10 33.02 24.91
C ARG B 31 2.37 33.98 26.07
N SER B 32 2.05 33.52 27.28
CA SER B 32 2.11 34.38 28.45
C SER B 32 2.71 33.61 29.63
N SER B 33 3.85 34.11 30.11
CA SER B 33 4.52 33.56 31.30
C SER B 33 4.76 32.06 31.18
N VAL B 34 5.33 31.67 30.04
CA VAL B 34 5.64 30.27 29.77
C VAL B 34 7.10 30.16 29.32
N LEU B 35 7.58 28.93 29.29
CA LEU B 35 8.86 28.58 28.71
C LEU B 35 8.64 27.78 27.44
N HIS B 36 9.61 27.83 26.53
CA HIS B 36 9.45 27.12 25.28
C HIS B 36 10.81 26.80 24.69
N SER B 37 10.99 25.55 24.25
CA SER B 37 12.24 25.10 23.66
C SER B 37 12.08 25.02 22.15
N THR B 38 13.03 25.59 21.42
CA THR B 38 12.97 25.64 19.96
C THR B 38 14.29 25.19 19.35
N GLN B 39 14.19 24.61 18.16
CA GLN B 39 15.34 24.28 17.32
C GLN B 39 15.31 25.25 16.15
N ASP B 40 16.09 26.33 16.23
CA ASP B 40 15.97 27.43 15.28
C ASP B 40 17.35 27.94 14.91
N LEU B 41 17.38 28.77 13.88
CA LEU B 41 18.62 29.39 13.42
C LEU B 41 18.93 30.58 14.33
N PHE B 42 20.03 30.50 15.07
CA PHE B 42 20.35 31.52 16.05
C PHE B 42 21.86 31.75 16.10
N LEU B 43 22.26 32.61 17.03
CA LEU B 43 23.65 32.96 17.30
C LEU B 43 23.96 32.65 18.76
N PRO B 44 24.93 31.77 19.03
CA PRO B 44 25.24 31.42 20.42
C PRO B 44 25.72 32.64 21.19
N PHE B 45 25.41 32.65 22.48
CA PHE B 45 25.84 33.74 23.34
C PHE B 45 27.37 33.76 23.45
N PHE B 46 27.92 34.97 23.63
CA PHE B 46 29.35 35.16 23.83
C PHE B 46 30.15 34.59 22.67
N SER B 47 29.93 35.18 21.49
CA SER B 47 30.64 34.81 20.28
C SER B 47 31.34 36.03 19.70
N ASN B 48 32.49 35.79 19.08
CA ASN B 48 33.27 36.88 18.50
C ASN B 48 32.69 37.30 17.15
N VAL B 49 32.61 38.62 16.95
CA VAL B 49 32.09 39.20 15.72
C VAL B 49 33.05 40.29 15.25
N THR B 50 32.99 40.56 13.96
CA THR B 50 33.90 41.52 13.33
C THR B 50 33.40 42.95 13.52
N TRP B 51 34.30 43.85 13.90
CA TRP B 51 34.00 45.25 14.09
C TRP B 51 34.44 46.00 12.84
N PHE B 52 33.48 46.42 12.02
CA PHE B 52 33.76 47.19 10.81
C PHE B 52 33.43 48.65 11.10
N HIS B 53 34.46 49.51 11.09
CA HIS B 53 34.34 50.89 11.50
C HIS B 53 34.78 51.81 10.38
N VAL B 54 34.37 53.08 10.48
CA VAL B 54 34.87 54.16 9.61
C VAL B 54 35.13 55.37 10.49
N ILE B 55 36.32 55.97 10.32
CA ILE B 55 36.73 57.12 11.10
C ILE B 55 37.28 58.19 10.16
N SER B 56 37.28 59.44 10.63
CA SER B 56 37.78 60.55 9.82
C SER B 56 38.71 61.47 10.61
N GLY B 57 39.25 61.01 11.74
CA GLY B 57 40.12 61.86 12.54
C GLY B 57 41.41 62.23 11.82
N THR B 58 41.98 61.27 11.09
CA THR B 58 43.20 61.51 10.33
C THR B 58 43.03 61.35 8.83
N ASN B 59 42.35 60.29 8.39
CA ASN B 59 42.12 60.05 6.97
C ASN B 59 40.85 60.79 6.55
N GLY B 60 40.98 61.67 5.57
CA GLY B 60 39.85 62.42 5.07
C GLY B 60 39.06 61.64 4.03
N THR B 61 39.74 61.22 2.96
CA THR B 61 39.13 60.49 1.86
C THR B 61 39.80 59.13 1.68
N LYS B 62 40.19 58.49 2.77
CA LYS B 62 40.89 57.22 2.70
C LYS B 62 40.34 56.14 3.62
N ARG B 63 39.56 56.49 4.65
CA ARG B 63 39.13 55.53 5.65
C ARG B 63 37.66 55.18 5.41
N PHE B 64 37.44 54.13 4.63
CA PHE B 64 36.10 53.61 4.39
C PHE B 64 36.16 52.08 4.49
N ASP B 65 35.01 51.48 4.78
CA ASP B 65 34.94 50.05 5.09
C ASP B 65 33.70 49.47 4.43
N ASN B 66 33.90 48.82 3.28
CA ASN B 66 32.80 48.14 2.57
C ASN B 66 33.36 47.03 1.71
N PRO B 67 33.72 45.89 2.31
CA PRO B 67 34.04 44.70 1.52
C PRO B 67 32.79 43.91 1.19
N VAL B 68 32.97 42.89 0.36
CA VAL B 68 31.90 41.95 0.06
C VAL B 68 31.93 40.83 1.10
N LEU B 69 30.76 40.28 1.40
CA LEU B 69 30.65 39.24 2.40
C LEU B 69 29.69 38.15 1.91
N PRO B 70 29.88 36.91 2.35
CA PRO B 70 28.94 35.85 1.98
C PRO B 70 27.76 35.80 2.93
N PHE B 71 26.60 35.44 2.36
CA PHE B 71 25.37 35.21 3.12
C PHE B 71 25.09 33.71 3.11
N ASN B 72 25.50 33.02 4.16
CA ASN B 72 25.32 31.57 4.21
C ASN B 72 23.90 31.20 4.58
N ASP B 73 23.48 31.54 5.80
CA ASP B 73 22.12 31.29 6.25
C ASP B 73 21.55 32.41 7.10
N GLY B 74 22.29 33.49 7.35
CA GLY B 74 21.80 34.56 8.18
C GLY B 74 22.89 35.56 8.50
N VAL B 75 22.48 36.78 8.90
CA VAL B 75 23.42 37.84 9.23
C VAL B 75 22.87 38.61 10.42
N TYR B 76 23.74 38.86 11.40
CA TYR B 76 23.40 39.65 12.58
C TYR B 76 23.98 41.06 12.49
N PHE B 77 23.92 41.66 11.30
CA PHE B 77 24.39 43.02 11.10
C PHE B 77 23.76 43.97 12.11
N ALA B 78 24.57 44.50 13.01
CA ALA B 78 24.13 45.45 14.02
C ALA B 78 24.96 46.72 13.86
N SER B 79 24.29 47.85 13.65
CA SER B 79 24.97 49.10 13.33
C SER B 79 24.66 50.15 14.39
N ILE B 80 25.68 50.90 14.78
CA ILE B 80 25.55 52.02 15.71
C ILE B 80 25.85 53.30 14.94
N GLU B 81 24.96 54.29 15.10
CA GLU B 81 25.12 55.56 14.41
C GLU B 81 24.41 56.65 15.19
N LYS B 82 24.72 57.89 14.82
CA LYS B 82 23.91 59.04 15.17
C LYS B 82 23.64 59.95 13.97
N SER B 83 24.32 59.73 12.85
CA SER B 83 24.16 60.55 11.65
C SER B 83 23.43 59.84 10.53
N ASN B 84 23.23 58.52 10.63
CA ASN B 84 22.42 57.76 9.68
C ASN B 84 22.98 57.87 8.25
N ILE B 85 24.17 57.30 8.08
CA ILE B 85 24.88 57.36 6.81
C ILE B 85 24.77 56.05 6.03
N ILE B 86 24.91 54.91 6.70
CA ILE B 86 24.82 53.62 6.01
C ILE B 86 23.35 53.37 5.66
N ARG B 87 23.02 53.39 4.37
CA ARG B 87 21.64 53.45 3.95
C ARG B 87 21.38 52.57 2.73
N GLY B 88 21.87 51.34 2.73
CA GLY B 88 21.61 50.45 1.60
C GLY B 88 22.24 49.09 1.78
N TRP B 89 21.70 48.12 1.04
CA TRP B 89 22.16 46.75 1.07
C TRP B 89 22.03 46.17 -0.33
N ILE B 90 23.07 45.49 -0.81
CA ILE B 90 23.07 44.89 -2.14
C ILE B 90 23.48 43.43 -2.03
N PHE B 91 22.61 42.53 -2.48
CA PHE B 91 22.81 41.09 -2.39
C PHE B 91 22.82 40.52 -3.81
N GLY B 92 23.34 39.31 -3.95
CA GLY B 92 23.29 38.64 -5.24
C GLY B 92 24.25 37.46 -5.28
N THR B 93 24.41 36.93 -6.50
CA THR B 93 25.29 35.79 -6.74
C THR B 93 26.45 36.14 -7.66
N THR B 94 26.17 36.67 -8.86
CA THR B 94 27.21 37.06 -9.79
C THR B 94 27.41 38.56 -9.89
N LEU B 95 26.41 39.36 -9.54
CA LEU B 95 26.53 40.82 -9.46
C LEU B 95 26.95 41.44 -10.79
N ASP B 96 26.41 40.89 -11.89
CA ASP B 96 26.62 41.47 -13.21
C ASP B 96 25.34 41.39 -14.05
N SER B 97 24.18 41.44 -13.39
CA SER B 97 22.87 41.37 -14.03
C SER B 97 22.65 40.05 -14.74
N LYS B 98 23.61 39.12 -14.64
CA LYS B 98 23.40 37.79 -15.18
C LYS B 98 22.48 36.97 -14.29
N THR B 99 22.69 37.03 -12.98
CA THR B 99 21.92 36.28 -12.01
C THR B 99 21.12 37.23 -11.12
N GLN B 100 20.00 36.74 -10.60
CA GLN B 100 19.11 37.55 -9.78
C GLN B 100 19.84 38.13 -8.59
N SER B 101 19.62 39.41 -8.33
CA SER B 101 20.26 40.13 -7.24
C SER B 101 19.25 41.02 -6.54
N LEU B 102 19.47 41.27 -5.25
CA LEU B 102 18.58 42.08 -4.45
C LEU B 102 19.18 43.43 -4.12
N LEU B 103 18.31 44.43 -3.99
CA LEU B 103 18.69 45.76 -3.55
C LEU B 103 17.67 46.22 -2.54
N ILE B 104 18.13 46.77 -1.42
CA ILE B 104 17.24 47.37 -0.43
C ILE B 104 17.82 48.72 -0.06
N VAL B 105 17.04 49.78 -0.24
CA VAL B 105 17.49 51.13 0.09
C VAL B 105 16.43 51.79 0.96
N ASN B 106 16.83 52.20 2.16
CA ASN B 106 15.92 52.94 3.03
C ASN B 106 15.50 54.26 2.42
N ASN B 107 16.46 54.99 1.85
CA ASN B 107 16.24 56.22 1.09
C ASN B 107 15.69 57.34 1.99
N ALA B 108 15.82 58.58 1.54
CA ALA B 108 15.30 59.71 2.30
C ALA B 108 13.81 59.91 2.10
N THR B 109 13.19 59.21 1.15
CA THR B 109 11.77 59.35 0.87
C THR B 109 10.97 58.12 1.28
N ASN B 110 11.33 56.95 0.77
CA ASN B 110 10.63 55.72 1.10
C ASN B 110 11.56 54.54 0.90
N VAL B 111 11.38 53.51 1.73
CA VAL B 111 12.18 52.29 1.60
C VAL B 111 11.73 51.54 0.35
N VAL B 112 12.71 51.00 -0.37
CA VAL B 112 12.46 50.36 -1.67
C VAL B 112 13.25 49.07 -1.75
N ILE B 113 12.66 48.08 -2.41
CA ILE B 113 13.27 46.76 -2.60
C ILE B 113 13.20 46.43 -4.08
N LYS B 114 14.37 46.27 -4.69
CA LYS B 114 14.48 45.95 -6.11
C LYS B 114 14.96 44.51 -6.24
N VAL B 115 14.25 43.72 -7.05
CA VAL B 115 14.67 42.36 -7.34
C VAL B 115 15.30 42.27 -8.74
N CYS B 116 15.11 43.28 -9.58
CA CYS B 116 15.62 43.25 -10.95
C CYS B 116 17.14 43.11 -10.97
N GLU B 117 17.64 42.29 -11.89
CA GLU B 117 19.08 42.15 -12.06
C GLU B 117 19.69 43.46 -12.54
N PHE B 118 20.85 43.80 -11.98
CA PHE B 118 21.49 45.08 -12.23
C PHE B 118 22.96 44.89 -12.56
N GLN B 119 23.51 45.84 -13.31
CA GLN B 119 24.92 45.83 -13.69
C GLN B 119 25.70 46.43 -12.52
N PHE B 120 26.07 45.58 -11.56
CA PHE B 120 26.80 46.05 -10.40
C PHE B 120 28.24 46.36 -10.76
N CYS B 121 28.75 47.47 -10.25
CA CYS B 121 30.08 47.95 -10.57
C CYS B 121 31.08 47.51 -9.49
N ASN B 122 32.29 48.06 -9.55
CA ASN B 122 33.36 47.63 -8.67
C ASN B 122 33.11 48.09 -7.23
N ASP B 123 33.03 49.39 -7.01
CA ASP B 123 32.75 49.96 -5.70
C ASP B 123 31.59 50.94 -5.80
N PRO B 124 30.41 50.48 -6.20
CA PRO B 124 29.32 51.39 -6.55
C PRO B 124 28.44 51.76 -5.36
N PHE B 125 28.03 53.02 -5.35
CA PHE B 125 27.07 53.54 -4.37
C PHE B 125 26.58 54.89 -4.88
N LEU B 126 25.79 55.57 -4.07
CA LEU B 126 25.17 56.84 -4.45
C LEU B 126 25.67 57.94 -3.53
N ASP B 127 25.96 59.10 -4.09
CA ASP B 127 26.48 60.23 -3.35
C ASP B 127 25.46 61.38 -3.36
N HIS B 128 25.10 61.87 -2.19
CA HIS B 128 24.22 63.03 -2.04
C HIS B 128 25.08 64.22 -1.65
N LYS B 129 25.25 65.15 -2.58
CA LYS B 129 26.11 66.31 -2.34
C LYS B 129 25.52 67.18 -1.23
N ASN B 130 26.39 67.99 -0.62
CA ASN B 130 26.00 68.85 0.49
C ASN B 130 25.23 70.07 -0.03
N ASN B 131 24.11 69.78 -0.67
CA ASN B 131 23.24 70.81 -1.22
C ASN B 131 22.19 71.19 -0.18
N LYS B 132 21.19 71.97 -0.60
CA LYS B 132 20.05 72.23 0.27
C LYS B 132 19.28 70.93 0.56
N SER B 133 19.12 70.09 -0.46
CA SER B 133 18.49 68.78 -0.32
C SER B 133 19.56 67.72 -0.59
N TRP B 134 19.77 66.84 0.39
CA TRP B 134 20.78 65.78 0.29
C TRP B 134 20.22 64.66 -0.58
N MET B 135 20.18 64.92 -1.88
CA MET B 135 19.67 63.97 -2.87
C MET B 135 20.86 63.30 -3.54
N GLU B 136 20.81 61.98 -3.65
CA GLU B 136 21.91 61.21 -4.22
C GLU B 136 21.96 61.46 -5.72
N SER B 137 22.82 62.41 -6.13
CA SER B 137 22.78 62.93 -7.49
C SER B 137 23.18 61.88 -8.52
N GLU B 138 24.22 61.09 -8.24
CA GLU B 138 24.74 60.13 -9.20
C GLU B 138 24.24 58.73 -8.86
N PHE B 139 23.66 58.08 -9.86
CA PHE B 139 23.17 56.70 -9.72
C PHE B 139 24.24 55.71 -10.19
N ARG B 140 25.40 55.76 -9.53
CA ARG B 140 26.53 54.92 -9.89
C ARG B 140 26.41 53.50 -9.37
N VAL B 141 25.37 53.19 -8.60
CA VAL B 141 25.23 51.85 -8.02
C VAL B 141 25.14 50.79 -9.12
N TYR B 142 24.40 51.07 -10.18
CA TYR B 142 24.35 50.17 -11.33
C TYR B 142 23.89 50.97 -12.54
N SER B 143 24.03 50.34 -13.72
CA SER B 143 23.72 51.00 -14.98
C SER B 143 22.83 50.15 -15.88
N SER B 144 22.13 49.15 -15.33
CA SER B 144 21.28 48.29 -16.15
C SER B 144 19.99 47.99 -15.41
N ALA B 145 18.92 47.79 -16.19
CA ALA B 145 17.62 47.36 -15.68
C ALA B 145 17.06 46.29 -16.61
N ASN B 146 17.87 45.28 -16.91
CA ASN B 146 17.60 44.38 -18.03
C ASN B 146 16.25 43.66 -17.86
N ASN B 147 16.03 43.03 -16.72
CA ASN B 147 14.79 42.29 -16.50
C ASN B 147 14.39 42.37 -15.04
N CYS B 148 13.11 42.15 -14.77
CA CYS B 148 12.56 42.24 -13.43
C CYS B 148 11.72 41.01 -13.12
N THR B 149 11.70 40.65 -11.84
CA THR B 149 10.80 39.63 -11.34
C THR B 149 9.90 40.12 -10.21
N PHE B 150 10.30 41.16 -9.48
CA PHE B 150 9.45 41.77 -8.46
C PHE B 150 10.03 43.11 -8.09
N GLU B 151 9.17 43.99 -7.58
CA GLU B 151 9.57 45.28 -7.05
C GLU B 151 8.64 45.68 -5.92
N TYR B 152 9.20 46.19 -4.84
CA TYR B 152 8.42 46.59 -3.67
C TYR B 152 8.74 48.04 -3.31
N VAL B 153 7.68 48.82 -3.11
CA VAL B 153 7.79 50.18 -2.57
C VAL B 153 6.98 50.19 -1.28
N SER B 154 7.67 50.34 -0.15
CA SER B 154 7.04 50.25 1.15
C SER B 154 7.24 51.56 1.92
N GLN B 155 6.46 51.70 2.99
CA GLN B 155 6.61 52.86 3.86
C GLN B 155 7.98 52.82 4.52
N PRO B 156 8.73 53.92 4.50
CA PRO B 156 10.08 53.90 5.08
C PRO B 156 10.00 53.74 6.59
N PHE B 157 10.65 52.70 7.10
CA PHE B 157 10.77 52.55 8.55
C PHE B 157 11.39 53.81 9.14
N LEU B 158 10.74 54.34 10.17
CA LEU B 158 11.12 55.65 10.70
C LEU B 158 12.43 55.56 11.46
N MET B 159 13.36 56.46 11.14
CA MET B 159 14.61 56.56 11.88
C MET B 159 14.40 57.47 13.08
N ASP B 160 15.46 57.67 13.85
CA ASP B 160 15.42 58.67 14.92
C ASP B 160 15.34 60.09 14.37
N LEU B 161 15.67 60.28 13.09
CA LEU B 161 15.83 61.62 12.50
C LEU B 161 16.85 62.43 13.30
N GLU B 162 17.85 61.75 13.85
CA GLU B 162 18.77 62.35 14.81
C GLU B 162 19.85 63.08 14.05
N GLY B 163 19.87 64.41 14.12
CA GLY B 163 20.83 65.21 13.39
C GLY B 163 22.04 65.63 14.19
N LYS B 164 22.64 64.69 14.91
CA LYS B 164 23.81 64.94 15.74
C LYS B 164 24.80 63.80 15.55
N GLN B 165 26.00 64.00 16.12
CA GLN B 165 27.07 63.01 16.06
C GLN B 165 27.68 62.71 17.43
N GLY B 166 27.02 63.10 18.52
CA GLY B 166 27.51 62.77 19.84
C GLY B 166 27.15 61.35 20.26
N ASN B 167 26.57 61.20 21.45
CA ASN B 167 26.21 59.86 21.93
C ASN B 167 25.25 59.17 20.95
N PHE B 168 25.73 58.11 20.31
CA PHE B 168 25.07 57.58 19.13
C PHE B 168 23.76 56.91 19.49
N LYS B 169 22.72 57.22 18.73
CA LYS B 169 21.35 56.82 19.06
C LYS B 169 20.88 55.60 18.27
N ASN B 170 20.97 55.66 16.95
CA ASN B 170 20.41 54.62 16.09
C ASN B 170 21.22 53.34 16.24
N LEU B 171 20.68 52.38 16.98
CA LEU B 171 21.22 51.04 17.13
C LEU B 171 20.33 50.07 16.37
N ARG B 172 20.65 49.87 15.10
CA ARG B 172 19.81 49.05 14.24
C ARG B 172 20.28 47.60 14.33
N GLU B 173 19.41 46.71 14.79
CA GLU B 173 19.71 45.29 14.89
C GLU B 173 18.84 44.56 13.87
N PHE B 174 19.48 43.82 12.98
CA PHE B 174 18.81 43.21 11.84
C PHE B 174 19.18 41.74 11.70
N VAL B 175 18.21 40.94 11.28
CA VAL B 175 18.40 39.53 10.97
C VAL B 175 17.74 39.28 9.62
N PHE B 176 18.54 38.81 8.66
CA PHE B 176 18.08 38.51 7.31
C PHE B 176 18.13 37.00 7.12
N LYS B 177 17.03 36.41 6.68
CA LYS B 177 16.99 34.97 6.42
C LYS B 177 16.21 34.72 5.14
N ASN B 178 16.40 33.53 4.58
CA ASN B 178 15.62 33.12 3.42
C ASN B 178 15.37 31.62 3.56
N ILE B 179 14.18 31.27 4.05
CA ILE B 179 13.82 29.88 4.27
C ILE B 179 13.15 29.37 3.00
N ASP B 180 13.88 28.58 2.23
CA ASP B 180 13.36 27.89 1.05
C ASP B 180 12.59 28.83 0.12
N GLY B 181 13.17 30.01 -0.11
CA GLY B 181 12.62 30.98 -1.01
C GLY B 181 11.79 32.07 -0.36
N TYR B 182 11.32 31.86 0.87
CA TYR B 182 10.57 32.88 1.59
C TYR B 182 11.56 33.75 2.36
N PHE B 183 11.62 35.03 1.98
CA PHE B 183 12.50 35.98 2.65
C PHE B 183 11.93 36.35 4.01
N LYS B 184 12.82 36.59 4.96
CA LYS B 184 12.43 36.86 6.34
C LYS B 184 13.28 37.99 6.89
N ILE B 185 12.62 39.07 7.30
CA ILE B 185 13.25 40.22 7.93
C ILE B 185 12.85 40.24 9.40
N TYR B 186 13.84 40.34 10.28
CA TYR B 186 13.58 40.65 11.68
C TYR B 186 14.41 41.87 12.04
N SER B 187 13.83 42.82 12.75
CA SER B 187 14.55 44.07 12.98
C SER B 187 14.08 44.75 14.24
N LYS B 188 14.96 45.59 14.78
CA LYS B 188 14.59 46.55 15.81
C LYS B 188 15.54 47.73 15.73
N HIS B 189 15.06 48.88 16.20
CA HIS B 189 15.85 50.09 16.31
C HIS B 189 15.88 50.49 17.78
N THR B 190 17.05 50.38 18.39
CA THR B 190 17.18 50.70 19.81
C THR B 190 17.67 52.14 19.93
N PRO B 191 16.83 53.07 20.39
CA PRO B 191 17.23 54.48 20.36
C PRO B 191 18.30 54.84 21.39
N ILE B 192 18.22 54.29 22.60
CA ILE B 192 19.07 54.61 23.74
C ILE B 192 19.32 56.12 23.86
N ILE B 193 20.33 56.49 24.65
CA ILE B 193 20.83 57.86 24.66
C ILE B 193 22.33 57.81 24.41
N VAL B 194 23.05 57.05 25.22
CA VAL B 194 24.50 56.93 25.08
C VAL B 194 24.89 55.46 24.90
N PRO B 197 30.56 55.60 23.74
CA PRO B 197 31.96 55.16 23.79
C PRO B 197 32.11 53.72 24.26
N GLU B 198 31.22 52.85 23.80
CA GLU B 198 31.26 51.44 24.17
C GLU B 198 31.42 50.58 22.93
N ASP B 199 31.35 49.26 23.09
CA ASP B 199 31.48 48.33 21.97
C ASP B 199 30.17 47.60 21.68
N LEU B 200 29.65 46.86 22.66
CA LEU B 200 28.34 46.22 22.56
C LEU B 200 27.64 46.36 23.91
N PRO B 201 26.67 47.27 24.03
CA PRO B 201 26.00 47.45 25.32
C PRO B 201 25.34 46.17 25.79
N GLN B 202 25.47 45.90 27.09
CA GLN B 202 24.86 44.73 27.68
C GLN B 202 23.37 44.96 27.89
N GLY B 203 22.66 43.87 28.16
CA GLY B 203 21.23 43.90 28.40
C GLY B 203 20.53 42.85 27.57
N PHE B 204 19.24 43.08 27.35
CA PHE B 204 18.43 42.18 26.53
C PHE B 204 17.46 42.99 25.69
N SER B 205 17.15 42.45 24.51
CA SER B 205 16.16 43.04 23.62
C SER B 205 15.61 41.92 22.74
N ALA B 206 14.68 42.28 21.87
CA ALA B 206 14.04 41.32 20.99
C ALA B 206 14.00 41.86 19.58
N LEU B 207 13.96 40.95 18.61
CA LEU B 207 13.89 41.30 17.20
C LEU B 207 12.53 40.86 16.65
N GLU B 208 11.98 41.68 15.74
CA GLU B 208 10.60 41.56 15.35
C GLU B 208 10.47 41.53 13.83
N PRO B 209 9.56 40.71 13.30
CA PRO B 209 9.43 40.61 11.84
C PRO B 209 8.84 41.87 11.22
N LEU B 210 9.39 42.25 10.07
CA LEU B 210 8.89 43.40 9.32
C LEU B 210 8.32 43.03 7.97
N VAL B 211 9.09 42.33 7.13
CA VAL B 211 8.70 42.06 5.75
C VAL B 211 8.96 40.60 5.43
N ASP B 212 8.01 39.97 4.74
CA ASP B 212 8.17 38.62 4.20
C ASP B 212 8.08 38.70 2.68
N LEU B 213 8.81 37.80 2.02
CA LEU B 213 8.81 37.77 0.55
C LEU B 213 9.10 36.36 0.05
N PRO B 214 8.14 35.72 -0.61
CA PRO B 214 8.34 34.34 -1.08
C PRO B 214 8.96 34.26 -2.47
N ILE B 215 9.61 35.34 -2.92
CA ILE B 215 10.13 35.38 -4.29
C ILE B 215 11.10 34.23 -4.54
N GLY B 216 12.26 34.24 -3.89
CA GLY B 216 13.11 33.06 -3.89
C GLY B 216 14.19 33.01 -4.95
N ILE B 217 15.45 33.18 -4.55
CA ILE B 217 16.58 32.98 -5.44
C ILE B 217 17.62 32.13 -4.71
N ASN B 218 18.77 31.94 -5.37
CA ASN B 218 19.94 31.37 -4.74
C ASN B 218 20.89 32.51 -4.38
N ILE B 219 21.14 32.68 -3.08
CA ILE B 219 21.95 33.77 -2.56
C ILE B 219 23.29 33.22 -2.10
N THR B 220 24.36 33.90 -2.51
CA THR B 220 25.71 33.48 -2.14
C THR B 220 26.61 34.62 -1.69
N ARG B 221 26.35 35.86 -2.09
CA ARG B 221 27.23 36.96 -1.73
C ARG B 221 26.39 38.21 -1.51
N PHE B 222 26.96 39.15 -0.77
CA PHE B 222 26.25 40.39 -0.46
C PHE B 222 27.24 41.38 0.14
N GLN B 223 26.76 42.61 0.30
CA GLN B 223 27.46 43.61 1.10
C GLN B 223 26.49 44.75 1.39
N THR B 224 26.95 45.68 2.20
CA THR B 224 26.17 46.88 2.48
C THR B 224 26.62 48.01 1.57
N LEU B 225 25.91 49.13 1.66
CA LEU B 225 26.13 50.27 0.78
C LEU B 225 25.78 51.52 1.54
N LEU B 226 26.73 52.46 1.61
CA LEU B 226 26.56 53.68 2.39
C LEU B 226 26.15 54.81 1.49
N ALA B 227 25.01 55.43 1.78
CA ALA B 227 24.61 56.65 1.10
C ALA B 227 25.66 57.71 1.37
N LEU B 228 26.39 58.10 0.34
CA LEU B 228 27.63 58.84 0.55
C LEU B 228 27.35 60.25 1.08
N HIS B 229 27.98 60.58 2.20
CA HIS B 229 27.82 61.87 2.84
C HIS B 229 28.83 62.86 2.27
N ARG B 230 28.41 64.11 2.16
CA ARG B 230 29.23 65.18 1.61
C ARG B 230 29.27 66.35 2.57
N SER B 231 30.48 66.89 2.76
CA SER B 231 30.68 68.08 3.57
C SER B 231 31.77 68.93 2.93
N TYR B 232 31.69 70.24 3.15
CA TYR B 232 32.62 71.22 2.59
C TYR B 232 34.01 71.17 3.24
N LEU B 233 34.28 70.22 4.14
CA LEU B 233 35.59 70.16 4.76
C LEU B 233 36.64 69.61 3.79
N THR B 234 36.26 68.69 2.92
CA THR B 234 37.18 68.07 1.98
C THR B 234 36.74 68.34 0.54
N PRO B 235 37.30 69.36 -0.11
CA PRO B 235 36.98 69.58 -1.53
C PRO B 235 37.62 68.52 -2.41
N GLY B 236 36.81 67.63 -2.97
CA GLY B 236 37.34 66.55 -3.78
C GLY B 236 36.37 66.09 -4.86
N ASP B 237 36.71 65.01 -5.53
CA ASP B 237 35.87 64.49 -6.61
C ASP B 237 34.57 63.90 -6.05
N SER B 238 33.56 63.84 -6.92
CA SER B 238 32.35 63.11 -6.58
C SER B 238 32.59 61.60 -6.50
N SER B 239 33.74 61.13 -6.99
CA SER B 239 34.09 59.72 -6.85
C SER B 239 34.44 59.38 -5.40
N SER B 240 35.50 59.99 -4.87
CA SER B 240 35.97 59.63 -3.54
C SER B 240 36.37 60.83 -2.69
N GLY B 241 36.02 62.06 -3.08
CA GLY B 241 36.38 63.21 -2.28
C GLY B 241 35.30 63.63 -1.31
N TRP B 242 35.44 63.21 -0.05
CA TRP B 242 34.44 63.45 0.98
C TRP B 242 35.04 63.05 2.32
N THR B 243 34.55 63.67 3.38
CA THR B 243 34.98 63.31 4.73
C THR B 243 34.52 61.89 5.05
N ALA B 244 35.42 61.10 5.62
CA ALA B 244 35.15 59.68 5.83
C ALA B 244 33.98 59.48 6.80
N GLY B 245 33.90 60.31 7.84
CA GLY B 245 32.85 60.19 8.83
C GLY B 245 33.27 59.38 10.04
N ALA B 246 32.28 58.87 10.75
CA ALA B 246 32.53 58.05 11.93
C ALA B 246 31.30 57.19 12.17
N ALA B 247 31.45 55.88 12.00
CA ALA B 247 30.35 54.95 12.19
C ALA B 247 30.92 53.57 12.48
N ALA B 248 30.06 52.68 12.99
CA ALA B 248 30.49 51.34 13.32
C ALA B 248 29.35 50.36 13.09
N TYR B 249 29.71 49.13 12.74
CA TYR B 249 28.74 48.07 12.54
C TYR B 249 29.45 46.73 12.70
N TYR B 250 28.65 45.67 12.78
CA TYR B 250 29.15 44.34 13.05
C TYR B 250 28.35 43.33 12.25
N VAL B 251 29.04 42.28 11.78
CA VAL B 251 28.44 41.23 10.98
C VAL B 251 28.47 39.93 11.77
N GLY B 252 27.31 39.35 12.01
CA GLY B 252 27.22 38.08 12.68
C GLY B 252 26.88 36.95 11.72
N TYR B 253 27.15 35.71 12.11
CA TYR B 253 26.86 34.55 11.30
C TYR B 253 26.01 33.57 12.10
N LEU B 254 25.01 32.99 11.46
CA LEU B 254 23.97 32.24 12.14
C LEU B 254 24.17 30.75 11.91
N GLN B 255 23.58 29.94 12.79
CA GLN B 255 23.67 28.49 12.65
C GLN B 255 22.54 27.86 13.45
N PRO B 256 22.17 26.61 13.14
CA PRO B 256 21.13 25.95 13.92
C PRO B 256 21.54 25.77 15.38
N ARG B 257 20.56 25.88 16.27
CA ARG B 257 20.82 25.83 17.70
C ARG B 257 19.51 25.56 18.43
N THR B 258 19.62 24.95 19.60
CA THR B 258 18.49 24.72 20.48
C THR B 258 18.49 25.77 21.58
N PHE B 259 17.35 26.44 21.76
CA PHE B 259 17.22 27.53 22.71
C PHE B 259 16.02 27.30 23.61
N LEU B 260 16.11 27.86 24.82
CA LEU B 260 14.98 27.91 25.73
C LEU B 260 14.61 29.38 25.93
N LEU B 261 13.35 29.72 25.67
CA LEU B 261 12.88 31.09 25.65
C LEU B 261 11.85 31.28 26.75
N LYS B 262 11.89 32.44 27.40
CA LYS B 262 10.97 32.75 28.50
C LYS B 262 10.15 33.97 28.12
N TYR B 263 8.85 33.78 27.93
CA TYR B 263 7.94 34.89 27.72
C TYR B 263 7.52 35.50 29.05
N ASN B 264 6.88 36.66 28.97
CA ASN B 264 6.37 37.35 30.14
C ASN B 264 4.85 37.33 30.13
N GLU B 265 4.25 37.95 31.15
CA GLU B 265 2.80 37.87 31.32
C GLU B 265 2.06 38.52 30.16
N ASN B 266 2.53 39.67 29.68
CA ASN B 266 1.89 40.34 28.56
C ASN B 266 2.38 39.82 27.22
N GLY B 267 3.30 38.86 27.20
CA GLY B 267 3.66 38.16 26.00
C GLY B 267 4.95 38.54 25.32
N THR B 268 5.73 39.45 25.89
CA THR B 268 7.00 39.81 25.27
C THR B 268 8.12 38.92 25.80
N ILE B 269 9.16 38.77 24.99
CA ILE B 269 10.31 37.96 25.36
C ILE B 269 11.25 38.80 26.21
N THR B 270 11.70 38.24 27.32
CA THR B 270 12.64 38.93 28.20
C THR B 270 13.98 38.22 28.35
N ASP B 271 14.03 36.90 28.19
CA ASP B 271 15.27 36.18 28.37
C ASP B 271 15.23 34.84 27.63
N ALA B 272 16.43 34.31 27.40
CA ALA B 272 16.61 33.02 26.75
C ALA B 272 17.93 32.44 27.21
N VAL B 273 18.12 31.15 26.92
CA VAL B 273 19.32 30.45 27.33
C VAL B 273 19.62 29.35 26.32
N ASP B 274 20.91 29.22 25.99
CA ASP B 274 21.35 28.18 25.08
C ASP B 274 21.43 26.85 25.82
N CYS B 275 21.13 25.77 25.10
CA CYS B 275 21.20 24.43 25.65
C CYS B 275 22.46 23.69 25.23
N ALA B 276 23.43 24.38 24.63
CA ALA B 276 24.67 23.75 24.21
C ALA B 276 25.87 24.63 24.49
N LEU B 277 25.82 25.44 25.56
CA LEU B 277 26.87 26.38 25.89
C LEU B 277 27.64 26.00 27.14
N ASP B 278 26.95 25.76 28.24
CA ASP B 278 27.56 25.36 29.51
C ASP B 278 26.86 24.15 30.07
N PRO B 279 27.57 23.35 30.89
CA PRO B 279 26.88 22.29 31.64
C PRO B 279 25.75 22.83 32.50
N LEU B 280 25.95 24.01 33.10
CA LEU B 280 24.87 24.65 33.85
C LEU B 280 23.72 25.01 32.93
N SER B 281 24.02 25.58 31.77
CA SER B 281 22.98 25.95 30.82
C SER B 281 22.27 24.72 30.28
N GLU B 282 23.02 23.65 29.99
CA GLU B 282 22.41 22.41 29.52
C GLU B 282 21.50 21.82 30.58
N THR B 283 21.94 21.85 31.85
CA THR B 283 21.09 21.38 32.94
C THR B 283 19.82 22.20 33.06
N LYS B 284 19.95 23.53 32.95
CA LYS B 284 18.77 24.39 33.01
C LYS B 284 17.80 24.06 31.89
N CYS B 285 18.31 23.85 30.68
CA CYS B 285 17.44 23.48 29.56
C CYS B 285 16.76 22.13 29.81
N THR B 286 17.51 21.15 30.33
CA THR B 286 16.93 19.85 30.60
C THR B 286 15.81 19.95 31.63
N LEU B 287 16.08 20.62 32.75
CA LEU B 287 15.07 20.77 33.80
C LEU B 287 13.95 21.71 33.39
N LYS B 288 14.15 22.52 32.34
CA LYS B 288 13.12 23.42 31.81
C LYS B 288 12.67 24.44 32.86
N SER B 289 13.62 25.23 33.33
CA SER B 289 13.35 26.33 34.25
C SER B 289 14.54 27.28 34.22
N PHE B 290 14.52 28.28 35.10
CA PHE B 290 15.65 29.18 35.27
C PHE B 290 16.29 29.04 36.65
N THR B 291 15.92 28.01 37.40
CA THR B 291 16.50 27.74 38.70
C THR B 291 16.75 26.25 38.86
N VAL B 292 17.82 25.92 39.57
CA VAL B 292 18.20 24.55 39.84
C VAL B 292 18.62 24.45 41.30
N GLU B 293 18.07 23.47 42.01
CA GLU B 293 18.46 23.21 43.39
C GLU B 293 19.69 22.31 43.42
N LYS B 294 20.43 22.38 44.53
CA LYS B 294 21.65 21.61 44.65
C LYS B 294 21.35 20.11 44.58
N GLY B 295 22.23 19.38 43.91
CA GLY B 295 22.05 17.95 43.74
C GLY B 295 22.80 17.43 42.53
N ILE B 296 22.28 16.34 41.97
CA ILE B 296 22.87 15.67 40.82
C ILE B 296 21.79 15.47 39.77
N TYR B 297 22.18 15.52 38.49
CA TYR B 297 21.22 15.46 37.40
C TYR B 297 21.84 14.71 36.23
N GLN B 298 21.37 13.49 35.99
CA GLN B 298 21.73 12.74 34.79
C GLN B 298 21.10 13.42 33.59
N THR B 299 21.91 14.02 32.72
CA THR B 299 21.34 14.89 31.70
C THR B 299 21.88 14.63 30.30
N SER B 300 23.09 14.10 30.17
CA SER B 300 23.74 14.04 28.87
C SER B 300 24.34 12.67 28.62
N ASN B 301 24.46 12.33 27.34
CA ASN B 301 25.09 11.10 26.87
C ASN B 301 26.17 11.46 25.87
N PHE B 302 27.36 10.87 26.01
CA PHE B 302 28.46 11.17 25.11
C PHE B 302 28.99 9.88 24.52
N ARG B 303 29.63 10.03 23.35
CA ARG B 303 30.27 8.92 22.68
C ARG B 303 31.44 9.48 21.87
N VAL B 304 32.27 8.57 21.37
CA VAL B 304 33.41 8.92 20.53
C VAL B 304 33.17 8.37 19.15
N GLN B 305 33.17 9.24 18.14
CA GLN B 305 32.83 8.85 16.78
C GLN B 305 34.10 8.63 15.95
N PRO B 306 34.03 7.76 14.96
CA PRO B 306 35.21 7.47 14.12
C PRO B 306 35.47 8.59 13.12
N THR B 307 36.57 8.43 12.38
CA THR B 307 36.94 9.36 11.33
C THR B 307 37.29 8.70 10.01
N GLU B 308 37.73 7.44 10.01
CA GLU B 308 38.18 6.78 8.79
C GLU B 308 37.59 5.38 8.69
N SER B 309 37.70 4.81 7.49
CA SER B 309 37.16 3.49 7.18
C SER B 309 38.25 2.63 6.56
N ILE B 310 38.13 1.32 6.76
CA ILE B 310 39.04 0.33 6.18
C ILE B 310 38.22 -0.85 5.69
N VAL B 311 38.57 -1.35 4.50
CA VAL B 311 37.93 -2.53 3.93
C VAL B 311 39.02 -3.51 3.53
N ARG B 312 38.74 -4.80 3.69
CA ARG B 312 39.72 -5.84 3.39
C ARG B 312 39.03 -6.98 2.66
N PHE B 313 39.83 -7.75 1.91
CA PHE B 313 39.33 -8.88 1.15
C PHE B 313 40.46 -9.87 0.94
N PRO B 314 40.15 -11.17 0.78
CA PRO B 314 41.23 -12.18 0.72
C PRO B 314 42.00 -12.18 -0.59
N ASN B 315 42.85 -11.17 -0.78
CA ASN B 315 43.73 -11.07 -1.95
C ASN B 315 42.97 -11.14 -3.26
N ILE B 316 43.72 -11.32 -4.35
CA ILE B 316 43.14 -11.43 -5.69
C ILE B 316 43.70 -12.69 -6.36
N THR B 317 43.97 -13.71 -5.54
CA THR B 317 44.79 -14.85 -5.97
C THR B 317 44.32 -15.46 -7.28
N ASN B 318 43.02 -15.67 -7.44
CA ASN B 318 42.47 -16.22 -8.67
C ASN B 318 41.87 -15.09 -9.50
N LEU B 319 42.05 -15.17 -10.81
CA LEU B 319 41.56 -14.16 -11.74
C LEU B 319 40.97 -14.84 -12.96
N CYS B 320 40.30 -14.04 -13.80
CA CYS B 320 39.72 -14.55 -15.03
C CYS B 320 40.75 -14.45 -16.14
N PRO B 321 41.25 -15.56 -16.68
CA PRO B 321 42.20 -15.47 -17.80
C PRO B 321 41.52 -14.99 -19.07
N PHE B 322 41.81 -13.74 -19.46
CA PHE B 322 41.25 -13.17 -20.68
C PHE B 322 42.31 -12.86 -21.72
N ASP B 323 43.59 -13.07 -21.42
CA ASP B 323 44.65 -12.80 -22.39
C ASP B 323 44.51 -13.69 -23.62
N GLU B 324 44.16 -14.97 -23.42
CA GLU B 324 44.04 -15.90 -24.54
C GLU B 324 43.00 -15.43 -25.55
N VAL B 325 42.02 -14.63 -25.11
CA VAL B 325 41.03 -14.10 -26.04
C VAL B 325 41.68 -13.05 -26.95
N PHE B 326 42.31 -12.04 -26.35
CA PHE B 326 42.92 -10.99 -27.15
C PHE B 326 44.23 -11.45 -27.77
N ASN B 327 45.05 -12.15 -27.01
CA ASN B 327 46.32 -12.70 -27.51
C ASN B 327 46.13 -14.12 -28.01
N ALA B 328 45.16 -14.28 -28.91
CA ALA B 328 44.84 -15.57 -29.50
C ALA B 328 45.81 -15.87 -30.64
N THR B 329 46.25 -17.13 -30.71
CA THR B 329 47.15 -17.52 -31.79
C THR B 329 46.51 -17.36 -33.15
N ARG B 330 45.26 -17.80 -33.30
CA ARG B 330 44.53 -17.65 -34.54
C ARG B 330 43.07 -17.38 -34.21
N PHE B 331 42.35 -16.81 -35.16
CA PHE B 331 41.02 -16.28 -34.92
C PHE B 331 39.97 -17.13 -35.65
N ALA B 332 38.73 -17.00 -35.20
CA ALA B 332 37.66 -17.86 -35.68
C ALA B 332 37.00 -17.27 -36.93
N SER B 333 36.37 -18.16 -37.70
CA SER B 333 35.81 -17.80 -38.99
C SER B 333 34.53 -16.98 -38.83
N VAL B 334 34.04 -16.46 -39.94
CA VAL B 334 32.83 -15.63 -39.91
C VAL B 334 31.61 -16.48 -39.57
N TYR B 335 31.31 -17.47 -40.42
CA TYR B 335 30.29 -18.44 -40.07
C TYR B 335 30.86 -19.40 -39.05
N ALA B 336 30.05 -19.75 -38.05
CA ALA B 336 30.47 -20.52 -36.88
C ALA B 336 31.50 -19.73 -36.07
N TRP B 337 31.61 -20.02 -34.78
CA TRP B 337 32.52 -19.28 -33.93
C TRP B 337 32.84 -20.10 -32.69
N ASN B 338 34.02 -19.84 -32.13
CA ASN B 338 34.30 -20.31 -30.78
C ASN B 338 33.37 -19.61 -29.79
N ARG B 339 32.83 -20.37 -28.85
CA ARG B 339 31.96 -19.81 -27.82
C ARG B 339 32.54 -20.22 -26.47
N LYS B 340 33.24 -19.28 -25.83
CA LYS B 340 33.97 -19.54 -24.60
C LYS B 340 33.13 -19.10 -23.41
N ARG B 341 32.89 -20.04 -22.52
CA ARG B 341 32.08 -19.84 -21.32
C ARG B 341 33.01 -19.54 -20.16
N ILE B 342 32.75 -18.45 -19.43
CA ILE B 342 33.64 -18.02 -18.36
C ILE B 342 32.96 -18.24 -17.01
N SER B 343 33.70 -18.79 -16.05
CA SER B 343 33.14 -19.10 -14.75
C SER B 343 34.22 -19.01 -13.67
N ASN B 344 33.77 -18.80 -12.44
CA ASN B 344 34.55 -19.00 -11.22
C ASN B 344 35.91 -18.30 -11.28
N CYS B 345 35.86 -16.97 -11.37
CA CYS B 345 37.03 -16.13 -11.31
C CYS B 345 36.56 -14.69 -11.16
N VAL B 346 37.50 -13.76 -11.15
CA VAL B 346 37.20 -12.33 -11.07
C VAL B 346 37.64 -11.67 -12.37
N ALA B 347 36.72 -10.91 -12.96
CA ALA B 347 36.98 -10.25 -14.23
C ALA B 347 37.76 -8.96 -13.98
N ASP B 348 38.92 -8.83 -14.60
CA ASP B 348 39.75 -7.63 -14.51
C ASP B 348 40.01 -7.15 -15.93
N TYR B 349 39.08 -6.34 -16.44
CA TYR B 349 39.19 -5.77 -17.78
C TYR B 349 40.07 -4.53 -17.82
N SER B 350 40.87 -4.29 -16.78
CA SER B 350 41.78 -3.16 -16.78
C SER B 350 42.80 -3.28 -17.92
N VAL B 351 43.23 -4.50 -18.23
CA VAL B 351 44.16 -4.70 -19.32
C VAL B 351 43.51 -4.36 -20.66
N LEU B 352 42.19 -4.49 -20.75
CA LEU B 352 41.49 -4.13 -21.98
C LEU B 352 41.67 -2.67 -22.33
N TYR B 353 41.86 -1.81 -21.32
CA TYR B 353 42.15 -0.40 -21.57
C TYR B 353 43.50 -0.26 -22.28
N ASN B 354 44.47 -1.08 -21.90
CA ASN B 354 45.78 -1.08 -22.55
C ASN B 354 45.66 -1.79 -23.88
N LEU B 355 45.63 -1.02 -24.96
CA LEU B 355 45.47 -1.58 -26.30
C LEU B 355 45.93 -0.53 -27.30
N ALA B 356 45.92 -0.92 -28.58
CA ALA B 356 46.32 -0.02 -29.65
C ALA B 356 45.36 1.16 -29.73
N PRO B 357 45.82 2.31 -30.24
CA PRO B 357 44.93 3.48 -30.33
C PRO B 357 43.66 3.22 -31.13
N PHE B 358 43.74 2.42 -32.18
CA PHE B 358 42.55 2.10 -32.96
C PHE B 358 41.67 1.13 -32.18
N PHE B 359 40.70 1.66 -31.45
CA PHE B 359 39.89 0.85 -30.54
C PHE B 359 38.54 1.54 -30.36
N THR B 360 37.53 1.06 -31.08
CA THR B 360 36.15 1.50 -30.90
C THR B 360 35.59 0.81 -29.67
N PHE B 361 34.91 1.59 -28.80
CA PHE B 361 34.40 1.05 -27.54
C PHE B 361 33.02 1.66 -27.28
N LYS B 362 31.99 0.94 -27.70
CA LYS B 362 30.60 1.30 -27.45
C LYS B 362 29.87 0.09 -26.87
N CYS B 363 29.03 0.35 -25.87
CA CYS B 363 28.34 -0.74 -25.18
C CYS B 363 26.92 -0.30 -24.81
N TYR B 364 26.10 -1.29 -24.50
CA TYR B 364 24.70 -1.09 -24.14
C TYR B 364 24.39 -1.71 -22.79
N GLY B 365 23.44 -1.10 -22.08
CA GLY B 365 22.98 -1.61 -20.81
C GLY B 365 23.82 -1.27 -19.61
N VAL B 366 25.01 -0.68 -19.81
CA VAL B 366 25.88 -0.32 -18.71
C VAL B 366 26.93 0.64 -19.24
N SER B 367 27.42 1.51 -18.37
CA SER B 367 28.55 2.35 -18.73
C SER B 367 29.79 1.48 -18.95
N PRO B 368 30.71 1.89 -19.81
CA PRO B 368 31.80 0.99 -20.21
C PRO B 368 32.67 0.50 -19.06
N THR B 369 32.84 1.30 -18.01
CA THR B 369 33.77 0.95 -16.94
C THR B 369 33.10 0.41 -15.69
N LYS B 370 31.83 0.74 -15.44
CA LYS B 370 31.15 0.36 -14.20
C LYS B 370 30.63 -1.07 -14.32
N LEU B 371 31.57 -2.01 -14.42
CA LEU B 371 31.26 -3.43 -14.40
C LEU B 371 31.93 -4.17 -13.25
N ASN B 372 32.94 -3.58 -12.60
CA ASN B 372 33.54 -4.22 -11.45
C ASN B 372 32.53 -4.40 -10.33
N ASP B 373 31.63 -3.41 -10.16
CA ASP B 373 30.58 -3.51 -9.15
C ASP B 373 29.62 -4.65 -9.45
N LEU B 374 29.35 -4.90 -10.73
CA LEU B 374 28.37 -5.91 -11.10
C LEU B 374 28.83 -7.30 -10.71
N CYS B 375 27.87 -8.17 -10.41
CA CYS B 375 28.13 -9.51 -9.89
C CYS B 375 27.23 -10.51 -10.60
N PHE B 376 27.06 -10.33 -11.92
CA PHE B 376 26.07 -11.07 -12.69
C PHE B 376 26.54 -12.49 -12.98
N THR B 377 25.78 -13.20 -13.81
CA THR B 377 26.03 -14.59 -14.16
C THR B 377 27.12 -14.74 -15.22
N ASN B 378 27.19 -15.93 -15.80
CA ASN B 378 28.22 -16.30 -16.76
C ASN B 378 28.26 -15.33 -17.95
N VAL B 379 29.38 -15.39 -18.66
CA VAL B 379 29.60 -14.60 -19.86
C VAL B 379 30.17 -15.49 -20.95
N TYR B 380 29.81 -15.15 -22.18
CA TYR B 380 30.21 -15.86 -23.39
C TYR B 380 31.04 -14.93 -24.26
N ALA B 381 32.13 -15.48 -24.79
CA ALA B 381 33.02 -14.76 -25.69
C ALA B 381 33.04 -15.47 -27.03
N ASP B 382 32.88 -14.71 -28.10
CA ASP B 382 33.01 -15.23 -29.46
C ASP B 382 33.56 -14.12 -30.34
N SER B 383 34.51 -14.48 -31.21
CA SER B 383 35.27 -13.48 -31.93
C SER B 383 35.60 -13.99 -33.34
N PHE B 384 35.80 -13.04 -34.23
CA PHE B 384 36.01 -13.27 -35.66
C PHE B 384 36.45 -11.94 -36.28
N VAL B 385 36.53 -11.88 -37.61
CA VAL B 385 37.08 -10.74 -38.31
C VAL B 385 36.01 -10.12 -39.21
N ILE B 386 36.04 -8.80 -39.33
CA ILE B 386 35.10 -8.04 -40.15
C ILE B 386 35.86 -7.05 -41.00
N ARG B 387 35.52 -7.00 -42.30
CA ARG B 387 36.05 -5.99 -43.19
C ARG B 387 35.67 -4.59 -42.70
N GLY B 388 36.58 -3.65 -42.90
CA GLY B 388 36.51 -2.38 -42.18
C GLY B 388 35.24 -1.60 -42.43
N ASP B 389 34.71 -1.65 -43.66
CA ASP B 389 33.55 -0.83 -43.99
C ASP B 389 32.33 -1.24 -43.18
N GLU B 390 32.08 -2.54 -43.05
CA GLU B 390 30.87 -3.04 -42.40
C GLU B 390 31.06 -3.32 -40.91
N VAL B 391 32.05 -2.72 -40.26
CA VAL B 391 32.08 -2.77 -38.81
C VAL B 391 30.90 -2.02 -38.23
N ARG B 392 30.39 -1.03 -38.96
CA ARG B 392 29.13 -0.38 -38.58
C ARG B 392 27.94 -1.33 -38.77
N GLN B 393 28.06 -2.27 -39.71
CA GLN B 393 26.93 -3.13 -40.07
C GLN B 393 26.43 -3.94 -38.88
N ILE B 394 27.28 -4.18 -37.88
CA ILE B 394 26.86 -4.84 -36.66
C ILE B 394 26.37 -3.79 -35.66
N ALA B 395 25.17 -4.01 -35.12
CA ALA B 395 24.49 -3.14 -34.17
C ALA B 395 23.20 -3.86 -33.74
N PRO B 396 22.47 -3.36 -32.74
CA PRO B 396 21.25 -4.08 -32.33
C PRO B 396 20.13 -3.97 -33.36
N GLY B 397 19.88 -5.08 -34.07
CA GLY B 397 18.70 -5.24 -34.89
C GLY B 397 18.53 -4.30 -36.08
N GLN B 398 19.55 -4.15 -36.91
CA GLN B 398 19.40 -3.44 -38.17
C GLN B 398 19.77 -4.36 -39.33
N THR B 399 19.64 -3.84 -40.55
CA THR B 399 19.88 -4.63 -41.74
C THR B 399 21.37 -4.93 -41.91
N GLY B 400 21.65 -5.95 -42.73
CA GLY B 400 23.00 -6.32 -43.07
C GLY B 400 23.09 -7.74 -43.59
N ASN B 401 23.90 -7.94 -44.65
CA ASN B 401 24.02 -9.27 -45.24
C ASN B 401 24.61 -10.27 -44.24
N ILE B 402 25.66 -9.87 -43.51
CA ILE B 402 26.17 -10.73 -42.45
C ILE B 402 25.22 -10.72 -41.26
N ALA B 403 24.53 -9.59 -41.02
CA ALA B 403 23.67 -9.47 -39.86
C ALA B 403 22.48 -10.42 -39.95
N ASP B 404 21.81 -10.46 -41.10
CA ASP B 404 20.60 -11.25 -41.22
C ASP B 404 20.86 -12.72 -41.56
N TYR B 405 22.10 -13.08 -41.88
CA TYR B 405 22.41 -14.42 -42.34
C TYR B 405 23.29 -15.20 -41.36
N ASN B 406 24.41 -14.62 -40.94
CA ASN B 406 25.34 -15.32 -40.06
C ASN B 406 25.17 -14.97 -38.59
N TYR B 407 25.08 -13.68 -38.25
CA TYR B 407 25.13 -13.26 -36.85
C TYR B 407 24.17 -12.09 -36.67
N LYS B 408 23.08 -12.32 -35.94
CA LYS B 408 22.13 -11.27 -35.61
C LYS B 408 22.26 -10.90 -34.14
N LEU B 409 21.99 -9.64 -33.83
CA LEU B 409 22.11 -9.15 -32.48
C LEU B 409 20.75 -8.79 -31.93
N PRO B 410 20.36 -9.32 -30.76
CA PRO B 410 19.07 -8.93 -30.17
C PRO B 410 19.07 -7.46 -29.77
N ASP B 411 17.89 -6.85 -29.85
CA ASP B 411 17.75 -5.45 -29.47
C ASP B 411 17.97 -5.26 -27.98
N ASP B 412 17.32 -6.06 -27.14
CA ASP B 412 17.51 -6.00 -25.69
C ASP B 412 18.67 -6.92 -25.29
N PHE B 413 19.88 -6.45 -25.60
CA PHE B 413 21.08 -7.22 -25.38
C PHE B 413 21.99 -6.52 -24.39
N THR B 414 22.52 -7.27 -23.43
CA THR B 414 23.52 -6.77 -22.50
C THR B 414 24.87 -7.37 -22.88
N GLY B 415 25.84 -6.52 -23.14
CA GLY B 415 27.12 -6.85 -23.72
C GLY B 415 27.40 -5.93 -24.87
N CYS B 416 28.52 -6.15 -25.55
CA CYS B 416 28.91 -5.21 -26.60
C CYS B 416 30.03 -5.80 -27.46
N VAL B 417 30.61 -4.94 -28.31
CA VAL B 417 31.61 -5.33 -29.30
C VAL B 417 32.93 -4.67 -28.94
N ILE B 418 34.02 -5.28 -29.42
CA ILE B 418 35.38 -4.77 -29.21
C ILE B 418 36.15 -5.08 -30.48
N ALA B 419 36.50 -4.05 -31.26
CA ALA B 419 37.19 -4.23 -32.52
C ALA B 419 38.51 -3.48 -32.50
N TRP B 420 39.47 -3.98 -33.29
CA TRP B 420 40.78 -3.36 -33.39
C TRP B 420 41.43 -3.79 -34.69
N ASN B 421 42.46 -3.06 -35.09
CA ASN B 421 43.06 -3.24 -36.41
C ASN B 421 44.09 -4.35 -36.38
N SER B 422 43.83 -5.40 -37.15
CA SER B 422 44.73 -6.54 -37.28
C SER B 422 45.10 -6.77 -38.74
N ASN B 423 45.16 -5.69 -39.53
CA ASN B 423 45.47 -5.83 -40.95
C ASN B 423 46.83 -6.48 -41.15
N LYS B 424 47.82 -6.10 -40.34
CA LYS B 424 49.12 -6.76 -40.40
C LYS B 424 49.02 -8.23 -40.01
N LEU B 425 48.08 -8.57 -39.14
CA LEU B 425 47.87 -9.97 -38.78
C LEU B 425 47.11 -10.74 -39.85
N ASP B 426 46.42 -10.05 -40.76
CA ASP B 426 45.60 -10.69 -41.79
C ASP B 426 46.21 -10.54 -43.17
N SER B 427 46.61 -9.33 -43.56
CA SER B 427 47.08 -9.09 -44.92
C SER B 427 48.49 -9.63 -45.08
N LYS B 428 48.61 -10.76 -45.78
CA LYS B 428 49.91 -11.29 -46.15
C LYS B 428 50.41 -10.56 -47.39
N VAL B 429 51.56 -11.01 -47.92
CA VAL B 429 52.12 -10.39 -49.11
C VAL B 429 51.19 -10.60 -50.30
N SER B 430 50.75 -11.83 -50.52
CA SER B 430 49.82 -12.10 -51.61
C SER B 430 48.41 -11.67 -51.26
N GLY B 431 48.07 -11.62 -49.98
CA GLY B 431 46.70 -11.44 -49.55
C GLY B 431 46.07 -12.78 -49.28
N ASN B 432 45.74 -13.04 -48.03
CA ASN B 432 45.31 -14.37 -47.61
C ASN B 432 43.83 -14.56 -47.85
N TYR B 433 43.45 -15.76 -48.29
CA TYR B 433 42.07 -16.15 -48.50
C TYR B 433 41.72 -17.13 -47.37
N ASN B 434 41.30 -16.59 -46.23
CA ASN B 434 41.07 -17.42 -45.05
C ASN B 434 39.80 -17.05 -44.31
N TYR B 435 38.90 -16.29 -44.93
CA TYR B 435 37.67 -15.89 -44.27
C TYR B 435 36.58 -15.72 -45.32
N LEU B 436 35.35 -15.97 -44.90
CA LEU B 436 34.25 -16.19 -45.83
C LEU B 436 32.93 -16.21 -45.07
N TYR B 437 31.89 -15.61 -45.65
CA TYR B 437 30.63 -15.42 -44.96
C TYR B 437 29.47 -15.88 -45.84
N ARG B 438 28.45 -16.46 -45.19
CA ARG B 438 27.27 -16.89 -45.91
C ARG B 438 26.56 -15.69 -46.55
N LEU B 439 26.17 -15.86 -47.81
CA LEU B 439 25.62 -14.75 -48.57
C LEU B 439 24.32 -15.14 -49.28
N PHE B 440 24.12 -16.44 -49.48
CA PHE B 440 22.92 -16.95 -50.13
C PHE B 440 22.09 -17.81 -49.19
N ARG B 441 21.99 -17.38 -47.94
CA ARG B 441 21.15 -18.06 -46.95
C ARG B 441 19.69 -17.71 -47.22
N LYS B 442 18.92 -18.68 -47.74
CA LYS B 442 17.54 -18.43 -48.11
C LYS B 442 16.63 -18.47 -46.87
N SER B 443 17.00 -17.64 -45.91
CA SER B 443 16.27 -17.48 -44.65
C SER B 443 16.84 -16.25 -43.95
N ASN B 444 16.40 -16.02 -42.71
CA ASN B 444 16.92 -14.94 -41.88
C ASN B 444 17.24 -15.54 -40.52
N LEU B 445 18.53 -15.79 -40.28
CA LEU B 445 18.93 -16.45 -39.04
C LEU B 445 18.65 -15.57 -37.84
N LYS B 446 18.08 -16.18 -36.80
CA LYS B 446 17.72 -15.45 -35.60
C LYS B 446 18.96 -15.13 -34.78
N PRO B 447 18.86 -14.13 -33.88
CA PRO B 447 20.03 -13.77 -33.06
C PRO B 447 20.48 -14.93 -32.18
N PHE B 448 21.78 -15.25 -32.28
CA PHE B 448 22.43 -16.30 -31.50
C PHE B 448 21.83 -17.67 -31.80
N GLU B 449 21.94 -18.08 -33.05
CA GLU B 449 21.59 -19.44 -33.47
C GLU B 449 22.70 -19.99 -34.36
N ARG B 450 22.99 -21.28 -34.19
CA ARG B 450 24.02 -21.94 -34.97
C ARG B 450 23.42 -22.68 -36.15
N ASP B 451 24.12 -22.62 -37.29
CA ASP B 451 23.73 -23.40 -38.46
C ASP B 451 24.96 -23.57 -39.35
N ILE B 452 25.48 -24.79 -39.44
CA ILE B 452 26.64 -25.10 -40.26
C ILE B 452 26.24 -26.16 -41.28
N SER B 453 26.54 -25.91 -42.55
CA SER B 453 26.21 -26.83 -43.63
C SER B 453 27.10 -26.51 -44.82
N THR B 454 27.13 -27.46 -45.77
CA THR B 454 27.93 -27.30 -46.99
C THR B 454 27.12 -27.51 -48.26
N GLU B 455 25.80 -27.55 -48.17
CA GLU B 455 24.96 -27.65 -49.36
C GLU B 455 24.93 -26.31 -50.08
N ILE B 456 24.98 -26.36 -51.42
CA ILE B 456 24.99 -25.15 -52.22
C ILE B 456 23.59 -24.58 -52.30
N TYR B 457 23.50 -23.26 -52.45
CA TYR B 457 22.21 -22.59 -52.55
C TYR B 457 21.54 -22.93 -53.87
N GLN B 458 20.21 -22.96 -53.84
CA GLN B 458 19.38 -23.12 -55.02
C GLN B 458 18.33 -22.02 -55.03
N ALA B 459 18.10 -21.43 -56.20
CA ALA B 459 17.09 -20.39 -56.35
C ALA B 459 15.68 -20.95 -56.43
N GLY B 460 15.47 -22.20 -56.04
CA GLY B 460 14.15 -22.81 -56.07
C GLY B 460 13.79 -23.35 -57.43
N ASN B 461 12.52 -23.22 -57.81
CA ASN B 461 12.03 -23.62 -59.12
C ASN B 461 12.31 -25.09 -59.42
N LYS B 462 13.32 -25.34 -60.22
CA LYS B 462 13.60 -26.63 -60.82
C LYS B 462 14.66 -27.39 -60.01
N PRO B 463 14.69 -28.72 -60.10
CA PRO B 463 15.61 -29.49 -59.26
C PRO B 463 17.05 -29.44 -59.74
N CYS B 464 17.77 -28.40 -59.32
CA CYS B 464 19.20 -28.32 -59.64
C CYS B 464 19.95 -29.51 -59.05
N ASN B 465 19.66 -29.86 -57.80
CA ASN B 465 20.27 -31.02 -57.14
C ASN B 465 21.80 -30.94 -57.14
N GLY B 466 22.33 -29.75 -56.90
CA GLY B 466 23.76 -29.56 -56.73
C GLY B 466 24.62 -29.79 -57.96
N VAL B 467 24.18 -29.32 -59.13
CA VAL B 467 25.05 -29.29 -60.30
C VAL B 467 25.83 -27.98 -60.39
N ALA B 468 25.43 -26.95 -59.63
CA ALA B 468 26.11 -25.66 -59.60
C ALA B 468 26.13 -25.02 -60.98
N GLY B 469 24.93 -24.77 -61.51
CA GLY B 469 24.78 -24.11 -62.80
C GLY B 469 24.09 -22.78 -62.66
N PHE B 470 22.93 -22.63 -63.28
CA PHE B 470 22.11 -21.44 -63.14
C PHE B 470 21.00 -21.70 -62.13
N ASN B 471 20.76 -20.71 -61.26
CA ASN B 471 19.78 -20.77 -60.17
C ASN B 471 20.17 -21.78 -59.09
N CYS B 472 21.43 -22.21 -59.04
CA CYS B 472 21.90 -23.15 -58.03
C CYS B 472 23.39 -22.89 -57.84
N TYR B 473 23.76 -22.24 -56.73
CA TYR B 473 25.10 -21.73 -56.55
C TYR B 473 25.66 -22.11 -55.19
N PHE B 474 26.99 -22.16 -55.10
CA PHE B 474 27.70 -22.41 -53.86
C PHE B 474 27.98 -21.09 -53.16
N PRO B 475 27.60 -20.94 -51.88
CA PRO B 475 27.73 -19.63 -51.23
C PRO B 475 29.13 -19.34 -50.72
N LEU B 476 29.23 -18.28 -49.90
CA LEU B 476 30.37 -17.91 -49.06
C LEU B 476 31.24 -16.85 -49.72
N ARG B 477 31.94 -17.19 -50.80
CA ARG B 477 32.76 -16.24 -51.56
C ARG B 477 33.83 -15.60 -50.67
N SER B 478 34.79 -16.44 -50.28
CA SER B 478 35.87 -16.02 -49.40
C SER B 478 36.53 -14.72 -49.87
N TYR B 479 37.03 -13.97 -48.91
CA TYR B 479 37.63 -12.67 -49.16
C TYR B 479 39.07 -12.81 -49.66
N SER B 480 39.66 -11.69 -50.05
CA SER B 480 41.04 -11.63 -50.54
C SER B 480 41.99 -11.01 -49.53
N PHE B 481 41.58 -9.97 -48.82
CA PHE B 481 42.39 -9.31 -47.80
C PHE B 481 43.72 -8.82 -48.38
N ARG B 482 43.60 -7.87 -49.30
CA ARG B 482 44.70 -7.24 -50.02
C ARG B 482 45.84 -6.91 -49.07
N PRO B 483 47.10 -6.99 -49.53
CA PRO B 483 48.23 -6.69 -48.63
C PRO B 483 48.16 -5.31 -48.03
N THR B 484 47.63 -4.33 -48.76
CA THR B 484 47.37 -3.01 -48.22
C THR B 484 46.16 -2.40 -48.92
N TYR B 485 45.38 -1.63 -48.16
CA TYR B 485 44.23 -0.92 -48.69
C TYR B 485 43.70 -0.03 -47.57
N GLY B 486 42.82 0.90 -47.94
CA GLY B 486 42.20 1.77 -46.96
C GLY B 486 41.24 1.02 -46.05
N VAL B 487 40.70 1.78 -45.09
CA VAL B 487 39.81 1.19 -44.09
C VAL B 487 38.54 0.64 -44.73
N GLY B 488 38.21 1.10 -45.94
CA GLY B 488 37.02 0.62 -46.62
C GLY B 488 37.02 -0.87 -46.89
N HIS B 489 38.20 -1.48 -47.04
CA HIS B 489 38.32 -2.92 -47.17
C HIS B 489 39.50 -3.43 -46.35
N GLN B 490 39.62 -2.94 -45.12
CA GLN B 490 40.70 -3.32 -44.22
C GLN B 490 40.15 -4.17 -43.09
N PRO B 491 40.61 -5.41 -42.92
CA PRO B 491 40.04 -6.27 -41.87
C PRO B 491 40.35 -5.78 -40.46
N TYR B 492 39.38 -6.02 -39.57
CA TYR B 492 39.48 -5.69 -38.16
C TYR B 492 39.13 -6.94 -37.36
N ARG B 493 39.95 -7.25 -36.34
CA ARG B 493 39.66 -8.33 -35.43
C ARG B 493 38.67 -7.83 -34.37
N VAL B 494 37.55 -8.53 -34.22
CA VAL B 494 36.48 -8.11 -33.33
C VAL B 494 36.06 -9.29 -32.46
N VAL B 495 35.68 -8.98 -31.23
CA VAL B 495 35.13 -9.93 -30.26
C VAL B 495 33.89 -9.33 -29.65
N VAL B 496 32.83 -10.12 -29.54
CA VAL B 496 31.58 -9.66 -28.94
C VAL B 496 31.37 -10.38 -27.62
N LEU B 497 31.23 -9.60 -26.55
CA LEU B 497 31.03 -10.11 -25.20
C LEU B 497 29.54 -10.12 -24.89
N SER B 498 29.04 -11.25 -24.41
CA SER B 498 27.62 -11.42 -24.09
C SER B 498 27.49 -12.07 -22.72
N PHE B 499 27.13 -11.29 -21.70
CA PHE B 499 26.94 -11.81 -20.36
C PHE B 499 25.47 -11.98 -20.06
N GLU B 500 25.12 -13.12 -19.48
CA GLU B 500 23.71 -13.46 -19.23
C GLU B 500 23.23 -12.74 -17.96
N LEU B 501 22.06 -13.15 -17.47
CA LEU B 501 21.38 -12.46 -16.38
C LEU B 501 20.68 -13.49 -15.52
N LEU B 502 19.71 -13.03 -14.73
CA LEU B 502 18.83 -13.76 -13.81
C LEU B 502 19.55 -14.12 -12.50
N HIS B 503 20.87 -13.94 -12.42
CA HIS B 503 21.67 -13.93 -11.19
C HIS B 503 21.44 -15.14 -10.29
N ALA B 504 20.95 -16.26 -10.80
CA ALA B 504 20.90 -17.44 -9.96
C ALA B 504 22.27 -18.13 -9.97
N PRO B 505 22.91 -18.36 -11.14
CA PRO B 505 24.30 -18.83 -11.12
C PRO B 505 25.32 -17.68 -11.02
N ALA B 506 25.52 -17.20 -9.80
CA ALA B 506 26.53 -16.17 -9.57
C ALA B 506 27.89 -16.67 -10.02
N THR B 507 28.51 -15.95 -10.96
CA THR B 507 29.62 -16.49 -11.72
C THR B 507 30.95 -15.77 -11.48
N VAL B 508 31.02 -14.46 -11.68
CA VAL B 508 32.33 -13.83 -11.77
C VAL B 508 32.55 -12.74 -10.73
N CYS B 509 31.82 -11.62 -10.84
CA CYS B 509 31.85 -10.54 -9.85
C CYS B 509 33.26 -10.00 -9.64
N GLY B 510 33.42 -9.05 -8.71
CA GLY B 510 34.72 -8.77 -8.14
C GLY B 510 34.70 -7.68 -7.09
N PRO B 511 35.25 -7.96 -5.90
CA PRO B 511 35.39 -6.91 -4.90
C PRO B 511 36.57 -5.96 -5.16
N LYS B 512 37.73 -6.54 -5.43
CA LYS B 512 39.00 -5.83 -5.65
C LYS B 512 39.22 -4.78 -4.56
N LYS B 513 39.99 -3.74 -4.90
CA LYS B 513 40.18 -2.52 -4.10
C LYS B 513 40.30 -2.80 -2.60
N SER B 514 41.33 -3.56 -2.24
CA SER B 514 41.69 -3.70 -0.84
C SER B 514 42.28 -2.40 -0.31
N THR B 515 42.19 -2.20 1.00
CA THR B 515 42.66 -0.97 1.64
C THR B 515 43.65 -1.33 2.75
N ASN B 516 44.06 -0.30 3.49
CA ASN B 516 45.07 -0.43 4.52
C ASN B 516 44.44 -0.84 5.85
N LEU B 517 45.27 -0.93 6.89
CA LEU B 517 44.83 -1.33 8.22
C LEU B 517 45.38 -0.35 9.25
N VAL B 518 44.60 -0.16 10.32
CA VAL B 518 44.98 0.67 11.45
C VAL B 518 44.59 -0.05 12.73
N LYS B 519 45.11 0.43 13.85
CA LYS B 519 44.86 -0.21 15.14
C LYS B 519 44.76 0.85 16.23
N ASN B 520 44.04 0.48 17.30
CA ASN B 520 43.94 1.31 18.51
C ASN B 520 43.38 2.71 18.20
N LYS B 521 42.34 2.75 17.36
CA LYS B 521 41.64 3.99 17.08
C LYS B 521 40.20 3.66 16.70
N CYS B 522 39.33 4.66 16.85
CA CYS B 522 37.91 4.48 16.52
C CYS B 522 37.75 4.54 15.00
N VAL B 523 37.52 3.39 14.38
CA VAL B 523 37.55 3.24 12.93
C VAL B 523 36.34 2.41 12.49
N ASN B 524 35.92 2.62 11.25
CA ASN B 524 34.93 1.76 10.61
C ASN B 524 35.65 0.65 9.86
N PHE B 525 35.11 -0.56 9.91
CA PHE B 525 35.75 -1.71 9.29
C PHE B 525 34.73 -2.53 8.51
N ASN B 526 35.14 -3.00 7.35
CA ASN B 526 34.32 -3.78 6.42
C ASN B 526 35.03 -5.08 6.06
N PHE B 527 35.49 -5.80 7.09
CA PHE B 527 36.31 -7.00 6.93
C PHE B 527 35.83 -7.92 5.79
N ASN B 528 34.57 -8.32 5.85
CA ASN B 528 33.98 -9.18 4.82
C ASN B 528 32.51 -8.84 4.61
N GLY B 529 32.21 -7.55 4.53
CA GLY B 529 30.81 -7.14 4.45
C GLY B 529 30.06 -7.33 5.75
N LEU B 530 30.76 -7.32 6.89
CA LEU B 530 30.13 -7.38 8.19
C LEU B 530 30.43 -6.07 8.92
N LYS B 531 30.26 -4.97 8.18
CA LYS B 531 30.62 -3.62 8.61
C LYS B 531 30.33 -3.37 10.09
N GLY B 532 31.28 -2.71 10.74
CA GLY B 532 31.12 -2.31 12.12
C GLY B 532 32.00 -1.11 12.41
N THR B 533 31.93 -0.64 13.65
CA THR B 533 32.71 0.50 14.10
C THR B 533 33.27 0.21 15.49
N GLY B 534 34.54 0.54 15.69
CA GLY B 534 35.13 0.32 17.01
C GLY B 534 36.64 0.43 17.00
N VAL B 535 37.26 -0.29 17.92
CA VAL B 535 38.70 -0.24 18.12
C VAL B 535 39.28 -1.64 18.00
N LEU B 536 40.38 -1.76 17.26
CA LEU B 536 41.01 -3.03 16.96
C LEU B 536 42.15 -3.31 17.94
N THR B 537 42.45 -4.59 18.12
CA THR B 537 43.60 -5.02 18.89
C THR B 537 43.90 -6.47 18.53
N GLU B 538 44.90 -7.03 19.20
CA GLU B 538 45.22 -8.44 18.99
C GLU B 538 44.23 -9.32 19.73
N SER B 539 44.29 -10.62 19.45
CA SER B 539 43.43 -11.61 20.12
C SER B 539 44.27 -12.84 20.40
N ASN B 540 44.53 -13.10 21.69
CA ASN B 540 45.34 -14.24 22.07
C ASN B 540 44.61 -15.56 21.80
N LYS B 541 43.28 -15.56 21.84
CA LYS B 541 42.52 -16.77 21.62
C LYS B 541 42.72 -17.28 20.20
N LYS B 542 42.67 -18.60 20.05
CA LYS B 542 42.95 -19.27 18.79
C LYS B 542 41.66 -19.81 18.19
N PHE B 543 41.44 -19.50 16.92
CA PHE B 543 40.33 -20.09 16.18
C PHE B 543 40.67 -21.51 15.76
N LEU B 544 39.66 -22.22 15.29
CA LEU B 544 39.90 -23.41 14.50
C LEU B 544 40.29 -23.01 13.09
N PRO B 545 40.97 -23.89 12.34
CA PRO B 545 41.45 -23.50 11.01
C PRO B 545 40.35 -23.01 10.07
N PHE B 546 39.13 -23.52 10.21
CA PHE B 546 38.04 -23.10 9.34
C PHE B 546 37.24 -21.94 9.92
N GLN B 547 37.47 -21.56 11.17
CA GLN B 547 36.74 -20.46 11.77
C GLN B 547 37.11 -19.14 11.10
N GLN B 548 36.14 -18.24 11.01
CA GLN B 548 36.33 -16.95 10.35
C GLN B 548 36.24 -15.78 11.33
N PHE B 549 35.12 -15.66 12.05
CA PHE B 549 34.95 -14.59 13.01
C PHE B 549 34.21 -15.13 14.22
N GLY B 550 34.65 -14.72 15.40
CA GLY B 550 34.09 -15.22 16.63
C GLY B 550 32.77 -14.57 16.99
N ARG B 551 32.25 -14.99 18.14
CA ARG B 551 31.03 -14.42 18.69
C ARG B 551 30.99 -14.77 20.17
N ASP B 552 30.52 -13.81 20.97
CA ASP B 552 30.53 -13.94 22.42
C ASP B 552 29.11 -14.21 22.92
N ILE B 553 28.96 -14.21 24.26
CA ILE B 553 27.65 -14.28 24.85
C ILE B 553 26.81 -13.10 24.36
N ALA B 554 25.51 -13.31 24.23
CA ALA B 554 24.51 -12.36 23.74
C ALA B 554 24.66 -12.08 22.25
N ASP B 555 25.38 -12.92 21.51
CA ASP B 555 25.38 -12.92 20.04
C ASP B 555 25.82 -11.56 19.48
N THR B 556 27.07 -11.23 19.76
CA THR B 556 27.68 -10.01 19.23
C THR B 556 29.07 -10.34 18.70
N THR B 557 29.48 -9.60 17.68
CA THR B 557 30.81 -9.78 17.11
C THR B 557 31.87 -9.34 18.11
N ASP B 558 32.91 -10.17 18.27
CA ASP B 558 33.99 -9.87 19.19
C ASP B 558 35.39 -10.07 18.60
N ALA B 559 35.55 -10.84 17.53
CA ALA B 559 36.85 -11.06 16.94
C ALA B 559 36.68 -11.47 15.49
N VAL B 560 37.57 -11.00 14.63
CA VAL B 560 37.53 -11.28 13.20
C VAL B 560 38.94 -11.57 12.70
N ARG B 561 39.07 -12.57 11.85
CA ARG B 561 40.35 -12.86 11.22
C ARG B 561 40.47 -12.06 9.93
N ASP B 562 41.60 -11.37 9.76
CA ASP B 562 41.76 -10.50 8.60
C ASP B 562 41.91 -11.34 7.33
N PRO B 563 41.16 -11.02 6.27
CA PRO B 563 41.23 -11.84 5.05
C PRO B 563 42.60 -11.82 4.37
N GLN B 564 43.45 -10.85 4.67
CA GLN B 564 44.74 -10.74 3.99
C GLN B 564 45.85 -11.45 4.75
N THR B 565 46.10 -11.05 5.99
CA THR B 565 47.22 -11.57 6.76
C THR B 565 46.87 -12.83 7.54
N LEU B 566 45.58 -13.21 7.60
CA LEU B 566 45.13 -14.41 8.31
C LEU B 566 45.55 -14.38 9.77
N GLU B 567 45.26 -13.27 10.44
CA GLU B 567 45.48 -13.12 11.87
C GLU B 567 44.16 -12.70 12.52
N ILE B 568 43.84 -13.33 13.65
CA ILE B 568 42.56 -13.11 14.32
C ILE B 568 42.73 -11.91 15.25
N LEU B 569 42.19 -10.77 14.84
CA LEU B 569 42.17 -9.58 15.67
C LEU B 569 40.90 -9.55 16.51
N ASP B 570 40.95 -8.77 17.59
CA ASP B 570 39.83 -8.58 18.49
C ASP B 570 39.27 -7.18 18.30
N ILE B 571 37.95 -7.06 18.40
CA ILE B 571 37.25 -5.80 18.18
C ILE B 571 36.50 -5.41 19.46
N THR B 572 36.53 -4.12 19.77
CA THR B 572 35.79 -3.62 20.92
C THR B 572 34.95 -2.41 20.51
N PRO B 573 33.70 -2.34 20.96
CA PRO B 573 32.86 -1.20 20.60
C PRO B 573 33.44 0.11 21.11
N CYS B 574 33.00 1.20 20.49
CA CYS B 574 33.53 2.52 20.78
C CYS B 574 33.21 2.93 22.21
N SER B 575 34.15 3.65 22.84
CA SER B 575 33.93 4.16 24.18
C SER B 575 32.83 5.20 24.17
N PHE B 576 32.08 5.24 25.26
CA PHE B 576 30.93 6.14 25.43
C PHE B 576 30.57 6.15 26.90
N GLY B 577 29.56 6.93 27.25
CA GLY B 577 29.11 6.97 28.62
C GLY B 577 28.11 8.08 28.88
N GLY B 578 27.82 8.27 30.16
CA GLY B 578 26.86 9.28 30.59
C GLY B 578 27.49 10.41 31.39
N VAL B 579 26.80 11.54 31.47
CA VAL B 579 27.30 12.74 32.10
C VAL B 579 26.36 13.11 33.24
N SER B 580 26.94 13.38 34.40
CA SER B 580 26.20 13.94 35.53
C SER B 580 26.76 15.32 35.85
N VAL B 581 25.87 16.22 36.25
CA VAL B 581 26.23 17.60 36.56
C VAL B 581 25.97 17.85 38.03
N ILE B 582 26.98 18.35 38.74
CA ILE B 582 26.88 18.66 40.16
C ILE B 582 26.87 20.16 40.30
N THR B 583 25.85 20.68 40.99
CA THR B 583 25.73 22.11 41.23
C THR B 583 25.32 22.33 42.67
N PRO B 584 25.79 23.42 43.29
CA PRO B 584 25.43 23.72 44.68
C PRO B 584 24.22 24.64 44.83
N GLY B 585 23.56 25.02 43.75
CA GLY B 585 22.42 25.92 43.85
C GLY B 585 22.59 27.18 43.03
N THR B 586 21.63 27.45 42.15
CA THR B 586 21.70 28.63 41.30
C THR B 586 21.68 29.91 42.13
N ASN B 587 20.87 29.95 43.17
CA ASN B 587 20.78 31.12 44.02
C ASN B 587 22.02 31.32 44.88
N THR B 588 22.92 30.33 44.93
CA THR B 588 24.13 30.43 45.73
C THR B 588 25.35 30.81 44.90
N SER B 589 25.61 30.09 43.82
CA SER B 589 26.79 30.32 42.99
C SER B 589 26.59 29.63 41.65
N ASN B 590 27.66 29.60 40.84
CA ASN B 590 27.62 28.95 39.54
C ASN B 590 28.78 27.98 39.33
N GLN B 591 29.68 27.83 40.30
CA GLN B 591 30.79 26.90 40.17
C GLN B 591 30.26 25.47 40.23
N VAL B 592 30.24 24.80 39.09
CA VAL B 592 29.68 23.45 38.98
C VAL B 592 30.77 22.46 38.64
N ALA B 593 30.40 21.18 38.57
CA ALA B 593 31.36 20.13 38.25
C ALA B 593 30.65 19.05 37.44
N VAL B 594 31.45 18.16 36.87
CA VAL B 594 30.93 17.11 36.00
C VAL B 594 31.44 15.75 36.46
N LEU B 595 30.70 14.72 36.06
CA LEU B 595 31.05 13.34 36.37
C LEU B 595 30.77 12.50 35.14
N TYR B 596 31.82 11.96 34.52
CA TYR B 596 31.68 11.07 33.38
C TYR B 596 31.60 9.65 33.92
N GLN B 597 30.41 9.07 33.91
CA GLN B 597 30.18 7.82 34.64
C GLN B 597 30.73 6.62 33.88
N GLY B 598 31.33 5.71 34.63
CA GLY B 598 31.74 4.41 34.12
C GLY B 598 32.81 4.43 33.05
N VAL B 599 33.69 5.43 33.06
CA VAL B 599 34.77 5.51 32.08
C VAL B 599 36.03 5.99 32.78
N ASN B 600 37.18 5.41 32.40
CA ASN B 600 38.43 6.07 32.68
C ASN B 600 38.48 7.37 31.92
N CYS B 601 39.14 8.37 32.50
CA CYS B 601 39.24 9.69 31.91
C CYS B 601 40.69 10.07 31.64
N THR B 602 41.44 9.13 31.09
CA THR B 602 42.58 9.42 30.24
C THR B 602 42.17 9.46 28.78
N GLU B 603 40.86 9.39 28.51
CA GLU B 603 40.33 9.41 27.16
C GLU B 603 39.23 10.46 26.97
N VAL B 604 38.89 11.22 28.00
CA VAL B 604 37.85 12.24 27.89
C VAL B 604 38.32 13.50 27.16
N PRO B 605 39.58 13.96 27.25
CA PRO B 605 39.93 15.18 26.51
C PRO B 605 39.74 15.03 25.01
N VAL B 606 40.06 13.86 24.45
CA VAL B 606 39.80 13.64 23.04
C VAL B 606 38.31 13.49 22.79
N ALA B 607 37.56 12.94 23.75
CA ALA B 607 36.11 12.88 23.61
C ALA B 607 35.51 14.27 23.51
N ILE B 608 36.08 15.24 24.23
CA ILE B 608 35.67 16.64 24.05
C ILE B 608 36.17 17.15 22.70
N HIS B 609 37.38 16.75 22.30
CA HIS B 609 37.84 17.06 20.95
C HIS B 609 36.93 16.42 19.91
N ALA B 610 36.54 15.16 20.13
CA ALA B 610 35.58 14.51 19.26
C ALA B 610 34.18 15.12 19.37
N ASP B 611 33.93 15.92 20.39
CA ASP B 611 32.68 16.65 20.53
C ASP B 611 32.79 18.09 20.05
N GLN B 612 33.98 18.69 20.12
CA GLN B 612 34.24 20.06 19.67
C GLN B 612 33.26 21.03 20.34
N LEU B 613 33.33 21.07 21.67
CA LEU B 613 32.39 21.82 22.48
C LEU B 613 32.82 23.27 22.63
N THR B 614 32.07 24.02 23.43
CA THR B 614 32.37 25.41 23.71
C THR B 614 33.62 25.51 24.58
N PRO B 615 34.29 26.67 24.58
CA PRO B 615 35.51 26.81 25.40
C PRO B 615 35.30 26.51 26.88
N THR B 616 34.12 26.82 27.42
CA THR B 616 33.85 26.52 28.82
C THR B 616 33.87 25.01 29.07
N TRP B 617 33.28 24.23 28.15
CA TRP B 617 33.36 22.78 28.27
C TRP B 617 34.81 22.30 28.19
N ARG B 618 35.60 22.92 27.30
CA ARG B 618 37.01 22.55 27.18
C ARG B 618 37.76 22.81 28.48
N VAL B 619 37.54 23.96 29.11
CA VAL B 619 38.26 24.28 30.34
C VAL B 619 37.71 23.45 31.50
N TYR B 620 36.45 23.04 31.43
CA TYR B 620 35.90 22.08 32.40
C TYR B 620 36.32 20.65 32.10
N SER B 621 36.99 20.41 30.97
CA SER B 621 37.61 19.13 30.68
C SER B 621 39.11 19.13 30.94
N THR B 622 39.65 20.25 31.41
CA THR B 622 41.09 20.37 31.63
C THR B 622 41.52 19.59 32.86
N GLY B 623 42.81 19.27 32.91
CA GLY B 623 43.36 18.51 34.02
C GLY B 623 43.77 19.37 35.21
N SER B 624 43.08 20.49 35.39
CA SER B 624 43.34 21.33 36.57
C SER B 624 43.05 20.57 37.86
N ASN B 625 41.95 19.82 37.88
CA ASN B 625 41.61 18.99 39.04
C ASN B 625 40.88 17.75 38.50
N VAL B 626 41.65 16.68 38.31
CA VAL B 626 41.13 15.39 37.87
C VAL B 626 41.29 14.41 39.02
N PHE B 627 40.18 13.84 39.47
CA PHE B 627 40.17 12.92 40.60
C PHE B 627 39.48 11.63 40.17
N GLN B 628 40.27 10.58 39.96
CA GLN B 628 39.73 9.29 39.55
C GLN B 628 39.07 8.60 40.74
N THR B 629 37.89 8.03 40.49
CA THR B 629 37.14 7.37 41.55
C THR B 629 36.75 5.96 41.14
N ARG B 630 35.92 5.30 41.95
CA ARG B 630 35.42 3.97 41.65
C ARG B 630 34.17 3.99 40.79
N ALA B 631 33.57 5.16 40.57
CA ALA B 631 32.39 5.32 39.75
C ALA B 631 32.63 6.36 38.66
N GLY B 632 33.77 6.28 37.99
CA GLY B 632 34.14 7.28 37.01
C GLY B 632 34.69 8.52 37.70
N CYS B 633 35.60 9.23 37.04
CA CYS B 633 36.21 10.37 37.69
C CYS B 633 35.28 11.58 37.61
N LEU B 634 35.61 12.60 38.40
CA LEU B 634 34.90 13.87 38.36
C LEU B 634 35.93 14.97 38.14
N ILE B 635 35.50 16.04 37.49
CA ILE B 635 36.40 17.08 37.03
C ILE B 635 36.02 18.40 37.69
N GLY B 636 37.04 19.18 38.04
CA GLY B 636 36.82 20.51 38.58
C GLY B 636 36.50 20.57 40.06
N ALA B 637 36.45 19.43 40.74
CA ALA B 637 36.21 19.38 42.18
C ALA B 637 37.47 18.89 42.87
N GLU B 638 38.04 19.71 43.73
CA GLU B 638 39.24 19.35 44.45
C GLU B 638 38.92 18.33 45.54
N TYR B 639 39.84 17.41 45.77
CA TYR B 639 39.71 16.43 46.84
C TYR B 639 40.38 16.94 48.11
N VAL B 640 39.88 16.49 49.25
CA VAL B 640 40.40 16.90 50.54
C VAL B 640 40.60 15.66 51.41
N ASN B 641 41.51 15.78 52.38
CA ASN B 641 41.90 14.64 53.19
C ASN B 641 41.00 14.42 54.40
N ASN B 642 40.44 15.49 54.98
CA ASN B 642 39.57 15.33 56.12
C ASN B 642 38.19 14.81 55.68
N SER B 643 37.36 14.48 56.67
CA SER B 643 36.06 13.90 56.40
C SER B 643 35.02 14.48 57.35
N TYR B 644 33.80 14.60 56.86
CA TYR B 644 32.67 15.04 57.67
C TYR B 644 31.38 14.54 57.00
N GLU B 645 30.24 15.09 57.45
CA GLU B 645 28.95 14.55 57.06
C GLU B 645 28.67 14.76 55.58
N CYS B 646 27.94 13.81 55.00
CA CYS B 646 27.60 13.85 53.58
C CYS B 646 26.62 14.98 53.29
N ASP B 647 26.81 15.64 52.14
CA ASP B 647 25.91 16.68 51.68
C ASP B 647 25.25 16.34 50.36
N ILE B 648 26.03 15.91 49.37
CA ILE B 648 25.50 15.57 48.05
C ILE B 648 25.95 14.16 47.70
N PRO B 649 25.05 13.21 47.50
CA PRO B 649 25.46 11.85 47.16
C PRO B 649 26.17 11.80 45.81
N ILE B 650 27.19 10.96 45.74
CA ILE B 650 27.89 10.71 44.47
C ILE B 650 27.92 9.21 44.19
N GLY B 651 28.50 8.45 45.11
CA GLY B 651 28.61 7.02 44.96
C GLY B 651 29.89 6.51 45.59
N ALA B 652 29.86 5.22 45.95
CA ALA B 652 31.01 4.53 46.55
C ALA B 652 31.54 5.29 47.76
N GLY B 653 30.62 5.81 48.58
CA GLY B 653 31.01 6.50 49.79
C GLY B 653 31.80 7.78 49.57
N ILE B 654 31.39 8.57 48.59
CA ILE B 654 32.04 9.85 48.29
C ILE B 654 30.97 10.93 48.24
N CYS B 655 31.22 12.04 48.92
CA CYS B 655 30.26 13.13 49.00
C CYS B 655 30.94 14.45 48.68
N ALA B 656 30.17 15.36 48.07
CA ALA B 656 30.65 16.66 47.66
C ALA B 656 29.76 17.74 48.26
N SER B 657 30.35 18.92 48.47
CA SER B 657 29.62 20.05 49.03
C SER B 657 30.27 21.34 48.52
N TYR B 658 29.72 22.46 48.96
CA TYR B 658 30.17 23.79 48.55
C TYR B 658 30.69 24.50 49.80
N GLN B 659 32.00 24.61 49.92
CA GLN B 659 32.62 25.11 51.15
C GLN B 659 33.25 26.48 50.89
N THR B 660 33.74 27.08 51.97
CA THR B 660 34.27 28.45 51.95
C THR B 660 35.66 28.48 52.61
N GLN B 661 36.68 28.15 51.83
CA GLN B 661 38.07 28.21 52.28
C GLN B 661 39.03 28.05 51.11
N SER B 673 36.93 32.15 47.99
CA SER B 673 37.53 30.94 48.54
C SER B 673 36.54 29.78 48.49
N GLN B 674 35.27 30.09 48.27
CA GLN B 674 34.25 29.07 48.14
C GLN B 674 34.51 28.22 46.89
N SER B 675 34.25 26.93 47.01
CA SER B 675 34.45 26.02 45.88
C SER B 675 33.76 24.69 46.19
N ILE B 676 33.72 23.83 45.18
CA ILE B 676 33.18 22.49 45.31
C ILE B 676 34.28 21.59 45.87
N ILE B 677 33.96 20.87 46.93
CA ILE B 677 34.91 20.02 47.63
C ILE B 677 34.34 18.61 47.71
N ALA B 678 35.17 17.62 47.41
CA ALA B 678 34.77 16.22 47.42
C ALA B 678 35.62 15.45 48.42
N TYR B 679 35.02 14.47 49.09
CA TYR B 679 35.68 13.77 50.17
C TYR B 679 34.94 12.48 50.46
N THR B 680 35.38 11.77 51.48
CA THR B 680 34.75 10.54 51.93
C THR B 680 33.88 10.84 53.14
N MET B 681 32.65 10.32 53.14
CA MET B 681 31.71 10.64 54.19
C MET B 681 32.21 10.14 55.54
N SER B 682 31.86 10.85 56.59
CA SER B 682 32.13 10.42 57.95
C SER B 682 30.84 9.86 58.54
N LEU B 683 30.91 8.62 59.02
CA LEU B 683 29.71 7.98 59.55
C LEU B 683 29.20 8.71 60.78
N GLY B 684 30.11 9.20 61.60
CA GLY B 684 29.75 9.96 62.79
C GLY B 684 30.85 9.90 63.81
N ALA B 685 30.71 10.72 64.83
CA ALA B 685 31.69 10.75 65.91
C ALA B 685 31.60 9.46 66.72
N GLU B 686 32.73 8.81 66.93
CA GLU B 686 32.74 7.59 67.71
C GLU B 686 32.58 7.91 69.19
N ASN B 687 32.19 6.90 69.96
CA ASN B 687 31.96 7.08 71.39
C ASN B 687 32.18 5.74 72.08
N SER B 688 33.33 5.58 72.70
CA SER B 688 33.60 4.36 73.45
C SER B 688 32.74 4.33 74.71
N VAL B 689 32.68 3.15 75.33
CA VAL B 689 31.90 2.94 76.54
C VAL B 689 32.82 2.34 77.60
N ALA B 690 32.72 2.85 78.83
CA ALA B 690 33.54 2.37 79.92
C ALA B 690 32.90 1.11 80.51
N TYR B 691 32.99 0.03 79.74
CA TYR B 691 32.41 -1.23 80.18
C TYR B 691 33.20 -1.82 81.34
N SER B 692 32.50 -2.55 82.18
CA SER B 692 33.11 -3.26 83.30
C SER B 692 32.17 -4.39 83.70
N ASN B 693 32.40 -4.98 84.87
CA ASN B 693 31.52 -6.02 85.38
C ASN B 693 31.00 -5.73 86.79
N ASN B 694 31.30 -4.54 87.33
CA ASN B 694 30.63 -4.11 88.56
C ASN B 694 30.28 -2.64 88.54
N SER B 695 30.18 -2.03 87.36
CA SER B 695 29.87 -0.61 87.21
C SER B 695 28.53 -0.45 86.50
N ILE B 696 27.83 0.63 86.84
CA ILE B 696 26.50 0.86 86.26
C ILE B 696 26.21 2.35 86.32
N ALA B 697 25.58 2.85 85.26
CA ALA B 697 25.17 4.24 85.18
C ALA B 697 23.66 4.34 85.35
N ILE B 698 23.22 5.42 85.99
CA ILE B 698 21.79 5.64 86.22
C ILE B 698 21.45 7.09 85.93
N PRO B 699 20.43 7.36 85.11
CA PRO B 699 20.03 8.74 84.86
C PRO B 699 19.45 9.39 86.09
N THR B 700 19.66 10.70 86.21
CA THR B 700 19.13 11.48 87.32
C THR B 700 18.03 12.42 86.91
N ASN B 701 18.03 12.90 85.67
CA ASN B 701 17.06 13.88 85.22
C ASN B 701 16.43 13.40 83.92
N PHE B 702 15.43 14.12 83.45
CA PHE B 702 14.68 13.69 82.28
C PHE B 702 14.09 14.90 81.58
N THR B 703 13.72 14.70 80.32
CA THR B 703 13.18 15.76 79.49
C THR B 703 12.04 15.21 78.65
N ILE B 704 11.13 16.11 78.29
CA ILE B 704 10.01 15.81 77.41
C ILE B 704 10.26 16.52 76.08
N SER B 705 10.17 15.77 74.98
CA SER B 705 10.40 16.32 73.66
C SER B 705 9.22 16.00 72.76
N VAL B 706 8.92 16.93 71.86
CA VAL B 706 7.82 16.79 70.92
C VAL B 706 8.41 16.50 69.55
N THR B 707 8.00 15.38 68.96
CA THR B 707 8.49 14.96 67.66
C THR B 707 7.34 15.00 66.66
N THR B 708 7.65 15.29 65.41
CA THR B 708 6.64 15.42 64.36
C THR B 708 6.88 14.38 63.29
N GLU B 709 5.80 13.79 62.78
CA GLU B 709 5.89 12.91 61.62
C GLU B 709 4.67 13.09 60.75
N ILE B 710 4.83 12.80 59.46
CA ILE B 710 3.81 13.08 58.45
C ILE B 710 3.55 11.81 57.66
N LEU B 711 2.28 11.55 57.34
CA LEU B 711 1.92 10.37 56.56
C LEU B 711 0.85 10.74 55.53
N PRO B 712 1.08 10.43 54.25
CA PRO B 712 0.02 10.63 53.25
C PRO B 712 -1.05 9.56 53.36
N VAL B 713 -2.27 9.95 53.00
CA VAL B 713 -3.41 9.04 53.12
C VAL B 713 -4.22 8.91 51.86
N SER B 714 -4.08 9.79 50.87
CA SER B 714 -4.91 9.71 49.67
C SER B 714 -4.32 10.57 48.57
N MET B 715 -4.37 10.07 47.34
CA MET B 715 -4.01 10.86 46.17
C MET B 715 -5.26 11.58 45.68
N THR B 716 -5.19 12.15 44.48
CA THR B 716 -6.32 12.85 43.89
C THR B 716 -7.08 11.90 42.98
N LYS B 717 -8.37 11.74 43.24
CA LYS B 717 -9.20 10.94 42.34
C LYS B 717 -9.30 11.61 40.98
N THR B 718 -9.52 10.80 39.95
CA THR B 718 -9.63 11.33 38.60
C THR B 718 -10.50 10.43 37.76
N SER B 719 -11.04 10.99 36.68
CA SER B 719 -11.80 10.26 35.68
C SER B 719 -11.19 10.57 34.31
N VAL B 720 -11.79 10.01 33.27
CA VAL B 720 -11.26 10.18 31.92
C VAL B 720 -12.40 10.06 30.92
N ASP B 721 -12.40 10.93 29.92
CA ASP B 721 -13.30 10.81 28.79
C ASP B 721 -12.58 10.10 27.65
N CYS B 722 -13.35 9.32 26.89
CA CYS B 722 -12.78 8.46 25.86
C CYS B 722 -12.79 9.13 24.48
N THR B 723 -13.97 9.48 23.98
CA THR B 723 -14.10 9.92 22.59
C THR B 723 -13.47 11.29 22.38
N MET B 724 -13.62 12.20 23.33
CA MET B 724 -13.05 13.54 23.13
C MET B 724 -11.54 13.53 23.26
N TYR B 725 -10.98 12.63 24.07
CA TYR B 725 -9.52 12.53 24.12
C TYR B 725 -8.96 11.86 22.88
N ILE B 726 -9.63 10.81 22.39
CA ILE B 726 -9.01 9.97 21.37
C ILE B 726 -8.80 10.76 20.07
N CYS B 727 -9.80 11.54 19.65
CA CYS B 727 -9.63 12.35 18.45
C CYS B 727 -10.27 13.73 18.51
N GLY B 728 -11.17 14.02 19.44
CA GLY B 728 -11.72 15.35 19.53
C GLY B 728 -12.93 15.63 18.65
N ASP B 729 -14.07 15.01 18.98
CA ASP B 729 -15.38 15.39 18.46
C ASP B 729 -15.44 15.29 16.92
N SER B 730 -15.32 14.07 16.44
CA SER B 730 -15.54 13.78 15.03
C SER B 730 -16.38 12.52 14.89
N THR B 731 -17.30 12.54 13.91
CA THR B 731 -18.20 11.41 13.70
C THR B 731 -17.46 10.19 13.18
N GLU B 732 -16.53 10.40 12.24
CA GLU B 732 -15.76 9.29 11.68
C GLU B 732 -15.05 8.51 12.76
N CYS B 733 -14.64 9.19 13.84
CA CYS B 733 -14.04 8.49 14.97
C CYS B 733 -15.02 7.49 15.55
N SER B 734 -16.26 7.92 15.83
CA SER B 734 -17.27 7.00 16.35
C SER B 734 -17.51 5.87 15.37
N ASN B 735 -17.48 6.15 14.07
CA ASN B 735 -17.70 5.09 13.08
C ASN B 735 -16.57 4.08 13.09
N LEU B 736 -15.33 4.53 13.33
CA LEU B 736 -14.17 3.68 13.10
C LEU B 736 -13.63 3.00 14.36
N LEU B 737 -13.87 3.55 15.56
CA LEU B 737 -13.24 3.00 16.75
C LEU B 737 -14.12 2.02 17.51
N LEU B 738 -15.44 2.04 17.31
CA LEU B 738 -16.32 1.17 18.09
C LEU B 738 -16.00 -0.30 17.85
N GLN B 739 -15.52 -0.66 16.66
CA GLN B 739 -15.16 -2.03 16.37
C GLN B 739 -13.79 -2.41 16.93
N TYR B 740 -12.99 -1.44 17.38
CA TYR B 740 -11.72 -1.75 18.02
C TYR B 740 -11.89 -2.40 19.38
N GLY B 741 -13.10 -2.36 19.94
CA GLY B 741 -13.38 -2.91 21.25
C GLY B 741 -13.79 -1.84 22.24
N SER B 742 -14.37 -2.30 23.34
CA SER B 742 -14.79 -1.42 24.41
C SER B 742 -13.70 -1.26 25.47
N PHE B 743 -12.50 -0.87 25.03
CA PHE B 743 -11.38 -0.74 25.94
C PHE B 743 -11.65 0.32 27.01
N CYS B 744 -12.29 1.42 26.60
CA CYS B 744 -12.59 2.48 27.54
C CYS B 744 -13.53 2.02 28.65
N THR B 745 -14.26 0.92 28.44
CA THR B 745 -15.03 0.33 29.53
C THR B 745 -14.10 -0.19 30.63
N GLN B 746 -13.07 -0.94 30.25
CA GLN B 746 -12.08 -1.37 31.23
C GLN B 746 -11.41 -0.18 31.89
N LEU B 747 -11.07 0.83 31.09
CA LEU B 747 -10.46 2.04 31.64
C LEU B 747 -11.35 2.66 32.71
N LYS B 748 -12.63 2.86 32.38
CA LYS B 748 -13.56 3.49 33.31
C LYS B 748 -13.72 2.67 34.58
N ARG B 749 -13.89 1.36 34.44
CA ARG B 749 -14.11 0.53 35.62
C ARG B 749 -12.89 0.51 36.52
N ALA B 750 -11.69 0.41 35.94
CA ALA B 750 -10.47 0.40 36.75
C ALA B 750 -10.29 1.74 37.46
N LEU B 751 -10.48 2.84 36.74
CA LEU B 751 -10.25 4.15 37.35
C LEU B 751 -11.32 4.44 38.41
N THR B 752 -12.55 3.98 38.20
CA THR B 752 -13.60 4.10 39.20
C THR B 752 -13.26 3.29 40.45
N GLY B 753 -12.70 2.09 40.26
CA GLY B 753 -12.23 1.32 41.40
C GLY B 753 -11.18 2.07 42.19
N ILE B 754 -10.23 2.70 41.50
CA ILE B 754 -9.23 3.52 42.19
C ILE B 754 -9.91 4.65 42.98
N ALA B 755 -10.86 5.33 42.33
CA ALA B 755 -11.52 6.46 42.97
C ALA B 755 -12.24 6.04 44.24
N VAL B 756 -12.97 4.93 44.19
CA VAL B 756 -13.67 4.48 45.39
C VAL B 756 -12.68 3.97 46.45
N GLU B 757 -11.57 3.37 46.01
CA GLU B 757 -10.56 2.95 46.97
C GLU B 757 -10.02 4.14 47.76
N GLN B 758 -9.89 5.30 47.10
CA GLN B 758 -9.36 6.48 47.78
C GLN B 758 -10.22 6.88 48.99
N ASP B 759 -11.50 7.15 48.76
CA ASP B 759 -12.33 7.60 49.88
C ASP B 759 -12.58 6.46 50.86
N LYS B 760 -12.52 5.20 50.41
CA LYS B 760 -12.51 4.09 51.36
C LYS B 760 -11.33 4.22 52.31
N ASN B 761 -10.14 4.50 51.77
CA ASN B 761 -8.96 4.66 52.60
C ASN B 761 -9.14 5.78 53.61
N THR B 762 -9.61 6.95 53.15
CA THR B 762 -9.70 8.08 54.06
C THR B 762 -10.74 7.84 55.15
N GLN B 763 -11.87 7.23 54.80
CA GLN B 763 -12.91 6.99 55.81
C GLN B 763 -12.48 5.89 56.76
N GLU B 764 -11.65 4.95 56.32
CA GLU B 764 -11.15 3.95 57.25
C GLU B 764 -10.11 4.54 58.19
N VAL B 765 -9.30 5.48 57.72
CA VAL B 765 -8.23 5.97 58.57
C VAL B 765 -8.72 7.03 59.55
N PHE B 766 -9.78 7.78 59.21
CA PHE B 766 -10.25 8.80 60.14
C PHE B 766 -11.49 8.39 60.93
N ALA B 767 -12.52 7.87 60.26
CA ALA B 767 -13.80 7.61 60.91
C ALA B 767 -13.68 6.37 61.80
N GLN B 768 -13.12 6.57 62.99
CA GLN B 768 -12.99 5.50 63.97
C GLN B 768 -13.67 5.82 65.30
N VAL B 769 -14.45 6.89 65.38
CA VAL B 769 -15.19 7.24 66.58
C VAL B 769 -16.64 7.47 66.20
N LYS B 770 -17.55 6.83 66.94
CA LYS B 770 -18.97 6.86 66.61
C LYS B 770 -19.71 8.06 67.19
N GLN B 771 -19.01 8.94 67.90
CA GLN B 771 -19.64 10.12 68.49
C GLN B 771 -18.78 11.34 68.18
N ILE B 772 -19.23 12.49 68.68
CA ILE B 772 -18.48 13.74 68.63
C ILE B 772 -18.41 14.28 70.05
N TYR B 773 -17.22 14.67 70.48
CA TYR B 773 -16.98 15.09 71.85
C TYR B 773 -16.61 16.57 71.88
N LYS B 774 -17.21 17.30 72.81
CA LYS B 774 -17.01 18.73 72.96
C LYS B 774 -16.26 19.00 74.27
N THR B 775 -15.19 19.77 74.17
CA THR B 775 -14.46 20.17 75.37
C THR B 775 -15.29 21.16 76.20
N PRO B 776 -15.18 21.10 77.52
CA PRO B 776 -15.92 22.04 78.37
C PRO B 776 -15.31 23.43 78.30
N PRO B 777 -16.05 24.46 78.70
CA PRO B 777 -15.48 25.82 78.70
C PRO B 777 -14.23 25.94 79.55
N ILE B 778 -14.16 25.21 80.67
CA ILE B 778 -12.92 25.18 81.44
C ILE B 778 -11.82 24.56 80.59
N LYS B 779 -10.64 25.19 80.63
CA LYS B 779 -9.52 24.71 79.84
C LYS B 779 -8.24 24.65 80.66
N TYR B 780 -8.37 24.40 81.97
CA TYR B 780 -7.21 24.19 82.84
C TYR B 780 -6.96 22.70 82.97
N PHE B 781 -5.78 22.25 82.56
CA PHE B 781 -5.37 20.84 82.68
C PHE B 781 -3.99 20.82 83.33
N GLY B 782 -3.97 20.85 84.65
CA GLY B 782 -2.71 20.78 85.39
C GLY B 782 -1.63 21.71 84.86
N GLY B 783 -2.02 22.88 84.36
CA GLY B 783 -1.07 23.80 83.79
C GLY B 783 -0.58 23.45 82.40
N PHE B 784 -1.17 22.45 81.76
CA PHE B 784 -0.75 22.05 80.41
C PHE B 784 -1.49 22.92 79.41
N ASN B 785 -0.76 23.85 78.79
CA ASN B 785 -1.37 24.73 77.81
C ASN B 785 -1.80 23.94 76.57
N PHE B 786 -2.94 24.33 76.01
CA PHE B 786 -3.46 23.65 74.82
C PHE B 786 -4.06 24.61 73.80
N SER B 787 -3.63 25.88 73.79
CA SER B 787 -4.21 26.84 72.87
C SER B 787 -3.87 26.51 71.42
N GLN B 788 -2.65 26.05 71.17
CA GLN B 788 -2.18 25.89 69.80
C GLN B 788 -2.99 24.86 69.02
N ILE B 789 -3.29 23.72 69.63
CA ILE B 789 -3.87 22.61 68.89
C ILE B 789 -5.39 22.48 69.06
N LEU B 790 -5.96 23.11 70.09
CA LEU B 790 -7.41 23.06 70.24
C LEU B 790 -8.09 23.86 69.13
N PRO B 791 -9.29 23.46 68.73
CA PRO B 791 -9.99 24.21 67.69
C PRO B 791 -10.35 25.62 68.13
N ASP B 792 -10.38 26.52 67.17
CA ASP B 792 -10.62 27.93 67.44
C ASP B 792 -12.03 28.31 67.02
N PRO B 793 -12.94 28.59 67.96
CA PRO B 793 -14.26 29.10 67.55
C PRO B 793 -14.20 30.43 66.82
N SER B 794 -13.20 31.27 67.14
CA SER B 794 -13.10 32.60 66.54
C SER B 794 -12.37 32.55 65.19
N LYS B 795 -12.96 31.80 64.27
CA LYS B 795 -12.38 31.65 62.93
C LYS B 795 -13.39 31.01 61.99
N PRO B 796 -13.48 31.49 60.74
CA PRO B 796 -14.27 30.77 59.73
C PRO B 796 -13.74 29.36 59.55
N SER B 797 -14.63 28.38 59.79
CA SER B 797 -14.29 26.96 59.85
C SER B 797 -13.45 26.69 61.10
N LYS B 798 -13.75 25.62 61.82
CA LYS B 798 -13.14 25.41 63.12
C LYS B 798 -11.79 24.72 62.97
N ARG B 799 -10.91 25.29 62.14
CA ARG B 799 -9.59 24.73 61.90
C ARG B 799 -8.62 25.34 62.92
N SER B 800 -7.90 24.48 63.64
CA SER B 800 -7.02 24.94 64.71
C SER B 800 -5.81 25.67 64.12
N PHE B 801 -4.97 26.19 65.01
CA PHE B 801 -3.86 27.05 64.60
C PHE B 801 -2.83 26.27 63.79
N ILE B 802 -2.37 25.13 64.31
CA ILE B 802 -1.29 24.39 63.67
C ILE B 802 -1.70 23.91 62.29
N GLU B 803 -2.91 23.35 62.17
CA GLU B 803 -3.35 22.86 60.87
C GLU B 803 -3.55 24.01 59.89
N ASP B 804 -3.97 25.18 60.37
CA ASP B 804 -3.97 26.37 59.51
C ASP B 804 -2.56 26.68 59.03
N LEU B 805 -1.58 26.57 59.92
CA LEU B 805 -0.20 26.83 59.52
C LEU B 805 0.24 25.88 58.42
N LEU B 806 -0.06 24.58 58.57
CA LEU B 806 0.28 23.62 57.52
C LEU B 806 -0.44 23.94 56.22
N PHE B 807 -1.73 24.26 56.31
CA PHE B 807 -2.52 24.51 55.11
C PHE B 807 -1.99 25.71 54.35
N ASN B 808 -1.48 26.71 55.06
CA ASN B 808 -0.87 27.85 54.38
C ASN B 808 0.59 27.62 54.02
N LYS B 809 1.24 26.62 54.62
CA LYS B 809 2.61 26.28 54.21
C LYS B 809 2.61 25.53 52.89
N VAL B 810 1.63 24.65 52.67
CA VAL B 810 1.59 23.91 51.41
C VAL B 810 1.25 24.83 50.26
N THR B 811 0.05 25.41 50.29
CA THR B 811 -0.46 26.35 49.29
C THR B 811 -0.05 26.03 47.86
N LEU B 812 -0.05 24.75 47.49
CA LEU B 812 0.27 24.35 46.14
C LEU B 812 -0.82 23.51 45.48
N ALA B 813 -1.74 22.95 46.26
CA ALA B 813 -2.91 22.32 45.66
C ALA B 813 -3.79 23.34 44.96
N ASP B 814 -3.92 24.54 45.54
CA ASP B 814 -4.76 25.61 45.02
C ASP B 814 -6.18 25.09 44.76
N ALA B 815 -6.70 24.36 45.75
CA ALA B 815 -7.93 23.60 45.60
C ALA B 815 -7.81 22.68 44.39
N GLY B 816 -8.36 23.12 43.26
CA GLY B 816 -8.29 22.33 42.04
C GLY B 816 -9.29 21.20 41.97
N PHE B 817 -10.01 20.92 43.05
CA PHE B 817 -11.05 19.89 43.06
C PHE B 817 -12.38 20.45 42.57
N ILE B 818 -12.33 21.06 41.38
CA ILE B 818 -13.43 21.79 40.74
C ILE B 818 -14.29 22.49 41.79
N LYS B 819 -13.72 23.46 42.49
CA LYS B 819 -14.45 24.24 43.49
C LYS B 819 -15.42 25.15 42.74
N GLN B 820 -16.52 24.54 42.29
CA GLN B 820 -17.43 25.12 41.31
C GLN B 820 -16.62 25.68 40.14
N TYR B 821 -16.04 24.77 39.38
CA TYR B 821 -15.35 25.12 38.15
C TYR B 821 -16.37 25.23 37.03
N GLY B 822 -15.90 25.30 35.79
CA GLY B 822 -16.80 25.71 34.74
C GLY B 822 -17.09 27.19 34.71
N ASP B 823 -16.32 27.97 35.45
CA ASP B 823 -16.37 29.42 35.39
C ASP B 823 -15.29 30.02 34.51
N CYS B 824 -14.40 29.20 33.95
CA CYS B 824 -13.35 29.68 33.06
C CYS B 824 -13.81 29.61 31.60
N LEU B 825 -14.93 30.28 31.35
CA LEU B 825 -15.41 30.46 29.98
C LEU B 825 -14.69 31.60 29.29
N GLY B 826 -14.81 32.81 29.85
CA GLY B 826 -14.04 33.94 29.35
C GLY B 826 -12.73 34.06 30.11
N ASP B 827 -11.65 33.56 29.49
CA ASP B 827 -10.34 33.52 30.14
C ASP B 827 -9.59 34.82 29.79
N ILE B 828 -9.87 35.86 30.58
CA ILE B 828 -9.13 37.11 30.45
C ILE B 828 -7.67 36.90 30.81
N ALA B 829 -7.40 36.06 31.81
CA ALA B 829 -6.04 35.72 32.21
C ALA B 829 -5.50 34.63 31.28
N ALA B 830 -4.38 34.02 31.68
CA ALA B 830 -3.72 33.00 30.88
C ALA B 830 -4.31 31.61 31.08
N ARG B 831 -5.54 31.52 31.60
CA ARG B 831 -6.33 30.29 31.63
C ARG B 831 -5.78 29.26 32.61
N ASP B 832 -4.62 29.54 33.19
CA ASP B 832 -3.94 28.62 34.12
C ASP B 832 -3.71 27.29 33.40
N LEU B 833 -3.63 26.19 34.15
CA LEU B 833 -3.40 24.88 33.59
C LEU B 833 -4.53 23.89 33.86
N ILE B 834 -5.22 24.01 34.99
CA ILE B 834 -6.22 23.02 35.37
C ILE B 834 -7.41 23.03 34.40
N CYS B 835 -7.87 24.21 34.01
CA CYS B 835 -8.99 24.28 33.08
C CYS B 835 -8.63 23.65 31.73
N ALA B 836 -7.42 23.91 31.24
CA ALA B 836 -6.99 23.30 29.98
C ALA B 836 -6.93 21.78 30.10
N GLN B 837 -6.39 21.26 31.19
CA GLN B 837 -6.36 19.82 31.40
C GLN B 837 -7.77 19.24 31.47
N LYS B 838 -8.71 20.00 32.03
CA LYS B 838 -10.10 19.55 32.06
C LYS B 838 -10.71 19.55 30.66
N PHE B 839 -10.28 20.47 29.81
CA PHE B 839 -10.89 20.60 28.49
C PHE B 839 -10.32 19.62 27.46
N LYS B 840 -9.42 18.74 27.87
CA LYS B 840 -8.93 17.67 27.01
C LYS B 840 -9.57 16.33 27.33
N GLY B 841 -10.66 16.33 28.10
CA GLY B 841 -11.32 15.10 28.49
C GLY B 841 -10.80 14.48 29.78
N LEU B 842 -9.93 15.18 30.50
CA LEU B 842 -9.35 14.68 31.75
C LEU B 842 -9.93 15.49 32.89
N THR B 843 -10.91 14.93 33.58
CA THR B 843 -11.57 15.60 34.69
C THR B 843 -11.02 15.11 36.02
N VAL B 844 -11.44 15.78 37.08
CA VAL B 844 -11.09 15.43 38.45
C VAL B 844 -12.35 15.46 39.30
N LEU B 845 -12.56 14.43 40.08
CA LEU B 845 -13.77 14.47 40.89
C LEU B 845 -13.46 15.02 42.28
N PRO B 846 -14.42 15.71 42.91
CA PRO B 846 -14.20 16.18 44.27
C PRO B 846 -14.18 15.02 45.25
N PRO B 847 -13.42 15.12 46.33
CA PRO B 847 -13.41 14.05 47.33
C PRO B 847 -14.73 13.99 48.08
N LEU B 848 -15.01 12.80 48.61
CA LEU B 848 -16.25 12.59 49.34
C LEU B 848 -16.29 13.44 50.62
N LEU B 849 -15.19 13.42 51.37
CA LEU B 849 -15.12 14.14 52.64
C LEU B 849 -14.49 15.51 52.40
N THR B 850 -15.16 16.56 52.86
CA THR B 850 -14.61 17.90 52.79
C THR B 850 -13.64 18.13 53.94
N ASP B 851 -13.02 19.31 53.95
CA ASP B 851 -11.96 19.59 54.91
C ASP B 851 -12.52 19.84 56.32
N GLU B 852 -13.62 20.60 56.41
CA GLU B 852 -14.12 21.00 57.72
C GLU B 852 -14.61 19.81 58.53
N MET B 853 -15.24 18.84 57.89
CA MET B 853 -15.67 17.64 58.63
C MET B 853 -14.49 16.82 59.09
N ILE B 854 -13.41 16.79 58.29
CA ILE B 854 -12.18 16.13 58.73
C ILE B 854 -11.63 16.85 59.96
N ALA B 855 -11.65 18.18 59.95
CA ALA B 855 -11.20 18.94 61.11
C ALA B 855 -12.07 18.62 62.32
N GLN B 856 -13.38 18.46 62.11
CA GLN B 856 -14.25 18.09 63.21
C GLN B 856 -13.89 16.72 63.78
N TYR B 857 -13.58 15.76 62.90
CA TYR B 857 -13.15 14.44 63.37
C TYR B 857 -11.87 14.53 64.19
N THR B 858 -10.91 15.32 63.70
CA THR B 858 -9.65 15.47 64.43
C THR B 858 -9.87 16.12 65.79
N SER B 859 -10.74 17.14 65.83
CA SER B 859 -11.07 17.77 67.11
C SER B 859 -11.73 16.78 68.07
N ALA B 860 -12.62 15.94 67.55
CA ALA B 860 -13.25 14.93 68.38
C ALA B 860 -12.22 13.97 68.95
N LEU B 861 -11.30 13.50 68.11
CA LEU B 861 -10.24 12.61 68.59
C LEU B 861 -9.40 13.27 69.66
N LEU B 862 -9.02 14.53 69.45
CA LEU B 862 -8.17 15.22 70.42
C LEU B 862 -8.90 15.42 71.74
N ALA B 863 -10.18 15.80 71.69
CA ALA B 863 -10.95 15.96 72.92
C ALA B 863 -11.09 14.64 73.66
N GLY B 864 -11.36 13.55 72.92
CA GLY B 864 -11.48 12.26 73.56
C GLY B 864 -10.19 11.82 74.22
N THR B 865 -9.06 12.05 73.57
CA THR B 865 -7.79 11.64 74.15
C THR B 865 -7.31 12.58 75.24
N ILE B 866 -7.83 13.79 75.32
CA ILE B 866 -7.42 14.70 76.39
C ILE B 866 -8.29 14.57 77.64
N THR B 867 -9.57 14.25 77.49
CA THR B 867 -10.47 14.33 78.62
C THR B 867 -10.79 13.00 79.29
N SER B 868 -10.64 11.88 78.59
CA SER B 868 -11.08 10.60 79.13
C SER B 868 -10.04 9.50 78.96
N GLY B 869 -8.76 9.88 78.88
CA GLY B 869 -7.72 8.88 78.73
C GLY B 869 -7.88 8.08 77.46
N TRP B 870 -7.73 6.76 77.57
CA TRP B 870 -7.91 5.86 76.45
C TRP B 870 -9.14 4.99 76.60
N THR B 871 -9.96 5.23 77.62
CA THR B 871 -11.14 4.40 77.84
C THR B 871 -12.12 4.47 76.68
N PHE B 872 -12.24 5.64 76.05
CA PHE B 872 -13.17 5.78 74.93
C PHE B 872 -12.77 4.92 73.73
N GLY B 873 -11.54 4.40 73.72
CA GLY B 873 -11.18 3.42 72.69
C GLY B 873 -11.88 2.10 72.87
N ALA B 874 -12.24 1.76 74.11
CA ALA B 874 -12.93 0.50 74.41
C ALA B 874 -14.44 0.67 74.37
N GLY B 875 -14.97 1.60 75.16
CA GLY B 875 -16.40 1.87 75.17
C GLY B 875 -16.72 3.34 75.31
N ALA B 876 -17.69 3.65 76.18
CA ALA B 876 -18.04 5.04 76.40
C ALA B 876 -16.94 5.76 77.17
N ALA B 877 -16.72 7.03 76.83
CA ALA B 877 -15.68 7.81 77.48
C ALA B 877 -16.01 8.00 78.96
N LEU B 878 -15.00 7.82 79.81
CA LEU B 878 -15.13 8.01 81.25
C LEU B 878 -14.08 9.02 81.70
N GLN B 879 -14.53 10.13 82.28
CA GLN B 879 -13.64 11.24 82.55
C GLN B 879 -12.65 10.89 83.66
N ILE B 880 -11.41 11.35 83.47
CA ILE B 880 -10.36 11.26 84.48
C ILE B 880 -9.59 12.57 84.47
N PRO B 881 -9.33 13.19 85.61
CA PRO B 881 -8.45 14.36 85.63
C PRO B 881 -7.10 14.07 85.03
N PHE B 882 -6.56 15.06 84.32
CA PHE B 882 -5.41 14.86 83.45
C PHE B 882 -4.18 14.40 84.23
N ALA B 883 -3.97 14.96 85.42
CA ALA B 883 -2.76 14.68 86.18
C ALA B 883 -2.64 13.19 86.49
N MET B 884 -3.72 12.56 86.95
CA MET B 884 -3.62 11.14 87.24
C MET B 884 -3.54 10.30 85.97
N GLN B 885 -4.02 10.80 84.83
CA GLN B 885 -3.76 10.12 83.58
C GLN B 885 -2.27 10.11 83.26
N MET B 886 -1.60 11.25 83.48
CA MET B 886 -0.16 11.28 83.31
C MET B 886 0.54 10.35 84.29
N ALA B 887 0.03 10.27 85.53
CA ALA B 887 0.57 9.34 86.49
C ALA B 887 0.45 7.90 86.00
N TYR B 888 -0.71 7.57 85.42
CA TYR B 888 -0.90 6.25 84.85
C TYR B 888 0.11 5.97 83.74
N ARG B 889 0.33 6.95 82.87
CA ARG B 889 1.24 6.75 81.75
C ARG B 889 2.68 6.56 82.23
N PHE B 890 3.11 7.32 83.22
CA PHE B 890 4.42 7.07 83.81
C PHE B 890 4.48 5.70 84.46
N ASN B 891 3.41 5.29 85.16
CA ASN B 891 3.38 3.94 85.71
C ASN B 891 3.51 2.90 84.61
N GLY B 892 3.07 3.22 83.41
CA GLY B 892 3.26 2.30 82.30
C GLY B 892 4.72 2.08 81.97
N ILE B 893 5.48 3.15 81.83
CA ILE B 893 6.91 3.05 81.48
C ILE B 893 7.69 3.06 82.80
N GLY B 894 7.72 1.90 83.44
CA GLY B 894 8.70 1.57 84.47
C GLY B 894 9.07 2.61 85.51
N VAL B 895 8.20 3.58 85.78
CA VAL B 895 8.48 4.62 86.76
C VAL B 895 7.24 4.85 87.61
N THR B 896 7.44 5.04 88.90
CA THR B 896 6.33 5.17 89.84
C THR B 896 5.80 6.61 89.84
N GLN B 897 4.52 6.75 90.19
CA GLN B 897 3.83 8.03 90.10
C GLN B 897 4.49 9.12 90.93
N ASN B 898 5.23 8.76 91.99
CA ASN B 898 5.76 9.77 92.90
C ASN B 898 6.70 10.73 92.20
N VAL B 899 7.25 10.36 91.04
CA VAL B 899 8.16 11.28 90.34
C VAL B 899 7.38 12.40 89.69
N LEU B 900 6.13 12.15 89.30
CA LEU B 900 5.36 13.16 88.57
C LEU B 900 4.70 14.14 89.51
N TYR B 901 4.03 13.63 90.54
CA TYR B 901 3.27 14.50 91.43
C TYR B 901 4.16 15.49 92.15
N GLU B 902 5.45 15.22 92.26
CA GLU B 902 6.38 16.10 92.94
C GLU B 902 7.10 17.06 92.00
N ASN B 903 6.90 16.95 90.69
CA ASN B 903 7.58 17.80 89.72
C ASN B 903 6.62 18.25 88.62
N GLN B 904 5.38 18.54 88.99
CA GLN B 904 4.37 18.87 87.98
C GLN B 904 4.72 20.16 87.24
N LYS B 905 5.18 21.18 87.97
CA LYS B 905 5.45 22.47 87.35
C LYS B 905 6.54 22.37 86.29
N LEU B 906 7.59 21.58 86.57
CA LEU B 906 8.64 21.38 85.60
C LEU B 906 8.10 20.71 84.34
N ILE B 907 7.23 19.72 84.50
CA ILE B 907 6.63 19.07 83.35
C ILE B 907 5.82 20.06 82.53
N ALA B 908 5.02 20.89 83.20
CA ALA B 908 4.23 21.88 82.48
C ALA B 908 5.11 22.83 81.69
N ASN B 909 6.17 23.33 82.32
CA ASN B 909 7.06 24.27 81.64
C ASN B 909 7.73 23.62 80.45
N GLN B 910 8.24 22.40 80.61
CA GLN B 910 8.90 21.72 79.50
C GLN B 910 7.93 21.45 78.36
N PHE B 911 6.70 21.05 78.69
CA PHE B 911 5.70 20.80 77.65
C PHE B 911 5.39 22.07 76.86
N ASN B 912 5.17 23.17 77.57
CA ASN B 912 4.85 24.42 76.89
C ASN B 912 6.02 24.90 76.03
N SER B 913 7.24 24.79 76.55
CA SER B 913 8.41 25.19 75.78
C SER B 913 8.55 24.33 74.53
N ALA B 914 8.31 23.02 74.65
CA ALA B 914 8.38 22.14 73.49
C ALA B 914 7.33 22.53 72.45
N ILE B 915 6.12 22.85 72.89
CA ILE B 915 5.07 23.23 71.94
C ILE B 915 5.45 24.52 71.21
N GLY B 916 5.95 25.51 71.95
CA GLY B 916 6.40 26.73 71.29
C GLY B 916 7.53 26.46 70.31
N LYS B 917 8.48 25.62 70.69
CA LYS B 917 9.61 25.32 69.82
C LYS B 917 9.17 24.62 68.55
N ILE B 918 8.23 23.68 68.65
CA ILE B 918 7.79 23.00 67.43
C ILE B 918 6.99 23.96 66.56
N GLN B 919 6.21 24.85 67.17
CA GLN B 919 5.55 25.90 66.39
C GLN B 919 6.56 26.69 65.57
N ASP B 920 7.61 27.20 66.24
CA ASP B 920 8.59 28.02 65.55
C ASP B 920 9.33 27.22 64.48
N SER B 921 9.72 25.98 64.81
CA SER B 921 10.49 25.17 63.87
C SER B 921 9.69 24.87 62.62
N LEU B 922 8.41 24.50 62.78
CA LEU B 922 7.60 24.21 61.60
C LEU B 922 7.31 25.47 60.80
N SER B 923 7.07 26.60 61.48
CA SER B 923 6.81 27.83 60.75
C SER B 923 8.04 28.26 59.94
N SER B 924 9.24 28.02 60.46
CA SER B 924 10.46 28.44 59.79
C SER B 924 10.71 27.67 58.49
N THR B 925 10.87 26.36 58.58
CA THR B 925 11.23 25.56 57.41
C THR B 925 10.03 25.42 56.47
N ALA B 926 10.26 25.72 55.19
CA ALA B 926 9.23 25.61 54.17
C ALA B 926 9.38 24.35 53.32
N SER B 927 10.31 23.46 53.66
CA SER B 927 10.55 22.26 52.87
C SER B 927 10.61 21.02 53.76
N ALA B 928 9.93 21.06 54.91
CA ALA B 928 9.93 19.94 55.82
C ALA B 928 8.88 18.88 55.48
N LEU B 929 7.95 19.19 54.57
CA LEU B 929 6.90 18.21 54.26
C LEU B 929 7.38 17.18 53.25
N GLY B 930 7.72 17.62 52.05
CA GLY B 930 8.31 16.73 51.06
C GLY B 930 7.35 15.74 50.44
N LYS B 931 6.86 14.80 51.25
CA LYS B 931 6.12 13.66 50.73
C LYS B 931 4.86 14.10 50.00
N LEU B 932 4.08 15.00 50.61
CA LEU B 932 2.86 15.48 49.97
C LEU B 932 3.17 16.20 48.67
N GLN B 933 4.19 17.04 48.67
CA GLN B 933 4.64 17.68 47.44
C GLN B 933 5.08 16.64 46.43
N ASP B 934 5.71 15.56 46.88
CA ASP B 934 6.13 14.50 45.99
C ASP B 934 4.93 13.86 45.30
N VAL B 935 3.87 13.57 46.06
CA VAL B 935 2.68 12.95 45.47
C VAL B 935 2.03 13.89 44.47
N VAL B 936 1.88 15.15 44.84
CA VAL B 936 1.25 16.12 43.95
C VAL B 936 2.05 16.27 42.66
N ASN B 937 3.37 16.39 42.79
CA ASN B 937 4.22 16.53 41.61
C ASN B 937 4.16 15.28 40.74
N HIS B 938 4.10 14.10 41.36
CA HIS B 938 4.00 12.87 40.58
C HIS B 938 2.73 12.84 39.75
N ASN B 939 1.60 13.16 40.38
CA ASN B 939 0.34 13.16 39.63
C ASN B 939 0.36 14.22 38.53
N ALA B 940 0.89 15.39 38.84
CA ALA B 940 0.96 16.46 37.83
C ALA B 940 1.84 16.03 36.66
N GLN B 941 2.97 15.37 36.95
CA GLN B 941 3.86 14.92 35.89
C GLN B 941 3.18 13.87 35.02
N ALA B 942 2.45 12.94 35.63
CA ALA B 942 1.74 11.94 34.84
C ALA B 942 0.74 12.60 33.90
N LEU B 943 -0.07 13.52 34.43
CA LEU B 943 -1.05 14.20 33.59
C LEU B 943 -0.37 15.01 32.49
N ASN B 944 0.73 15.69 32.82
CA ASN B 944 1.43 16.50 31.83
C ASN B 944 2.03 15.65 30.73
N THR B 945 2.61 14.49 31.09
CA THR B 945 3.13 13.59 30.07
C THR B 945 2.00 13.10 29.16
N LEU B 946 0.86 12.76 29.74
CA LEU B 946 -0.27 12.32 28.91
C LEU B 946 -0.70 13.41 27.95
N VAL B 947 -0.83 14.65 28.45
CA VAL B 947 -1.33 15.71 27.58
C VAL B 947 -0.30 16.09 26.53
N LYS B 948 0.99 16.00 26.86
CA LYS B 948 2.02 16.27 25.86
C LYS B 948 2.09 15.18 24.80
N GLN B 949 1.74 13.94 25.17
CA GLN B 949 1.80 12.85 24.21
C GLN B 949 0.80 13.03 23.06
N LEU B 950 -0.16 13.94 23.21
CA LEU B 950 -1.19 14.13 22.20
C LEU B 950 -0.61 14.57 20.87
N SER B 951 0.54 15.26 20.88
CA SER B 951 1.12 15.83 19.67
C SER B 951 2.17 14.92 19.05
N SER B 952 2.01 13.61 19.18
CA SER B 952 2.92 12.66 18.54
C SER B 952 2.50 12.40 17.11
N LYS B 953 3.49 12.23 16.23
CA LYS B 953 3.19 11.87 14.84
C LYS B 953 2.83 10.41 14.70
N PHE B 954 3.35 9.55 15.59
CA PHE B 954 3.11 8.11 15.54
C PHE B 954 3.46 7.53 14.18
N GLY B 955 4.56 8.03 13.60
CA GLY B 955 4.96 7.59 12.27
C GLY B 955 3.98 7.92 11.18
N ALA B 956 3.19 8.99 11.36
CA ALA B 956 2.18 9.39 10.38
C ALA B 956 2.46 10.82 9.93
N ILE B 957 1.52 11.36 9.15
CA ILE B 957 1.70 12.69 8.57
C ILE B 957 1.76 13.75 9.66
N SER B 958 0.81 13.71 10.59
CA SER B 958 0.72 14.74 11.62
C SER B 958 -0.15 14.22 12.76
N SER B 959 -0.38 15.08 13.74
CA SER B 959 -1.28 14.81 14.85
C SER B 959 -2.64 15.46 14.66
N VAL B 960 -2.89 16.03 13.49
CA VAL B 960 -4.16 16.70 13.19
C VAL B 960 -5.13 15.67 12.62
N LEU B 961 -6.39 15.77 13.00
CA LEU B 961 -7.42 14.83 12.57
C LEU B 961 -8.13 15.29 11.30
N ASN B 962 -8.67 16.51 11.31
CA ASN B 962 -9.49 16.98 10.21
C ASN B 962 -8.69 17.05 8.90
N ASP B 963 -7.46 17.55 8.97
CA ASP B 963 -6.64 17.65 7.77
C ASP B 963 -6.36 16.27 7.19
N ILE B 964 -6.00 15.31 8.05
CA ILE B 964 -5.70 13.97 7.59
C ILE B 964 -6.92 13.33 6.95
N PHE B 965 -8.09 13.51 7.57
CA PHE B 965 -9.31 12.92 7.01
C PHE B 965 -9.67 13.55 5.68
N SER B 966 -9.72 14.89 5.62
CA SER B 966 -10.23 15.57 4.44
C SER B 966 -9.26 15.44 3.27
N ARG B 967 -7.97 15.67 3.52
CA ARG B 967 -6.99 15.68 2.43
C ARG B 967 -6.89 14.32 1.76
N LEU B 968 -6.87 13.25 2.54
CA LEU B 968 -6.64 11.91 2.01
C LEU B 968 -7.94 11.34 1.45
N ASP B 969 -7.91 10.06 1.10
CA ASP B 969 -8.99 9.26 0.56
C ASP B 969 -9.22 8.05 1.47
N PRO B 970 -10.44 7.53 1.59
CA PRO B 970 -10.77 6.59 2.68
C PRO B 970 -9.82 5.39 2.77
N PRO B 971 -9.41 4.78 1.65
CA PRO B 971 -8.52 3.60 1.80
C PRO B 971 -7.23 3.86 2.57
N GLU B 972 -6.62 5.03 2.41
CA GLU B 972 -5.42 5.37 3.18
C GLU B 972 -5.73 6.18 4.43
N ALA B 973 -6.82 6.95 4.42
CA ALA B 973 -7.26 7.64 5.61
C ALA B 973 -7.54 6.66 6.74
N GLU B 974 -8.16 5.51 6.41
CA GLU B 974 -8.44 4.51 7.43
C GLU B 974 -7.14 3.95 8.01
N VAL B 975 -6.12 3.75 7.17
CA VAL B 975 -4.84 3.26 7.68
C VAL B 975 -4.23 4.27 8.66
N GLN B 976 -4.21 5.54 8.25
CA GLN B 976 -3.60 6.56 9.11
C GLN B 976 -4.36 6.70 10.43
N ILE B 977 -5.70 6.71 10.36
CA ILE B 977 -6.50 6.80 11.57
C ILE B 977 -6.26 5.58 12.45
N ASP B 978 -6.14 4.40 11.84
CA ASP B 978 -5.87 3.19 12.60
C ASP B 978 -4.56 3.32 13.39
N ARG B 979 -3.51 3.80 12.72
CA ARG B 979 -2.23 3.95 13.40
C ARG B 979 -2.31 4.95 14.54
N LEU B 980 -2.96 6.09 14.32
CA LEU B 980 -3.12 7.08 15.38
C LEU B 980 -3.88 6.50 16.57
N ILE B 981 -4.99 5.81 16.30
CA ILE B 981 -5.82 5.27 17.37
C ILE B 981 -5.03 4.25 18.18
N THR B 982 -4.31 3.36 17.49
CA THR B 982 -3.54 2.35 18.21
C THR B 982 -2.48 3.00 19.10
N GLY B 983 -1.75 3.99 18.57
CA GLY B 983 -0.74 4.65 19.38
C GLY B 983 -1.33 5.31 20.61
N ARG B 984 -2.42 6.05 20.43
CA ARG B 984 -2.99 6.79 21.55
C ARG B 984 -3.60 5.86 22.58
N LEU B 985 -4.23 4.77 22.13
CA LEU B 985 -4.71 3.76 23.07
C LEU B 985 -3.59 3.15 23.88
N GLN B 986 -2.46 2.85 23.22
CA GLN B 986 -1.33 2.28 23.96
C GLN B 986 -0.81 3.25 25.01
N SER B 987 -0.68 4.53 24.65
CA SER B 987 -0.21 5.51 25.63
C SER B 987 -1.18 5.64 26.81
N LEU B 988 -2.48 5.68 26.51
CA LEU B 988 -3.47 5.78 27.58
C LEU B 988 -3.42 4.56 28.49
N GLN B 989 -3.22 3.37 27.90
CA GLN B 989 -3.10 2.16 28.70
C GLN B 989 -1.89 2.23 29.62
N THR B 990 -0.76 2.72 29.12
CA THR B 990 0.42 2.86 29.96
C THR B 990 0.16 3.80 31.14
N TYR B 991 -0.50 4.93 30.86
CA TYR B 991 -0.83 5.85 31.95
C TYR B 991 -1.73 5.19 32.99
N VAL B 992 -2.75 4.45 32.53
CA VAL B 992 -3.67 3.79 33.45
C VAL B 992 -2.92 2.80 34.33
N THR B 993 -2.02 2.03 33.72
CA THR B 993 -1.23 1.07 34.49
C THR B 993 -0.40 1.78 35.55
N GLN B 994 0.25 2.88 35.18
CA GLN B 994 1.10 3.58 36.14
C GLN B 994 0.28 4.11 37.31
N GLN B 995 -0.89 4.69 37.03
CA GLN B 995 -1.76 5.16 38.11
C GLN B 995 -2.19 4.01 39.02
N LEU B 996 -2.56 2.87 38.42
CA LEU B 996 -2.87 1.69 39.20
C LEU B 996 -1.73 1.31 40.12
N ILE B 997 -0.49 1.44 39.63
CA ILE B 997 0.67 1.07 40.44
C ILE B 997 0.78 2.00 41.64
N ARG B 998 0.69 3.31 41.41
CA ARG B 998 0.86 4.25 42.52
C ARG B 998 -0.24 4.09 43.55
N ALA B 999 -1.43 3.67 43.12
CA ALA B 999 -2.54 3.47 44.05
C ALA B 999 -2.18 2.48 45.15
N ALA B 1000 -1.50 1.39 44.80
CA ALA B 1000 -1.17 0.37 45.79
C ALA B 1000 -0.20 0.89 46.84
N GLU B 1001 0.80 1.66 46.41
CA GLU B 1001 1.73 2.25 47.38
C GLU B 1001 1.00 3.17 48.33
N ILE B 1002 0.11 4.02 47.81
CA ILE B 1002 -0.66 4.89 48.69
C ILE B 1002 -1.52 4.08 49.64
N ARG B 1003 -2.09 2.96 49.15
CA ARG B 1003 -2.90 2.09 49.99
C ARG B 1003 -2.10 1.55 51.16
N ALA B 1004 -0.88 1.05 50.88
CA ALA B 1004 -0.05 0.50 51.94
C ALA B 1004 0.29 1.57 52.97
N SER B 1005 0.67 2.76 52.50
CA SER B 1005 0.99 3.84 53.42
C SER B 1005 -0.20 4.20 54.28
N ALA B 1006 -1.40 4.24 53.68
CA ALA B 1006 -2.61 4.57 54.43
C ALA B 1006 -2.91 3.52 55.49
N ASN B 1007 -2.75 2.24 55.15
CA ASN B 1007 -2.99 1.19 56.14
C ASN B 1007 -2.03 1.32 57.32
N LEU B 1008 -0.75 1.56 57.04
CA LEU B 1008 0.22 1.74 58.12
C LEU B 1008 -0.14 2.95 58.97
N ALA B 1009 -0.58 4.04 58.33
CA ALA B 1009 -0.98 5.24 59.07
C ALA B 1009 -2.16 4.94 59.96
N ALA B 1010 -3.14 4.19 59.47
CA ALA B 1010 -4.29 3.83 60.28
C ALA B 1010 -3.87 3.01 61.50
N THR B 1011 -2.97 2.04 61.29
CA THR B 1011 -2.50 1.24 62.42
C THR B 1011 -1.80 2.12 63.46
N LYS B 1012 -0.94 3.03 63.00
CA LYS B 1012 -0.25 3.91 63.93
C LYS B 1012 -1.22 4.81 64.68
N MET B 1013 -2.22 5.34 63.98
CA MET B 1013 -3.21 6.20 64.63
C MET B 1013 -4.00 5.44 65.67
N SER B 1014 -4.34 4.18 65.37
CA SER B 1014 -5.10 3.37 66.32
C SER B 1014 -4.28 2.99 67.54
N GLU B 1015 -2.98 2.75 67.36
CA GLU B 1015 -2.18 2.27 68.49
C GLU B 1015 -1.61 3.42 69.32
N CYS B 1016 -0.86 4.33 68.70
CA CYS B 1016 -0.16 5.37 69.46
C CYS B 1016 -1.14 6.31 70.15
N VAL B 1017 -2.24 6.68 69.50
CA VAL B 1017 -3.17 7.64 70.07
C VAL B 1017 -4.07 6.98 71.11
N LEU B 1018 -4.82 5.97 70.70
CA LEU B 1018 -5.83 5.35 71.55
C LEU B 1018 -5.23 4.44 72.60
N GLY B 1019 -3.92 4.42 72.77
CA GLY B 1019 -3.29 3.59 73.77
C GLY B 1019 -1.92 4.11 74.12
N GLN B 1020 -1.04 3.20 74.51
CA GLN B 1020 0.34 3.56 74.86
C GLN B 1020 1.23 2.39 74.42
N SER B 1021 1.81 2.52 73.23
CA SER B 1021 2.51 1.40 72.62
C SER B 1021 3.80 1.07 73.36
N LYS B 1022 4.07 -0.23 73.50
CA LYS B 1022 5.32 -0.72 74.05
C LYS B 1022 6.36 -1.02 72.99
N ARG B 1023 6.04 -0.81 71.71
CA ARG B 1023 6.98 -1.08 70.62
C ARG B 1023 7.93 0.10 70.49
N VAL B 1024 9.21 -0.14 70.78
CA VAL B 1024 10.19 0.93 70.74
C VAL B 1024 10.36 1.42 69.30
N ASP B 1025 10.56 2.73 69.16
CA ASP B 1025 10.74 3.37 67.86
C ASP B 1025 9.61 3.03 66.90
N PHE B 1026 8.38 3.06 67.42
CA PHE B 1026 7.19 2.90 66.60
C PHE B 1026 6.23 4.07 66.66
N CYS B 1027 6.27 4.86 67.73
CA CYS B 1027 5.53 6.11 67.86
C CYS B 1027 6.44 7.21 68.39
N GLY B 1028 7.61 7.32 67.82
CA GLY B 1028 8.58 8.34 68.20
C GLY B 1028 9.74 7.74 68.97
N LYS B 1029 10.87 8.47 68.94
CA LYS B 1029 12.07 8.01 69.60
C LYS B 1029 11.94 8.13 71.11
N GLY B 1030 12.52 7.17 71.83
CA GLY B 1030 12.43 7.13 73.28
C GLY B 1030 11.15 6.49 73.75
N TYR B 1031 11.05 6.35 75.08
CA TYR B 1031 9.82 5.84 75.67
C TYR B 1031 8.65 6.76 75.33
N HIS B 1032 7.52 6.16 75.01
CA HIS B 1032 6.38 6.89 74.45
C HIS B 1032 5.36 7.21 75.53
N LEU B 1033 4.80 8.41 75.46
CA LEU B 1033 3.78 8.86 76.40
C LEU B 1033 2.42 9.06 75.74
N MET B 1034 2.35 9.86 74.69
CA MET B 1034 1.09 10.02 73.96
C MET B 1034 1.35 10.64 72.61
N SER B 1035 0.27 10.90 71.88
CA SER B 1035 0.35 11.48 70.55
C SER B 1035 -0.95 12.18 70.24
N PHE B 1036 -0.85 13.25 69.45
CA PHE B 1036 -2.00 13.97 68.95
C PHE B 1036 -1.99 14.01 67.44
N PRO B 1037 -3.14 13.84 66.80
CA PRO B 1037 -3.21 13.94 65.35
C PRO B 1037 -3.60 15.34 64.90
N GLN B 1038 -3.23 15.66 63.65
CA GLN B 1038 -3.63 16.89 63.01
C GLN B 1038 -3.82 16.62 61.53
N SER B 1039 -4.76 17.35 60.93
CA SER B 1039 -5.07 17.13 59.52
C SER B 1039 -4.07 17.86 58.64
N ALA B 1040 -4.04 17.47 57.36
CA ALA B 1040 -3.22 18.13 56.37
C ALA B 1040 -3.86 17.90 55.01
N PRO B 1041 -3.66 18.80 54.04
CA PRO B 1041 -4.50 18.77 52.82
C PRO B 1041 -4.62 17.41 52.17
N HIS B 1042 -3.61 16.56 52.27
CA HIS B 1042 -3.72 15.21 51.73
C HIS B 1042 -3.13 14.17 52.66
N GLY B 1043 -3.23 14.37 53.97
CA GLY B 1043 -2.66 13.40 54.88
C GLY B 1043 -2.83 13.81 56.33
N VAL B 1044 -2.06 13.14 57.19
CA VAL B 1044 -2.13 13.35 58.62
C VAL B 1044 -0.74 13.66 59.15
N VAL B 1045 -0.69 14.37 60.28
CA VAL B 1045 0.55 14.71 60.95
C VAL B 1045 0.40 14.36 62.41
N PHE B 1046 1.32 13.53 62.91
CA PHE B 1046 1.30 13.12 64.31
C PHE B 1046 2.34 13.90 65.09
N LEU B 1047 1.91 14.39 66.26
CA LEU B 1047 2.81 14.93 67.27
C LEU B 1047 2.97 13.89 68.36
N HIS B 1048 4.19 13.42 68.56
CA HIS B 1048 4.49 12.45 69.58
C HIS B 1048 5.11 13.15 70.78
N VAL B 1049 4.56 12.90 71.96
CA VAL B 1049 5.09 13.43 73.21
C VAL B 1049 5.68 12.24 73.97
N THR B 1050 6.98 12.32 74.26
CA THR B 1050 7.75 11.18 74.73
C THR B 1050 8.58 11.52 75.96
N TYR B 1051 9.47 10.61 76.34
CA TYR B 1051 10.27 10.69 77.54
C TYR B 1051 11.72 10.41 77.19
N VAL B 1052 12.64 11.22 77.69
CA VAL B 1052 14.05 11.00 77.40
C VAL B 1052 14.90 11.23 78.65
N PRO B 1053 15.57 10.22 79.17
CA PRO B 1053 16.44 10.43 80.35
C PRO B 1053 17.70 11.18 79.97
N ALA B 1054 18.36 11.71 81.00
CA ALA B 1054 19.62 12.45 80.85
C ALA B 1054 20.23 12.67 82.23
N GLN B 1055 21.42 13.24 82.23
CA GLN B 1055 22.18 13.51 83.46
C GLN B 1055 22.44 12.23 84.24
N GLU B 1056 23.18 11.32 83.63
CA GLU B 1056 23.47 10.05 84.26
C GLU B 1056 24.61 10.19 85.26
N LYS B 1057 24.73 9.18 86.13
CA LYS B 1057 25.78 9.15 87.14
C LYS B 1057 26.31 7.74 87.28
N ASN B 1058 27.58 7.64 87.66
CA ASN B 1058 28.27 6.37 87.84
C ASN B 1058 28.04 5.81 89.24
N PHE B 1059 27.96 4.49 89.34
CA PHE B 1059 27.86 3.80 90.61
C PHE B 1059 28.44 2.40 90.46
N THR B 1060 28.71 1.78 91.59
CA THR B 1060 29.18 0.40 91.64
C THR B 1060 28.08 -0.49 92.20
N THR B 1061 28.01 -1.72 91.67
CA THR B 1061 26.86 -2.57 91.95
C THR B 1061 27.26 -4.00 92.33
N ALA B 1062 26.25 -4.86 92.48
CA ALA B 1062 26.39 -6.28 92.81
C ALA B 1062 25.06 -6.98 92.60
N PRO B 1063 25.06 -8.28 92.28
CA PRO B 1063 23.77 -8.95 92.01
C PRO B 1063 22.92 -9.17 93.25
N ALA B 1064 23.53 -9.53 94.38
CA ALA B 1064 22.76 -9.95 95.54
C ALA B 1064 23.56 -9.65 96.80
N ILE B 1065 22.88 -9.73 97.94
CA ILE B 1065 23.55 -9.58 99.24
C ILE B 1065 23.26 -10.80 100.10
N CYS B 1066 24.32 -11.40 100.64
CA CYS B 1066 24.19 -12.53 101.56
C CYS B 1066 24.17 -12.02 102.98
N HIS B 1067 23.13 -12.39 103.72
CA HIS B 1067 23.01 -12.04 105.13
C HIS B 1067 22.58 -13.29 105.89
N ASP B 1068 23.32 -13.62 106.94
CA ASP B 1068 23.05 -14.80 107.77
C ASP B 1068 22.97 -16.07 106.92
N GLY B 1069 23.82 -16.14 105.91
CA GLY B 1069 23.86 -17.30 105.04
C GLY B 1069 22.72 -17.39 104.04
N LYS B 1070 21.89 -16.37 103.92
CA LYS B 1070 20.79 -16.36 102.96
C LYS B 1070 21.01 -15.27 101.94
N ALA B 1071 20.87 -15.61 100.67
CA ALA B 1071 20.98 -14.60 99.62
C ALA B 1071 19.74 -13.71 99.62
N HIS B 1072 19.89 -12.52 99.06
CA HIS B 1072 18.77 -11.60 98.91
C HIS B 1072 18.90 -10.87 97.59
N PHE B 1073 17.77 -10.83 96.87
CA PHE B 1073 17.55 -10.30 95.53
C PHE B 1073 16.53 -9.16 95.59
N PRO B 1074 16.62 -8.20 94.67
CA PRO B 1074 15.71 -7.06 94.70
C PRO B 1074 14.29 -7.45 94.37
N ARG B 1075 13.34 -6.60 94.79
CA ARG B 1075 11.96 -6.76 94.37
C ARG B 1075 11.80 -6.35 92.90
N GLU B 1076 12.09 -5.09 92.59
CA GLU B 1076 12.07 -4.65 91.19
C GLU B 1076 13.27 -3.81 90.79
N GLY B 1077 13.97 -3.14 91.71
CA GLY B 1077 15.07 -2.27 91.37
C GLY B 1077 16.38 -2.99 91.30
N VAL B 1078 17.47 -2.24 91.51
CA VAL B 1078 18.81 -2.80 91.54
C VAL B 1078 19.54 -2.25 92.76
N PHE B 1079 20.61 -2.95 93.13
CA PHE B 1079 21.48 -2.54 94.23
C PHE B 1079 22.54 -1.59 93.71
N VAL B 1080 22.73 -0.48 94.41
CA VAL B 1080 23.75 0.51 94.07
C VAL B 1080 24.41 0.99 95.35
N SER B 1081 25.48 1.75 95.19
CA SER B 1081 26.24 2.25 96.32
C SER B 1081 27.20 3.35 95.87
N ASN B 1082 27.18 4.49 96.55
CA ASN B 1082 28.14 5.54 96.24
C ASN B 1082 29.51 5.26 96.83
N GLY B 1083 29.72 4.06 97.38
CA GLY B 1083 31.00 3.64 97.92
C GLY B 1083 30.94 3.13 99.35
N THR B 1084 30.00 3.64 100.14
CA THR B 1084 29.92 3.30 101.56
C THR B 1084 28.66 2.52 101.90
N HIS B 1085 27.48 3.05 101.59
CA HIS B 1085 26.22 2.40 101.93
C HIS B 1085 25.54 1.87 100.68
N TRP B 1086 24.67 0.89 100.88
CA TRP B 1086 24.00 0.19 99.79
C TRP B 1086 22.53 0.58 99.77
N PHE B 1087 21.94 0.60 98.57
CA PHE B 1087 20.55 1.01 98.42
C PHE B 1087 19.92 0.25 97.26
N VAL B 1088 18.59 0.14 97.31
CA VAL B 1088 17.79 -0.33 96.19
C VAL B 1088 17.20 0.89 95.49
N THR B 1089 17.29 0.90 94.15
CA THR B 1089 16.76 2.02 93.40
C THR B 1089 16.04 1.51 92.17
N GLN B 1090 15.28 2.41 91.54
CA GLN B 1090 14.56 2.09 90.32
C GLN B 1090 15.55 2.02 89.16
N ARG B 1091 15.05 1.84 87.96
CA ARG B 1091 15.89 1.62 86.79
C ARG B 1091 15.97 2.82 85.87
N ASN B 1092 15.22 3.89 86.14
CA ASN B 1092 15.26 5.08 85.30
C ASN B 1092 15.26 6.38 86.09
N PHE B 1093 15.45 6.35 87.39
CA PHE B 1093 15.46 7.57 88.19
C PHE B 1093 16.12 7.27 89.53
N TYR B 1094 17.18 8.00 89.86
CA TYR B 1094 17.91 7.75 91.09
C TYR B 1094 17.03 8.09 92.30
N GLU B 1095 16.82 7.12 93.18
CA GLU B 1095 16.01 7.30 94.37
C GLU B 1095 16.37 6.22 95.39
N PRO B 1096 17.34 6.47 96.26
CA PRO B 1096 17.81 5.42 97.16
C PRO B 1096 16.77 5.04 98.21
N GLN B 1097 16.85 3.80 98.66
CA GLN B 1097 16.05 3.31 99.78
C GLN B 1097 16.88 2.32 100.57
N ILE B 1098 16.48 2.11 101.82
CA ILE B 1098 17.21 1.25 102.74
C ILE B 1098 16.77 -0.19 102.50
N ILE B 1099 17.69 -1.13 102.70
CA ILE B 1099 17.44 -2.54 102.40
C ILE B 1099 16.55 -3.14 103.47
N THR B 1100 15.26 -3.22 103.21
CA THR B 1100 14.31 -3.77 104.16
C THR B 1100 13.78 -5.10 103.67
N THR B 1101 13.34 -5.93 104.62
CA THR B 1101 12.93 -7.29 104.30
C THR B 1101 11.67 -7.35 103.45
N ASP B 1102 10.91 -6.25 103.36
CA ASP B 1102 9.72 -6.19 102.52
C ASP B 1102 10.01 -5.58 101.16
N ASN B 1103 11.28 -5.34 100.84
CA ASN B 1103 11.68 -4.75 99.57
C ASN B 1103 12.65 -5.67 98.83
N THR B 1104 12.56 -6.97 99.06
CA THR B 1104 13.49 -7.95 98.51
C THR B 1104 12.90 -9.34 98.73
N PHE B 1105 13.62 -10.35 98.25
CA PHE B 1105 13.25 -11.72 98.57
C PHE B 1105 14.50 -12.59 98.62
N VAL B 1106 14.30 -13.85 99.02
CA VAL B 1106 15.39 -14.74 99.39
C VAL B 1106 15.25 -16.06 98.64
N SER B 1107 16.39 -16.68 98.31
CA SER B 1107 16.39 -17.98 97.66
C SER B 1107 17.73 -18.66 97.93
N GLY B 1108 17.70 -19.73 98.73
CA GLY B 1108 18.88 -20.54 98.93
C GLY B 1108 19.95 -19.87 99.77
N ASN B 1109 21.09 -20.53 99.83
CA ASN B 1109 22.27 -20.01 100.51
C ASN B 1109 23.15 -19.23 99.54
N CYS B 1110 24.16 -18.55 100.12
CA CYS B 1110 24.95 -17.57 99.39
C CYS B 1110 26.34 -18.08 99.02
N ASP B 1111 26.47 -19.36 98.68
CA ASP B 1111 27.74 -19.91 98.24
C ASP B 1111 27.77 -20.23 96.75
N VAL B 1112 26.73 -19.87 96.00
CA VAL B 1112 26.61 -20.28 94.60
C VAL B 1112 26.70 -19.09 93.64
N VAL B 1113 26.33 -17.89 94.06
CA VAL B 1113 26.33 -16.75 93.16
C VAL B 1113 27.75 -16.21 93.02
N ILE B 1114 28.00 -15.46 91.94
CA ILE B 1114 29.35 -15.06 91.55
C ILE B 1114 29.71 -13.64 91.98
N GLY B 1115 28.76 -12.85 92.48
CA GLY B 1115 29.04 -11.47 92.81
C GLY B 1115 28.51 -11.00 94.15
N ILE B 1116 28.38 -11.92 95.09
CA ILE B 1116 27.83 -11.59 96.41
C ILE B 1116 28.69 -10.54 97.11
N VAL B 1117 28.02 -9.63 97.80
CA VAL B 1117 28.67 -8.61 98.63
C VAL B 1117 27.96 -8.56 99.97
N ASN B 1118 28.73 -8.54 101.05
CA ASN B 1118 28.15 -8.52 102.39
C ASN B 1118 27.53 -7.17 102.72
N ASN B 1119 26.43 -7.22 103.46
CA ASN B 1119 25.80 -6.03 104.04
C ASN B 1119 24.79 -6.52 105.08
N THR B 1120 23.98 -5.60 105.60
CA THR B 1120 22.89 -5.90 106.51
C THR B 1120 21.56 -5.72 105.81
N VAL B 1121 20.50 -6.16 106.48
CA VAL B 1121 19.13 -6.00 106.01
C VAL B 1121 18.27 -5.54 107.18
N TYR B 1122 17.09 -5.02 106.86
CA TYR B 1122 16.20 -4.45 107.87
C TYR B 1122 14.88 -5.18 107.90
N ASP B 1123 14.43 -5.51 109.11
CA ASP B 1123 13.06 -5.95 109.34
C ASP B 1123 12.35 -4.85 110.11
N PRO B 1124 11.33 -4.21 109.55
CA PRO B 1124 10.76 -3.02 110.20
C PRO B 1124 10.17 -3.29 111.58
N LEU B 1125 9.65 -4.48 111.84
CA LEU B 1125 8.94 -4.73 113.07
C LEU B 1125 9.86 -5.01 114.26
N GLN B 1126 11.13 -5.37 114.01
CA GLN B 1126 12.04 -5.57 115.13
C GLN B 1126 12.34 -4.30 115.91
N PRO B 1127 12.73 -3.18 115.28
CA PRO B 1127 13.05 -1.99 116.09
C PRO B 1127 11.90 -1.49 116.95
N GLU B 1128 10.68 -1.56 116.44
CA GLU B 1128 9.54 -1.10 117.23
C GLU B 1128 9.26 -2.02 118.42
N LEU B 1129 9.69 -3.28 118.36
CA LEU B 1129 9.51 -4.21 119.46
C LEU B 1129 10.78 -4.32 120.29
N GLN C 1 33.30 -51.11 -20.95
CA GLN C 1 32.59 -52.36 -20.76
C GLN C 1 31.62 -52.26 -19.58
N CYS C 2 30.38 -52.67 -19.79
CA CYS C 2 29.36 -52.62 -18.76
C CYS C 2 29.29 -53.91 -17.94
N VAL C 3 30.32 -54.76 -18.07
CA VAL C 3 30.52 -56.03 -17.35
C VAL C 3 29.22 -56.81 -17.08
N ASN C 4 28.30 -56.24 -16.30
CA ASN C 4 27.11 -56.96 -15.84
C ASN C 4 27.51 -58.32 -15.23
N LEU C 5 28.46 -58.27 -14.30
CA LEU C 5 29.06 -59.49 -13.77
C LEU C 5 28.03 -60.35 -13.06
N THR C 6 28.29 -61.66 -13.04
CA THR C 6 27.34 -62.65 -12.54
C THR C 6 27.49 -62.83 -11.04
N THR C 7 26.86 -63.88 -10.51
CA THR C 7 26.87 -64.17 -9.07
C THR C 7 26.38 -62.98 -8.26
N ARG C 8 25.33 -62.34 -8.75
CA ARG C 8 24.79 -61.15 -8.12
C ARG C 8 23.95 -61.55 -6.91
N THR C 9 24.47 -61.27 -5.71
CA THR C 9 23.81 -61.64 -4.45
C THR C 9 22.94 -60.48 -4.02
N GLN C 10 21.62 -60.64 -4.19
CA GLN C 10 20.64 -59.65 -3.77
C GLN C 10 20.08 -60.09 -2.41
N LEU C 11 20.36 -59.31 -1.38
CA LEU C 11 20.08 -59.65 -0.01
C LEU C 11 19.26 -58.56 0.65
N PRO C 12 18.51 -58.88 1.70
CA PRO C 12 17.80 -57.85 2.45
C PRO C 12 18.77 -56.95 3.19
N PRO C 13 18.38 -55.71 3.46
CA PRO C 13 19.32 -54.75 4.06
C PRO C 13 19.51 -55.01 5.55
N ALA C 14 20.77 -55.10 5.97
CA ALA C 14 21.09 -55.17 7.38
C ALA C 14 20.81 -53.82 8.04
N TYR C 15 20.33 -53.85 9.28
CA TYR C 15 19.92 -52.65 10.00
C TYR C 15 20.84 -52.44 11.19
N THR C 16 21.34 -51.22 11.35
CA THR C 16 22.15 -50.87 12.52
C THR C 16 21.67 -49.54 13.05
N ASN C 17 21.41 -49.46 14.35
CA ASN C 17 20.93 -48.22 14.92
C ASN C 17 22.02 -47.15 14.88
N SER C 18 21.58 -45.90 14.82
CA SER C 18 22.50 -44.76 14.71
C SER C 18 22.89 -44.32 16.11
N PHE C 19 24.08 -44.73 16.55
CA PHE C 19 24.49 -44.54 17.94
C PHE C 19 25.22 -43.20 18.08
N THR C 20 24.42 -42.16 18.28
CA THR C 20 24.89 -40.83 18.70
C THR C 20 25.94 -40.26 17.75
N ARG C 21 25.78 -40.48 16.45
CA ARG C 21 26.60 -39.84 15.44
C ARG C 21 25.80 -38.73 14.76
N GLY C 22 26.38 -38.12 13.75
CA GLY C 22 25.70 -37.12 12.96
C GLY C 22 25.60 -35.75 13.59
N VAL C 23 26.74 -35.13 13.88
CA VAL C 23 26.79 -33.76 14.35
C VAL C 23 27.84 -33.02 13.52
N TYR C 24 27.55 -31.76 13.22
CA TYR C 24 28.47 -30.96 12.42
C TYR C 24 28.33 -29.50 12.80
N TYR C 25 29.41 -28.74 12.61
CA TYR C 25 29.43 -27.31 12.86
C TYR C 25 28.46 -26.63 11.90
N PRO C 26 27.34 -26.11 12.39
CA PRO C 26 26.32 -25.56 11.47
C PRO C 26 26.79 -24.40 10.64
N ASP C 27 27.73 -23.60 11.14
CA ASP C 27 28.15 -22.39 10.42
C ASP C 27 29.62 -22.15 10.73
N LYS C 28 30.09 -20.95 10.40
CA LYS C 28 31.51 -20.60 10.55
C LYS C 28 31.75 -19.68 11.74
N VAL C 29 30.76 -19.49 12.61
CA VAL C 29 30.94 -18.65 13.78
C VAL C 29 31.70 -19.41 14.86
N PHE C 30 32.36 -18.67 15.74
CA PHE C 30 33.18 -19.22 16.80
C PHE C 30 32.58 -18.89 18.15
N ARG C 31 32.67 -19.83 19.09
CA ARG C 31 32.13 -19.66 20.43
C ARG C 31 33.16 -20.17 21.43
N SER C 32 32.90 -19.88 22.71
CA SER C 32 33.82 -20.27 23.77
C SER C 32 33.03 -20.65 25.00
N SER C 33 32.92 -21.96 25.25
CA SER C 33 32.31 -22.50 26.47
C SER C 33 30.88 -21.98 26.67
N VAL C 34 30.07 -22.07 25.62
CA VAL C 34 28.68 -21.63 25.70
C VAL C 34 27.75 -22.79 25.39
N LEU C 35 26.46 -22.56 25.55
CA LEU C 35 25.42 -23.51 25.19
C LEU C 35 24.55 -22.89 24.10
N HIS C 36 24.27 -23.65 23.06
CA HIS C 36 23.53 -23.11 21.93
C HIS C 36 22.46 -24.09 21.47
N SER C 37 21.26 -23.57 21.21
CA SER C 37 20.18 -24.35 20.64
C SER C 37 19.99 -23.95 19.19
N THR C 38 20.00 -24.95 18.30
CA THR C 38 19.91 -24.69 16.87
C THR C 38 18.91 -25.63 16.22
N GLN C 39 18.12 -25.10 15.31
CA GLN C 39 17.14 -25.87 14.54
C GLN C 39 17.68 -26.01 13.13
N ASP C 40 18.03 -27.23 12.73
CA ASP C 40 18.65 -27.45 11.43
C ASP C 40 18.54 -28.93 11.07
N LEU C 41 19.15 -29.32 9.95
CA LEU C 41 19.13 -30.71 9.52
C LEU C 41 20.19 -31.50 10.27
N PHE C 42 19.78 -32.64 10.81
CA PHE C 42 20.71 -33.52 11.53
C PHE C 42 20.22 -34.95 11.39
N LEU C 43 21.12 -35.88 11.70
CA LEU C 43 20.73 -37.28 11.79
C LEU C 43 20.15 -37.56 13.18
N PRO C 44 18.89 -37.96 13.28
CA PRO C 44 18.30 -38.19 14.60
C PRO C 44 19.00 -39.33 15.34
N PHE C 45 19.13 -39.18 16.65
CA PHE C 45 19.77 -40.20 17.46
C PHE C 45 18.99 -41.51 17.41
N PHE C 46 19.71 -42.62 17.36
CA PHE C 46 19.14 -43.96 17.48
C PHE C 46 18.09 -44.22 16.40
N SER C 47 18.54 -44.19 15.17
CA SER C 47 17.71 -44.52 14.01
C SER C 47 18.36 -45.66 13.24
N ASN C 48 17.53 -46.53 12.67
CA ASN C 48 18.02 -47.69 11.95
C ASN C 48 18.52 -47.27 10.57
N VAL C 49 19.83 -47.37 10.36
CA VAL C 49 20.46 -47.04 9.10
C VAL C 49 20.86 -48.34 8.40
N THR C 50 21.04 -48.24 7.09
CA THR C 50 21.27 -49.41 6.25
C THR C 50 22.75 -49.75 6.20
N TRP C 51 23.05 -51.04 6.27
CA TRP C 51 24.41 -51.55 6.26
C TRP C 51 24.65 -52.27 4.94
N PHE C 52 25.71 -51.89 4.24
CA PHE C 52 26.11 -52.58 3.02
C PHE C 52 27.57 -53.01 3.15
N HIS C 53 27.91 -54.05 2.40
CA HIS C 53 29.17 -54.74 2.60
C HIS C 53 29.61 -55.40 1.31
N VAL C 54 30.93 -55.48 1.13
CA VAL C 54 31.54 -56.24 0.05
C VAL C 54 32.76 -56.95 0.66
N ILE C 55 32.67 -58.27 0.81
CA ILE C 55 33.67 -59.01 1.57
C ILE C 55 33.94 -60.35 0.87
N SER C 56 35.18 -60.80 0.98
CA SER C 56 35.65 -62.02 0.33
C SER C 56 35.95 -63.13 1.32
N GLY C 57 35.41 -63.05 2.53
CA GLY C 57 35.65 -64.09 3.52
C GLY C 57 35.10 -65.44 3.08
N THR C 58 33.86 -65.45 2.58
CA THR C 58 33.24 -66.65 2.02
C THR C 58 33.10 -66.58 0.51
N ASN C 59 32.78 -65.39 -0.03
CA ASN C 59 32.53 -65.22 -1.46
C ASN C 59 33.48 -64.16 -2.00
N GLY C 60 34.59 -64.61 -2.60
CA GLY C 60 35.52 -63.67 -3.20
C GLY C 60 35.03 -63.08 -4.50
N THR C 61 34.19 -63.81 -5.23
CA THR C 61 33.72 -63.39 -6.55
C THR C 61 32.21 -63.20 -6.62
N LYS C 62 31.53 -63.09 -5.48
CA LYS C 62 30.08 -63.05 -5.47
C LYS C 62 29.48 -61.93 -4.62
N ARG C 63 30.28 -61.23 -3.82
CA ARG C 63 29.76 -60.23 -2.89
C ARG C 63 30.05 -58.83 -3.46
N PHE C 64 29.07 -58.28 -4.18
CA PHE C 64 29.14 -56.90 -4.62
C PHE C 64 27.77 -56.26 -4.39
N ASP C 65 27.77 -55.01 -3.92
CA ASP C 65 26.53 -54.30 -3.57
C ASP C 65 26.68 -52.84 -3.98
N ASN C 66 26.20 -52.53 -5.19
CA ASN C 66 26.20 -51.16 -5.71
C ASN C 66 24.83 -50.84 -6.32
N PRO C 67 23.81 -50.70 -5.48
CA PRO C 67 22.50 -50.30 -5.99
C PRO C 67 22.32 -48.78 -5.93
N VAL C 68 21.25 -48.32 -6.56
CA VAL C 68 20.92 -46.90 -6.51
C VAL C 68 20.20 -46.61 -5.20
N LEU C 69 20.33 -45.39 -4.72
CA LEU C 69 19.72 -44.94 -3.48
C LEU C 69 19.05 -43.60 -3.68
N PRO C 70 18.01 -43.30 -2.91
CA PRO C 70 17.36 -41.99 -3.01
C PRO C 70 18.06 -40.96 -2.14
N PHE C 71 18.18 -39.75 -2.66
CA PHE C 71 18.76 -38.62 -1.93
C PHE C 71 17.62 -37.64 -1.68
N ASN C 72 16.90 -37.85 -0.59
CA ASN C 72 15.72 -37.03 -0.31
C ASN C 72 16.12 -35.63 0.17
N ASP C 73 16.86 -35.57 1.29
CA ASP C 73 17.31 -34.30 1.84
C ASP C 73 18.76 -34.30 2.28
N GLY C 74 19.44 -35.43 2.22
CA GLY C 74 20.82 -35.54 2.67
C GLY C 74 21.06 -36.89 3.30
N VAL C 75 22.34 -37.29 3.32
CA VAL C 75 22.74 -38.59 3.82
C VAL C 75 23.94 -38.43 4.73
N TYR C 76 24.09 -39.36 5.65
CA TYR C 76 25.29 -39.50 6.48
C TYR C 76 25.97 -40.80 6.09
N PHE C 77 26.99 -40.70 5.26
CA PHE C 77 27.73 -41.87 4.81
C PHE C 77 28.86 -42.14 5.79
N ALA C 78 29.10 -43.42 6.07
CA ALA C 78 30.25 -43.80 6.87
C ALA C 78 30.85 -45.06 6.27
N SER C 79 32.18 -45.15 6.33
CA SER C 79 32.87 -46.31 5.78
C SER C 79 34.00 -46.73 6.71
N ILE C 80 34.15 -48.03 6.89
CA ILE C 80 35.26 -48.59 7.67
C ILE C 80 36.05 -49.52 6.77
N GLU C 81 37.30 -49.18 6.52
CA GLU C 81 38.15 -49.92 5.60
C GLU C 81 39.61 -49.75 6.03
N LYS C 82 40.49 -50.39 5.28
CA LYS C 82 41.93 -50.17 5.41
C LYS C 82 42.65 -50.05 4.07
N SER C 83 42.01 -50.36 2.95
CA SER C 83 42.67 -50.34 1.65
C SER C 83 41.97 -49.46 0.63
N ASN C 84 41.01 -48.64 1.07
CA ASN C 84 40.42 -47.59 0.23
C ASN C 84 39.65 -48.19 -0.96
N ILE C 85 38.81 -49.18 -0.67
CA ILE C 85 37.99 -49.78 -1.71
C ILE C 85 36.98 -48.77 -2.25
N ILE C 86 36.33 -48.02 -1.36
CA ILE C 86 35.37 -47.01 -1.79
C ILE C 86 36.15 -45.81 -2.33
N ARG C 87 35.84 -45.43 -3.57
CA ARG C 87 36.61 -44.36 -4.21
C ARG C 87 35.79 -43.30 -4.94
N GLY C 88 34.49 -43.48 -5.16
CA GLY C 88 33.77 -42.46 -5.91
C GLY C 88 32.30 -42.39 -5.56
N TRP C 89 31.65 -41.35 -6.07
CA TRP C 89 30.24 -41.14 -5.87
C TRP C 89 29.61 -40.69 -7.19
N ILE C 90 28.29 -40.76 -7.25
CA ILE C 90 27.56 -40.29 -8.43
C ILE C 90 26.18 -39.86 -7.99
N PHE C 91 25.70 -38.75 -8.58
CA PHE C 91 24.42 -38.17 -8.21
C PHE C 91 23.72 -37.74 -9.49
N GLY C 92 22.56 -37.08 -9.34
CA GLY C 92 21.77 -36.57 -10.44
C GLY C 92 20.33 -36.97 -10.28
N THR C 93 19.60 -36.91 -11.40
CA THR C 93 18.18 -37.25 -11.42
C THR C 93 17.88 -38.42 -12.35
N THR C 94 18.38 -38.38 -13.58
CA THR C 94 18.13 -39.43 -14.55
C THR C 94 19.38 -40.21 -14.94
N LEU C 95 20.53 -39.57 -14.94
CA LEU C 95 21.82 -40.22 -15.15
C LEU C 95 21.91 -40.86 -16.54
N ASP C 96 21.26 -40.26 -17.52
CA ASP C 96 21.17 -40.80 -18.87
C ASP C 96 21.90 -39.94 -19.89
N SER C 97 22.99 -39.30 -19.47
CA SER C 97 23.71 -38.34 -20.31
C SER C 97 22.77 -37.23 -20.79
N LYS C 98 21.82 -36.86 -19.94
CA LYS C 98 20.85 -35.81 -20.27
C LYS C 98 20.77 -34.79 -19.14
N THR C 99 21.11 -35.22 -17.93
CA THR C 99 21.05 -34.39 -16.74
C THR C 99 22.41 -34.38 -16.06
N GLN C 100 22.79 -33.23 -15.51
CA GLN C 100 24.11 -33.08 -14.91
C GLN C 100 24.28 -34.03 -13.74
N SER C 101 25.48 -34.60 -13.63
CA SER C 101 25.80 -35.58 -12.60
C SER C 101 27.13 -35.23 -11.96
N LEU C 102 27.23 -35.47 -10.66
CA LEU C 102 28.43 -35.13 -9.89
C LEU C 102 29.27 -36.38 -9.68
N LEU C 103 30.40 -36.46 -10.38
CA LEU C 103 31.32 -37.59 -10.28
C LEU C 103 32.45 -37.21 -9.35
N ILE C 104 32.20 -37.26 -8.04
CA ILE C 104 33.26 -37.01 -7.08
C ILE C 104 34.15 -38.24 -7.04
N VAL C 105 35.27 -38.17 -7.77
CA VAL C 105 36.22 -39.27 -7.86
C VAL C 105 37.49 -38.86 -7.13
N ASN C 106 37.94 -39.70 -6.20
CA ASN C 106 39.06 -39.33 -5.35
C ASN C 106 40.38 -39.27 -6.13
N ASN C 107 40.54 -40.14 -7.13
CA ASN C 107 41.82 -40.26 -7.84
C ASN C 107 42.92 -40.60 -6.84
N ALA C 108 44.16 -40.33 -7.20
CA ALA C 108 45.26 -40.35 -6.26
C ALA C 108 46.04 -39.05 -6.26
N THR C 109 46.21 -38.44 -7.43
CA THR C 109 46.91 -37.17 -7.51
C THR C 109 46.05 -36.01 -7.03
N ASN C 110 44.76 -36.03 -7.35
CA ASN C 110 43.91 -34.87 -7.09
C ASN C 110 42.45 -35.28 -7.18
N VAL C 111 41.67 -34.92 -6.15
CA VAL C 111 40.23 -35.12 -6.20
C VAL C 111 39.63 -34.24 -7.29
N VAL C 112 38.67 -34.78 -8.02
CA VAL C 112 38.06 -34.09 -9.16
C VAL C 112 36.57 -33.99 -8.92
N ILE C 113 36.05 -32.77 -9.01
CA ILE C 113 34.61 -32.50 -8.92
C ILE C 113 34.12 -32.19 -10.32
N LYS C 114 33.20 -33.01 -10.81
CA LYS C 114 32.75 -32.93 -12.19
C LYS C 114 31.24 -32.78 -12.22
N VAL C 115 30.77 -31.83 -13.02
CA VAL C 115 29.34 -31.60 -13.20
C VAL C 115 28.80 -32.32 -14.44
N CYS C 116 29.69 -32.85 -15.27
CA CYS C 116 29.35 -33.28 -16.62
C CYS C 116 28.38 -34.46 -16.59
N GLU C 117 27.66 -34.63 -17.70
CA GLU C 117 26.71 -35.73 -17.85
C GLU C 117 27.34 -36.88 -18.61
N PHE C 118 26.91 -38.10 -18.29
CA PHE C 118 27.46 -39.29 -18.91
C PHE C 118 26.39 -40.36 -19.02
N GLN C 119 26.55 -41.25 -20.00
CA GLN C 119 25.74 -42.46 -20.11
C GLN C 119 26.47 -43.57 -19.38
N PHE C 120 26.12 -43.77 -18.11
CA PHE C 120 26.75 -44.79 -17.29
C PHE C 120 26.15 -46.15 -17.58
N CYS C 121 26.93 -47.20 -17.32
CA CYS C 121 26.43 -48.55 -17.47
C CYS C 121 25.40 -48.88 -16.40
N ASN C 122 24.80 -50.05 -16.53
CA ASN C 122 23.87 -50.54 -15.52
C ASN C 122 24.58 -50.74 -14.19
N ASP C 123 25.82 -51.23 -14.23
CA ASP C 123 26.63 -51.47 -13.04
C ASP C 123 27.99 -50.77 -13.22
N PRO C 124 28.01 -49.44 -13.17
CA PRO C 124 29.27 -48.73 -13.35
C PRO C 124 30.15 -48.82 -12.12
N PHE C 125 31.45 -48.98 -12.34
CA PHE C 125 32.46 -48.90 -11.29
C PHE C 125 33.82 -48.84 -11.97
N LEU C 126 34.87 -48.90 -11.15
CA LEU C 126 36.23 -48.90 -11.64
C LEU C 126 36.98 -50.11 -11.10
N ASP C 127 37.91 -50.62 -11.90
CA ASP C 127 38.80 -51.68 -11.43
C ASP C 127 40.21 -51.40 -11.89
N HIS C 128 41.18 -51.84 -11.09
CA HIS C 128 42.59 -51.66 -11.35
C HIS C 128 43.34 -52.96 -11.06
N LYS C 129 44.25 -53.31 -11.96
CA LYS C 129 44.91 -54.62 -11.91
C LYS C 129 45.84 -54.72 -10.71
N ASN C 130 46.15 -55.96 -10.36
CA ASN C 130 47.08 -56.27 -9.28
C ASN C 130 48.54 -56.09 -9.68
N ASN C 131 48.80 -55.63 -10.89
CA ASN C 131 50.16 -55.52 -11.39
C ASN C 131 50.96 -54.50 -10.57
N LYS C 132 52.28 -54.56 -10.72
CA LYS C 132 53.15 -53.61 -10.04
C LYS C 132 52.84 -52.18 -10.47
N SER C 133 52.64 -51.97 -11.77
CA SER C 133 52.21 -50.67 -12.29
C SER C 133 50.71 -50.51 -12.03
N TRP C 134 50.39 -50.25 -10.76
CA TRP C 134 49.00 -50.09 -10.36
C TRP C 134 48.37 -48.89 -11.07
N MET C 135 47.22 -49.12 -11.69
CA MET C 135 46.54 -48.09 -12.48
C MET C 135 45.16 -48.62 -12.82
N GLU C 136 44.17 -47.73 -12.81
CA GLU C 136 42.79 -48.12 -13.11
C GLU C 136 42.68 -48.38 -14.60
N SER C 137 43.16 -49.56 -15.01
CA SER C 137 43.12 -49.96 -16.40
C SER C 137 41.70 -50.11 -16.92
N GLU C 138 40.72 -50.26 -16.03
CA GLU C 138 39.31 -50.32 -16.40
C GLU C 138 38.67 -48.99 -16.02
N PHE C 139 38.50 -48.11 -17.01
CA PHE C 139 37.74 -46.88 -16.83
C PHE C 139 36.26 -47.11 -17.12
N ARG C 140 35.69 -48.10 -16.43
CA ARG C 140 34.33 -48.54 -16.65
C ARG C 140 33.31 -47.66 -15.95
N VAL C 141 33.71 -46.48 -15.48
CA VAL C 141 32.78 -45.58 -14.81
C VAL C 141 31.67 -45.17 -15.78
N TYR C 142 32.00 -44.93 -17.04
CA TYR C 142 31.01 -44.64 -18.07
C TYR C 142 31.62 -44.95 -19.43
N SER C 143 30.93 -44.57 -20.49
CA SER C 143 31.45 -44.68 -21.84
C SER C 143 31.25 -43.43 -22.69
N SER C 144 30.38 -42.50 -22.29
CA SER C 144 30.11 -41.30 -23.07
C SER C 144 30.23 -40.07 -22.17
N ALA C 145 30.81 -39.00 -22.71
CA ALA C 145 30.94 -37.71 -22.03
C ALA C 145 30.42 -36.63 -22.98
N ASN C 146 29.25 -36.06 -22.67
CA ASN C 146 28.53 -35.23 -23.63
C ASN C 146 28.80 -33.74 -23.46
N ASN C 147 28.43 -33.15 -22.31
CA ASN C 147 28.38 -31.70 -22.22
C ASN C 147 28.35 -31.28 -20.76
N CYS C 148 28.93 -30.11 -20.51
CA CYS C 148 29.01 -29.50 -19.18
C CYS C 148 29.69 -28.15 -19.31
N THR C 149 29.68 -27.38 -18.20
CA THR C 149 30.27 -26.06 -18.19
C THR C 149 31.10 -25.75 -16.95
N PHE C 150 31.19 -26.65 -15.98
CA PHE C 150 32.01 -26.38 -14.80
C PHE C 150 32.72 -27.64 -14.34
N GLU C 151 33.98 -27.49 -13.94
CA GLU C 151 34.78 -28.54 -13.36
C GLU C 151 35.65 -27.94 -12.27
N TYR C 152 36.14 -28.78 -11.37
CA TYR C 152 36.99 -28.28 -10.29
C TYR C 152 37.96 -29.37 -9.86
N VAL C 153 39.15 -28.95 -9.45
CA VAL C 153 40.20 -29.87 -9.02
C VAL C 153 40.80 -29.33 -7.73
N SER C 154 41.14 -30.24 -6.82
CA SER C 154 41.72 -29.87 -5.53
C SER C 154 42.61 -31.01 -5.04
N GLN C 155 43.30 -30.76 -3.95
CA GLN C 155 44.13 -31.79 -3.33
C GLN C 155 43.23 -32.93 -2.84
N PRO C 156 43.55 -34.18 -3.17
CA PRO C 156 42.66 -35.29 -2.80
C PRO C 156 42.63 -35.46 -1.29
N PHE C 157 41.44 -35.73 -0.75
CA PHE C 157 41.31 -35.91 0.69
C PHE C 157 42.19 -37.05 1.18
N LEU C 158 42.89 -36.80 2.28
CA LEU C 158 44.03 -37.61 2.69
C LEU C 158 43.59 -38.98 3.17
N MET C 159 44.52 -39.93 3.08
CA MET C 159 44.36 -41.26 3.61
C MET C 159 45.18 -41.41 4.89
N ASP C 160 44.82 -42.41 5.70
CA ASP C 160 45.51 -42.66 6.95
C ASP C 160 46.93 -43.17 6.75
N LEU C 161 47.26 -43.61 5.54
CA LEU C 161 48.56 -44.23 5.25
C LEU C 161 48.79 -45.45 6.14
N GLU C 162 47.73 -46.22 6.37
CA GLU C 162 47.78 -47.47 7.11
C GLU C 162 47.22 -48.55 6.18
N GLY C 163 48.08 -49.10 5.33
CA GLY C 163 47.65 -50.07 4.34
C GLY C 163 47.83 -51.51 4.75
N LYS C 164 47.17 -51.92 5.83
CA LYS C 164 47.22 -53.30 6.32
C LYS C 164 45.86 -53.95 6.13
N GLN C 165 45.75 -55.21 6.59
CA GLN C 165 44.52 -55.96 6.48
C GLN C 165 43.95 -56.35 7.84
N GLY C 166 44.61 -55.99 8.94
CA GLY C 166 44.12 -56.31 10.26
C GLY C 166 42.96 -55.45 10.68
N ASN C 167 42.93 -55.03 11.94
CA ASN C 167 41.91 -54.10 12.40
C ASN C 167 41.87 -52.85 11.53
N PHE C 168 40.69 -52.53 11.01
CA PHE C 168 40.55 -51.50 9.99
C PHE C 168 40.75 -50.13 10.62
N LYS C 169 41.97 -49.62 10.52
CA LYS C 169 42.35 -48.31 11.03
C LYS C 169 41.97 -47.17 10.08
N ASN C 170 41.05 -47.41 9.14
CA ASN C 170 40.51 -46.34 8.31
C ASN C 170 39.02 -46.25 8.58
N LEU C 171 38.57 -45.08 9.05
CA LEU C 171 37.15 -44.82 9.26
C LEU C 171 36.86 -43.41 8.78
N ARG C 172 35.99 -43.29 7.79
CA ARG C 172 35.73 -42.00 7.15
C ARG C 172 34.23 -41.72 7.17
N GLU C 173 33.86 -40.55 7.67
CA GLU C 173 32.46 -40.15 7.77
C GLU C 173 32.23 -38.87 6.98
N PHE C 174 31.14 -38.84 6.23
CA PHE C 174 30.83 -37.74 5.34
C PHE C 174 29.35 -37.38 5.45
N VAL C 175 29.05 -36.10 5.25
CA VAL C 175 27.68 -35.61 5.17
C VAL C 175 27.59 -34.67 3.97
N PHE C 176 26.55 -34.85 3.16
CA PHE C 176 26.36 -34.11 1.91
C PHE C 176 25.00 -33.42 1.96
N LYS C 177 25.01 -32.10 2.08
CA LYS C 177 23.79 -31.31 2.05
C LYS C 177 23.71 -30.54 0.74
N ASN C 178 22.49 -30.28 0.29
CA ASN C 178 22.26 -29.55 -0.95
C ASN C 178 21.13 -28.56 -0.72
N ILE C 179 21.48 -27.31 -0.43
CA ILE C 179 20.50 -26.28 -0.10
C ILE C 179 20.90 -24.97 -0.77
N ASP C 180 19.90 -24.25 -1.28
CA ASP C 180 20.09 -22.92 -1.86
C ASP C 180 21.04 -22.96 -3.06
N GLY C 181 20.98 -24.04 -3.82
CA GLY C 181 21.89 -24.20 -4.93
C GLY C 181 23.33 -24.42 -4.53
N TYR C 182 23.59 -24.64 -3.25
CA TYR C 182 24.93 -24.93 -2.75
C TYR C 182 25.00 -26.39 -2.33
N PHE C 183 25.99 -27.10 -2.86
CA PHE C 183 26.31 -28.46 -2.46
C PHE C 183 27.44 -28.37 -1.44
N LYS C 184 27.13 -28.64 -0.17
CA LYS C 184 28.08 -28.50 0.91
C LYS C 184 28.44 -29.90 1.41
N ILE C 185 29.73 -30.14 1.61
CA ILE C 185 30.22 -31.45 2.01
C ILE C 185 31.07 -31.27 3.26
N TYR C 186 30.62 -31.89 4.35
CA TYR C 186 31.36 -31.97 5.61
C TYR C 186 31.94 -33.38 5.74
N SER C 187 33.09 -33.49 6.39
CA SER C 187 33.67 -34.81 6.54
C SER C 187 34.66 -34.83 7.71
N LYS C 188 34.99 -36.05 8.14
CA LYS C 188 36.12 -36.26 9.03
C LYS C 188 36.60 -37.69 8.86
N HIS C 189 37.91 -37.85 8.85
CA HIS C 189 38.56 -39.15 8.70
C HIS C 189 39.15 -39.54 10.04
N THR C 190 38.45 -40.41 10.77
CA THR C 190 38.91 -40.86 12.06
C THR C 190 39.71 -42.14 11.89
N PRO C 191 41.00 -42.15 12.18
CA PRO C 191 41.79 -43.36 11.95
C PRO C 191 41.45 -44.50 12.90
N ILE C 192 41.48 -44.23 14.21
CA ILE C 192 41.49 -45.21 15.29
C ILE C 192 42.43 -46.38 14.98
N ILE C 193 42.48 -47.37 15.86
CA ILE C 193 43.35 -48.52 15.64
C ILE C 193 42.53 -49.81 15.65
N VAL C 194 41.91 -50.11 16.78
CA VAL C 194 41.20 -51.36 16.98
C VAL C 194 39.76 -51.08 17.35
N ARG C 195 38.85 -51.88 16.81
CA ARG C 195 37.44 -51.81 17.16
C ARG C 195 36.77 -53.10 16.69
N GLU C 196 35.89 -53.63 17.52
CA GLU C 196 35.19 -54.86 17.19
C GLU C 196 34.33 -54.64 15.95
N PRO C 197 34.44 -55.48 14.92
CA PRO C 197 33.73 -55.25 13.65
C PRO C 197 32.26 -55.59 13.71
N GLU C 198 31.57 -55.09 14.73
CA GLU C 198 30.14 -55.32 14.88
C GLU C 198 29.33 -54.27 14.12
N ASP C 199 29.53 -53.01 14.45
CA ASP C 199 28.81 -51.91 13.81
C ASP C 199 29.70 -50.66 13.86
N LEU C 200 29.10 -49.50 13.64
CA LEU C 200 29.84 -48.25 13.72
C LEU C 200 30.30 -48.03 15.17
N PRO C 201 31.40 -47.29 15.37
CA PRO C 201 31.94 -47.13 16.72
C PRO C 201 30.96 -46.42 17.64
N GLN C 202 31.01 -46.81 18.92
CA GLN C 202 30.16 -46.24 19.95
C GLN C 202 30.94 -45.17 20.69
N GLY C 203 30.68 -43.91 20.34
CA GLY C 203 31.39 -42.79 20.93
C GLY C 203 30.83 -41.46 20.48
N PHE C 204 31.69 -40.48 20.22
CA PHE C 204 31.24 -39.19 19.72
C PHE C 204 32.33 -38.60 18.84
N SER C 205 31.90 -37.73 17.91
CA SER C 205 32.82 -37.12 16.97
C SER C 205 32.29 -35.75 16.57
N ALA C 206 32.93 -35.16 15.57
CA ALA C 206 32.51 -33.88 14.99
C ALA C 206 32.79 -33.91 13.50
N LEU C 207 32.11 -33.04 12.76
CA LEU C 207 32.22 -33.02 11.31
C LEU C 207 32.56 -31.61 10.86
N GLU C 208 33.85 -31.37 10.63
CA GLU C 208 34.32 -30.08 10.16
C GLU C 208 33.82 -29.82 8.74
N PRO C 209 33.54 -28.57 8.40
CA PRO C 209 33.23 -28.25 7.00
C PRO C 209 34.45 -28.42 6.11
N LEU C 210 34.24 -29.01 4.94
CA LEU C 210 35.32 -29.18 3.97
C LEU C 210 35.10 -28.37 2.69
N VAL C 211 34.01 -28.59 1.95
CA VAL C 211 33.90 -27.98 0.64
C VAL C 211 32.49 -27.49 0.35
N ASP C 212 32.40 -26.52 -0.56
CA ASP C 212 31.15 -25.97 -1.05
C ASP C 212 31.23 -25.81 -2.57
N LEU C 213 30.11 -26.08 -3.23
CA LEU C 213 30.00 -25.93 -4.67
C LEU C 213 28.76 -25.09 -4.99
N PRO C 214 28.89 -24.04 -5.79
CA PRO C 214 27.72 -23.22 -6.13
C PRO C 214 26.96 -23.69 -7.36
N ILE C 215 27.15 -24.96 -7.74
CA ILE C 215 26.65 -25.45 -9.03
C ILE C 215 25.13 -25.33 -9.11
N GLY C 216 24.41 -25.76 -8.08
CA GLY C 216 22.98 -25.56 -8.02
C GLY C 216 22.12 -26.32 -9.00
N ILE C 217 22.05 -27.64 -8.87
CA ILE C 217 21.13 -28.45 -9.66
C ILE C 217 20.30 -29.32 -8.71
N ASN C 218 19.10 -29.69 -9.16
CA ASN C 218 18.24 -30.54 -8.36
C ASN C 218 18.78 -31.96 -8.33
N ILE C 219 18.63 -32.61 -7.17
CA ILE C 219 19.17 -33.95 -6.93
C ILE C 219 18.07 -34.83 -6.38
N THR C 220 17.93 -36.04 -6.93
CA THR C 220 16.92 -36.97 -6.46
C THR C 220 17.41 -38.41 -6.28
N ARG C 221 18.59 -38.77 -6.78
CA ARG C 221 19.04 -40.15 -6.72
C ARG C 221 20.56 -40.16 -6.84
N PHE C 222 21.18 -41.21 -6.31
CA PHE C 222 22.63 -41.28 -6.28
C PHE C 222 23.06 -42.73 -6.10
N GLN C 223 24.37 -42.96 -6.12
CA GLN C 223 24.95 -44.22 -5.66
C GLN C 223 26.47 -44.05 -5.58
N THR C 224 27.15 -45.14 -5.24
CA THR C 224 28.57 -45.16 -4.91
C THR C 224 29.34 -45.91 -5.99
N LEU C 225 30.63 -45.59 -6.12
CA LEU C 225 31.51 -46.20 -7.10
C LEU C 225 32.68 -46.83 -6.37
N LEU C 226 32.84 -48.15 -6.55
CA LEU C 226 33.88 -48.90 -5.88
C LEU C 226 34.95 -49.26 -6.90
N ALA C 227 36.19 -48.85 -6.65
CA ALA C 227 37.31 -49.25 -7.47
C ALA C 227 37.95 -50.48 -6.84
N LEU C 228 37.99 -51.56 -7.60
CA LEU C 228 38.40 -52.87 -7.10
C LEU C 228 39.87 -53.12 -7.39
N HIS C 229 40.53 -53.81 -6.46
CA HIS C 229 41.90 -54.28 -6.64
C HIS C 229 41.87 -55.74 -7.09
N ARG C 230 41.42 -55.93 -8.34
CA ARG C 230 41.28 -57.26 -8.90
C ARG C 230 42.63 -57.97 -8.87
N SER C 231 42.74 -58.99 -8.04
CA SER C 231 44.01 -59.65 -7.75
C SER C 231 43.92 -61.13 -8.10
N TYR C 232 45.06 -61.81 -7.93
CA TYR C 232 45.15 -63.25 -8.19
C TYR C 232 44.78 -64.08 -6.97
N LEU C 233 44.02 -63.51 -6.02
CA LEU C 233 43.40 -64.32 -4.98
C LEU C 233 42.45 -65.34 -5.60
N THR C 234 41.82 -64.99 -6.72
CA THR C 234 41.08 -65.92 -7.58
C THR C 234 41.68 -65.77 -8.97
N PRO C 235 42.87 -66.34 -9.19
CA PRO C 235 43.63 -66.02 -10.40
C PRO C 235 42.98 -66.57 -11.66
N GLY C 236 43.27 -65.90 -12.77
CA GLY C 236 42.74 -66.31 -14.06
C GLY C 236 41.99 -65.20 -14.77
N ASP C 237 40.70 -65.41 -14.99
CA ASP C 237 39.88 -64.41 -15.68
C ASP C 237 39.75 -63.16 -14.82
N SER C 238 39.32 -62.07 -15.47
CA SER C 238 39.16 -60.78 -14.81
C SER C 238 37.70 -60.46 -14.53
N SER C 239 36.84 -60.51 -15.56
CA SER C 239 35.46 -60.08 -15.40
C SER C 239 34.76 -60.87 -14.31
N SER C 240 34.96 -62.20 -14.28
CA SER C 240 34.41 -63.02 -13.22
C SER C 240 35.41 -63.33 -12.11
N GLY C 241 36.71 -63.25 -12.39
CA GLY C 241 37.72 -63.54 -11.40
C GLY C 241 38.27 -62.31 -10.72
N TRP C 242 38.01 -62.18 -9.42
CA TRP C 242 38.42 -61.02 -8.63
C TRP C 242 38.30 -61.40 -7.16
N THR C 243 38.50 -60.42 -6.28
CA THR C 243 38.30 -60.58 -4.86
C THR C 243 37.38 -59.49 -4.35
N ALA C 244 36.50 -59.85 -3.42
CA ALA C 244 35.58 -58.88 -2.82
C ALA C 244 36.19 -58.15 -1.64
N GLY C 245 37.43 -58.48 -1.26
CA GLY C 245 38.10 -57.78 -0.19
C GLY C 245 37.37 -57.89 1.12
N ALA C 246 37.37 -56.78 1.88
CA ALA C 246 36.61 -56.70 3.12
C ALA C 246 36.32 -55.22 3.37
N ALA C 247 35.08 -54.81 3.08
CA ALA C 247 34.69 -53.42 3.22
C ALA C 247 33.26 -53.33 3.70
N ALA C 248 33.01 -52.41 4.61
CA ALA C 248 31.69 -52.18 5.17
C ALA C 248 31.39 -50.69 5.21
N TYR C 249 30.15 -50.32 4.91
CA TYR C 249 29.76 -48.92 4.94
C TYR C 249 28.28 -48.80 5.29
N TYR C 250 27.97 -47.76 6.05
CA TYR C 250 26.64 -47.51 6.57
C TYR C 250 26.09 -46.23 5.96
N VAL C 251 24.78 -46.25 5.69
CA VAL C 251 24.09 -45.14 5.07
C VAL C 251 22.90 -44.76 5.94
N GLY C 252 22.83 -43.49 6.34
CA GLY C 252 21.74 -43.00 7.15
C GLY C 252 20.92 -41.95 6.43
N TYR C 253 20.23 -41.09 7.20
CA TYR C 253 19.39 -40.07 6.60
C TYR C 253 19.31 -38.87 7.54
N LEU C 254 18.84 -37.75 7.01
CA LEU C 254 18.75 -36.50 7.74
C LEU C 254 17.30 -36.06 7.88
N GLN C 255 17.01 -35.42 9.00
CA GLN C 255 15.71 -34.86 9.29
C GLN C 255 15.90 -33.49 9.93
N PRO C 256 14.92 -32.59 9.79
CA PRO C 256 14.98 -31.33 10.56
C PRO C 256 14.75 -31.61 12.04
N ARG C 257 15.59 -31.02 12.88
CA ARG C 257 15.56 -31.29 14.30
C ARG C 257 16.21 -30.13 15.04
N THR C 258 15.94 -30.06 16.34
CA THR C 258 16.49 -29.05 17.22
C THR C 258 17.49 -29.70 18.17
N PHE C 259 18.66 -29.10 18.29
CA PHE C 259 19.75 -29.65 19.06
C PHE C 259 20.26 -28.63 20.06
N LEU C 260 20.80 -29.12 21.17
CA LEU C 260 21.54 -28.32 22.12
C LEU C 260 22.98 -28.78 22.12
N LEU C 261 23.89 -27.88 21.77
CA LEU C 261 25.31 -28.18 21.66
C LEU C 261 26.08 -27.33 22.67
N LYS C 262 27.21 -27.86 23.11
CA LYS C 262 28.08 -27.16 24.04
C LYS C 262 29.47 -27.03 23.43
N TYR C 263 30.16 -25.96 23.80
CA TYR C 263 31.50 -25.69 23.31
C TYR C 263 32.47 -25.75 24.48
N ASN C 264 33.73 -26.06 24.18
CA ASN C 264 34.76 -26.12 25.18
C ASN C 264 35.47 -24.77 25.28
N GLU C 265 36.60 -24.74 25.98
CA GLU C 265 37.32 -23.47 26.18
C GLU C 265 37.86 -22.93 24.86
N ASN C 266 38.33 -23.80 23.98
CA ASN C 266 38.88 -23.36 22.69
C ASN C 266 37.87 -23.47 21.56
N GLY C 267 36.63 -23.85 21.84
CA GLY C 267 35.56 -23.77 20.87
C GLY C 267 35.25 -25.01 20.07
N THR C 268 35.70 -26.19 20.49
CA THR C 268 35.32 -27.40 19.79
C THR C 268 34.08 -28.03 20.43
N ILE C 269 33.40 -28.86 19.65
CA ILE C 269 32.17 -29.51 20.09
C ILE C 269 32.54 -30.79 20.83
N THR C 270 32.06 -30.92 22.06
CA THR C 270 32.35 -32.10 22.88
C THR C 270 31.20 -33.09 22.90
N ASP C 271 29.96 -32.62 23.04
CA ASP C 271 28.79 -33.47 23.03
C ASP C 271 27.55 -32.61 22.86
N ALA C 272 26.46 -33.24 22.43
CA ALA C 272 25.22 -32.54 22.14
C ALA C 272 24.05 -33.46 22.44
N VAL C 273 22.87 -32.85 22.57
CA VAL C 273 21.65 -33.59 22.88
C VAL C 273 20.51 -33.07 22.02
N ASP C 274 19.74 -34.00 21.45
CA ASP C 274 18.60 -33.61 20.62
C ASP C 274 17.47 -33.11 21.49
N CYS C 275 16.37 -32.70 20.84
CA CYS C 275 15.24 -32.12 21.55
C CYS C 275 13.93 -32.83 21.23
N ALA C 276 13.97 -34.08 20.79
CA ALA C 276 12.76 -34.83 20.52
C ALA C 276 12.82 -36.28 20.96
N LEU C 277 13.89 -36.72 21.61
CA LEU C 277 14.06 -38.14 21.89
C LEU C 277 13.32 -38.57 23.15
N ASP C 278 13.69 -38.00 24.28
CA ASP C 278 13.19 -38.42 25.59
C ASP C 278 12.62 -37.22 26.33
N PRO C 279 11.62 -37.44 27.19
CA PRO C 279 11.12 -36.32 27.99
C PRO C 279 12.21 -35.63 28.80
N LEU C 280 13.17 -36.39 29.32
CA LEU C 280 14.31 -35.77 29.99
C LEU C 280 15.10 -34.90 29.03
N SER C 281 15.28 -35.37 27.79
CA SER C 281 15.97 -34.55 26.79
C SER C 281 15.20 -33.28 26.49
N GLU C 282 13.87 -33.38 26.40
CA GLU C 282 13.05 -32.19 26.22
C GLU C 282 13.22 -31.22 27.38
N THR C 283 13.28 -31.75 28.60
CA THR C 283 13.48 -30.91 29.78
C THR C 283 14.83 -30.21 29.72
N LYS C 284 15.88 -30.94 29.32
CA LYS C 284 17.19 -30.33 29.17
C LYS C 284 17.16 -29.22 28.13
N CYS C 285 16.49 -29.46 27.00
CA CYS C 285 16.41 -28.45 25.95
C CYS C 285 15.69 -27.21 26.42
N THR C 286 14.55 -27.39 27.11
CA THR C 286 13.77 -26.24 27.55
C THR C 286 14.47 -25.46 28.65
N LEU C 287 15.03 -26.17 29.64
CA LEU C 287 15.72 -25.51 30.74
C LEU C 287 17.08 -24.97 30.32
N LYS C 288 17.62 -25.43 29.18
CA LYS C 288 18.87 -24.92 28.62
C LYS C 288 20.03 -25.17 29.58
N SER C 289 20.27 -26.45 29.87
CA SER C 289 21.38 -26.87 30.72
C SER C 289 21.56 -28.38 30.54
N PHE C 290 22.65 -28.89 31.11
CA PHE C 290 22.94 -30.32 31.11
C PHE C 290 22.67 -30.98 32.46
N THR C 291 22.22 -30.21 33.44
CA THR C 291 21.93 -30.73 34.76
C THR C 291 20.56 -30.24 35.22
N VAL C 292 19.89 -31.08 36.01
CA VAL C 292 18.57 -30.75 36.56
C VAL C 292 18.52 -31.23 38.00
N GLU C 293 17.81 -30.48 38.83
CA GLU C 293 17.58 -30.85 40.22
C GLU C 293 16.23 -31.55 40.36
N LYS C 294 16.01 -32.12 41.54
CA LYS C 294 14.70 -32.71 41.83
C LYS C 294 13.63 -31.63 41.74
N GLY C 295 12.55 -31.94 41.05
CA GLY C 295 11.48 -30.98 40.88
C GLY C 295 10.59 -31.36 39.72
N ILE C 296 9.67 -30.46 39.42
CA ILE C 296 8.68 -30.63 38.35
C ILE C 296 8.81 -29.46 37.40
N TYR C 297 8.78 -29.76 36.10
CA TYR C 297 8.98 -28.74 35.08
C TYR C 297 7.93 -28.90 33.98
N GLN C 298 7.72 -27.83 33.23
CA GLN C 298 6.67 -27.77 32.23
C GLN C 298 7.32 -27.65 30.85
N THR C 299 7.28 -28.73 30.07
CA THR C 299 7.94 -28.73 28.78
C THR C 299 7.07 -28.12 27.69
N SER C 300 5.94 -28.75 27.38
CA SER C 300 5.15 -28.34 26.22
C SER C 300 3.71 -28.82 26.41
N ASN C 301 2.94 -28.80 25.33
CA ASN C 301 1.57 -29.27 25.30
C ASN C 301 1.48 -30.46 24.35
N PHE C 302 0.25 -30.94 24.15
CA PHE C 302 0.00 -32.00 23.19
C PHE C 302 -1.34 -31.78 22.52
N ARG C 303 -1.48 -32.29 21.31
CA ARG C 303 -2.73 -32.18 20.56
C ARG C 303 -3.07 -33.54 19.96
N VAL C 304 -4.36 -33.74 19.72
CA VAL C 304 -4.86 -34.91 19.00
C VAL C 304 -5.31 -34.45 17.62
N GLN C 305 -4.70 -35.00 16.59
CA GLN C 305 -5.01 -34.54 15.24
C GLN C 305 -6.33 -35.14 14.77
N PRO C 306 -7.11 -34.40 13.98
CA PRO C 306 -8.37 -34.96 13.46
C PRO C 306 -8.10 -36.16 12.56
N THR C 307 -9.01 -37.14 12.63
CA THR C 307 -8.88 -38.33 11.81
C THR C 307 -9.22 -38.04 10.35
N GLU C 308 -10.23 -37.21 10.11
CA GLU C 308 -10.70 -36.93 8.76
C GLU C 308 -11.57 -35.67 8.80
N SER C 309 -12.19 -35.36 7.68
CA SER C 309 -13.11 -34.24 7.56
C SER C 309 -14.38 -34.68 6.85
N ILE C 310 -15.51 -34.13 7.29
CA ILE C 310 -16.82 -34.51 6.76
C ILE C 310 -17.52 -33.25 6.26
N VAL C 311 -17.99 -33.29 5.01
CA VAL C 311 -18.74 -32.20 4.41
C VAL C 311 -20.17 -32.65 4.21
N ARG C 312 -21.13 -31.76 4.53
CA ARG C 312 -22.53 -32.10 4.48
C ARG C 312 -23.31 -31.02 3.74
N PHE C 313 -24.52 -31.37 3.34
CA PHE C 313 -25.44 -30.46 2.67
C PHE C 313 -26.84 -31.05 2.77
N PRO C 314 -27.88 -30.25 2.54
CA PRO C 314 -29.26 -30.76 2.73
C PRO C 314 -29.55 -31.97 1.87
N ASN C 315 -30.43 -32.83 2.38
CA ASN C 315 -30.77 -34.09 1.72
C ASN C 315 -31.29 -33.86 0.30
N ILE C 316 -32.43 -33.17 0.18
CA ILE C 316 -33.10 -33.00 -1.11
C ILE C 316 -33.52 -31.54 -1.26
N THR C 317 -33.69 -31.13 -2.52
CA THR C 317 -34.03 -29.76 -2.87
C THR C 317 -34.92 -29.82 -4.11
N ASN C 318 -35.09 -28.67 -4.78
CA ASN C 318 -35.92 -28.58 -5.98
C ASN C 318 -35.04 -28.54 -7.22
N LEU C 319 -35.20 -29.53 -8.09
CA LEU C 319 -34.37 -29.67 -9.27
C LEU C 319 -34.82 -28.72 -10.37
N CYS C 320 -33.85 -28.29 -11.19
CA CYS C 320 -34.14 -27.36 -12.27
C CYS C 320 -34.82 -28.09 -13.43
N PRO C 321 -35.71 -27.40 -14.16
CA PRO C 321 -36.36 -28.00 -15.32
C PRO C 321 -35.44 -28.04 -16.52
N PHE C 322 -34.90 -29.22 -16.81
CA PHE C 322 -34.03 -29.41 -17.96
C PHE C 322 -34.47 -30.60 -18.81
N ASP C 323 -35.08 -31.60 -18.18
CA ASP C 323 -35.46 -32.81 -18.90
C ASP C 323 -36.59 -32.55 -19.89
N GLU C 324 -37.67 -31.89 -19.44
CA GLU C 324 -38.75 -31.59 -20.37
C GLU C 324 -38.36 -30.48 -21.34
N VAL C 325 -37.30 -29.73 -21.02
CA VAL C 325 -36.66 -28.90 -22.03
C VAL C 325 -36.10 -29.78 -23.15
N PHE C 326 -35.51 -30.91 -22.78
CA PHE C 326 -34.97 -31.88 -23.74
C PHE C 326 -36.04 -32.86 -24.21
N ASN C 327 -36.76 -33.47 -23.27
CA ASN C 327 -37.88 -34.34 -23.62
C ASN C 327 -39.13 -33.51 -23.87
N ALA C 328 -39.02 -32.53 -24.75
CA ALA C 328 -40.12 -31.62 -25.03
C ALA C 328 -41.12 -32.24 -26.00
N THR C 329 -42.34 -31.71 -25.98
CA THR C 329 -43.34 -32.13 -26.96
C THR C 329 -42.91 -31.77 -28.37
N ARG C 330 -42.32 -30.59 -28.55
CA ARG C 330 -41.81 -30.16 -29.84
C ARG C 330 -40.61 -29.26 -29.62
N PHE C 331 -39.97 -28.87 -30.71
CA PHE C 331 -38.77 -28.05 -30.69
C PHE C 331 -39.07 -26.66 -31.23
N ALA C 332 -38.42 -25.65 -30.64
CA ALA C 332 -38.62 -24.28 -31.10
C ALA C 332 -37.98 -24.06 -32.46
N SER C 333 -38.46 -23.05 -33.16
CA SER C 333 -38.07 -22.78 -34.54
C SER C 333 -36.71 -22.10 -34.61
N VAL C 334 -36.13 -22.09 -35.82
CA VAL C 334 -34.82 -21.47 -36.01
C VAL C 334 -34.92 -19.96 -35.94
N TYR C 335 -35.69 -19.35 -36.85
CA TYR C 335 -35.81 -17.89 -36.82
C TYR C 335 -36.80 -17.55 -35.71
N ALA C 336 -36.43 -16.56 -34.90
CA ALA C 336 -37.14 -16.29 -33.65
C ALA C 336 -36.97 -17.48 -32.71
N TRP C 337 -37.09 -17.25 -31.40
CA TRP C 337 -36.85 -18.32 -30.47
C TRP C 337 -37.64 -18.08 -29.18
N ASN C 338 -37.95 -19.19 -28.52
CA ASN C 338 -38.38 -19.14 -27.14
C ASN C 338 -37.20 -18.74 -26.25
N ARG C 339 -37.50 -18.25 -25.06
CA ARG C 339 -36.47 -17.82 -24.12
C ARG C 339 -36.83 -18.41 -22.76
N LYS C 340 -36.26 -19.57 -22.45
CA LYS C 340 -36.57 -20.22 -21.18
C LYS C 340 -35.61 -19.71 -20.12
N ARG C 341 -36.16 -19.03 -19.12
CA ARG C 341 -35.41 -18.49 -17.99
C ARG C 341 -35.55 -19.44 -16.82
N ILE C 342 -34.44 -20.03 -16.38
CA ILE C 342 -34.45 -21.01 -15.30
C ILE C 342 -34.21 -20.29 -13.99
N SER C 343 -35.12 -20.47 -13.03
CA SER C 343 -35.12 -19.65 -11.83
C SER C 343 -35.31 -20.51 -10.58
N ASN C 344 -34.42 -20.30 -9.60
CA ASN C 344 -34.58 -20.76 -8.23
C ASN C 344 -34.80 -22.28 -8.16
N CYS C 345 -33.76 -22.99 -8.55
CA CYS C 345 -33.74 -24.45 -8.46
C CYS C 345 -32.29 -24.90 -8.51
N VAL C 346 -32.05 -26.13 -8.06
CA VAL C 346 -30.74 -26.74 -8.24
C VAL C 346 -30.71 -27.46 -9.58
N ALA C 347 -29.58 -27.39 -10.27
CA ALA C 347 -29.40 -28.05 -11.56
C ALA C 347 -28.25 -29.04 -11.47
N ASP C 348 -28.52 -30.28 -11.87
CA ASP C 348 -27.51 -31.33 -11.91
C ASP C 348 -27.52 -31.96 -13.29
N TYR C 349 -26.40 -31.85 -14.00
CA TYR C 349 -26.24 -32.46 -15.31
C TYR C 349 -25.52 -33.80 -15.24
N SER C 350 -25.38 -34.37 -14.04
CA SER C 350 -24.86 -35.73 -13.93
C SER C 350 -25.80 -36.71 -14.61
N VAL C 351 -27.11 -36.53 -14.43
CA VAL C 351 -28.09 -37.34 -15.16
C VAL C 351 -28.14 -36.95 -16.63
N LEU C 352 -27.60 -35.79 -16.99
CA LEU C 352 -27.56 -35.37 -18.38
C LEU C 352 -26.60 -36.19 -19.22
N TYR C 353 -25.77 -37.03 -18.59
CA TYR C 353 -24.91 -37.93 -19.36
C TYR C 353 -25.73 -38.87 -20.24
N ASN C 354 -26.86 -39.34 -19.73
CA ASN C 354 -27.72 -40.26 -20.47
C ASN C 354 -28.54 -39.46 -21.49
N LEU C 355 -28.16 -39.56 -22.75
CA LEU C 355 -28.90 -38.94 -23.85
C LEU C 355 -28.54 -39.69 -25.14
N ALA C 356 -28.89 -39.11 -26.28
CA ALA C 356 -28.65 -39.77 -27.55
C ALA C 356 -27.16 -40.00 -27.76
N PRO C 357 -26.77 -41.09 -28.45
CA PRO C 357 -25.34 -41.37 -28.65
C PRO C 357 -24.60 -40.25 -29.35
N PHE C 358 -25.24 -39.57 -30.30
CA PHE C 358 -24.66 -38.39 -30.92
C PHE C 358 -24.70 -37.26 -29.90
N PHE C 359 -23.58 -37.05 -29.20
CA PHE C 359 -23.55 -36.11 -28.08
C PHE C 359 -22.20 -35.40 -28.09
N THR C 360 -22.21 -34.12 -28.41
CA THR C 360 -21.04 -33.26 -28.32
C THR C 360 -21.31 -32.20 -27.26
N PHE C 361 -20.44 -32.16 -26.24
CA PHE C 361 -20.61 -31.24 -25.11
C PHE C 361 -19.29 -30.53 -24.89
N LYS C 362 -19.08 -29.43 -25.62
CA LYS C 362 -17.94 -28.55 -25.46
C LYS C 362 -18.43 -27.19 -24.98
N CYS C 363 -17.73 -26.63 -23.99
CA CYS C 363 -18.19 -25.39 -23.36
C CYS C 363 -17.02 -24.43 -23.21
N TYR C 364 -17.36 -23.15 -23.11
CA TYR C 364 -16.39 -22.06 -23.06
C TYR C 364 -16.54 -21.30 -21.76
N GLY C 365 -15.41 -20.99 -21.13
CA GLY C 365 -15.40 -20.30 -19.87
C GLY C 365 -15.57 -21.17 -18.65
N VAL C 366 -15.82 -22.47 -18.84
CA VAL C 366 -15.97 -23.40 -17.73
C VAL C 366 -15.79 -24.81 -18.26
N SER C 367 -15.07 -25.63 -17.50
CA SER C 367 -14.92 -27.04 -17.86
C SER C 367 -16.24 -27.78 -17.60
N PRO C 368 -16.52 -28.83 -18.38
CA PRO C 368 -17.83 -29.48 -18.30
C PRO C 368 -18.09 -30.21 -16.98
N THR C 369 -17.16 -30.14 -16.03
CA THR C 369 -17.32 -30.85 -14.76
C THR C 369 -17.65 -29.93 -13.59
N LYS C 370 -17.13 -28.71 -13.57
CA LYS C 370 -17.30 -27.80 -12.42
C LYS C 370 -18.39 -26.78 -12.73
N LEU C 371 -19.64 -27.22 -12.65
CA LEU C 371 -20.76 -26.29 -12.68
C LEU C 371 -21.68 -26.55 -11.50
N ASN C 372 -21.81 -27.82 -11.11
CA ASN C 372 -22.71 -28.19 -10.02
C ASN C 372 -22.28 -27.54 -8.72
N ASP C 373 -20.96 -27.51 -8.46
CA ASP C 373 -20.46 -26.87 -7.25
C ASP C 373 -20.58 -25.35 -7.30
N LEU C 374 -20.54 -24.77 -8.50
CA LEU C 374 -20.62 -23.32 -8.62
C LEU C 374 -22.00 -22.82 -8.22
N CYS C 375 -22.07 -21.54 -7.87
CA CYS C 375 -23.29 -20.92 -7.36
C CYS C 375 -23.62 -19.68 -8.18
N PHE C 376 -23.61 -19.82 -9.51
CA PHE C 376 -23.80 -18.68 -10.40
C PHE C 376 -25.27 -18.29 -10.49
N THR C 377 -25.51 -17.17 -11.19
CA THR C 377 -26.82 -16.54 -11.29
C THR C 377 -27.71 -17.19 -12.34
N ASN C 378 -28.78 -16.49 -12.72
CA ASN C 378 -29.80 -16.99 -13.63
C ASN C 378 -29.19 -17.50 -14.94
N VAL C 379 -29.99 -18.27 -15.67
CA VAL C 379 -29.57 -18.85 -16.93
C VAL C 379 -30.74 -18.79 -17.92
N TYR C 380 -30.40 -18.45 -19.17
CA TYR C 380 -31.35 -18.31 -20.26
C TYR C 380 -30.99 -19.30 -21.35
N ALA C 381 -31.95 -20.12 -21.75
CA ALA C 381 -31.71 -21.13 -22.75
C ALA C 381 -32.68 -20.95 -23.92
N ASP C 382 -32.27 -21.48 -25.07
CA ASP C 382 -33.16 -21.58 -26.22
C ASP C 382 -32.61 -22.63 -27.19
N SER C 383 -33.52 -23.38 -27.80
CA SER C 383 -33.13 -24.57 -28.54
C SER C 383 -33.93 -24.66 -29.84
N PHE C 384 -33.35 -25.39 -30.80
CA PHE C 384 -33.90 -25.52 -32.14
C PHE C 384 -33.05 -26.52 -32.92
N VAL C 385 -33.62 -27.07 -33.98
CA VAL C 385 -33.03 -28.20 -34.69
C VAL C 385 -32.51 -27.71 -36.04
N ILE C 386 -31.29 -28.09 -36.37
CA ILE C 386 -30.52 -27.49 -37.45
C ILE C 386 -29.92 -28.55 -38.35
N ARG C 387 -29.82 -28.21 -39.65
CA ARG C 387 -28.97 -28.90 -40.59
C ARG C 387 -27.60 -29.19 -39.99
N GLY C 388 -27.10 -30.41 -40.22
CA GLY C 388 -25.95 -30.88 -39.46
C GLY C 388 -24.68 -30.08 -39.73
N ASP C 389 -24.41 -29.79 -41.01
CA ASP C 389 -23.09 -29.31 -41.41
C ASP C 389 -22.69 -28.05 -40.64
N GLU C 390 -23.64 -27.16 -40.37
CA GLU C 390 -23.34 -25.88 -39.75
C GLU C 390 -23.48 -25.88 -38.23
N VAL C 391 -23.54 -27.06 -37.60
CA VAL C 391 -23.55 -27.07 -36.14
C VAL C 391 -22.25 -26.51 -35.59
N ARG C 392 -21.18 -26.59 -36.38
CA ARG C 392 -19.94 -25.90 -36.04
C ARG C 392 -19.89 -24.48 -36.57
N GLN C 393 -20.68 -24.16 -37.61
CA GLN C 393 -20.77 -22.78 -38.06
C GLN C 393 -21.41 -21.89 -37.02
N ILE C 394 -22.26 -22.46 -36.16
CA ILE C 394 -22.78 -21.74 -35.00
C ILE C 394 -21.83 -21.96 -33.84
N ALA C 395 -21.27 -20.87 -33.34
CA ALA C 395 -20.25 -20.84 -32.30
C ALA C 395 -20.10 -19.39 -31.85
N PRO C 396 -19.29 -19.09 -30.82
CA PRO C 396 -19.21 -17.68 -30.39
C PRO C 396 -18.56 -16.76 -31.42
N GLY C 397 -19.38 -15.91 -32.03
CA GLY C 397 -18.93 -14.76 -32.78
C GLY C 397 -18.01 -14.98 -33.97
N GLN C 398 -18.39 -15.84 -34.92
CA GLN C 398 -17.65 -15.96 -36.16
C GLN C 398 -18.58 -15.67 -37.33
N THR C 399 -17.97 -15.42 -38.49
CA THR C 399 -18.72 -15.03 -39.68
C THR C 399 -19.48 -16.22 -40.26
N GLY C 400 -20.43 -15.92 -41.12
CA GLY C 400 -21.23 -16.94 -41.79
C GLY C 400 -22.56 -16.38 -42.22
N ASN C 401 -23.26 -17.17 -43.04
CA ASN C 401 -24.57 -16.77 -43.52
C ASN C 401 -25.61 -16.81 -42.39
N ILE C 402 -25.48 -17.78 -41.48
CA ILE C 402 -26.49 -17.95 -40.44
C ILE C 402 -26.18 -17.09 -39.21
N ALA C 403 -24.93 -16.71 -39.01
CA ALA C 403 -24.54 -16.01 -37.79
C ALA C 403 -25.18 -14.62 -37.72
N ASP C 404 -25.23 -13.91 -38.84
CA ASP C 404 -25.61 -12.50 -38.85
C ASP C 404 -27.07 -12.27 -39.21
N TYR C 405 -27.87 -13.34 -39.31
CA TYR C 405 -29.25 -13.19 -39.76
C TYR C 405 -30.28 -13.60 -38.73
N ASN C 406 -30.11 -14.75 -38.09
CA ASN C 406 -31.05 -15.20 -37.07
C ASN C 406 -30.45 -15.32 -35.69
N TYR C 407 -29.27 -15.91 -35.55
CA TYR C 407 -28.68 -16.10 -34.25
C TYR C 407 -27.17 -15.82 -34.31
N LYS C 408 -26.71 -14.93 -33.45
CA LYS C 408 -25.29 -14.71 -33.22
C LYS C 408 -24.98 -15.06 -31.78
N LEU C 409 -23.77 -15.56 -31.54
CA LEU C 409 -23.39 -15.99 -30.21
C LEU C 409 -22.23 -15.15 -29.71
N PRO C 410 -22.35 -14.53 -28.53
CA PRO C 410 -21.28 -13.65 -28.06
C PRO C 410 -19.98 -14.43 -27.83
N ASP C 411 -18.86 -13.76 -28.07
CA ASP C 411 -17.56 -14.39 -27.87
C ASP C 411 -17.37 -14.77 -26.40
N ASP C 412 -17.59 -13.82 -25.49
CA ASP C 412 -17.52 -14.09 -24.06
C ASP C 412 -18.81 -14.79 -23.66
N PHE C 413 -18.86 -16.08 -23.97
CA PHE C 413 -20.07 -16.88 -23.86
C PHE C 413 -19.98 -17.76 -22.63
N THR C 414 -20.60 -17.33 -21.53
CA THR C 414 -20.72 -18.14 -20.33
C THR C 414 -21.91 -19.07 -20.52
N GLY C 415 -21.61 -20.35 -20.66
CA GLY C 415 -22.56 -21.34 -21.13
C GLY C 415 -22.02 -22.04 -22.36
N CYS C 416 -22.88 -22.83 -22.98
CA CYS C 416 -22.44 -23.61 -24.14
C CYS C 416 -23.65 -24.24 -24.83
N VAL C 417 -23.37 -25.12 -25.78
CA VAL C 417 -24.37 -25.77 -26.61
C VAL C 417 -24.44 -27.25 -26.25
N ILE C 418 -25.63 -27.81 -26.37
CA ILE C 418 -25.84 -29.24 -26.24
C ILE C 418 -26.55 -29.72 -27.49
N ALA C 419 -25.94 -30.64 -28.23
CA ALA C 419 -26.48 -31.09 -29.49
C ALA C 419 -26.64 -32.61 -29.49
N TRP C 420 -27.79 -33.07 -29.97
CA TRP C 420 -27.99 -34.49 -30.21
C TRP C 420 -28.75 -34.64 -31.52
N ASN C 421 -29.01 -35.89 -31.90
CA ASN C 421 -29.59 -36.20 -33.20
C ASN C 421 -31.06 -36.55 -33.04
N SER C 422 -31.90 -35.84 -33.78
CA SER C 422 -33.35 -36.01 -33.75
C SER C 422 -33.88 -36.25 -35.15
N ASN C 423 -33.08 -36.93 -35.99
CA ASN C 423 -33.51 -37.18 -37.37
C ASN C 423 -34.77 -38.02 -37.41
N LYS C 424 -34.84 -39.05 -36.57
CA LYS C 424 -36.07 -39.84 -36.46
C LYS C 424 -37.20 -39.04 -35.83
N LEU C 425 -36.89 -38.01 -35.05
CA LEU C 425 -37.91 -37.16 -34.45
C LEU C 425 -38.42 -36.09 -35.41
N ASP C 426 -37.71 -35.85 -36.51
CA ASP C 426 -37.99 -34.72 -37.39
C ASP C 426 -38.33 -35.14 -38.82
N SER C 427 -37.54 -36.04 -39.40
CA SER C 427 -37.68 -36.36 -40.82
C SER C 427 -39.01 -37.05 -41.10
N LYS C 428 -39.63 -36.68 -42.22
CA LYS C 428 -40.84 -37.30 -42.71
C LYS C 428 -40.59 -37.92 -44.08
N VAL C 429 -41.43 -38.90 -44.44
CA VAL C 429 -41.26 -39.60 -45.71
C VAL C 429 -41.35 -38.63 -46.87
N SER C 430 -42.38 -37.78 -46.87
CA SER C 430 -42.48 -36.72 -47.86
C SER C 430 -41.67 -35.48 -47.49
N GLY C 431 -41.14 -35.43 -46.28
CA GLY C 431 -40.40 -34.28 -45.82
C GLY C 431 -41.21 -33.39 -44.90
N ASN C 432 -40.74 -33.20 -43.67
CA ASN C 432 -41.43 -32.37 -42.69
C ASN C 432 -41.04 -30.92 -42.93
N TYR C 433 -41.95 -30.15 -43.52
CA TYR C 433 -41.71 -28.75 -43.85
C TYR C 433 -42.15 -27.90 -42.66
N ASN C 434 -41.25 -27.74 -41.69
CA ASN C 434 -41.57 -26.98 -40.50
C ASN C 434 -40.48 -26.03 -40.04
N TYR C 435 -39.25 -26.11 -40.56
CA TYR C 435 -38.15 -25.30 -40.07
C TYR C 435 -37.53 -24.51 -41.21
N LEU C 436 -37.03 -23.32 -40.86
CA LEU C 436 -36.55 -22.35 -41.82
C LEU C 436 -35.91 -21.19 -41.07
N TYR C 437 -35.09 -20.43 -41.79
CA TYR C 437 -34.23 -19.41 -41.21
C TYR C 437 -34.18 -18.19 -42.12
N ARG C 438 -33.93 -17.02 -41.53
CA ARG C 438 -33.83 -15.79 -42.30
C ARG C 438 -32.72 -15.90 -43.34
N LEU C 439 -33.00 -15.41 -44.54
CA LEU C 439 -32.06 -15.55 -45.65
C LEU C 439 -31.70 -14.23 -46.34
N PHE C 440 -32.48 -13.16 -46.17
CA PHE C 440 -32.20 -11.89 -46.83
C PHE C 440 -32.35 -10.72 -45.86
N ARG C 441 -31.75 -10.84 -44.68
CA ARG C 441 -31.73 -9.72 -43.75
C ARG C 441 -30.75 -8.65 -44.23
N LYS C 442 -31.22 -7.41 -44.30
CA LYS C 442 -30.37 -6.30 -44.73
C LYS C 442 -29.63 -5.69 -43.54
N SER C 443 -28.95 -6.54 -42.78
CA SER C 443 -28.17 -6.15 -41.61
C SER C 443 -27.50 -7.40 -41.06
N ASN C 444 -26.59 -7.20 -40.12
CA ASN C 444 -25.91 -8.29 -39.42
C ASN C 444 -26.48 -8.34 -38.00
N LEU C 445 -27.27 -9.37 -37.72
CA LEU C 445 -27.95 -9.46 -36.43
C LEU C 445 -26.96 -9.73 -35.31
N LYS C 446 -27.07 -8.94 -34.25
CA LYS C 446 -26.19 -9.05 -33.09
C LYS C 446 -26.65 -10.19 -32.18
N PRO C 447 -25.77 -10.65 -31.28
CA PRO C 447 -26.18 -11.71 -30.34
C PRO C 447 -27.23 -11.24 -29.35
N PHE C 448 -28.25 -12.07 -29.15
CA PHE C 448 -29.26 -11.91 -28.10
C PHE C 448 -30.05 -10.61 -28.26
N GLU C 449 -30.72 -10.49 -29.40
CA GLU C 449 -31.77 -9.49 -29.60
C GLU C 449 -32.93 -10.15 -30.33
N ARG C 450 -34.14 -9.69 -30.04
CA ARG C 450 -35.31 -10.25 -30.70
C ARG C 450 -35.37 -9.76 -32.14
N ASP C 451 -35.44 -10.70 -33.08
CA ASP C 451 -35.48 -10.41 -34.51
C ASP C 451 -36.66 -11.17 -35.12
N ILE C 452 -37.84 -10.55 -35.08
CA ILE C 452 -39.06 -11.15 -35.59
C ILE C 452 -39.63 -10.24 -36.67
N SER C 453 -39.87 -10.81 -37.85
CA SER C 453 -40.46 -10.06 -38.96
C SER C 453 -40.95 -11.06 -40.00
N THR C 454 -41.95 -10.64 -40.78
CA THR C 454 -42.53 -11.48 -41.82
C THR C 454 -42.66 -10.78 -43.15
N GLU C 455 -42.25 -9.52 -43.26
CA GLU C 455 -42.32 -8.80 -44.52
C GLU C 455 -41.14 -9.14 -45.42
N ILE C 456 -41.35 -9.01 -46.72
CA ILE C 456 -40.33 -9.37 -47.69
C ILE C 456 -39.15 -8.41 -47.62
N TYR C 457 -37.97 -8.92 -47.96
CA TYR C 457 -36.78 -8.09 -48.03
C TYR C 457 -36.81 -7.20 -49.26
N GLN C 458 -36.36 -5.96 -49.10
CA GLN C 458 -36.28 -5.01 -50.21
C GLN C 458 -34.87 -4.43 -50.25
N ALA C 459 -34.25 -4.49 -51.41
CA ALA C 459 -32.87 -4.06 -51.59
C ALA C 459 -32.76 -2.57 -51.92
N GLY C 460 -33.73 -1.77 -51.53
CA GLY C 460 -33.68 -0.36 -51.85
C GLY C 460 -33.88 -0.14 -53.34
N ASN C 461 -33.08 0.77 -53.90
CA ASN C 461 -33.12 1.07 -55.33
C ASN C 461 -34.50 1.52 -55.76
N LYS C 462 -35.30 0.58 -56.26
CA LYS C 462 -36.59 0.89 -56.83
C LYS C 462 -37.72 0.41 -55.91
N PRO C 463 -38.85 1.12 -55.88
CA PRO C 463 -39.91 0.77 -54.93
C PRO C 463 -40.70 -0.46 -55.35
N CYS C 464 -40.21 -1.64 -54.96
CA CYS C 464 -40.95 -2.88 -55.22
C CYS C 464 -42.36 -2.81 -54.66
N ASN C 465 -42.52 -2.28 -53.45
CA ASN C 465 -43.83 -2.05 -52.84
C ASN C 465 -44.62 -3.35 -52.72
N GLY C 466 -43.98 -4.40 -52.23
CA GLY C 466 -44.65 -5.67 -51.99
C GLY C 466 -45.10 -6.41 -53.22
N VAL C 467 -44.30 -6.42 -54.28
CA VAL C 467 -44.58 -7.26 -55.44
C VAL C 467 -43.84 -8.59 -55.38
N ALA C 468 -42.74 -8.66 -54.61
CA ALA C 468 -41.95 -9.89 -54.46
C ALA C 468 -41.41 -10.37 -55.81
N GLY C 469 -40.94 -9.42 -56.62
CA GLY C 469 -40.35 -9.75 -57.90
C GLY C 469 -38.83 -9.72 -57.85
N PHE C 470 -38.21 -8.95 -58.75
CA PHE C 470 -36.76 -8.82 -58.75
C PHE C 470 -36.31 -7.73 -57.80
N ASN C 471 -35.16 -7.94 -57.16
CA ASN C 471 -34.54 -7.00 -56.24
C ASN C 471 -35.39 -6.75 -54.99
N CYS C 472 -36.54 -7.43 -54.90
CA CYS C 472 -37.38 -7.40 -53.71
C CYS C 472 -37.77 -8.85 -53.44
N TYR C 473 -36.95 -9.54 -52.67
CA TYR C 473 -37.12 -10.96 -52.41
C TYR C 473 -37.73 -11.20 -51.03
N PHE C 474 -38.42 -12.34 -50.90
CA PHE C 474 -38.93 -12.76 -49.62
C PHE C 474 -37.96 -13.75 -49.00
N PRO C 475 -37.41 -13.48 -47.82
CA PRO C 475 -36.45 -14.40 -47.22
C PRO C 475 -37.13 -15.67 -46.70
N LEU C 476 -36.37 -16.47 -45.94
CA LEU C 476 -36.79 -17.63 -45.16
C LEU C 476 -36.41 -18.93 -45.87
N ARG C 477 -37.17 -19.34 -46.88
CA ARG C 477 -36.76 -20.39 -47.82
C ARG C 477 -36.45 -21.70 -47.08
N SER C 478 -37.52 -22.31 -46.57
CA SER C 478 -37.46 -23.43 -45.64
C SER C 478 -36.57 -24.60 -46.07
N TYR C 479 -36.18 -25.42 -45.09
CA TYR C 479 -35.38 -26.61 -45.31
C TYR C 479 -36.23 -27.68 -46.02
N SER C 480 -35.62 -28.85 -46.22
CA SER C 480 -36.28 -29.97 -46.87
C SER C 480 -36.61 -31.11 -45.92
N PHE C 481 -35.64 -31.54 -45.11
CA PHE C 481 -35.82 -32.64 -44.14
C PHE C 481 -36.29 -33.92 -44.84
N ARG C 482 -35.41 -34.42 -45.70
CA ARG C 482 -35.66 -35.68 -46.38
C ARG C 482 -35.75 -36.82 -45.35
N PRO C 483 -36.55 -37.84 -45.63
CA PRO C 483 -36.63 -38.98 -44.69
C PRO C 483 -35.30 -39.65 -44.46
N THR C 484 -34.44 -39.69 -45.48
CA THR C 484 -33.09 -40.21 -45.35
C THR C 484 -32.12 -39.24 -46.00
N TYR C 485 -31.01 -38.97 -45.32
CA TYR C 485 -29.96 -38.11 -45.84
C TYR C 485 -28.74 -38.28 -44.94
N GLY C 486 -27.59 -37.83 -45.43
CA GLY C 486 -26.38 -37.86 -44.64
C GLY C 486 -26.44 -36.89 -43.48
N VAL C 487 -25.40 -36.95 -42.64
CA VAL C 487 -25.30 -36.07 -41.49
C VAL C 487 -25.20 -34.60 -41.87
N GLY C 488 -24.96 -34.30 -43.16
CA GLY C 488 -24.83 -32.91 -43.56
C GLY C 488 -26.11 -32.12 -43.35
N HIS C 489 -27.24 -32.65 -43.82
CA HIS C 489 -28.54 -32.02 -43.64
C HIS C 489 -29.39 -32.77 -42.62
N GLN C 490 -28.75 -33.57 -41.78
CA GLN C 490 -29.47 -34.28 -40.73
C GLN C 490 -29.93 -33.28 -39.68
N PRO C 491 -31.22 -33.21 -39.36
CA PRO C 491 -31.68 -32.29 -38.33
C PRO C 491 -31.05 -32.57 -36.98
N TYR C 492 -30.25 -31.63 -36.49
CA TYR C 492 -29.54 -31.77 -35.23
C TYR C 492 -30.20 -30.87 -34.19
N ARG C 493 -30.73 -31.47 -33.13
CA ARG C 493 -31.35 -30.72 -32.05
C ARG C 493 -30.25 -30.09 -31.20
N VAL C 494 -30.10 -28.76 -31.31
CA VAL C 494 -29.05 -28.04 -30.58
C VAL C 494 -29.72 -26.99 -29.70
N VAL C 495 -29.30 -26.96 -28.44
CA VAL C 495 -29.74 -25.95 -27.48
C VAL C 495 -28.54 -25.10 -27.11
N VAL C 496 -28.69 -23.78 -27.22
CA VAL C 496 -27.68 -22.84 -26.76
C VAL C 496 -28.15 -22.25 -25.44
N LEU C 497 -27.28 -22.34 -24.43
CA LEU C 497 -27.60 -21.99 -23.06
C LEU C 497 -26.54 -21.03 -22.54
N SER C 498 -26.99 -19.92 -21.95
CA SER C 498 -26.09 -18.89 -21.45
C SER C 498 -26.50 -18.55 -20.02
N PHE C 499 -25.61 -18.81 -19.06
CA PHE C 499 -25.84 -18.43 -17.68
C PHE C 499 -25.05 -17.17 -17.36
N GLU C 500 -25.69 -16.24 -16.67
CA GLU C 500 -25.06 -14.96 -16.34
C GLU C 500 -24.13 -15.13 -15.14
N LEU C 501 -23.69 -14.02 -14.57
CA LEU C 501 -22.75 -14.01 -13.47
C LEU C 501 -23.04 -12.77 -12.62
N LEU C 502 -22.04 -12.33 -11.85
CA LEU C 502 -22.02 -11.21 -10.90
C LEU C 502 -22.61 -11.60 -9.54
N HIS C 503 -23.13 -12.82 -9.40
CA HIS C 503 -23.28 -13.46 -8.09
C HIS C 503 -24.31 -12.80 -7.17
N ALA C 504 -24.90 -11.68 -7.60
CA ALA C 504 -25.88 -11.03 -6.73
C ALA C 504 -27.24 -11.69 -6.84
N PRO C 505 -27.79 -11.93 -8.06
CA PRO C 505 -29.04 -12.72 -8.13
C PRO C 505 -28.79 -14.23 -8.15
N ALA C 506 -28.53 -14.77 -6.96
CA ALA C 506 -28.30 -16.21 -6.82
C ALA C 506 -29.56 -16.98 -7.23
N THR C 507 -29.48 -17.68 -8.36
CA THR C 507 -30.67 -18.29 -8.95
C THR C 507 -30.61 -19.82 -8.95
N VAL C 508 -29.59 -20.42 -9.56
CA VAL C 508 -29.51 -21.88 -9.68
C VAL C 508 -28.53 -22.46 -8.66
N CYS C 509 -27.37 -21.85 -8.52
CA CYS C 509 -26.41 -22.08 -7.45
C CYS C 509 -25.98 -23.54 -7.33
N GLY C 510 -25.50 -23.92 -6.15
CA GLY C 510 -24.64 -25.07 -5.96
C GLY C 510 -25.02 -25.98 -4.81
N PRO C 511 -24.11 -26.07 -3.82
CA PRO C 511 -24.03 -27.21 -2.90
C PRO C 511 -24.74 -28.52 -3.26
N LYS C 512 -23.94 -29.47 -3.75
CA LYS C 512 -24.29 -30.87 -3.97
C LYS C 512 -23.17 -31.73 -3.40
N LYS C 513 -23.21 -33.02 -3.72
CA LYS C 513 -22.18 -33.99 -3.33
C LYS C 513 -22.07 -34.11 -1.82
N SER C 514 -23.12 -34.65 -1.20
CA SER C 514 -23.12 -34.90 0.23
C SER C 514 -22.20 -36.08 0.56
N THR C 515 -21.93 -36.25 1.85
CA THR C 515 -21.02 -37.27 2.34
C THR C 515 -21.63 -37.93 3.57
N ASN C 516 -21.17 -39.14 3.88
CA ASN C 516 -21.71 -39.90 4.99
C ASN C 516 -21.29 -39.27 6.33
N LEU C 517 -21.70 -39.92 7.42
CA LEU C 517 -21.59 -39.37 8.76
C LEU C 517 -20.60 -40.16 9.60
N VAL C 518 -20.00 -39.47 10.58
CA VAL C 518 -19.14 -40.09 11.58
C VAL C 518 -19.61 -39.62 12.95
N LYS C 519 -19.18 -40.35 13.98
CA LYS C 519 -19.66 -40.08 15.33
C LYS C 519 -18.59 -40.40 16.36
N ASN C 520 -18.53 -39.56 17.41
CA ASN C 520 -17.66 -39.81 18.57
C ASN C 520 -16.20 -39.99 18.18
N LYS C 521 -15.74 -39.19 17.21
CA LYS C 521 -14.35 -39.22 16.80
C LYS C 521 -13.88 -37.80 16.49
N CYS C 522 -12.63 -37.51 16.81
CA CYS C 522 -12.04 -36.21 16.50
C CYS C 522 -11.94 -36.03 14.99
N VAL C 523 -12.80 -35.20 14.41
CA VAL C 523 -12.85 -34.97 12.97
C VAL C 523 -13.02 -33.49 12.68
N ASN C 524 -12.65 -33.10 11.48
CA ASN C 524 -13.00 -31.80 10.93
C ASN C 524 -14.36 -31.90 10.25
N PHE C 525 -14.97 -30.75 9.98
CA PHE C 525 -16.29 -30.75 9.36
C PHE C 525 -16.57 -29.38 8.75
N ASN C 526 -17.46 -29.40 7.76
CA ASN C 526 -18.05 -28.21 7.15
C ASN C 526 -19.51 -28.56 6.91
N PHE C 527 -20.37 -28.29 7.89
CA PHE C 527 -21.74 -28.75 7.84
C PHE C 527 -22.53 -28.07 6.74
N ASN C 528 -22.50 -26.73 6.70
CA ASN C 528 -23.27 -26.01 5.70
C ASN C 528 -22.54 -24.78 5.14
N GLY C 529 -21.25 -24.65 5.38
CA GLY C 529 -20.53 -23.44 5.03
C GLY C 529 -19.69 -22.96 6.20
N LEU C 530 -20.00 -23.48 7.38
CA LEU C 530 -19.24 -23.20 8.59
C LEU C 530 -18.22 -24.30 8.81
N LYS C 531 -16.99 -23.92 9.11
CA LYS C 531 -15.90 -24.87 9.29
C LYS C 531 -15.65 -25.08 10.77
N GLY C 532 -15.24 -26.29 11.12
CA GLY C 532 -14.95 -26.57 12.52
C GLY C 532 -14.28 -27.92 12.68
N THR C 533 -13.96 -28.23 13.92
CA THR C 533 -13.35 -29.51 14.26
C THR C 533 -13.74 -29.88 15.69
N GLY C 534 -13.64 -31.17 15.97
CA GLY C 534 -13.93 -31.69 17.29
C GLY C 534 -14.65 -33.02 17.19
N VAL C 535 -15.36 -33.36 18.25
CA VAL C 535 -16.09 -34.61 18.36
C VAL C 535 -17.58 -34.32 18.28
N LEU C 536 -18.32 -35.30 17.76
CA LEU C 536 -19.75 -35.21 17.54
C LEU C 536 -20.47 -36.10 18.52
N THR C 537 -21.55 -35.59 19.12
CA THR C 537 -22.27 -36.31 20.15
C THR C 537 -23.76 -36.08 19.95
N GLU C 538 -24.57 -36.99 20.50
CA GLU C 538 -26.02 -36.81 20.50
C GLU C 538 -26.39 -35.76 21.55
N SER C 539 -27.02 -34.68 21.10
CA SER C 539 -27.44 -33.60 21.97
C SER C 539 -28.96 -33.62 22.10
N ASN C 540 -29.44 -33.54 23.34
CA ASN C 540 -30.86 -33.66 23.63
C ASN C 540 -31.62 -32.34 23.50
N LYS C 541 -30.93 -31.23 23.31
CA LYS C 541 -31.60 -29.93 23.34
C LYS C 541 -32.55 -29.80 22.16
N LYS C 542 -33.65 -29.07 22.38
CA LYS C 542 -34.71 -28.91 21.40
C LYS C 542 -34.66 -27.51 20.81
N PHE C 543 -34.42 -27.42 19.51
CA PHE C 543 -34.34 -26.14 18.82
C PHE C 543 -35.75 -25.60 18.55
N LEU C 544 -35.82 -24.52 17.80
CA LEU C 544 -37.05 -24.04 17.17
C LEU C 544 -37.00 -24.35 15.69
N PRO C 545 -38.17 -24.44 15.02
CA PRO C 545 -38.16 -24.89 13.62
C PRO C 545 -37.28 -24.07 12.70
N PHE C 546 -37.18 -22.75 12.92
CA PHE C 546 -36.37 -21.91 12.05
C PHE C 546 -34.91 -21.85 12.47
N GLN C 547 -34.55 -22.38 13.64
CA GLN C 547 -33.16 -22.39 14.05
C GLN C 547 -32.34 -23.32 13.16
N GLN C 548 -31.18 -22.87 12.72
CA GLN C 548 -30.30 -23.68 11.90
C GLN C 548 -29.12 -24.25 12.68
N PHE C 549 -28.61 -23.53 13.67
CA PHE C 549 -27.55 -24.01 14.54
C PHE C 549 -27.43 -23.06 15.72
N GLY C 550 -27.15 -23.62 16.89
CA GLY C 550 -27.08 -22.84 18.11
C GLY C 550 -25.68 -22.33 18.41
N ARG C 551 -25.53 -21.82 19.62
CA ARG C 551 -24.27 -21.28 20.12
C ARG C 551 -24.39 -21.20 21.63
N ASP C 552 -23.43 -20.53 22.27
CA ASP C 552 -23.44 -20.40 23.73
C ASP C 552 -22.79 -19.08 24.10
N ILE C 553 -22.46 -18.93 25.38
CA ILE C 553 -21.70 -17.78 25.82
C ILE C 553 -20.29 -17.84 25.20
N ALA C 554 -19.67 -16.66 25.08
CA ALA C 554 -18.34 -16.50 24.48
C ALA C 554 -18.32 -16.96 23.01
N ASP C 555 -19.47 -16.84 22.33
CA ASP C 555 -19.59 -16.96 20.88
C ASP C 555 -18.87 -18.19 20.32
N THR C 556 -19.01 -19.32 21.00
CA THR C 556 -18.44 -20.59 20.55
C THR C 556 -19.55 -21.49 20.03
N THR C 557 -19.38 -22.00 18.81
CA THR C 557 -20.36 -22.91 18.25
C THR C 557 -20.47 -24.16 19.12
N ASP C 558 -21.70 -24.51 19.48
CA ASP C 558 -21.95 -25.62 20.40
C ASP C 558 -22.62 -26.80 19.71
N ALA C 559 -23.77 -26.57 19.07
CA ALA C 559 -24.52 -27.64 18.42
C ALA C 559 -24.98 -27.18 17.05
N VAL C 560 -25.18 -28.15 16.16
CA VAL C 560 -25.58 -27.88 14.78
C VAL C 560 -26.67 -28.87 14.38
N ARG C 561 -27.71 -28.37 13.72
CA ARG C 561 -28.72 -29.24 13.14
C ARG C 561 -28.21 -29.74 11.79
N ASP C 562 -28.01 -31.05 11.68
CA ASP C 562 -27.41 -31.61 10.49
C ASP C 562 -28.35 -31.44 9.30
N PRO C 563 -27.83 -31.02 8.14
CA PRO C 563 -28.71 -30.81 6.98
C PRO C 563 -29.38 -32.08 6.48
N GLN C 564 -28.87 -33.25 6.82
CA GLN C 564 -29.46 -34.49 6.34
C GLN C 564 -30.66 -34.91 7.19
N THR C 565 -30.42 -35.16 8.48
CA THR C 565 -31.46 -35.64 9.39
C THR C 565 -32.24 -34.51 10.03
N LEU C 566 -31.72 -33.28 10.00
CA LEU C 566 -32.31 -32.15 10.72
C LEU C 566 -32.41 -32.46 12.21
N GLU C 567 -31.33 -33.01 12.76
CA GLU C 567 -31.23 -33.34 14.17
C GLU C 567 -30.09 -32.56 14.81
N ILE C 568 -30.33 -32.03 16.00
CA ILE C 568 -29.35 -31.20 16.70
C ILE C 568 -28.27 -32.09 17.29
N LEU C 569 -27.06 -32.03 16.73
CA LEU C 569 -25.92 -32.78 17.22
C LEU C 569 -24.94 -31.85 17.91
N ASP C 570 -24.44 -32.27 19.06
CA ASP C 570 -23.48 -31.49 19.83
C ASP C 570 -22.08 -31.62 19.23
N ILE C 571 -21.34 -30.53 19.26
CA ILE C 571 -19.95 -30.48 18.82
C ILE C 571 -19.10 -30.01 19.99
N THR C 572 -18.01 -30.74 20.26
CA THR C 572 -17.15 -30.39 21.38
C THR C 572 -15.69 -30.45 20.94
N PRO C 573 -14.91 -29.40 21.17
CA PRO C 573 -13.52 -29.41 20.72
C PRO C 573 -12.75 -30.57 21.34
N CYS C 574 -11.82 -31.11 20.54
CA CYS C 574 -11.10 -32.31 20.92
C CYS C 574 -10.23 -32.06 22.14
N SER C 575 -9.97 -33.12 22.90
CA SER C 575 -9.19 -33.01 24.13
C SER C 575 -7.77 -32.57 23.83
N PHE C 576 -7.24 -31.71 24.69
CA PHE C 576 -5.86 -31.25 24.61
C PHE C 576 -5.44 -30.73 25.97
N GLY C 577 -4.13 -30.63 26.15
CA GLY C 577 -3.62 -30.15 27.43
C GLY C 577 -2.11 -30.02 27.38
N GLY C 578 -1.54 -29.81 28.56
CA GLY C 578 -0.11 -29.70 28.71
C GLY C 578 0.50 -30.93 29.35
N VAL C 579 1.82 -31.05 29.19
CA VAL C 579 2.57 -32.18 29.74
C VAL C 579 3.68 -31.63 30.62
N SER C 580 3.89 -32.31 31.75
CA SER C 580 4.95 -31.94 32.67
C SER C 580 5.75 -33.19 33.01
N VAL C 581 6.99 -32.99 33.45
CA VAL C 581 7.85 -34.09 33.84
C VAL C 581 8.22 -33.92 35.30
N ILE C 582 8.43 -35.05 35.98
CA ILE C 582 8.92 -35.06 37.35
C ILE C 582 10.15 -35.96 37.39
N THR C 583 11.23 -35.46 37.97
CA THR C 583 12.52 -36.13 37.97
C THR C 583 13.18 -35.96 39.33
N PRO C 584 13.98 -36.94 39.75
CA PRO C 584 14.65 -36.83 41.05
C PRO C 584 15.99 -36.14 40.96
N GLY C 585 16.27 -35.47 39.84
CA GLY C 585 17.57 -34.88 39.62
C GLY C 585 18.51 -35.81 38.87
N THR C 586 19.17 -35.28 37.84
CA THR C 586 19.97 -36.12 36.96
C THR C 586 21.20 -36.68 37.66
N ASN C 587 21.73 -35.99 38.66
CA ASN C 587 22.94 -36.46 39.33
C ASN C 587 22.67 -37.72 40.15
N THR C 588 21.44 -37.89 40.65
CA THR C 588 21.13 -39.05 41.48
C THR C 588 20.80 -40.27 40.61
N SER C 589 19.98 -40.07 39.60
CA SER C 589 19.50 -41.19 38.80
C SER C 589 19.08 -40.66 37.42
N ASN C 590 18.37 -41.48 36.65
CA ASN C 590 18.05 -41.16 35.27
C ASN C 590 16.58 -41.32 34.90
N GLN C 591 15.80 -42.10 35.65
CA GLN C 591 14.40 -42.27 35.30
C GLN C 591 13.62 -40.99 35.60
N VAL C 592 12.51 -40.82 34.89
CA VAL C 592 11.59 -39.71 35.08
C VAL C 592 10.18 -40.26 35.06
N ALA C 593 9.20 -39.38 35.27
CA ALA C 593 7.80 -39.74 35.13
C ALA C 593 7.07 -38.59 34.46
N VAL C 594 6.03 -38.92 33.69
CA VAL C 594 5.34 -37.92 32.90
C VAL C 594 3.96 -37.69 33.51
N LEU C 595 3.44 -36.48 33.30
CA LEU C 595 2.12 -36.12 33.81
C LEU C 595 1.39 -35.33 32.74
N TYR C 596 0.14 -35.70 32.51
CA TYR C 596 -0.73 -34.99 31.59
C TYR C 596 -1.74 -34.19 32.40
N GLN C 597 -1.90 -32.91 32.07
CA GLN C 597 -2.67 -31.98 32.87
C GLN C 597 -4.14 -32.02 32.49
N GLY C 598 -4.98 -32.40 33.44
CA GLY C 598 -6.42 -32.30 33.29
C GLY C 598 -6.99 -33.03 32.09
N VAL C 599 -6.57 -34.26 31.90
CA VAL C 599 -6.97 -35.06 30.74
C VAL C 599 -7.44 -36.42 31.22
N ASN C 600 -8.63 -36.83 30.76
CA ASN C 600 -9.06 -38.20 30.93
C ASN C 600 -8.05 -39.11 30.24
N CYS C 601 -7.34 -39.93 31.01
CA CYS C 601 -6.15 -40.62 30.51
C CYS C 601 -6.42 -42.06 30.11
N THR C 602 -7.60 -42.34 29.58
CA THR C 602 -7.82 -43.59 28.88
C THR C 602 -7.35 -43.52 27.44
N GLU C 603 -6.94 -42.34 26.97
CA GLU C 603 -6.60 -42.13 25.56
C GLU C 603 -5.33 -41.30 25.41
N VAL C 604 -4.38 -41.47 26.33
CA VAL C 604 -3.06 -40.86 26.15
C VAL C 604 -2.16 -41.67 25.21
N PRO C 605 -2.14 -43.00 25.22
CA PRO C 605 -1.26 -43.69 24.26
C PRO C 605 -1.63 -43.43 22.82
N VAL C 606 -2.92 -43.32 22.53
CA VAL C 606 -3.35 -43.02 21.17
C VAL C 606 -2.94 -41.60 20.78
N ALA C 607 -3.00 -40.67 21.75
CA ALA C 607 -2.53 -39.31 21.48
C ALA C 607 -1.04 -39.30 21.16
N ILE C 608 -0.25 -40.05 21.92
CA ILE C 608 1.19 -40.08 21.67
C ILE C 608 1.49 -40.74 20.33
N HIS C 609 0.80 -41.83 20.01
CA HIS C 609 1.03 -42.50 18.73
C HIS C 609 0.60 -41.63 17.56
N ALA C 610 -0.47 -40.85 17.71
CA ALA C 610 -0.83 -39.88 16.70
C ALA C 610 0.21 -38.77 16.60
N ASP C 611 0.88 -38.46 17.71
CA ASP C 611 1.97 -37.49 17.67
C ASP C 611 3.21 -38.04 16.98
N GLN C 612 3.34 -39.37 16.90
CA GLN C 612 4.43 -40.04 16.17
C GLN C 612 5.80 -39.61 16.70
N LEU C 613 6.04 -39.92 17.96
CA LEU C 613 7.32 -39.66 18.60
C LEU C 613 8.15 -40.94 18.66
N THR C 614 9.30 -40.88 19.33
CA THR C 614 10.23 -41.98 19.35
C THR C 614 9.64 -43.18 20.10
N PRO C 615 10.07 -44.40 19.78
CA PRO C 615 9.60 -45.57 20.54
C PRO C 615 9.93 -45.48 22.02
N THR C 616 11.04 -44.83 22.38
CA THR C 616 11.32 -44.58 23.79
C THR C 616 10.21 -43.73 24.42
N TRP C 617 9.77 -42.69 23.71
CA TRP C 617 8.61 -41.95 24.16
C TRP C 617 7.36 -42.82 24.16
N ARG C 618 7.24 -43.72 23.17
CA ARG C 618 6.09 -44.61 23.10
C ARG C 618 6.04 -45.57 24.27
N VAL C 619 7.17 -45.81 24.96
CA VAL C 619 7.13 -46.54 26.22
C VAL C 619 6.28 -45.77 27.23
N TYR C 620 6.31 -44.44 27.17
CA TYR C 620 5.47 -43.61 28.01
C TYR C 620 4.17 -43.19 27.33
N SER C 621 3.91 -43.66 26.11
CA SER C 621 2.59 -43.50 25.52
C SER C 621 1.54 -44.19 26.39
N THR C 622 1.67 -45.50 26.54
CA THR C 622 1.03 -46.24 27.62
C THR C 622 2.14 -46.85 28.48
N GLY C 623 2.14 -46.53 29.76
CA GLY C 623 3.19 -46.96 30.65
C GLY C 623 2.91 -48.28 31.32
N SER C 624 3.85 -48.70 32.16
CA SER C 624 3.65 -49.90 32.96
C SER C 624 2.49 -49.71 33.93
N ASN C 625 2.40 -48.54 34.57
CA ASN C 625 1.40 -48.25 35.60
C ASN C 625 0.81 -46.86 35.35
N VAL C 626 -0.26 -46.82 34.56
CA VAL C 626 -0.99 -45.57 34.36
C VAL C 626 -1.83 -45.28 35.60
N PHE C 627 -1.70 -44.07 36.14
CA PHE C 627 -2.49 -43.70 37.30
C PHE C 627 -3.18 -42.36 37.05
N GLN C 628 -4.42 -42.25 37.53
CA GLN C 628 -5.24 -41.07 37.32
C GLN C 628 -5.39 -40.30 38.63
N THR C 629 -5.26 -38.97 38.55
CA THR C 629 -5.35 -38.09 39.71
C THR C 629 -6.31 -36.97 39.40
N ARG C 630 -6.75 -36.27 40.47
CA ARG C 630 -7.68 -35.16 40.29
C ARG C 630 -7.10 -34.05 39.43
N ALA C 631 -5.78 -33.96 39.32
CA ALA C 631 -5.13 -32.94 38.51
C ALA C 631 -4.78 -33.45 37.11
N GLY C 632 -5.23 -34.64 36.73
CA GLY C 632 -4.88 -35.19 35.45
C GLY C 632 -4.46 -36.64 35.56
N CYS C 633 -3.26 -36.96 35.10
CA CYS C 633 -2.77 -38.32 35.32
C CYS C 633 -1.25 -38.34 35.20
N LEU C 634 -0.66 -39.43 35.70
CA LEU C 634 0.76 -39.62 35.62
C LEU C 634 1.06 -41.04 35.16
N ILE C 635 2.19 -41.17 34.47
CA ILE C 635 2.67 -42.41 33.88
C ILE C 635 4.13 -42.58 34.24
N GLY C 636 4.49 -43.78 34.68
CA GLY C 636 5.83 -44.10 35.09
C GLY C 636 5.99 -44.36 36.58
N ALA C 637 5.10 -43.82 37.40
CA ALA C 637 5.15 -44.01 38.83
C ALA C 637 3.99 -44.89 39.29
N GLU C 638 4.21 -45.61 40.40
CA GLU C 638 3.21 -46.46 40.98
C GLU C 638 2.50 -45.73 42.12
N TYR C 639 1.65 -46.45 42.82
CA TYR C 639 0.90 -45.90 43.95
C TYR C 639 1.12 -46.76 45.18
N VAL C 640 1.24 -46.10 46.34
CA VAL C 640 1.42 -46.78 47.61
C VAL C 640 0.39 -46.22 48.59
N ASN C 641 0.00 -47.05 49.56
CA ASN C 641 -1.05 -46.68 50.50
C ASN C 641 -0.54 -45.88 51.70
N ASN C 642 0.71 -46.05 52.10
CA ASN C 642 1.20 -45.38 53.28
C ASN C 642 1.34 -43.88 53.06
N SER C 643 1.46 -43.14 54.15
CA SER C 643 1.54 -41.69 54.10
C SER C 643 2.70 -41.21 54.96
N TYR C 644 3.47 -40.28 54.42
CA TYR C 644 4.60 -39.70 55.14
C TYR C 644 4.96 -38.37 54.50
N GLU C 645 5.66 -37.53 55.26
CA GLU C 645 6.03 -36.21 54.77
C GLU C 645 6.86 -36.32 53.50
N CYS C 646 6.50 -35.52 52.50
CA CYS C 646 7.10 -35.65 51.17
C CYS C 646 7.89 -34.40 50.82
N ASP C 647 8.50 -34.46 49.63
CA ASP C 647 9.35 -33.39 49.13
C ASP C 647 8.82 -32.74 47.86
N ILE C 648 8.52 -33.53 46.83
CA ILE C 648 8.16 -33.01 45.51
C ILE C 648 6.64 -33.08 45.36
N PRO C 649 5.94 -31.96 45.38
CA PRO C 649 4.48 -31.99 45.27
C PRO C 649 3.99 -31.92 43.83
N ILE C 650 2.78 -32.42 43.63
CA ILE C 650 2.12 -32.37 42.32
C ILE C 650 0.83 -31.58 42.43
N GLY C 651 -0.11 -32.05 43.23
CA GLY C 651 -1.35 -31.32 43.39
C GLY C 651 -2.48 -32.24 43.81
N ALA C 652 -3.58 -31.59 44.23
CA ALA C 652 -4.74 -32.29 44.80
C ALA C 652 -4.35 -33.10 46.03
N GLY C 653 -3.31 -32.65 46.74
CA GLY C 653 -2.79 -33.38 47.86
C GLY C 653 -1.88 -34.54 47.50
N ILE C 654 -1.66 -34.78 46.21
CA ILE C 654 -0.87 -35.90 45.74
C ILE C 654 0.55 -35.41 45.51
N CYS C 655 1.52 -36.17 46.05
CA CYS C 655 2.91 -35.75 46.17
C CYS C 655 3.79 -36.97 45.99
N ALA C 656 4.94 -36.79 45.33
CA ALA C 656 5.77 -37.91 44.91
C ALA C 656 7.20 -37.74 45.38
N SER C 657 7.94 -38.83 45.31
CA SER C 657 9.34 -38.85 45.75
C SER C 657 10.03 -40.08 45.17
N TYR C 658 11.26 -40.33 45.62
CA TYR C 658 12.14 -41.38 45.12
C TYR C 658 12.42 -42.33 46.27
N GLN C 659 11.85 -43.54 46.19
CA GLN C 659 11.89 -44.48 47.29
C GLN C 659 12.86 -45.63 47.02
N THR C 660 13.11 -46.42 48.05
CA THR C 660 13.90 -47.63 47.97
C THR C 660 13.02 -48.84 48.23
N GLN C 661 13.22 -49.89 47.45
CA GLN C 661 12.44 -51.13 47.54
C GLN C 661 10.95 -50.86 47.36
N SER C 673 14.17 -52.01 44.44
CA SER C 673 15.17 -50.95 44.36
C SER C 673 14.52 -49.58 44.44
N GLN C 674 15.28 -48.55 44.07
CA GLN C 674 14.77 -47.19 44.09
C GLN C 674 13.90 -46.94 42.86
N SER C 675 12.81 -46.20 43.06
CA SER C 675 11.87 -45.91 41.98
C SER C 675 11.05 -44.68 42.36
N ILE C 676 10.25 -44.21 41.40
CA ILE C 676 9.43 -43.02 41.58
C ILE C 676 8.08 -43.46 42.13
N ILE C 677 7.69 -42.90 43.28
CA ILE C 677 6.45 -43.29 43.94
C ILE C 677 5.65 -42.02 44.27
N ALA C 678 4.37 -42.04 43.95
CA ALA C 678 3.46 -40.95 44.29
C ALA C 678 2.42 -41.45 45.28
N TYR C 679 2.02 -40.59 46.20
CA TYR C 679 1.11 -40.96 47.27
C TYR C 679 0.45 -39.70 47.82
N THR C 680 -0.19 -39.82 48.97
CA THR C 680 -0.91 -38.72 49.60
C THR C 680 -0.09 -38.14 50.74
N MET C 681 0.06 -36.82 50.74
CA MET C 681 0.86 -36.14 51.75
C MET C 681 0.31 -36.40 53.15
N SER C 682 1.21 -36.58 54.10
CA SER C 682 0.85 -36.75 55.49
C SER C 682 1.10 -35.45 56.24
N LEU C 683 0.07 -34.96 56.93
CA LEU C 683 0.18 -33.68 57.60
C LEU C 683 1.20 -33.71 58.72
N GLY C 684 1.23 -34.80 59.48
CA GLY C 684 2.19 -34.93 60.55
C GLY C 684 1.78 -36.06 61.49
N ALA C 685 2.51 -36.15 62.59
CA ALA C 685 2.24 -37.16 63.60
C ALA C 685 1.06 -36.72 64.45
N GLU C 686 0.00 -37.53 64.45
CA GLU C 686 -1.15 -37.22 65.28
C GLU C 686 -0.80 -37.38 66.76
N ASN C 687 -1.48 -36.60 67.60
CA ASN C 687 -1.18 -36.60 69.02
C ASN C 687 -2.45 -36.20 69.77
N SER C 688 -2.55 -36.67 71.00
CA SER C 688 -3.64 -36.31 71.89
C SER C 688 -3.07 -35.97 73.26
N VAL C 689 -3.57 -34.89 73.85
CA VAL C 689 -3.19 -34.48 75.19
C VAL C 689 -4.25 -35.01 76.16
N ALA C 690 -3.79 -35.69 77.21
CA ALA C 690 -4.70 -36.33 78.16
C ALA C 690 -5.33 -35.28 79.07
N TYR C 691 -6.16 -34.44 78.46
CA TYR C 691 -6.78 -33.34 79.19
C TYR C 691 -7.69 -33.86 80.31
N SER C 692 -7.71 -33.10 81.40
CA SER C 692 -8.66 -33.33 82.48
C SER C 692 -9.01 -31.97 83.06
N ASN C 693 -9.65 -31.97 84.22
CA ASN C 693 -10.07 -30.72 84.86
C ASN C 693 -9.50 -30.54 86.27
N ASN C 694 -8.53 -31.36 86.68
CA ASN C 694 -7.77 -31.06 87.88
C ASN C 694 -6.30 -31.42 87.69
N SER C 695 -5.80 -31.35 86.46
CA SER C 695 -4.41 -31.71 86.16
C SER C 695 -3.68 -30.51 85.58
N ILE C 696 -2.35 -30.57 85.64
CA ILE C 696 -1.51 -29.48 85.16
C ILE C 696 -0.14 -30.05 84.80
N ALA C 697 0.50 -29.43 83.83
CA ALA C 697 1.86 -29.78 83.42
C ALA C 697 2.78 -28.58 83.60
N ILE C 698 3.96 -28.81 84.15
CA ILE C 698 4.91 -27.73 84.43
C ILE C 698 6.30 -28.16 83.98
N PRO C 699 7.00 -27.33 83.20
CA PRO C 699 8.35 -27.71 82.77
C PRO C 699 9.35 -27.66 83.92
N THR C 700 10.43 -28.41 83.76
CA THR C 700 11.48 -28.49 84.76
C THR C 700 12.83 -28.01 84.22
N ASN C 701 13.22 -28.44 83.03
CA ASN C 701 14.49 -28.05 82.44
C ASN C 701 14.22 -27.07 81.30
N PHE C 702 15.29 -26.44 80.83
CA PHE C 702 15.11 -25.45 79.78
C PHE C 702 16.34 -25.40 78.90
N THR C 703 16.17 -24.84 77.71
CA THR C 703 17.23 -24.82 76.71
C THR C 703 17.25 -23.47 76.02
N ILE C 704 18.43 -23.12 75.52
CA ILE C 704 18.63 -21.93 74.71
C ILE C 704 18.86 -22.37 73.27
N SER C 705 18.12 -21.79 72.34
CA SER C 705 18.22 -22.14 70.94
C SER C 705 18.57 -20.90 70.13
N VAL C 706 19.22 -21.14 68.99
CA VAL C 706 19.66 -20.07 68.10
C VAL C 706 19.06 -20.33 66.72
N THR C 707 18.42 -19.32 66.16
CA THR C 707 17.73 -19.45 64.88
C THR C 707 18.18 -18.33 63.95
N THR C 708 18.26 -18.64 62.66
CA THR C 708 18.61 -17.66 61.65
C THR C 708 17.35 -17.08 61.04
N GLU C 709 17.52 -15.94 60.38
CA GLU C 709 16.46 -15.39 59.55
C GLU C 709 17.10 -14.43 58.56
N ILE C 710 16.68 -14.50 57.31
CA ILE C 710 17.34 -13.79 56.22
C ILE C 710 16.34 -12.87 55.55
N LEU C 711 16.71 -11.60 55.39
CA LEU C 711 15.81 -10.62 54.78
C LEU C 711 16.56 -9.84 53.70
N PRO C 712 16.05 -9.82 52.46
CA PRO C 712 16.62 -8.93 51.46
C PRO C 712 16.29 -7.48 51.79
N VAL C 713 17.19 -6.58 51.41
CA VAL C 713 17.05 -5.18 51.79
C VAL C 713 17.10 -4.27 50.57
N SER C 714 17.62 -4.77 49.45
CA SER C 714 17.78 -3.94 48.27
C SER C 714 18.07 -4.82 47.06
N MET C 715 17.95 -4.22 45.89
CA MET C 715 18.32 -4.82 44.62
C MET C 715 19.39 -3.95 43.97
N THR C 716 19.74 -4.28 42.73
CA THR C 716 20.80 -3.58 42.02
C THR C 716 20.22 -2.44 41.20
N LYS C 717 20.81 -1.26 41.33
CA LYS C 717 20.43 -0.13 40.48
C LYS C 717 20.82 -0.42 39.05
N THR C 718 20.11 0.20 38.11
CA THR C 718 20.41 0.04 36.70
C THR C 718 19.94 1.27 35.94
N SER C 719 20.56 1.49 34.78
CA SER C 719 20.21 2.60 33.91
C SER C 719 20.43 2.18 32.47
N VAL C 720 19.68 2.81 31.56
CA VAL C 720 19.70 2.45 30.15
C VAL C 720 19.81 3.73 29.32
N ASP C 721 20.27 3.56 28.08
CA ASP C 721 20.44 4.67 27.15
C ASP C 721 19.52 4.48 25.96
N CYS C 722 18.88 5.56 25.53
CA CYS C 722 17.90 5.47 24.44
C CYS C 722 18.54 4.96 23.15
N THR C 723 19.41 5.77 22.57
CA THR C 723 19.91 5.47 21.22
C THR C 723 20.89 4.32 21.23
N MET C 724 21.72 4.23 22.28
CA MET C 724 22.67 3.12 22.36
C MET C 724 21.97 1.77 22.33
N TYR C 725 20.72 1.73 22.80
CA TYR C 725 19.94 0.50 22.71
C TYR C 725 19.11 0.43 21.44
N ILE C 726 18.65 1.57 20.92
CA ILE C 726 17.65 1.55 19.86
C ILE C 726 18.22 1.00 18.56
N CYS C 727 19.20 1.69 17.97
CA CYS C 727 19.69 1.22 16.67
C CYS C 727 21.20 1.32 16.46
N GLY C 728 21.96 1.97 17.33
CA GLY C 728 23.40 1.96 17.14
C GLY C 728 23.96 2.80 16.01
N ASP C 729 23.98 4.12 16.19
CA ASP C 729 24.64 5.06 15.28
C ASP C 729 24.02 5.12 13.89
N SER C 730 22.76 5.57 13.82
CA SER C 730 22.15 6.02 12.58
C SER C 730 21.32 7.24 12.94
N THR C 731 21.82 8.43 12.60
CA THR C 731 21.19 9.68 13.06
C THR C 731 19.73 9.77 12.66
N GLU C 732 19.36 9.14 11.54
CA GLU C 732 17.95 9.10 11.16
C GLU C 732 17.10 8.44 12.23
N CYS C 733 17.67 7.50 12.99
CA CYS C 733 16.95 6.95 14.15
C CYS C 733 16.59 8.06 15.13
N SER C 734 17.55 8.91 15.46
CA SER C 734 17.29 10.00 16.40
C SER C 734 16.26 10.96 15.83
N ASN C 735 16.39 11.31 14.55
CA ASN C 735 15.43 12.22 13.94
C ASN C 735 14.02 11.65 13.96
N LEU C 736 13.88 10.35 13.70
CA LEU C 736 12.57 9.71 13.71
C LEU C 736 12.04 9.57 15.14
N LEU C 737 12.92 9.35 16.10
CA LEU C 737 12.48 9.28 17.50
C LEU C 737 12.05 10.64 18.01
N LEU C 738 12.59 11.72 17.45
CA LEU C 738 12.14 13.06 17.83
C LEU C 738 10.65 13.24 17.59
N GLN C 739 10.08 12.48 16.65
CA GLN C 739 8.62 12.46 16.53
C GLN C 739 7.97 11.95 17.80
N TYR C 740 8.53 10.88 18.38
CA TYR C 740 8.10 10.42 19.69
C TYR C 740 8.66 11.29 20.81
N GLY C 741 9.70 12.06 20.51
CA GLY C 741 10.17 13.09 21.43
C GLY C 741 10.72 12.55 22.73
N SER C 742 10.15 13.01 23.85
CA SER C 742 10.70 12.79 25.17
C SER C 742 10.22 11.49 25.81
N PHE C 743 9.85 10.49 25.01
CA PHE C 743 9.35 9.24 25.57
C PHE C 743 10.41 8.57 26.43
N CYS C 744 11.63 8.41 25.89
CA CYS C 744 12.66 7.78 26.70
C CYS C 744 13.19 8.73 27.77
N THR C 745 13.00 10.04 27.59
CA THR C 745 13.25 10.95 28.71
C THR C 745 12.31 10.64 29.87
N GLN C 746 11.04 10.39 29.56
CA GLN C 746 10.10 9.93 30.58
C GLN C 746 10.55 8.61 31.18
N LEU C 747 11.08 7.71 30.34
CA LEU C 747 11.59 6.44 30.85
C LEU C 747 12.72 6.67 31.86
N LYS C 748 13.65 7.56 31.52
CA LYS C 748 14.76 7.86 32.43
C LYS C 748 14.25 8.46 33.73
N ARG C 749 13.30 9.40 33.64
CA ARG C 749 12.74 10.02 34.83
C ARG C 749 12.09 8.97 35.73
N ALA C 750 11.35 8.04 35.13
CA ALA C 750 10.76 6.96 35.92
C ALA C 750 11.82 6.08 36.55
N LEU C 751 12.88 5.76 35.79
CA LEU C 751 13.84 4.76 36.24
C LEU C 751 14.74 5.29 37.36
N THR C 752 15.01 6.60 37.37
CA THR C 752 15.89 7.15 38.41
C THR C 752 15.26 7.07 39.80
N GLY C 753 13.93 7.00 39.87
CA GLY C 753 13.27 6.97 41.17
C GLY C 753 13.64 5.77 41.99
N ILE C 754 13.61 4.57 41.37
CA ILE C 754 13.98 3.38 42.13
C ILE C 754 15.46 3.39 42.45
N ALA C 755 16.27 4.01 41.59
CA ALA C 755 17.70 4.11 41.87
C ALA C 755 17.95 4.89 43.15
N VAL C 756 17.25 6.00 43.35
CA VAL C 756 17.43 6.72 44.62
C VAL C 756 16.73 5.98 45.75
N GLU C 757 15.65 5.26 45.45
CA GLU C 757 14.88 4.58 46.48
C GLU C 757 15.67 3.45 47.12
N GLN C 758 16.48 2.74 46.33
CA GLN C 758 17.31 1.68 46.91
C GLN C 758 18.27 2.22 47.96
N ASP C 759 18.94 3.32 47.64
CA ASP C 759 19.82 3.97 48.60
C ASP C 759 19.05 4.42 49.84
N LYS C 760 17.86 4.99 49.64
CA LYS C 760 17.06 5.41 50.78
C LYS C 760 16.71 4.21 51.66
N ASN C 761 16.37 3.08 51.04
CA ASN C 761 15.99 1.89 51.79
C ASN C 761 17.15 1.38 52.64
N THR C 762 18.34 1.27 52.04
CA THR C 762 19.48 0.78 52.81
C THR C 762 19.83 1.74 53.94
N GLN C 763 19.83 3.04 53.65
CA GLN C 763 20.16 4.03 54.67
C GLN C 763 19.16 3.97 55.82
N GLU C 764 17.89 3.79 55.50
CA GLU C 764 16.88 3.69 56.56
C GLU C 764 17.05 2.42 57.37
N VAL C 765 17.32 1.29 56.71
CA VAL C 765 17.35 0.03 57.44
C VAL C 765 18.56 -0.06 58.36
N PHE C 766 19.73 0.44 57.94
CA PHE C 766 20.89 0.36 58.82
C PHE C 766 21.17 1.63 59.62
N ALA C 767 21.29 2.78 58.97
CA ALA C 767 21.84 3.95 59.65
C ALA C 767 20.85 4.52 60.66
N GLN C 768 20.90 4.03 61.89
CA GLN C 768 20.00 4.47 62.96
C GLN C 768 20.76 4.60 64.27
N VAL C 769 22.02 5.02 64.20
CA VAL C 769 22.83 5.22 65.40
C VAL C 769 23.58 6.54 65.26
N LYS C 770 23.56 7.36 66.31
CA LYS C 770 24.18 8.68 66.25
C LYS C 770 25.70 8.59 66.35
N GLN C 771 26.22 7.59 67.06
CA GLN C 771 27.66 7.44 67.25
C GLN C 771 28.10 6.07 66.73
N ILE C 772 29.39 5.80 66.86
CA ILE C 772 29.99 4.53 66.42
C ILE C 772 30.75 3.98 67.64
N TYR C 773 30.09 3.13 68.40
CA TYR C 773 30.73 2.55 69.57
C TYR C 773 31.76 1.51 69.15
N LYS C 774 32.48 0.98 70.14
CA LYS C 774 33.44 -0.10 69.90
C LYS C 774 33.71 -0.79 71.22
N THR C 775 33.90 -2.11 71.15
CA THR C 775 34.02 -2.91 72.35
C THR C 775 35.33 -2.62 73.07
N PRO C 776 35.35 -2.78 74.40
CA PRO C 776 36.62 -2.64 75.12
C PRO C 776 37.58 -3.74 74.72
N PRO C 777 38.89 -3.47 74.79
CA PRO C 777 39.86 -4.50 74.37
C PRO C 777 39.78 -5.78 75.17
N ILE C 778 39.49 -5.70 76.46
CA ILE C 778 39.37 -6.89 77.30
C ILE C 778 37.93 -7.38 77.24
N LYS C 779 37.76 -8.69 77.01
CA LYS C 779 36.45 -9.27 76.72
C LYS C 779 36.25 -10.53 77.55
N TYR C 780 35.50 -10.42 78.65
CA TYR C 780 35.03 -11.58 79.40
C TYR C 780 33.59 -11.28 79.83
N PHE C 781 32.63 -11.76 79.03
CA PHE C 781 31.23 -11.50 79.28
C PHE C 781 30.58 -12.67 80.01
N GLY C 782 31.05 -12.91 81.24
CA GLY C 782 30.45 -13.89 82.11
C GLY C 782 30.37 -15.29 81.53
N GLY C 783 31.47 -15.76 80.93
CA GLY C 783 31.51 -17.07 80.34
C GLY C 783 30.98 -17.17 78.93
N PHE C 784 30.29 -16.14 78.43
CA PHE C 784 29.84 -16.16 77.05
C PHE C 784 31.02 -15.96 76.11
N ASN C 785 30.85 -16.43 74.88
CA ASN C 785 31.92 -16.41 73.87
C ASN C 785 31.35 -15.80 72.59
N PHE C 786 31.48 -14.48 72.47
CA PHE C 786 31.02 -13.77 71.29
C PHE C 786 32.11 -13.54 70.26
N SER C 787 33.30 -14.10 70.46
CA SER C 787 34.42 -13.85 69.56
C SER C 787 34.12 -14.26 68.13
N GLN C 788 33.15 -15.15 67.92
CA GLN C 788 32.84 -15.61 66.57
C GLN C 788 32.18 -14.54 65.72
N ILE C 789 31.69 -13.45 66.32
CA ILE C 789 30.95 -12.44 65.58
C ILE C 789 31.54 -11.03 65.69
N LEU C 790 32.35 -10.75 66.70
CA LEU C 790 32.93 -9.41 66.82
C LEU C 790 33.91 -9.16 65.67
N PRO C 791 34.04 -7.90 65.23
CA PRO C 791 34.81 -7.62 64.02
C PRO C 791 36.26 -8.06 64.12
N ASP C 792 36.82 -8.44 62.98
CA ASP C 792 38.17 -8.99 62.89
C ASP C 792 39.11 -7.95 62.26
N PRO C 793 40.12 -7.48 62.99
CA PRO C 793 41.06 -6.52 62.38
C PRO C 793 42.07 -7.18 61.45
N SER C 794 42.52 -8.40 61.80
CA SER C 794 43.55 -9.09 61.03
C SER C 794 42.94 -9.74 59.78
N LYS C 795 42.41 -8.89 58.91
CA LYS C 795 41.71 -9.31 57.72
C LYS C 795 41.45 -8.06 56.87
N PRO C 796 41.30 -8.19 55.55
CA PRO C 796 40.80 -7.06 54.77
C PRO C 796 39.45 -6.60 55.31
N SER C 797 39.30 -5.28 55.44
CA SER C 797 38.15 -4.67 56.11
C SER C 797 38.04 -5.16 57.55
N LYS C 798 36.88 -4.96 58.17
CA LYS C 798 36.61 -5.43 59.52
C LYS C 798 35.60 -6.57 59.53
N ARG C 799 35.29 -7.13 58.36
CA ARG C 799 34.28 -8.16 58.24
C ARG C 799 34.63 -9.38 59.09
N SER C 800 33.79 -9.68 60.09
CA SER C 800 34.08 -10.74 61.06
C SER C 800 33.73 -12.10 60.47
N PHE C 801 33.70 -13.12 61.33
CA PHE C 801 33.77 -14.50 60.87
C PHE C 801 32.50 -14.93 60.13
N ILE C 802 31.35 -14.86 60.80
CA ILE C 802 30.14 -15.49 60.26
C ILE C 802 29.70 -14.83 58.96
N GLU C 803 29.69 -13.49 58.93
CA GLU C 803 29.24 -12.82 57.72
C GLU C 803 30.24 -13.00 56.58
N ASP C 804 31.54 -13.07 56.89
CA ASP C 804 32.51 -13.43 55.87
C ASP C 804 32.25 -14.83 55.33
N LEU C 805 31.93 -15.76 56.23
CA LEU C 805 31.63 -17.13 55.83
C LEU C 805 30.48 -17.14 54.82
N LEU C 806 29.38 -16.46 55.15
CA LEU C 806 28.23 -16.48 54.24
C LEU C 806 28.53 -15.70 52.95
N PHE C 807 29.26 -14.59 53.08
CA PHE C 807 29.58 -13.75 51.92
C PHE C 807 30.41 -14.52 50.90
N ASN C 808 31.41 -15.26 51.38
CA ASN C 808 32.18 -16.13 50.49
C ASN C 808 31.40 -17.38 50.10
N LYS C 809 30.39 -17.75 50.89
CA LYS C 809 29.54 -18.88 50.52
C LYS C 809 28.70 -18.57 49.29
N VAL C 810 28.27 -17.31 49.15
CA VAL C 810 27.39 -16.95 48.05
C VAL C 810 28.09 -17.20 46.72
N THR C 811 29.15 -16.42 46.45
CA THR C 811 29.96 -16.52 45.24
C THR C 811 29.17 -16.85 43.97
N LEU C 812 28.01 -16.23 43.78
CA LEU C 812 27.24 -16.42 42.57
C LEU C 812 26.91 -15.13 41.83
N ALA C 813 26.72 -14.02 42.53
CA ALA C 813 26.53 -12.75 41.85
C ALA C 813 27.81 -12.32 41.12
N ASP C 814 28.97 -12.59 41.73
CA ASP C 814 30.27 -12.24 41.16
C ASP C 814 30.37 -10.73 40.88
N ALA C 815 29.78 -9.94 41.77
CA ALA C 815 29.86 -8.48 41.73
C ALA C 815 29.37 -7.92 40.39
N GLY C 816 30.31 -7.66 39.48
CA GLY C 816 29.97 -7.04 38.22
C GLY C 816 29.82 -5.53 38.27
N PHE C 817 30.12 -4.91 39.41
CA PHE C 817 29.99 -3.46 39.58
C PHE C 817 31.19 -2.73 38.99
N ILE C 818 31.41 -2.96 37.69
CA ILE C 818 32.52 -2.42 36.91
C ILE C 818 33.80 -2.35 37.75
N LYS C 819 34.31 -3.52 38.14
CA LYS C 819 35.49 -3.59 39.00
C LYS C 819 36.69 -3.17 38.18
N GLN C 820 36.80 -1.87 37.95
CA GLN C 820 37.77 -1.29 37.03
C GLN C 820 37.72 -2.02 35.69
N TYR C 821 36.58 -1.89 35.04
CA TYR C 821 36.43 -2.42 33.70
C TYR C 821 37.00 -1.47 32.68
N GLY C 822 36.77 -1.78 31.41
CA GLY C 822 37.64 -1.34 30.35
C GLY C 822 38.82 -2.26 30.14
N ASP C 823 39.03 -3.21 31.06
CA ASP C 823 40.02 -4.27 30.86
C ASP C 823 39.61 -5.20 29.73
N CYS C 824 38.30 -5.33 29.48
CA CYS C 824 37.84 -6.09 28.33
C CYS C 824 37.88 -5.21 27.09
N LEU C 825 39.04 -4.58 26.86
CA LEU C 825 39.30 -3.81 25.64
C LEU C 825 40.23 -4.60 24.72
N GLY C 826 41.41 -4.95 25.20
CA GLY C 826 42.20 -6.01 24.61
C GLY C 826 41.91 -7.30 25.35
N ASP C 827 41.03 -8.12 24.79
CA ASP C 827 40.44 -9.24 25.53
C ASP C 827 41.49 -10.31 25.78
N ILE C 828 42.00 -10.37 27.01
CA ILE C 828 42.85 -11.46 27.44
C ILE C 828 42.09 -12.44 28.33
N ALA C 829 40.95 -12.05 28.89
CA ALA C 829 40.13 -12.91 29.72
C ALA C 829 39.07 -13.58 28.84
N ALA C 830 38.08 -14.20 29.47
CA ALA C 830 37.01 -14.89 28.77
C ALA C 830 35.86 -13.96 28.39
N ARG C 831 36.05 -12.65 28.51
CA ARG C 831 35.11 -11.62 28.07
C ARG C 831 33.90 -11.54 29.00
N ASP C 832 33.77 -12.49 29.90
CA ASP C 832 32.66 -12.56 30.88
C ASP C 832 31.34 -12.33 30.15
N LEU C 833 30.39 -11.66 30.83
CA LEU C 833 29.18 -11.18 30.17
C LEU C 833 28.78 -9.78 30.60
N ILE C 834 29.39 -9.22 31.66
CA ILE C 834 29.03 -7.87 32.10
C ILE C 834 29.42 -6.84 31.06
N CYS C 835 30.56 -7.03 30.39
CA CYS C 835 30.98 -6.10 29.36
C CYS C 835 29.97 -6.01 28.24
N ALA C 836 29.45 -7.16 27.78
CA ALA C 836 28.48 -7.16 26.69
C ALA C 836 27.24 -6.37 27.07
N GLN C 837 26.72 -6.60 28.27
CA GLN C 837 25.59 -5.81 28.75
C GLN C 837 25.93 -4.34 28.82
N LYS C 838 27.17 -4.00 29.19
CA LYS C 838 27.56 -2.60 29.28
C LYS C 838 27.54 -1.93 27.90
N PHE C 839 28.03 -2.62 26.88
CA PHE C 839 28.07 -2.03 25.54
C PHE C 839 26.69 -1.97 24.87
N LYS C 840 25.62 -2.26 25.60
CA LYS C 840 24.26 -2.04 25.11
C LYS C 840 23.56 -0.91 25.85
N GLY C 841 24.30 -0.12 26.63
CA GLY C 841 23.74 0.97 27.38
C GLY C 841 23.17 0.58 28.73
N LEU C 842 23.20 -0.71 29.09
CA LEU C 842 22.64 -1.18 30.35
C LEU C 842 23.67 -0.98 31.47
N THR C 843 23.95 0.29 31.74
CA THR C 843 24.89 0.63 32.80
C THR C 843 24.32 0.23 34.16
N VAL C 844 25.18 -0.29 35.02
CA VAL C 844 24.82 -0.65 36.38
C VAL C 844 25.53 0.32 37.32
N LEU C 845 24.77 1.00 38.15
CA LEU C 845 25.46 1.95 39.00
C LEU C 845 25.95 1.27 40.27
N PRO C 846 27.04 1.76 40.86
CA PRO C 846 27.51 1.18 42.12
C PRO C 846 26.75 1.75 43.30
N PRO C 847 26.45 0.93 44.31
CA PRO C 847 25.73 1.43 45.47
C PRO C 847 26.55 2.45 46.23
N LEU C 848 25.86 3.38 46.88
CA LEU C 848 26.54 4.47 47.57
C LEU C 848 27.34 3.95 48.76
N LEU C 849 26.77 3.03 49.53
CA LEU C 849 27.39 2.54 50.75
C LEU C 849 28.17 1.26 50.44
N THR C 850 29.49 1.30 50.66
CA THR C 850 30.29 0.10 50.48
C THR C 850 30.03 -0.87 51.61
N ASP C 851 30.45 -2.12 51.39
CA ASP C 851 30.18 -3.18 52.37
C ASP C 851 30.91 -2.94 53.68
N GLU C 852 32.12 -2.36 53.62
CA GLU C 852 32.93 -2.21 54.82
C GLU C 852 32.23 -1.33 55.86
N MET C 853 31.68 -0.20 55.43
CA MET C 853 31.00 0.66 56.39
C MET C 853 29.65 0.08 56.83
N ILE C 854 29.03 -0.76 56.01
CA ILE C 854 27.86 -1.50 56.48
C ILE C 854 28.26 -2.41 57.63
N ALA C 855 29.38 -3.12 57.47
CA ALA C 855 29.92 -3.93 58.55
C ALA C 855 30.24 -3.06 59.76
N GLN C 856 30.71 -1.84 59.54
CA GLN C 856 31.01 -0.94 60.64
C GLN C 856 29.75 -0.59 61.44
N TYR C 857 28.66 -0.25 60.75
CA TYR C 857 27.39 -0.02 61.44
C TYR C 857 26.92 -1.26 62.19
N THR C 858 27.03 -2.43 61.57
CA THR C 858 26.58 -3.64 62.25
C THR C 858 27.40 -3.90 63.50
N SER C 859 28.72 -3.68 63.43
CA SER C 859 29.57 -3.84 64.61
C SER C 859 29.23 -2.82 65.67
N ALA C 860 28.93 -1.58 65.28
CA ALA C 860 28.54 -0.58 66.25
C ALA C 860 27.25 -0.98 66.97
N LEU C 861 26.27 -1.45 66.21
CA LEU C 861 25.01 -1.89 66.82
C LEU C 861 25.24 -3.07 67.76
N LEU C 862 26.07 -4.02 67.34
CA LEU C 862 26.35 -5.18 68.18
C LEU C 862 27.05 -4.75 69.46
N ALA C 863 28.00 -3.82 69.36
CA ALA C 863 28.66 -3.32 70.56
C ALA C 863 27.67 -2.62 71.48
N GLY C 864 26.78 -1.81 70.91
CA GLY C 864 25.78 -1.15 71.72
C GLY C 864 24.92 -2.13 72.48
N THR C 865 24.43 -3.16 71.79
CA THR C 865 23.52 -4.10 72.44
C THR C 865 24.24 -5.02 73.42
N ILE C 866 25.54 -5.29 73.20
CA ILE C 866 26.26 -6.13 74.15
C ILE C 866 26.59 -5.35 75.42
N THR C 867 26.94 -4.07 75.29
CA THR C 867 27.49 -3.35 76.43
C THR C 867 26.49 -2.44 77.13
N SER C 868 25.35 -2.12 76.52
CA SER C 868 24.44 -1.17 77.11
C SER C 868 22.99 -1.65 77.12
N GLY C 869 22.73 -2.88 76.76
CA GLY C 869 21.37 -3.38 76.78
C GLY C 869 20.53 -2.66 75.74
N TRP C 870 19.45 -2.01 76.20
CA TRP C 870 18.53 -1.33 75.32
C TRP C 870 18.49 0.18 75.52
N THR C 871 19.06 0.69 76.61
CA THR C 871 18.92 2.10 76.94
C THR C 871 19.51 3.01 75.87
N PHE C 872 20.50 2.52 75.12
CA PHE C 872 21.07 3.34 74.06
C PHE C 872 20.15 3.46 72.85
N GLY C 873 19.07 2.68 72.80
CA GLY C 873 18.08 2.87 71.76
C GLY C 873 17.33 4.19 71.91
N ALA C 874 17.04 4.58 73.15
CA ALA C 874 16.30 5.80 73.41
C ALA C 874 17.21 6.99 73.64
N GLY C 875 18.10 6.88 74.64
CA GLY C 875 19.02 7.96 74.93
C GLY C 875 20.46 7.57 74.66
N ALA C 876 21.39 8.09 75.46
CA ALA C 876 22.79 7.77 75.31
C ALA C 876 23.06 6.34 75.81
N ALA C 877 24.30 5.89 75.63
CA ALA C 877 24.69 4.57 76.08
C ALA C 877 24.94 4.56 77.57
N LEU C 878 24.52 3.49 78.24
CA LEU C 878 24.68 3.32 79.68
C LEU C 878 25.25 1.94 79.95
N GLN C 879 26.48 1.89 80.47
CA GLN C 879 27.11 0.61 80.77
C GLN C 879 26.40 -0.09 81.91
N ILE C 880 26.41 -1.42 81.85
CA ILE C 880 25.73 -2.27 82.82
C ILE C 880 26.28 -3.68 82.67
N PRO C 881 26.53 -4.40 83.77
CA PRO C 881 27.08 -5.75 83.64
C PRO C 881 26.13 -6.67 82.87
N PHE C 882 26.74 -7.60 82.13
CA PHE C 882 25.97 -8.46 81.23
C PHE C 882 24.97 -9.32 81.99
N ALA C 883 25.41 -9.90 83.11
CA ALA C 883 24.51 -10.72 83.92
C ALA C 883 23.28 -9.93 84.35
N MET C 884 23.46 -8.65 84.66
CA MET C 884 22.32 -7.82 85.00
C MET C 884 21.31 -7.77 83.85
N GLN C 885 21.81 -7.60 82.62
CA GLN C 885 20.91 -7.52 81.48
C GLN C 885 20.20 -8.85 81.24
N MET C 886 20.91 -9.96 81.39
CA MET C 886 20.25 -11.26 81.23
C MET C 886 19.20 -11.48 82.31
N ALA C 887 19.49 -11.05 83.55
CA ALA C 887 18.48 -11.15 84.59
C ALA C 887 17.26 -10.30 84.26
N TYR C 888 17.48 -9.10 83.72
CA TYR C 888 16.36 -8.28 83.27
C TYR C 888 15.53 -9.01 82.23
N ARG C 889 16.18 -9.58 81.23
CA ARG C 889 15.46 -10.19 80.12
C ARG C 889 14.69 -11.43 80.58
N PHE C 890 15.25 -12.19 81.52
CA PHE C 890 14.45 -13.26 82.14
C PHE C 890 13.28 -12.69 82.92
N ASN C 891 13.50 -11.59 83.64
CA ASN C 891 12.39 -10.94 84.34
C ASN C 891 11.30 -10.52 83.38
N GLY C 892 11.65 -10.26 82.12
CA GLY C 892 10.64 -9.92 81.13
C GLY C 892 9.71 -11.08 80.86
N ILE C 893 10.25 -12.25 80.52
CA ILE C 893 9.42 -13.42 80.19
C ILE C 893 9.23 -14.20 81.48
N GLY C 894 8.26 -13.75 82.28
CA GLY C 894 7.66 -14.52 83.35
C GLY C 894 8.53 -15.42 84.21
N VAL C 895 9.80 -15.06 84.42
CA VAL C 895 10.69 -15.86 85.25
C VAL C 895 11.51 -14.91 86.12
N THR C 896 11.62 -15.24 87.40
CA THR C 896 12.34 -14.38 88.34
C THR C 896 13.84 -14.53 88.18
N GLN C 897 14.58 -13.59 88.79
CA GLN C 897 16.03 -13.53 88.62
C GLN C 897 16.75 -14.72 89.23
N ASN C 898 16.10 -15.48 90.10
CA ASN C 898 16.76 -16.56 90.82
C ASN C 898 16.92 -17.82 89.99
N VAL C 899 16.79 -17.74 88.68
CA VAL C 899 17.01 -18.90 87.82
C VAL C 899 18.35 -18.75 87.13
N LEU C 900 18.83 -17.51 87.02
CA LEU C 900 20.04 -17.25 86.24
C LEU C 900 21.30 -17.37 87.08
N TYR C 901 21.29 -16.82 88.29
CA TYR C 901 22.50 -16.77 89.10
C TYR C 901 23.00 -18.14 89.53
N GLU C 902 22.18 -19.18 89.42
CA GLU C 902 22.61 -20.54 89.73
C GLU C 902 22.44 -21.46 88.52
N ASN C 903 22.46 -20.87 87.32
CA ASN C 903 22.51 -21.64 86.08
C ASN C 903 23.45 -20.98 85.07
N GLN C 904 24.35 -20.11 85.52
CA GLN C 904 25.18 -19.33 84.62
C GLN C 904 26.03 -20.22 83.72
N LYS C 905 26.69 -21.22 84.31
CA LYS C 905 27.57 -22.07 83.54
C LYS C 905 26.80 -22.87 82.48
N LEU C 906 25.64 -23.40 82.85
CA LEU C 906 24.83 -24.13 81.88
C LEU C 906 24.37 -23.22 80.76
N ILE C 907 23.96 -21.99 81.11
CA ILE C 907 23.55 -21.02 80.09
C ILE C 907 24.70 -20.78 79.11
N ALA C 908 25.89 -20.51 79.62
CA ALA C 908 27.02 -20.23 78.75
C ALA C 908 27.36 -21.42 77.87
N ASN C 909 27.37 -22.62 78.46
CA ASN C 909 27.73 -23.81 77.70
C ASN C 909 26.73 -24.08 76.58
N GLN C 910 25.44 -23.98 76.88
CA GLN C 910 24.43 -24.20 75.85
C GLN C 910 24.51 -23.13 74.78
N PHE C 911 24.73 -21.87 75.15
CA PHE C 911 24.87 -20.82 74.17
C PHE C 911 26.03 -21.10 73.22
N ASN C 912 27.19 -21.45 73.79
CA ASN C 912 28.38 -21.70 72.97
C ASN C 912 28.17 -22.91 72.06
N SER C 913 27.57 -23.98 72.59
CA SER C 913 27.29 -25.14 71.76
C SER C 913 26.35 -24.78 70.62
N ALA C 914 25.32 -24.00 70.90
CA ALA C 914 24.36 -23.61 69.87
C ALA C 914 25.02 -22.75 68.80
N ILE C 915 25.91 -21.84 69.20
CA ILE C 915 26.54 -20.98 68.21
C ILE C 915 27.54 -21.77 67.37
N GLY C 916 28.24 -22.73 67.97
CA GLY C 916 29.06 -23.62 67.17
C GLY C 916 28.23 -24.42 66.18
N LYS C 917 27.07 -24.91 66.63
CA LYS C 917 26.19 -25.66 65.76
C LYS C 917 25.70 -24.79 64.60
N ILE C 918 25.36 -23.54 64.87
CA ILE C 918 24.86 -22.68 63.79
C ILE C 918 25.98 -22.37 62.81
N GLN C 919 27.21 -22.18 63.31
CA GLN C 919 28.34 -21.99 62.40
C GLN C 919 28.49 -23.20 61.49
N ASP C 920 28.48 -24.40 62.06
CA ASP C 920 28.65 -25.61 61.25
C ASP C 920 27.51 -25.77 60.26
N SER C 921 26.28 -25.55 60.69
CA SER C 921 25.13 -25.72 59.81
C SER C 921 25.16 -24.72 58.66
N LEU C 922 25.50 -23.46 58.95
CA LEU C 922 25.59 -22.47 57.88
C LEU C 922 26.71 -22.81 56.91
N SER C 923 27.86 -23.25 57.44
CA SER C 923 28.96 -23.65 56.57
C SER C 923 28.64 -24.88 55.75
N SER C 924 27.70 -25.71 56.19
CA SER C 924 27.40 -26.96 55.49
C SER C 924 26.47 -26.72 54.30
N THR C 925 25.27 -26.21 54.56
CA THR C 925 24.26 -26.05 53.53
C THR C 925 24.41 -24.69 52.87
N ALA C 926 24.68 -24.70 51.56
CA ALA C 926 24.77 -23.48 50.76
C ALA C 926 23.45 -23.12 50.08
N SER C 927 22.42 -23.97 50.21
CA SER C 927 21.13 -23.72 49.58
C SER C 927 20.09 -23.20 50.56
N ALA C 928 20.46 -22.92 51.80
CA ALA C 928 19.54 -22.39 52.78
C ALA C 928 19.29 -20.89 52.62
N LEU C 929 20.10 -20.19 51.83
CA LEU C 929 19.91 -18.76 51.66
C LEU C 929 18.61 -18.46 50.93
N GLY C 930 18.38 -19.11 49.80
CA GLY C 930 17.13 -18.92 49.09
C GLY C 930 16.95 -17.54 48.49
N LYS C 931 16.12 -16.73 49.15
CA LYS C 931 15.61 -15.49 48.58
C LYS C 931 16.75 -14.61 48.04
N LEU C 932 17.83 -14.46 48.80
CA LEU C 932 18.91 -13.58 48.36
C LEU C 932 19.42 -13.98 47.00
N GLN C 933 19.62 -15.27 46.76
CA GLN C 933 20.00 -15.74 45.43
C GLN C 933 18.90 -15.43 44.43
N ASP C 934 17.66 -15.80 44.78
CA ASP C 934 16.55 -15.72 43.83
C ASP C 934 16.46 -14.34 43.20
N VAL C 935 16.42 -13.31 44.05
CA VAL C 935 16.34 -11.93 43.56
C VAL C 935 17.34 -11.71 42.43
N VAL C 936 18.61 -12.02 42.69
CA VAL C 936 19.65 -11.75 41.69
C VAL C 936 19.29 -12.43 40.38
N ASN C 937 18.94 -13.72 40.45
CA ASN C 937 18.55 -14.46 39.26
C ASN C 937 17.55 -13.65 38.46
N HIS C 938 16.42 -13.29 39.10
CA HIS C 938 15.37 -12.57 38.40
C HIS C 938 15.94 -11.38 37.66
N ASN C 939 16.71 -10.55 38.36
CA ASN C 939 17.31 -9.38 37.73
C ASN C 939 18.01 -9.79 36.45
N ALA C 940 19.03 -10.65 36.59
CA ALA C 940 19.79 -11.06 35.42
C ALA C 940 18.86 -11.64 34.37
N GLN C 941 17.92 -12.48 34.81
CA GLN C 941 17.00 -13.10 33.87
C GLN C 941 16.32 -12.05 33.02
N ALA C 942 15.73 -11.03 33.67
CA ALA C 942 15.05 -9.99 32.92
C ALA C 942 16.01 -9.32 31.97
N LEU C 943 17.20 -8.97 32.46
CA LEU C 943 18.19 -8.34 31.59
C LEU C 943 18.49 -9.21 30.39
N ASN C 944 18.64 -10.52 30.62
CA ASN C 944 18.90 -11.43 29.51
C ASN C 944 17.81 -11.28 28.46
N THR C 945 16.55 -11.34 28.88
CA THR C 945 15.44 -11.12 27.96
C THR C 945 15.62 -9.80 27.24
N LEU C 946 15.84 -8.73 28.01
CA LEU C 946 15.97 -7.40 27.43
C LEU C 946 17.07 -7.35 26.38
N VAL C 947 18.08 -8.21 26.53
CA VAL C 947 19.11 -8.28 25.50
C VAL C 947 18.67 -9.19 24.36
N LYS C 948 18.20 -10.39 24.70
CA LYS C 948 17.93 -11.39 23.66
C LYS C 948 16.80 -10.93 22.74
N GLN C 949 15.72 -10.40 23.33
CA GLN C 949 14.61 -9.91 22.53
C GLN C 949 15.03 -8.75 21.64
N LEU C 950 16.19 -8.13 21.92
CA LEU C 950 16.72 -7.12 21.03
C LEU C 950 16.88 -7.65 19.62
N SER C 951 17.22 -8.93 19.48
CA SER C 951 17.40 -9.55 18.17
C SER C 951 16.10 -9.97 17.51
N SER C 952 14.95 -9.48 17.99
CA SER C 952 13.67 -9.88 17.42
C SER C 952 13.56 -9.43 15.97
N LYS C 953 13.01 -10.32 15.13
CA LYS C 953 12.79 -9.97 13.73
C LYS C 953 11.74 -8.88 13.58
N PHE C 954 10.67 -8.95 14.37
CA PHE C 954 9.56 -7.99 14.32
C PHE C 954 8.94 -7.90 12.94
N GLY C 955 9.02 -8.98 12.17
CA GLY C 955 8.44 -9.00 10.84
C GLY C 955 9.05 -8.00 9.88
N ALA C 956 10.37 -7.86 9.92
CA ALA C 956 11.10 -6.95 9.04
C ALA C 956 11.94 -7.74 8.05
N ILE C 957 12.41 -7.03 7.01
CA ILE C 957 13.31 -7.66 6.05
C ILE C 957 14.62 -8.04 6.72
N SER C 958 15.18 -7.12 7.51
CA SER C 958 16.45 -7.34 8.18
C SER C 958 16.31 -6.97 9.66
N SER C 959 17.07 -7.66 10.49
CA SER C 959 17.11 -7.37 11.92
C SER C 959 18.16 -6.33 12.28
N VAL C 960 18.91 -5.81 11.30
CA VAL C 960 19.94 -4.81 11.52
C VAL C 960 19.65 -3.62 10.62
N LEU C 961 19.93 -2.42 11.14
CA LEU C 961 19.47 -1.20 10.48
C LEU C 961 20.23 -0.94 9.18
N ASN C 962 21.51 -1.31 9.13
CA ASN C 962 22.33 -0.97 7.97
C ASN C 962 21.82 -1.63 6.71
N ASP C 963 21.40 -2.90 6.80
CA ASP C 963 20.92 -3.61 5.62
C ASP C 963 19.64 -2.99 5.08
N ILE C 964 18.70 -2.67 5.96
CA ILE C 964 17.45 -2.03 5.54
C ILE C 964 17.74 -0.68 4.91
N PHE C 965 18.61 0.12 5.54
CA PHE C 965 18.92 1.43 5.01
C PHE C 965 19.70 1.36 3.71
N SER C 966 20.44 0.28 3.47
CA SER C 966 21.24 0.16 2.26
C SER C 966 20.41 -0.37 1.09
N ARG C 967 19.83 -1.57 1.24
CA ARG C 967 19.15 -2.20 0.11
C ARG C 967 17.88 -1.48 -0.29
N LEU C 968 17.38 -0.55 0.52
CA LEU C 968 16.16 0.17 0.19
C LEU C 968 16.40 1.67 0.28
N ASP C 969 15.72 2.42 -0.57
CA ASP C 969 15.70 3.86 -0.43
C ASP C 969 14.80 4.22 0.76
N PRO C 970 15.20 5.18 1.58
CA PRO C 970 14.56 5.36 2.90
C PRO C 970 13.05 5.53 2.82
N PRO C 971 12.51 6.20 1.78
CA PRO C 971 11.04 6.21 1.60
C PRO C 971 10.39 4.85 1.76
N GLU C 972 10.79 3.85 0.98
CA GLU C 972 10.15 2.55 1.07
C GLU C 972 10.51 1.78 2.33
N ALA C 973 11.56 2.18 3.04
CA ALA C 973 11.95 1.54 4.29
C ALA C 973 11.36 2.23 5.51
N GLU C 974 10.63 3.33 5.32
CA GLU C 974 10.09 4.09 6.45
C GLU C 974 9.18 3.24 7.32
N VAL C 975 8.26 2.51 6.69
CA VAL C 975 7.29 1.73 7.45
C VAL C 975 7.99 0.65 8.26
N GLN C 976 8.95 -0.06 7.65
CA GLN C 976 9.65 -1.12 8.34
C GLN C 976 10.46 -0.57 9.51
N ILE C 977 11.20 0.52 9.28
CA ILE C 977 12.05 1.06 10.33
C ILE C 977 11.20 1.60 11.48
N ASP C 978 10.04 2.19 11.16
CA ASP C 978 9.18 2.70 12.23
C ASP C 978 8.52 1.57 12.99
N ARG C 979 8.16 0.48 12.32
CA ARG C 979 7.65 -0.69 13.02
C ARG C 979 8.70 -1.25 13.98
N LEU C 980 9.94 -1.33 13.53
CA LEU C 980 11.02 -1.80 14.40
C LEU C 980 11.19 -0.88 15.59
N ILE C 981 11.13 0.44 15.36
CA ILE C 981 11.21 1.41 16.45
C ILE C 981 10.11 1.16 17.46
N THR C 982 8.87 1.04 16.99
CA THR C 982 7.75 0.85 17.90
C THR C 982 7.89 -0.43 18.70
N GLY C 983 8.32 -1.52 18.06
CA GLY C 983 8.48 -2.78 18.78
C GLY C 983 9.53 -2.69 19.87
N ARG C 984 10.69 -2.11 19.54
CA ARG C 984 11.74 -2.00 20.55
C ARG C 984 11.32 -1.09 21.70
N LEU C 985 10.64 0.01 21.39
CA LEU C 985 10.17 0.92 22.43
C LEU C 985 9.16 0.21 23.34
N GLN C 986 8.26 -0.57 22.75
CA GLN C 986 7.30 -1.33 23.54
C GLN C 986 8.00 -2.31 24.47
N SER C 987 9.02 -3.02 23.97
CA SER C 987 9.75 -3.95 24.81
C SER C 987 10.42 -3.23 25.98
N LEU C 988 11.06 -2.10 25.70
CA LEU C 988 11.69 -1.33 26.77
C LEU C 988 10.66 -0.89 27.81
N GLN C 989 9.48 -0.46 27.34
CA GLN C 989 8.44 -0.01 28.25
C GLN C 989 7.98 -1.14 29.17
N THR C 990 7.76 -2.33 28.61
CA THR C 990 7.31 -3.43 29.46
C THR C 990 8.38 -3.86 30.44
N TYR C 991 9.66 -3.78 30.04
CA TYR C 991 10.74 -4.06 30.99
C TYR C 991 10.72 -3.07 32.14
N VAL C 992 10.56 -1.78 31.83
CA VAL C 992 10.52 -0.76 32.87
C VAL C 992 9.34 -1.02 33.81
N THR C 993 8.19 -1.39 33.25
CA THR C 993 7.04 -1.68 34.09
C THR C 993 7.32 -2.84 35.03
N GLN C 994 7.94 -3.91 34.53
CA GLN C 994 8.23 -5.05 35.39
C GLN C 994 9.19 -4.67 36.51
N GLN C 995 10.23 -3.90 36.19
CA GLN C 995 11.16 -3.47 37.24
C GLN C 995 10.46 -2.62 38.28
N LEU C 996 9.58 -1.71 37.84
CA LEU C 996 8.80 -0.92 38.79
C LEU C 996 7.94 -1.82 39.67
N ILE C 997 7.44 -2.93 39.11
CA ILE C 997 6.67 -3.88 39.91
C ILE C 997 7.54 -4.45 41.01
N ARG C 998 8.73 -4.91 40.66
CA ARG C 998 9.59 -5.55 41.65
C ARG C 998 10.03 -4.57 42.74
N ALA C 999 10.14 -3.30 42.38
CA ALA C 999 10.62 -2.30 43.35
C ALA C 999 9.71 -2.21 44.56
N ALA C 1000 8.40 -2.24 44.35
CA ALA C 1000 7.46 -2.13 45.47
C ALA C 1000 7.57 -3.31 46.42
N GLU C 1001 7.72 -4.52 45.86
CA GLU C 1001 7.88 -5.71 46.69
C GLU C 1001 9.14 -5.62 47.53
N ILE C 1002 10.25 -5.18 46.92
CA ILE C 1002 11.48 -5.01 47.69
C ILE C 1002 11.30 -3.95 48.76
N ARG C 1003 10.54 -2.89 48.45
CA ARG C 1003 10.27 -1.86 49.43
C ARG C 1003 9.51 -2.41 50.63
N ALA C 1004 8.49 -3.23 50.39
CA ALA C 1004 7.75 -3.82 51.49
C ALA C 1004 8.64 -4.71 52.35
N SER C 1005 9.49 -5.52 51.70
CA SER C 1005 10.40 -6.37 52.46
C SER C 1005 11.36 -5.53 53.29
N ALA C 1006 11.85 -4.42 52.73
CA ALA C 1006 12.74 -3.55 53.48
C ALA C 1006 12.04 -2.91 54.68
N ASN C 1007 10.78 -2.51 54.50
CA ASN C 1007 10.02 -1.97 55.63
C ASN C 1007 9.89 -3.02 56.74
N LEU C 1008 9.56 -4.25 56.37
CA LEU C 1008 9.46 -5.31 57.39
C LEU C 1008 10.78 -5.52 58.10
N ALA C 1009 11.88 -5.55 57.34
CA ALA C 1009 13.20 -5.76 57.96
C ALA C 1009 13.55 -4.61 58.90
N ALA C 1010 13.27 -3.38 58.50
CA ALA C 1010 13.55 -2.24 59.37
C ALA C 1010 12.75 -2.32 60.65
N THR C 1011 11.47 -2.68 60.55
CA THR C 1011 10.65 -2.84 61.75
C THR C 1011 11.22 -3.91 62.66
N LYS C 1012 11.60 -5.06 62.09
CA LYS C 1012 12.11 -6.15 62.90
C LYS C 1012 13.41 -5.77 63.60
N MET C 1013 14.31 -5.08 62.89
CA MET C 1013 15.57 -4.70 63.52
C MET C 1013 15.34 -3.65 64.59
N SER C 1014 14.44 -2.71 64.34
CA SER C 1014 14.19 -1.67 65.34
C SER C 1014 13.53 -2.23 66.58
N GLU C 1015 12.74 -3.29 66.43
CA GLU C 1015 12.03 -3.83 67.59
C GLU C 1015 12.84 -4.90 68.34
N CYS C 1016 13.25 -5.96 67.64
CA CYS C 1016 13.82 -7.13 68.29
C CYS C 1016 15.33 -7.03 68.51
N VAL C 1017 15.95 -5.91 68.19
CA VAL C 1017 17.36 -5.68 68.47
C VAL C 1017 17.54 -4.61 69.55
N LEU C 1018 16.82 -3.51 69.42
CA LEU C 1018 16.89 -2.43 70.39
C LEU C 1018 15.98 -2.66 71.59
N GLY C 1019 15.27 -3.78 71.64
CA GLY C 1019 14.38 -4.06 72.75
C GLY C 1019 13.89 -5.49 72.67
N GLN C 1020 13.06 -5.84 73.65
CA GLN C 1020 12.49 -7.18 73.76
C GLN C 1020 11.02 -7.13 73.39
N SER C 1021 10.59 -8.03 72.51
CA SER C 1021 9.24 -8.00 71.96
C SER C 1021 8.36 -9.04 72.63
N LYS C 1022 7.15 -8.63 72.99
CA LYS C 1022 6.17 -9.55 73.57
C LYS C 1022 5.39 -10.34 72.54
N ARG C 1023 5.45 -9.95 71.27
CA ARG C 1023 4.71 -10.66 70.24
C ARG C 1023 5.30 -12.04 70.02
N VAL C 1024 4.46 -13.06 70.03
CA VAL C 1024 4.91 -14.43 69.86
C VAL C 1024 5.13 -14.72 68.39
N ASP C 1025 6.22 -15.42 68.08
CA ASP C 1025 6.58 -15.86 66.74
C ASP C 1025 6.86 -14.72 65.78
N PHE C 1026 6.94 -13.48 66.27
CA PHE C 1026 7.40 -12.39 65.42
C PHE C 1026 8.91 -12.43 65.25
N CYS C 1027 9.63 -12.90 66.27
CA CYS C 1027 11.10 -13.02 66.20
C CYS C 1027 11.47 -14.37 66.83
N GLY C 1028 11.57 -15.38 65.98
CA GLY C 1028 12.00 -16.70 66.43
C GLY C 1028 10.92 -17.47 67.17
N LYS C 1029 10.94 -18.79 67.03
CA LYS C 1029 9.99 -19.62 67.75
C LYS C 1029 10.32 -19.63 69.23
N GLY C 1030 9.27 -19.66 70.06
CA GLY C 1030 9.45 -19.59 71.49
C GLY C 1030 9.62 -18.16 71.96
N TYR C 1031 9.76 -18.01 73.27
CA TYR C 1031 9.98 -16.71 73.86
C TYR C 1031 11.33 -16.15 73.43
N HIS C 1032 11.41 -14.83 73.34
CA HIS C 1032 12.54 -14.13 72.74
C HIS C 1032 13.38 -13.48 73.83
N LEU C 1033 14.70 -13.56 73.68
CA LEU C 1033 15.63 -12.95 74.62
C LEU C 1033 16.41 -11.80 74.00
N MET C 1034 17.14 -12.06 72.91
CA MET C 1034 17.86 -10.99 72.22
C MET C 1034 18.22 -11.48 70.84
N SER C 1035 18.50 -10.51 69.96
CA SER C 1035 18.87 -10.82 68.58
C SER C 1035 20.13 -10.06 68.22
N PHE C 1036 20.85 -10.60 67.24
CA PHE C 1036 22.06 -9.99 66.73
C PHE C 1036 21.96 -9.84 65.21
N PRO C 1037 22.40 -8.70 64.68
CA PRO C 1037 22.39 -8.54 63.21
C PRO C 1037 23.71 -8.93 62.58
N GLN C 1038 23.66 -9.30 61.30
CA GLN C 1038 24.85 -9.58 60.51
C GLN C 1038 24.60 -9.14 59.08
N SER C 1039 25.63 -8.63 58.42
CA SER C 1039 25.45 -8.16 57.06
C SER C 1039 25.40 -9.33 56.08
N ALA C 1040 24.97 -9.03 54.86
CA ALA C 1040 24.95 -10.00 53.78
C ALA C 1040 25.01 -9.22 52.47
N PRO C 1041 25.55 -9.82 51.39
CA PRO C 1041 25.87 -9.03 50.20
C PRO C 1041 24.77 -8.10 49.74
N HIS C 1042 23.51 -8.47 49.91
CA HIS C 1042 22.41 -7.55 49.65
C HIS C 1042 21.29 -7.69 50.67
N GLY C 1043 21.63 -8.05 51.91
CA GLY C 1043 20.58 -8.27 52.87
C GLY C 1043 21.09 -8.31 54.29
N VAL C 1044 20.18 -8.67 55.19
CA VAL C 1044 20.47 -8.75 56.62
C VAL C 1044 20.18 -10.17 57.09
N VAL C 1045 20.93 -10.60 58.11
CA VAL C 1045 20.74 -11.90 58.72
C VAL C 1045 20.61 -11.69 60.22
N PHE C 1046 19.46 -12.09 60.77
CA PHE C 1046 19.22 -11.98 62.20
C PHE C 1046 19.47 -13.33 62.86
N LEU C 1047 20.15 -13.27 64.01
CA LEU C 1047 20.27 -14.42 64.90
C LEU C 1047 19.40 -14.15 66.12
N HIS C 1048 18.36 -14.95 66.29
CA HIS C 1048 17.51 -14.85 67.46
C HIS C 1048 17.98 -15.85 68.51
N VAL C 1049 17.92 -15.45 69.76
CA VAL C 1049 18.29 -16.31 70.88
C VAL C 1049 17.01 -16.54 71.68
N THR C 1050 16.53 -17.77 71.66
CA THR C 1050 15.20 -18.07 72.19
C THR C 1050 15.29 -19.05 73.34
N TYR C 1051 14.31 -18.95 74.23
CA TYR C 1051 14.21 -19.78 75.42
C TYR C 1051 13.10 -20.81 75.23
N VAL C 1052 13.41 -22.09 75.45
CA VAL C 1052 12.42 -23.14 75.25
C VAL C 1052 12.44 -24.11 76.42
N PRO C 1053 11.33 -24.30 77.12
CA PRO C 1053 11.30 -25.23 78.25
C PRO C 1053 11.07 -26.66 77.79
N ALA C 1054 11.33 -27.60 78.70
CA ALA C 1054 11.21 -29.02 78.40
C ALA C 1054 11.28 -29.81 79.71
N GLN C 1055 11.15 -31.13 79.57
CA GLN C 1055 11.10 -32.07 80.69
C GLN C 1055 9.89 -31.77 81.60
N GLU C 1056 8.71 -31.93 81.00
CA GLU C 1056 7.46 -31.65 81.68
C GLU C 1056 7.16 -32.73 82.72
N LYS C 1057 6.22 -32.41 83.61
CA LYS C 1057 5.77 -33.35 84.63
C LYS C 1057 4.29 -33.10 84.89
N ASN C 1058 3.65 -34.07 85.53
CA ASN C 1058 2.23 -33.98 85.84
C ASN C 1058 2.00 -33.64 87.30
N PHE C 1059 0.97 -32.84 87.56
CA PHE C 1059 0.63 -32.45 88.91
C PHE C 1059 -0.88 -32.24 88.99
N THR C 1060 -1.40 -32.22 90.21
CA THR C 1060 -2.81 -31.96 90.48
C THR C 1060 -2.92 -30.63 91.20
N THR C 1061 -3.89 -29.82 90.78
CA THR C 1061 -4.01 -28.45 91.25
C THR C 1061 -5.43 -28.19 91.74
N ALA C 1062 -5.67 -26.94 92.14
CA ALA C 1062 -6.97 -26.49 92.61
C ALA C 1062 -7.07 -24.99 92.38
N PRO C 1063 -8.22 -24.46 91.98
CA PRO C 1063 -8.31 -23.02 91.68
C PRO C 1063 -8.05 -22.14 92.89
N ALA C 1064 -8.40 -22.58 94.09
CA ALA C 1064 -8.34 -21.71 95.26
C ALA C 1064 -8.27 -22.56 96.51
N ILE C 1065 -7.76 -21.96 97.59
CA ILE C 1065 -7.67 -22.64 98.88
C ILE C 1065 -8.32 -21.76 99.93
N CYS C 1066 -9.33 -22.28 100.63
CA CYS C 1066 -9.93 -21.51 101.70
C CYS C 1066 -9.62 -22.17 103.04
N HIS C 1067 -9.12 -21.37 103.97
CA HIS C 1067 -8.83 -21.80 105.32
C HIS C 1067 -9.37 -20.75 106.27
N ASP C 1068 -9.71 -21.18 107.49
CA ASP C 1068 -10.33 -20.32 108.48
C ASP C 1068 -11.60 -19.69 107.92
N GLY C 1069 -12.34 -20.47 107.14
CA GLY C 1069 -13.55 -19.98 106.51
C GLY C 1069 -13.35 -18.81 105.56
N LYS C 1070 -12.13 -18.63 105.06
CA LYS C 1070 -11.84 -17.52 104.17
C LYS C 1070 -11.11 -18.03 102.94
N ALA C 1071 -11.53 -17.54 101.77
CA ALA C 1071 -10.89 -17.93 100.52
C ALA C 1071 -9.48 -17.37 100.45
N HIS C 1072 -8.66 -17.97 99.59
CA HIS C 1072 -7.27 -17.57 99.42
C HIS C 1072 -6.86 -17.90 98.01
N PHE C 1073 -6.45 -16.87 97.26
CA PHE C 1073 -6.00 -16.99 95.88
C PHE C 1073 -4.53 -16.63 95.82
N PRO C 1074 -3.78 -17.20 94.88
CA PRO C 1074 -2.33 -16.98 94.83
C PRO C 1074 -2.00 -15.66 94.17
N ARG C 1075 -0.93 -15.02 94.66
CA ARG C 1075 -0.58 -13.69 94.19
C ARG C 1075 -0.19 -13.70 92.72
N GLU C 1076 0.74 -14.56 92.33
CA GLU C 1076 1.17 -14.65 90.93
C GLU C 1076 1.35 -16.06 90.41
N GLY C 1077 1.42 -17.08 91.27
CA GLY C 1077 1.77 -18.42 90.85
C GLY C 1077 0.58 -19.34 90.73
N VAL C 1078 0.84 -20.63 90.91
CA VAL C 1078 -0.17 -21.67 90.81
C VAL C 1078 -0.09 -22.53 92.06
N PHE C 1079 -1.25 -22.97 92.54
CA PHE C 1079 -1.35 -23.92 93.64
C PHE C 1079 -1.22 -25.33 93.09
N VAL C 1080 -0.06 -25.95 93.31
CA VAL C 1080 0.15 -27.32 92.88
C VAL C 1080 0.30 -28.20 94.11
N SER C 1081 0.38 -29.51 93.91
CA SER C 1081 0.59 -30.44 95.01
C SER C 1081 1.04 -31.81 94.49
N ASN C 1082 2.14 -32.33 95.04
CA ASN C 1082 2.62 -33.63 94.59
C ASN C 1082 1.69 -34.77 95.02
N GLY C 1083 0.74 -34.51 95.90
CA GLY C 1083 -0.20 -35.52 96.33
C GLY C 1083 -0.37 -35.55 97.84
N THR C 1084 0.58 -34.96 98.56
CA THR C 1084 0.55 -34.92 100.02
C THR C 1084 0.49 -33.50 100.57
N HIS C 1085 1.32 -32.60 100.06
CA HIS C 1085 1.35 -31.22 100.51
C HIS C 1085 1.18 -30.29 99.32
N TRP C 1086 0.58 -29.14 99.56
CA TRP C 1086 0.36 -28.14 98.53
C TRP C 1086 1.49 -27.12 98.56
N PHE C 1087 1.69 -26.45 97.42
CA PHE C 1087 2.76 -25.50 97.26
C PHE C 1087 2.35 -24.45 96.23
N VAL C 1088 3.09 -23.35 96.21
CA VAL C 1088 2.89 -22.27 95.25
C VAL C 1088 4.11 -22.23 94.34
N THR C 1089 3.88 -22.19 93.03
CA THR C 1089 4.99 -22.20 92.09
C THR C 1089 4.78 -21.16 91.00
N GLN C 1090 5.83 -20.97 90.19
CA GLN C 1090 5.78 -20.04 89.08
C GLN C 1090 5.10 -20.68 87.87
N ARG C 1091 4.79 -19.85 86.88
CA ARG C 1091 4.04 -20.35 85.72
C ARG C 1091 4.92 -21.17 84.79
N ASN C 1092 6.18 -20.79 84.63
CA ASN C 1092 7.03 -21.39 83.61
C ASN C 1092 8.23 -22.14 84.18
N PHE C 1093 8.21 -22.43 85.48
CA PHE C 1093 9.30 -23.21 86.07
C PHE C 1093 8.78 -23.87 87.33
N TYR C 1094 9.47 -24.93 87.75
CA TYR C 1094 9.06 -25.72 88.91
C TYR C 1094 10.01 -25.42 90.07
N GLU C 1095 9.48 -24.76 91.09
CA GLU C 1095 10.15 -24.58 92.37
C GLU C 1095 9.11 -24.16 93.40
N PRO C 1096 9.00 -24.85 94.52
CA PRO C 1096 7.89 -24.62 95.43
C PRO C 1096 8.18 -23.65 96.55
N GLN C 1097 7.13 -23.22 97.25
CA GLN C 1097 7.23 -22.52 98.52
C GLN C 1097 6.12 -23.05 99.41
N ILE C 1098 5.89 -22.37 100.54
CA ILE C 1098 4.84 -22.74 101.47
C ILE C 1098 3.81 -21.63 101.49
N ILE C 1099 2.53 -22.00 101.41
CA ILE C 1099 1.47 -21.00 101.35
C ILE C 1099 1.51 -20.15 102.61
N THR C 1100 1.48 -18.84 102.43
CA THR C 1100 1.56 -17.92 103.55
C THR C 1100 0.96 -16.59 103.12
N THR C 1101 0.77 -15.71 104.11
CA THR C 1101 0.14 -14.42 103.85
C THR C 1101 0.99 -13.57 102.91
N ASP C 1102 2.27 -13.88 102.75
CA ASP C 1102 3.14 -13.06 101.93
C ASP C 1102 2.71 -13.07 100.47
N ASN C 1103 2.29 -14.23 99.95
CA ASN C 1103 2.11 -14.43 98.52
C ASN C 1103 0.72 -14.96 98.22
N THR C 1104 -0.30 -14.34 98.81
CA THR C 1104 -1.68 -14.69 98.49
C THR C 1104 -2.58 -13.54 98.94
N PHE C 1105 -3.87 -13.66 98.65
CA PHE C 1105 -4.82 -12.69 99.19
C PHE C 1105 -6.20 -13.33 99.31
N VAL C 1106 -7.03 -12.68 100.13
CA VAL C 1106 -8.33 -13.21 100.55
C VAL C 1106 -9.43 -12.43 99.84
N SER C 1107 -10.53 -13.12 99.51
CA SER C 1107 -11.67 -12.46 98.87
C SER C 1107 -12.99 -12.94 99.43
N GLY C 1108 -13.03 -13.34 100.71
CA GLY C 1108 -14.29 -13.60 101.37
C GLY C 1108 -14.68 -15.06 101.53
N ASN C 1109 -15.99 -15.31 101.55
CA ASN C 1109 -16.50 -16.66 101.77
C ASN C 1109 -16.13 -17.58 100.62
N CYS C 1110 -15.84 -18.84 100.95
CA CYS C 1110 -15.38 -19.82 99.96
C CYS C 1110 -16.47 -20.82 99.60
N ASP C 1111 -17.73 -20.41 99.61
CA ASP C 1111 -18.83 -21.25 99.19
C ASP C 1111 -19.32 -20.92 97.79
N VAL C 1112 -18.62 -20.05 97.07
CA VAL C 1112 -19.05 -19.60 95.76
C VAL C 1112 -18.15 -20.11 94.64
N VAL C 1113 -16.86 -20.33 94.90
CA VAL C 1113 -15.96 -20.79 93.86
C VAL C 1113 -16.18 -22.28 93.62
N ILE C 1114 -15.71 -22.76 92.47
CA ILE C 1114 -16.07 -24.09 91.98
C ILE C 1114 -15.37 -25.19 92.76
N GLY C 1115 -14.03 -25.21 92.73
CA GLY C 1115 -13.29 -26.37 93.19
C GLY C 1115 -12.34 -26.18 94.36
N ILE C 1116 -12.77 -25.51 95.43
CA ILE C 1116 -11.86 -25.23 96.53
C ILE C 1116 -11.48 -26.55 97.20
N VAL C 1117 -10.29 -26.57 97.81
CA VAL C 1117 -9.82 -27.71 98.58
C VAL C 1117 -9.43 -27.25 99.97
N ASN C 1118 -9.60 -28.13 100.94
CA ASN C 1118 -9.22 -27.83 102.32
C ASN C 1118 -7.71 -27.94 102.50
N ASN C 1119 -7.14 -26.99 103.23
CA ASN C 1119 -5.70 -26.95 103.45
C ASN C 1119 -5.39 -25.92 104.51
N THR C 1120 -4.16 -25.99 105.02
CA THR C 1120 -3.67 -25.03 105.99
C THR C 1120 -3.00 -23.84 105.29
N VAL C 1121 -2.86 -22.75 106.04
CA VAL C 1121 -2.05 -21.62 105.62
C VAL C 1121 -0.99 -21.42 106.70
N TYR C 1122 -0.13 -20.42 106.52
CA TYR C 1122 0.92 -20.17 107.49
C TYR C 1122 1.06 -18.67 107.73
N ASP C 1123 1.22 -18.29 109.00
CA ASP C 1123 1.44 -16.91 109.37
C ASP C 1123 2.89 -16.74 109.77
N PRO C 1124 3.70 -16.00 109.00
CA PRO C 1124 5.13 -15.88 109.35
C PRO C 1124 5.38 -15.23 110.69
N LEU C 1125 4.56 -14.24 111.08
CA LEU C 1125 4.82 -13.44 112.26
C LEU C 1125 4.03 -13.90 113.49
N GLN C 1126 3.31 -15.02 113.40
CA GLN C 1126 2.52 -15.48 114.53
C GLN C 1126 3.36 -16.22 115.57
N PRO C 1127 4.11 -17.26 115.22
CA PRO C 1127 4.74 -18.10 116.25
C PRO C 1127 5.89 -17.45 116.98
N GLU C 1128 6.33 -16.25 116.58
CA GLU C 1128 7.51 -15.65 117.18
C GLU C 1128 7.32 -15.40 118.67
N LEU C 1129 6.13 -14.94 119.06
CA LEU C 1129 5.85 -14.69 120.47
C LEU C 1129 4.63 -15.49 120.93
N GLN D 1 -1.09 77.32 -21.91
CA GLN D 1 -0.88 77.70 -23.30
C GLN D 1 0.34 76.99 -23.88
N VAL D 2 0.11 76.14 -24.88
CA VAL D 2 1.20 75.42 -25.53
C VAL D 2 2.03 76.38 -26.35
N GLN D 3 3.36 76.28 -26.19
CA GLN D 3 4.27 77.18 -26.91
C GLN D 3 5.64 76.51 -27.00
N LEU D 4 6.28 76.69 -28.15
CA LEU D 4 7.62 76.18 -28.39
C LEU D 4 8.49 77.30 -28.94
N VAL D 5 9.65 77.52 -28.33
CA VAL D 5 10.56 78.58 -28.74
C VAL D 5 11.89 77.97 -29.14
N GLU D 6 12.44 78.42 -30.25
CA GLU D 6 13.70 77.91 -30.78
C GLU D 6 14.73 79.03 -30.75
N SER D 7 15.84 78.79 -30.06
CA SER D 7 16.90 79.78 -29.89
C SER D 7 18.21 79.21 -30.43
N GLY D 8 19.01 80.10 -31.02
CA GLY D 8 20.28 79.72 -31.62
C GLY D 8 20.43 80.13 -33.07
N GLY D 9 19.49 80.89 -33.63
CA GLY D 9 19.61 81.30 -35.03
C GLY D 9 20.72 82.32 -35.22
N GLY D 10 21.30 82.30 -36.41
CA GLY D 10 22.38 83.21 -36.74
C GLY D 10 23.10 82.75 -37.99
N VAL D 11 24.16 83.49 -38.31
CA VAL D 11 24.99 83.20 -39.47
C VAL D 11 26.18 82.36 -39.01
N VAL D 12 26.34 81.17 -39.60
CA VAL D 12 27.37 80.23 -39.21
C VAL D 12 28.19 79.87 -40.44
N GLN D 13 29.51 79.91 -40.29
CA GLN D 13 30.40 79.51 -41.37
C GLN D 13 30.25 78.02 -41.68
N PRO D 14 30.43 77.62 -42.93
CA PRO D 14 30.35 76.19 -43.27
C PRO D 14 31.43 75.40 -42.55
N GLY D 15 31.09 74.17 -42.16
CA GLY D 15 32.03 73.31 -41.47
C GLY D 15 32.17 73.58 -39.98
N ARG D 16 31.33 74.45 -39.42
CA ARG D 16 31.40 74.79 -38.01
C ARG D 16 30.44 73.91 -37.20
N SER D 17 30.24 74.26 -35.93
CA SER D 17 29.29 73.55 -35.09
C SER D 17 28.70 74.53 -34.09
N LEU D 18 27.37 74.46 -33.91
CA LEU D 18 26.67 75.31 -32.97
C LEU D 18 25.46 74.55 -32.46
N ARG D 19 25.05 74.88 -31.23
CA ARG D 19 23.98 74.17 -30.55
C ARG D 19 22.68 74.95 -30.64
N LEU D 20 21.64 74.31 -31.17
CA LEU D 20 20.30 74.88 -31.21
C LEU D 20 19.49 74.36 -30.03
N SER D 21 18.75 75.27 -29.39
CA SER D 21 17.94 74.93 -28.23
C SER D 21 16.46 75.10 -28.56
N CYS D 22 15.65 74.16 -28.09
CA CYS D 22 14.20 74.25 -28.19
C CYS D 22 13.60 74.10 -26.81
N ALA D 23 12.78 75.06 -26.41
CA ALA D 23 12.16 75.10 -25.10
C ALA D 23 10.65 75.01 -25.23
N ALA D 24 10.04 74.19 -24.38
CA ALA D 24 8.61 73.94 -24.39
C ALA D 24 7.97 74.53 -23.15
N SER D 25 6.89 75.29 -23.34
CA SER D 25 6.14 75.87 -22.23
C SER D 25 4.68 75.50 -22.38
N GLY D 26 4.09 74.97 -21.31
CA GLY D 26 2.71 74.54 -21.31
C GLY D 26 2.51 73.04 -21.23
N PHE D 27 3.57 72.25 -21.35
CA PHE D 27 3.45 70.80 -21.26
C PHE D 27 4.79 70.21 -20.83
N THR D 28 4.77 68.93 -20.48
CA THR D 28 5.95 68.21 -20.03
C THR D 28 6.57 67.46 -21.21
N LEU D 29 7.88 67.62 -21.40
CA LEU D 29 8.53 67.02 -22.55
C LEU D 29 8.72 65.52 -22.37
N SER D 30 8.76 65.04 -21.13
CA SER D 30 9.11 63.65 -20.87
C SER D 30 8.10 62.69 -21.49
N SER D 31 6.82 63.09 -21.53
CA SER D 31 5.78 62.24 -22.08
C SER D 31 5.56 62.43 -23.57
N TYR D 32 6.13 63.47 -24.18
CA TYR D 32 5.83 63.86 -25.55
C TYR D 32 7.05 63.73 -26.44
N GLY D 33 6.81 63.35 -27.69
CA GLY D 33 7.86 63.29 -28.68
C GLY D 33 7.97 64.56 -29.49
N MET D 34 9.12 64.76 -30.12
CA MET D 34 9.41 65.98 -30.85
C MET D 34 9.93 65.65 -32.25
N HIS D 35 9.60 66.54 -33.20
CA HIS D 35 9.96 66.40 -34.60
C HIS D 35 10.74 67.63 -35.05
N TRP D 36 11.61 67.45 -36.02
CA TRP D 36 12.38 68.55 -36.62
C TRP D 36 12.11 68.59 -38.11
N VAL D 37 11.55 69.71 -38.58
CA VAL D 37 11.26 69.91 -40.00
C VAL D 37 11.79 71.28 -40.38
N ARG D 38 12.50 71.34 -41.51
CA ARG D 38 13.09 72.59 -41.98
C ARG D 38 12.37 73.06 -43.24
N GLN D 39 12.37 74.38 -43.43
CA GLN D 39 11.70 75.02 -44.55
C GLN D 39 12.59 76.13 -45.08
N ALA D 40 12.47 76.42 -46.38
CA ALA D 40 13.21 77.50 -47.00
C ALA D 40 12.28 78.35 -47.85
N PRO D 41 12.58 79.63 -48.00
CA PRO D 41 11.76 80.47 -48.89
C PRO D 41 11.76 79.94 -50.31
N GLY D 42 10.57 79.95 -50.93
CA GLY D 42 10.43 79.39 -52.25
C GLY D 42 10.67 77.90 -52.35
N LYS D 43 10.67 77.20 -51.21
CA LYS D 43 10.96 75.78 -51.16
C LYS D 43 9.86 75.06 -50.38
N GLY D 44 10.00 73.74 -50.25
CA GLY D 44 9.09 72.93 -49.48
C GLY D 44 9.74 72.41 -48.21
N LEU D 45 8.89 71.97 -47.28
CA LEU D 45 9.39 71.46 -46.02
C LEU D 45 10.18 70.18 -46.22
N GLU D 46 11.27 70.04 -45.46
CA GLU D 46 12.15 68.88 -45.55
C GLU D 46 12.28 68.26 -44.18
N TRP D 47 11.79 67.03 -44.03
CA TRP D 47 11.89 66.32 -42.75
C TRP D 47 13.35 66.01 -42.42
N VAL D 48 13.70 66.16 -41.15
CA VAL D 48 15.07 65.98 -40.67
C VAL D 48 15.20 64.75 -39.77
N ALA D 49 14.50 64.76 -38.63
CA ALA D 49 14.65 63.68 -37.66
C ALA D 49 13.42 63.65 -36.75
N VAL D 50 13.31 62.56 -35.99
CA VAL D 50 12.22 62.35 -35.06
C VAL D 50 12.77 61.97 -33.70
N ILE D 51 12.17 62.54 -32.66
CA ILE D 51 12.43 62.14 -31.27
C ILE D 51 11.12 61.61 -30.70
N SER D 52 11.15 60.36 -30.23
CA SER D 52 9.93 59.72 -29.77
C SER D 52 9.51 60.23 -28.40
N TYR D 53 8.36 59.76 -27.94
CA TYR D 53 7.85 60.12 -26.62
C TYR D 53 8.78 59.62 -25.51
N ASP D 54 9.47 58.51 -25.74
CA ASP D 54 10.37 57.95 -24.74
C ASP D 54 11.84 58.21 -25.02
N GLY D 55 12.19 58.62 -26.25
CA GLY D 55 13.57 58.87 -26.60
C GLY D 55 14.41 57.63 -26.80
N SER D 56 13.80 56.46 -26.97
CA SER D 56 14.54 55.22 -27.14
C SER D 56 15.10 55.05 -28.56
N ASN D 57 14.75 55.93 -29.49
CA ASN D 57 15.18 55.79 -30.87
C ASN D 57 15.55 57.15 -31.45
N LYS D 58 16.40 57.12 -32.48
CA LYS D 58 16.80 58.31 -33.20
C LYS D 58 16.95 57.94 -34.67
N TYR D 59 16.19 58.60 -35.53
CA TYR D 59 16.16 58.29 -36.96
C TYR D 59 16.50 59.53 -37.77
N TYR D 60 17.12 59.32 -38.92
CA TYR D 60 17.54 60.39 -39.81
C TYR D 60 17.21 60.03 -41.24
N VAL D 61 17.27 61.02 -42.12
CA VAL D 61 16.99 60.83 -43.53
C VAL D 61 18.32 60.68 -44.25
N ASP D 62 18.26 60.24 -45.52
CA ASP D 62 19.48 59.89 -46.25
C ASP D 62 20.42 61.08 -46.38
N SER D 63 19.89 62.28 -46.62
CA SER D 63 20.72 63.44 -46.83
C SER D 63 21.45 63.90 -45.57
N VAL D 64 21.06 63.41 -44.39
CA VAL D 64 21.64 63.83 -43.13
C VAL D 64 22.31 62.67 -42.40
N LYS D 65 22.64 61.59 -43.11
CA LYS D 65 23.20 60.42 -42.46
C LYS D 65 24.63 60.69 -41.99
N GLY D 66 24.89 60.44 -40.71
CA GLY D 66 26.24 60.51 -40.17
C GLY D 66 26.82 61.89 -40.02
N ARG D 67 26.00 62.95 -40.05
CA ARG D 67 26.51 64.30 -39.93
C ARG D 67 25.79 65.17 -38.91
N PHE D 68 24.56 64.86 -38.54
CA PHE D 68 23.81 65.67 -37.58
C PHE D 68 23.38 64.82 -36.40
N THR D 69 23.33 65.46 -35.22
CA THR D 69 22.98 64.80 -33.97
C THR D 69 21.83 65.54 -33.31
N ILE D 70 20.89 64.78 -32.74
CA ILE D 70 19.72 65.33 -32.06
C ILE D 70 19.59 64.65 -30.71
N SER D 71 19.29 65.43 -29.68
CA SER D 71 19.19 64.90 -28.32
C SER D 71 18.26 65.78 -27.51
N ARG D 72 17.93 65.30 -26.31
CA ARG D 72 17.02 66.01 -25.42
C ARG D 72 17.52 65.94 -23.99
N ASP D 73 17.18 66.96 -23.21
CA ASP D 73 17.41 66.98 -21.76
C ASP D 73 16.06 67.17 -21.09
N ASN D 74 15.60 66.14 -20.37
CA ASN D 74 14.31 66.16 -19.71
C ASN D 74 14.34 66.87 -18.36
N SER D 75 15.53 67.16 -17.83
CA SER D 75 15.62 67.81 -16.52
C SER D 75 15.20 69.28 -16.63
N LYS D 76 15.68 69.98 -17.65
CA LYS D 76 15.39 71.40 -17.83
C LYS D 76 14.44 71.65 -18.98
N ASN D 77 13.82 70.62 -19.55
CA ASN D 77 12.88 70.72 -20.65
C ASN D 77 13.52 71.43 -21.85
N THR D 78 14.56 70.79 -22.41
CA THR D 78 15.29 71.36 -23.52
C THR D 78 15.51 70.31 -24.60
N LEU D 79 15.57 70.76 -25.85
CA LEU D 79 15.79 69.91 -27.01
C LEU D 79 16.97 70.47 -27.79
N TYR D 80 18.09 69.75 -27.81
CA TYR D 80 19.32 70.22 -28.43
C TYR D 80 19.52 69.55 -29.78
N LEU D 81 19.83 70.35 -30.80
CA LEU D 81 20.25 69.85 -32.11
C LEU D 81 21.72 70.19 -32.29
N GLN D 82 22.54 69.17 -32.49
CA GLN D 82 23.97 69.34 -32.71
C GLN D 82 24.26 69.21 -34.20
N MET D 83 24.75 70.27 -34.82
CA MET D 83 25.08 70.30 -36.23
C MET D 83 26.57 70.08 -36.40
N ASN D 84 26.95 69.18 -37.31
CA ASN D 84 28.34 68.92 -37.63
C ASN D 84 28.51 68.91 -39.14
N SER D 85 29.67 69.39 -39.59
CA SER D 85 30.01 69.46 -41.02
C SER D 85 28.97 70.26 -41.80
N LEU D 86 28.86 71.54 -41.44
CA LEU D 86 27.94 72.44 -42.13
C LEU D 86 28.40 72.68 -43.56
N ARG D 87 27.43 72.79 -44.47
CA ARG D 87 27.68 73.10 -45.86
C ARG D 87 26.72 74.19 -46.31
N ALA D 88 26.80 74.56 -47.59
CA ALA D 88 26.04 75.71 -48.10
C ALA D 88 24.55 75.41 -48.15
N GLU D 89 24.16 74.16 -48.35
CA GLU D 89 22.75 73.84 -48.57
C GLU D 89 21.90 73.99 -47.31
N ASP D 90 22.51 74.20 -46.15
CA ASP D 90 21.78 74.22 -44.90
C ASP D 90 21.04 75.54 -44.64
N THR D 91 21.11 76.50 -45.57
CA THR D 91 20.34 77.73 -45.41
C THR D 91 18.85 77.44 -45.45
N ALA D 92 18.17 77.62 -44.31
CA ALA D 92 16.75 77.33 -44.18
C ALA D 92 16.28 77.84 -42.83
N VAL D 93 14.97 77.88 -42.65
CA VAL D 93 14.35 78.23 -41.38
C VAL D 93 13.91 76.94 -40.70
N TYR D 94 14.20 76.82 -39.41
CA TYR D 94 14.04 75.57 -38.68
C TYR D 94 12.74 75.57 -37.89
N TYR D 95 12.09 74.41 -37.82
CA TYR D 95 10.85 74.24 -37.07
C TYR D 95 10.95 73.00 -36.19
N CYS D 96 10.60 73.16 -34.92
CA CYS D 96 10.51 72.06 -33.96
C CYS D 96 9.04 71.87 -33.60
N ALA D 97 8.53 70.67 -33.84
CA ALA D 97 7.13 70.35 -33.64
C ALA D 97 6.94 69.41 -32.47
N ARG D 98 5.85 69.60 -31.74
CA ARG D 98 5.47 68.68 -30.68
C ARG D 98 4.65 67.56 -31.29
N GLY D 99 5.11 66.32 -31.12
CA GLY D 99 4.41 65.17 -31.64
C GLY D 99 3.40 64.61 -30.66
N TRP D 100 2.58 63.68 -31.15
CA TRP D 100 1.64 63.00 -30.28
C TRP D 100 2.39 62.14 -29.26
N ALA D 101 1.75 61.94 -28.12
CA ALA D 101 2.37 61.28 -26.98
C ALA D 101 1.77 59.89 -26.78
N TYR D 102 2.37 59.15 -25.84
CA TYR D 102 1.82 57.86 -25.45
C TYR D 102 0.58 58.00 -24.58
N TRP D 103 0.23 59.22 -24.17
CA TRP D 103 -0.98 59.42 -23.38
C TRP D 103 -2.22 58.96 -24.14
N GLU D 104 -2.25 59.23 -25.45
CA GLU D 104 -3.27 58.71 -26.35
C GLU D 104 -2.64 57.54 -27.08
N LEU D 105 -3.20 56.34 -26.91
CA LEU D 105 -2.58 55.15 -27.48
C LEU D 105 -2.84 55.10 -28.97
N LEU D 106 -1.79 54.83 -29.73
CA LEU D 106 -1.84 54.70 -31.18
C LEU D 106 -1.12 53.43 -31.59
N PRO D 107 -1.38 52.93 -32.79
CA PRO D 107 -0.61 51.77 -33.29
C PRO D 107 0.83 52.11 -33.59
N ASP D 108 1.56 51.17 -34.17
CA ASP D 108 2.96 51.38 -34.53
C ASP D 108 3.10 52.61 -35.43
N TYR D 109 4.35 53.01 -35.64
CA TYR D 109 4.70 54.27 -36.32
C TYR D 109 3.87 55.43 -35.78
N TYR D 110 4.14 55.73 -34.51
CA TYR D 110 3.40 56.74 -33.75
C TYR D 110 3.26 58.04 -34.54
N TYR D 111 2.15 58.73 -34.30
CA TYR D 111 1.82 59.93 -35.05
C TYR D 111 2.44 61.15 -34.37
N GLY D 112 2.45 62.28 -35.09
CA GLY D 112 3.01 63.49 -34.53
C GLY D 112 2.54 64.79 -35.14
N MET D 113 3.39 65.83 -35.04
CA MET D 113 3.21 67.14 -35.67
C MET D 113 1.80 67.71 -35.52
N ASP D 114 1.39 68.03 -34.29
CA ASP D 114 0.10 68.67 -34.08
C ASP D 114 0.20 70.16 -33.79
N VAL D 115 1.13 70.58 -32.94
CA VAL D 115 1.29 71.99 -32.55
C VAL D 115 2.77 72.33 -32.51
N TRP D 116 3.12 73.49 -33.05
CA TRP D 116 4.49 73.99 -32.96
C TRP D 116 4.50 75.50 -33.09
N GLY D 117 5.64 76.09 -32.74
CA GLY D 117 5.80 77.53 -32.72
C GLY D 117 6.29 78.10 -34.03
N GLN D 118 6.81 79.34 -33.94
CA GLN D 118 7.22 80.05 -35.14
C GLN D 118 8.54 79.52 -35.72
N GLY D 119 9.40 78.97 -34.88
CA GLY D 119 10.70 78.51 -35.35
C GLY D 119 11.72 79.63 -35.41
N THR D 120 12.89 79.29 -35.96
CA THR D 120 13.99 80.23 -36.06
C THR D 120 14.74 79.98 -37.36
N THR D 121 15.36 81.03 -37.90
CA THR D 121 16.08 80.96 -39.15
C THR D 121 17.57 80.76 -38.91
N VAL D 122 18.22 80.04 -39.84
CA VAL D 122 19.66 79.85 -39.84
C VAL D 122 20.15 80.07 -41.28
N THR D 123 21.18 80.89 -41.43
CA THR D 123 21.72 81.24 -42.75
C THR D 123 23.22 80.97 -42.76
N VAL D 124 23.64 80.01 -43.57
CA VAL D 124 25.06 79.70 -43.73
C VAL D 124 25.60 80.50 -44.91
N SER D 125 26.75 81.15 -44.72
CA SER D 125 27.33 81.98 -45.75
C SER D 125 28.85 81.96 -45.60
N SER D 126 29.53 82.34 -46.68
CA SER D 126 30.99 82.38 -46.70
C SER D 126 31.49 83.72 -47.24
N GLN E 1 13.60 55.43 -52.09
CA GLN E 1 13.03 56.61 -51.45
C GLN E 1 11.81 57.11 -52.22
N THR E 2 10.63 56.90 -51.64
CA THR E 2 9.39 57.32 -52.28
C THR E 2 9.27 58.85 -52.30
N VAL E 3 8.65 59.35 -53.35
CA VAL E 3 8.45 60.79 -53.55
C VAL E 3 6.97 61.05 -53.79
N VAL E 4 6.41 62.01 -53.07
CA VAL E 4 5.00 62.36 -53.20
C VAL E 4 4.86 63.46 -54.24
N THR E 5 3.92 63.27 -55.17
CA THR E 5 3.67 64.22 -56.24
C THR E 5 2.47 65.11 -55.90
N GLN E 6 2.56 66.38 -56.28
CA GLN E 6 1.48 67.33 -56.04
C GLN E 6 1.27 68.18 -57.28
N GLU E 7 0.04 68.66 -57.43
CA GLU E 7 -0.26 69.64 -58.46
C GLU E 7 0.37 70.99 -58.09
N PRO E 8 0.98 71.70 -59.06
CA PRO E 8 1.63 72.97 -58.73
C PRO E 8 0.73 74.01 -58.09
N SER E 9 -0.34 74.42 -58.79
CA SER E 9 -1.18 75.49 -58.26
C SER E 9 -2.53 75.51 -58.99
N PHE E 10 -3.57 75.85 -58.23
CA PHE E 10 -4.93 76.06 -58.74
C PHE E 10 -5.44 77.42 -58.28
N SER E 11 -6.58 77.82 -58.85
CA SER E 11 -7.29 79.02 -58.45
C SER E 11 -8.74 78.66 -58.20
N VAL E 12 -9.30 79.14 -57.09
CA VAL E 12 -10.65 78.81 -56.68
C VAL E 12 -11.45 80.11 -56.50
N SER E 13 -12.59 80.19 -57.15
CA SER E 13 -13.47 81.34 -56.96
C SER E 13 -14.12 81.27 -55.58
N PRO E 14 -14.39 82.43 -54.97
CA PRO E 14 -15.13 82.42 -53.71
C PRO E 14 -16.53 81.85 -53.91
N GLY E 15 -16.92 80.96 -53.00
CA GLY E 15 -18.17 80.25 -53.13
C GLY E 15 -18.12 79.03 -54.02
N GLY E 16 -16.97 78.74 -54.65
CA GLY E 16 -16.83 77.56 -55.47
C GLY E 16 -16.42 76.34 -54.67
N THR E 17 -16.46 75.18 -55.33
CA THR E 17 -16.11 73.91 -54.73
C THR E 17 -14.86 73.36 -55.42
N VAL E 18 -13.86 73.01 -54.62
CA VAL E 18 -12.60 72.49 -55.15
C VAL E 18 -12.19 71.27 -54.34
N THR E 19 -11.35 70.43 -54.92
CA THR E 19 -10.70 69.34 -54.22
C THR E 19 -9.20 69.41 -54.48
N LEU E 20 -8.42 69.42 -53.40
CA LEU E 20 -6.97 69.45 -53.46
C LEU E 20 -6.46 68.01 -53.39
N THR E 21 -5.79 67.56 -54.45
CA THR E 21 -5.35 66.19 -54.56
C THR E 21 -3.83 66.10 -54.72
N CYS E 22 -3.16 65.41 -53.79
CA CYS E 22 -1.78 65.01 -53.91
C CYS E 22 -1.68 63.49 -53.92
N GLY E 23 -0.96 62.97 -54.92
CA GLY E 23 -0.89 61.55 -55.15
C GLY E 23 0.55 61.07 -55.24
N LEU E 24 0.69 59.75 -55.10
CA LEU E 24 1.99 59.09 -55.18
C LEU E 24 2.03 58.31 -56.49
N SER E 25 2.99 58.65 -57.35
CA SER E 25 3.05 58.07 -58.69
C SER E 25 3.74 56.72 -58.73
N SER E 26 4.30 56.25 -57.61
CA SER E 26 4.93 54.94 -57.55
C SER E 26 3.92 53.82 -57.40
N GLY E 27 2.66 54.12 -57.10
CA GLY E 27 1.66 53.09 -56.94
C GLY E 27 0.44 53.65 -56.22
N SER E 28 -0.38 52.72 -55.72
CA SER E 28 -1.61 53.08 -55.04
C SER E 28 -1.31 53.58 -53.62
N VAL E 29 -2.27 54.31 -53.06
CA VAL E 29 -2.17 54.86 -51.71
C VAL E 29 -3.30 54.29 -50.87
N SER E 30 -2.95 53.71 -49.72
CA SER E 30 -3.91 53.16 -48.79
C SER E 30 -4.04 54.07 -47.57
N THR E 31 -5.07 53.80 -46.77
CA THR E 31 -5.34 54.64 -45.60
C THR E 31 -4.25 54.55 -44.54
N ALA E 32 -3.42 53.51 -44.57
CA ALA E 32 -2.36 53.38 -43.58
C ALA E 32 -1.26 54.41 -43.75
N TYR E 33 -1.18 55.06 -44.92
CA TYR E 33 -0.18 56.11 -45.11
C TYR E 33 -0.54 57.40 -44.41
N PHE E 34 -1.76 57.52 -43.88
CA PHE E 34 -2.15 58.65 -43.04
C PHE E 34 -1.98 59.99 -43.73
N PRO E 35 -2.82 60.31 -44.73
CA PRO E 35 -2.75 61.64 -45.34
C PRO E 35 -3.04 62.74 -44.32
N SER E 36 -2.30 63.83 -44.44
CA SER E 36 -2.46 64.96 -43.53
C SER E 36 -2.26 66.27 -44.28
N TRP E 37 -3.10 67.24 -43.97
CA TRP E 37 -3.20 68.51 -44.69
C TRP E 37 -2.92 69.68 -43.75
N TYR E 38 -1.97 70.52 -44.14
CA TYR E 38 -1.60 71.71 -43.39
C TYR E 38 -1.71 72.93 -44.29
N GLN E 39 -1.70 74.11 -43.68
CA GLN E 39 -1.69 75.37 -44.41
C GLN E 39 -0.50 76.20 -43.96
N GLN E 40 0.08 76.92 -44.90
CA GLN E 40 1.24 77.76 -44.63
C GLN E 40 1.13 79.04 -45.45
N THR E 41 0.88 80.15 -44.77
CA THR E 41 0.98 81.46 -45.39
C THR E 41 2.37 82.01 -45.12
N PRO E 42 3.14 82.37 -46.15
CA PRO E 42 4.54 82.73 -45.92
C PRO E 42 4.69 83.89 -44.94
N GLY E 43 5.73 83.81 -44.10
CA GLY E 43 5.93 84.74 -43.03
C GLY E 43 5.32 84.33 -41.69
N GLN E 44 4.59 83.22 -41.65
CA GLN E 44 3.98 82.76 -40.40
C GLN E 44 4.33 81.30 -40.14
N ALA E 45 3.69 80.71 -39.12
CA ALA E 45 3.88 79.34 -38.69
C ALA E 45 2.73 78.45 -39.16
N PRO E 46 3.02 77.21 -39.56
CA PRO E 46 1.94 76.32 -40.02
C PRO E 46 0.96 76.00 -38.92
N ARG E 47 -0.29 75.76 -39.33
CA ARG E 47 -1.38 75.40 -38.42
C ARG E 47 -1.99 74.08 -38.86
N THR E 48 -2.25 73.20 -37.90
CA THR E 48 -2.82 71.90 -38.21
C THR E 48 -4.23 72.06 -38.76
N LEU E 49 -4.50 71.41 -39.89
CA LEU E 49 -5.83 71.45 -40.51
C LEU E 49 -6.50 70.07 -40.50
N ILE E 50 -5.88 69.06 -41.10
CA ILE E 50 -6.49 67.76 -41.27
C ILE E 50 -5.48 66.69 -40.86
N TYR E 51 -5.85 65.86 -39.88
CA TYR E 51 -5.11 64.66 -39.55
C TYR E 51 -6.09 63.53 -39.35
N GLY E 52 -5.75 62.35 -39.88
CA GLY E 52 -6.65 61.21 -39.88
C GLY E 52 -7.50 61.09 -41.11
N THR E 53 -7.50 62.08 -41.99
CA THR E 53 -8.16 62.08 -43.29
C THR E 53 -9.69 62.15 -43.12
N ASN E 54 -10.16 62.06 -41.89
CA ASN E 54 -11.57 62.24 -41.60
C ASN E 54 -11.83 63.00 -40.31
N THR E 55 -10.79 63.47 -39.62
CA THR E 55 -10.92 64.21 -38.38
C THR E 55 -10.30 65.59 -38.54
N ARG E 56 -11.06 66.61 -38.20
CA ARG E 56 -10.59 67.98 -38.31
C ARG E 56 -10.00 68.45 -36.98
N SER E 57 -8.88 69.16 -37.06
CA SER E 57 -8.24 69.70 -35.87
C SER E 57 -9.13 70.75 -35.20
N SER E 58 -8.98 70.89 -33.89
CA SER E 58 -9.74 71.88 -33.15
C SER E 58 -9.40 73.28 -33.65
N GLY E 59 -10.43 74.10 -33.83
CA GLY E 59 -10.26 75.41 -34.42
C GLY E 59 -10.31 75.46 -35.93
N VAL E 60 -10.42 74.30 -36.58
CA VAL E 60 -10.51 74.24 -38.04
C VAL E 60 -12.00 74.15 -38.41
N PRO E 61 -12.50 75.06 -39.22
CA PRO E 61 -13.92 74.99 -39.62
C PRO E 61 -14.20 73.75 -40.45
N ASP E 62 -15.46 73.30 -40.40
CA ASP E 62 -15.88 72.08 -41.07
C ASP E 62 -15.81 72.17 -42.59
N ARG E 63 -15.39 73.31 -43.14
CA ARG E 63 -15.28 73.46 -44.59
C ARG E 63 -14.18 72.61 -45.19
N PHE E 64 -13.20 72.17 -44.39
CA PHE E 64 -12.11 71.33 -44.86
C PHE E 64 -12.52 69.87 -44.63
N SER E 65 -12.91 69.19 -45.71
CA SER E 65 -13.31 67.79 -45.66
C SER E 65 -12.33 66.95 -46.44
N GLY E 66 -11.74 65.96 -45.78
CA GLY E 66 -10.75 65.10 -46.39
C GLY E 66 -11.32 63.72 -46.67
N SER E 67 -10.76 63.06 -47.69
CA SER E 67 -11.21 61.73 -48.08
C SER E 67 -10.13 61.10 -48.95
N ILE E 68 -10.46 59.96 -49.57
CA ILE E 68 -9.57 59.26 -50.49
C ILE E 68 -10.30 59.14 -51.82
N LEU E 69 -9.61 59.50 -52.91
CA LEU E 69 -10.18 59.45 -54.25
C LEU E 69 -9.37 58.45 -55.07
N GLY E 70 -9.93 57.26 -55.25
CA GLY E 70 -9.21 56.19 -55.93
C GLY E 70 -7.96 55.79 -55.15
N ASN E 71 -6.80 56.15 -55.67
CA ASN E 71 -5.52 55.92 -55.00
C ASN E 71 -4.83 57.25 -54.67
N LYS E 72 -5.59 58.33 -54.56
CA LYS E 72 -5.05 59.66 -54.33
C LYS E 72 -5.75 60.32 -53.15
N ALA E 73 -4.96 60.89 -52.25
CA ALA E 73 -5.50 61.60 -51.10
C ALA E 73 -6.03 62.97 -51.51
N ALA E 74 -7.19 63.34 -50.95
CA ALA E 74 -7.86 64.57 -51.36
C ALA E 74 -8.48 65.26 -50.16
N LEU E 75 -8.58 66.58 -50.26
CA LEU E 75 -9.27 67.41 -49.27
C LEU E 75 -10.24 68.32 -50.01
N THR E 76 -11.50 68.32 -49.59
CA THR E 76 -12.54 69.09 -50.25
C THR E 76 -12.70 70.44 -49.57
N ILE E 77 -12.70 71.51 -50.35
CA ILE E 77 -12.90 72.87 -49.85
C ILE E 77 -14.15 73.43 -50.50
N THR E 78 -15.10 73.86 -49.68
CA THR E 78 -16.33 74.45 -50.14
C THR E 78 -16.52 75.82 -49.48
N GLY E 79 -17.09 76.75 -50.23
CA GLY E 79 -17.25 78.11 -49.74
C GLY E 79 -15.94 78.78 -49.43
N ALA E 80 -15.13 79.02 -50.45
CA ALA E 80 -13.79 79.56 -50.24
C ALA E 80 -13.86 80.98 -49.67
N GLN E 81 -12.86 81.31 -48.87
CA GLN E 81 -12.76 82.63 -48.23
C GLN E 81 -11.39 83.22 -48.55
N ALA E 82 -11.30 84.55 -48.42
CA ALA E 82 -10.09 85.26 -48.83
C ALA E 82 -8.87 84.80 -48.05
N ASP E 83 -9.02 84.62 -46.73
CA ASP E 83 -7.88 84.28 -45.89
C ASP E 83 -7.45 82.83 -46.06
N ASP E 84 -8.21 82.00 -46.77
CA ASP E 84 -7.91 80.58 -46.88
C ASP E 84 -6.93 80.25 -48.00
N GLU E 85 -6.50 81.22 -48.79
CA GLU E 85 -5.50 80.95 -49.81
C GLU E 85 -4.12 80.84 -49.17
N SER E 86 -3.45 79.71 -49.41
CA SER E 86 -2.17 79.44 -48.77
C SER E 86 -1.50 78.28 -49.50
N ASP E 87 -0.25 78.02 -49.13
CA ASP E 87 0.54 76.91 -49.67
C ASP E 87 0.34 75.70 -48.76
N TYR E 88 -0.37 74.70 -49.25
CA TYR E 88 -0.71 73.50 -48.48
C TYR E 88 0.30 72.38 -48.72
N TYR E 89 0.40 71.46 -47.76
CA TYR E 89 1.37 70.38 -47.81
C TYR E 89 0.74 69.05 -47.39
N CYS E 90 1.33 67.95 -47.88
CA CYS E 90 0.81 66.63 -47.63
C CYS E 90 1.77 65.87 -46.75
N VAL E 91 1.23 65.10 -45.81
CA VAL E 91 1.99 64.22 -44.93
C VAL E 91 1.53 62.80 -45.20
N LEU E 92 2.47 61.93 -45.58
CA LEU E 92 2.22 60.53 -45.80
C LEU E 92 3.23 59.74 -44.99
N TYR E 93 2.77 58.63 -44.41
CA TYR E 93 3.55 57.89 -43.43
C TYR E 93 4.14 56.62 -44.05
N MET E 94 5.43 56.43 -43.85
CA MET E 94 6.07 55.13 -43.95
C MET E 94 6.56 54.74 -42.56
N GLY E 95 6.37 53.48 -42.21
CA GLY E 95 6.50 53.09 -40.82
C GLY E 95 7.90 53.32 -40.28
N ARG E 96 7.97 53.64 -38.99
CA ARG E 96 9.21 53.79 -38.23
C ARG E 96 10.11 54.87 -38.81
N GLY E 97 9.60 56.10 -38.75
CA GLY E 97 10.43 57.28 -38.94
C GLY E 97 10.75 57.66 -40.37
N ILE E 98 9.98 57.20 -41.35
CA ILE E 98 10.16 57.60 -42.74
C ILE E 98 8.90 58.34 -43.16
N VAL E 99 9.00 59.67 -43.29
CA VAL E 99 7.90 60.51 -43.75
C VAL E 99 8.42 61.37 -44.90
N VAL E 100 7.63 61.43 -45.97
CA VAL E 100 7.99 62.18 -47.17
C VAL E 100 6.85 63.13 -47.52
N PHE E 101 7.22 64.31 -48.01
CA PHE E 101 6.27 65.37 -48.30
C PHE E 101 6.24 65.66 -49.78
N GLY E 102 5.09 66.13 -50.27
CA GLY E 102 4.94 66.48 -51.66
C GLY E 102 5.61 67.81 -51.99
N GLY E 103 5.46 68.21 -53.25
CA GLY E 103 6.05 69.44 -53.72
C GLY E 103 5.33 70.69 -53.24
N GLY E 104 4.11 70.56 -52.75
CA GLY E 104 3.33 71.69 -52.29
C GLY E 104 2.40 72.21 -53.37
N THR E 105 1.37 72.92 -52.93
CA THR E 105 0.38 73.48 -53.84
C THR E 105 -0.10 74.83 -53.30
N LYS E 106 -0.04 75.85 -54.15
CA LYS E 106 -0.48 77.19 -53.79
C LYS E 106 -1.88 77.43 -54.34
N LEU E 107 -2.77 77.94 -53.50
CA LEU E 107 -4.14 78.20 -53.88
C LEU E 107 -4.41 79.70 -53.83
N THR E 108 -5.24 80.18 -54.76
CA THR E 108 -5.63 81.58 -54.81
C THR E 108 -7.15 81.68 -54.83
N VAL E 109 -7.68 82.62 -54.08
CA VAL E 109 -9.12 82.87 -54.01
C VAL E 109 -9.42 84.14 -54.80
N LEU E 110 -10.26 84.01 -55.82
CA LEU E 110 -10.59 85.13 -56.70
C LEU E 110 -11.52 86.12 -56.02
N MET F 2 -3.40 26.93 -62.66
CA MET F 2 -3.36 26.07 -63.83
C MET F 2 -4.57 26.30 -64.73
N GLN F 3 -5.76 26.23 -64.13
CA GLN F 3 -7.02 26.44 -64.85
C GLN F 3 -7.52 27.85 -64.55
N LEU F 4 -7.42 28.73 -65.54
CA LEU F 4 -7.95 30.08 -65.45
C LEU F 4 -9.13 30.19 -66.41
N VAL F 5 -10.30 30.51 -65.87
CA VAL F 5 -11.55 30.45 -66.61
C VAL F 5 -12.23 31.81 -66.60
N GLN F 6 -12.77 32.20 -67.74
CA GLN F 6 -13.50 33.44 -67.93
C GLN F 6 -14.97 33.14 -68.19
N SER F 7 -15.73 34.19 -68.50
CA SER F 7 -17.14 34.03 -68.84
C SER F 7 -17.28 33.50 -70.26
N GLY F 8 -18.49 33.05 -70.58
CA GLY F 8 -18.78 32.48 -71.88
C GLY F 8 -19.03 33.56 -72.93
N PRO F 9 -19.61 33.17 -74.07
CA PRO F 9 -19.89 34.14 -75.11
C PRO F 9 -20.98 35.12 -74.69
N GLU F 10 -20.83 36.36 -75.12
CA GLU F 10 -21.72 37.44 -74.71
C GLU F 10 -21.99 38.38 -75.87
N VAL F 11 -23.27 38.70 -76.07
CA VAL F 11 -23.69 39.75 -77.00
C VAL F 11 -24.59 40.69 -76.19
N LYS F 12 -24.08 41.87 -75.86
CA LYS F 12 -24.78 42.80 -74.99
C LYS F 12 -24.83 44.17 -75.64
N LYS F 13 -25.84 44.96 -75.25
CA LYS F 13 -26.11 46.22 -75.93
C LYS F 13 -25.05 47.25 -75.54
N PRO F 14 -24.63 48.10 -76.48
CA PRO F 14 -23.53 49.05 -76.19
C PRO F 14 -23.92 50.24 -75.33
N GLY F 15 -23.81 50.12 -74.01
CA GLY F 15 -24.01 51.29 -73.17
C GLY F 15 -24.89 51.18 -71.94
N THR F 16 -25.10 49.97 -71.42
CA THR F 16 -25.72 49.80 -70.11
C THR F 16 -24.72 49.31 -69.07
N SER F 17 -24.06 48.20 -69.32
CA SER F 17 -23.10 47.60 -68.39
C SER F 17 -22.38 46.47 -69.12
N VAL F 18 -21.38 45.90 -68.46
CA VAL F 18 -20.69 44.73 -68.98
C VAL F 18 -19.99 43.99 -67.85
N LYS F 19 -20.17 42.67 -67.80
CA LYS F 19 -19.54 41.82 -66.81
C LYS F 19 -18.45 40.99 -67.49
N VAL F 20 -17.26 41.00 -66.90
CA VAL F 20 -16.19 40.11 -67.34
C VAL F 20 -15.59 39.44 -66.10
N SER F 21 -15.29 38.14 -66.23
CA SER F 21 -14.93 37.31 -65.09
C SER F 21 -13.56 36.67 -65.29
N CYS F 22 -12.81 36.54 -64.20
CA CYS F 22 -11.60 35.72 -64.20
C CYS F 22 -11.56 34.95 -62.89
N LYS F 23 -11.49 33.62 -62.97
CA LYS F 23 -11.27 32.81 -61.77
C LYS F 23 -10.14 31.84 -62.05
N ALA F 24 -9.15 31.84 -61.16
CA ALA F 24 -7.94 31.05 -61.34
C ALA F 24 -7.87 29.93 -60.31
N SER F 25 -7.39 28.77 -60.74
CA SER F 25 -7.29 27.61 -59.88
C SER F 25 -5.97 26.89 -60.18
N GLY F 26 -5.53 26.09 -59.22
CA GLY F 26 -4.26 25.40 -59.31
C GLY F 26 -3.14 26.02 -58.51
N PHE F 27 -3.40 27.14 -57.84
CA PHE F 27 -2.41 27.76 -56.98
C PHE F 27 -3.14 28.55 -55.90
N THR F 28 -2.44 28.83 -54.80
CA THR F 28 -3.06 29.51 -53.67
C THR F 28 -3.45 30.93 -54.07
N PHE F 29 -4.69 31.31 -53.75
CA PHE F 29 -5.24 32.61 -54.13
C PHE F 29 -5.18 33.62 -52.99
N THR F 30 -4.62 33.24 -51.84
CA THR F 30 -4.56 34.16 -50.70
C THR F 30 -3.51 35.24 -50.88
N SER F 31 -2.50 35.02 -51.72
CA SER F 31 -1.48 36.03 -51.99
C SER F 31 -1.00 35.83 -53.42
N SER F 32 -1.57 36.60 -54.35
CA SER F 32 -1.20 36.55 -55.75
C SER F 32 -1.63 37.86 -56.41
N ALA F 33 -1.59 37.89 -57.73
CA ALA F 33 -2.00 39.06 -58.50
C ALA F 33 -2.71 38.62 -59.76
N VAL F 34 -3.43 39.56 -60.37
CA VAL F 34 -4.16 39.31 -61.61
C VAL F 34 -3.88 40.46 -62.57
N GLN F 35 -3.91 40.16 -63.86
CA GLN F 35 -3.57 41.13 -64.90
C GLN F 35 -4.70 41.18 -65.92
N TRP F 36 -4.91 42.37 -66.49
CA TRP F 36 -5.98 42.60 -67.45
C TRP F 36 -5.41 43.25 -68.70
N VAL F 37 -5.75 42.68 -69.86
CA VAL F 37 -5.26 43.17 -71.14
C VAL F 37 -6.45 43.35 -72.09
N ARG F 38 -6.13 43.74 -73.32
CA ARG F 38 -7.11 43.91 -74.38
C ARG F 38 -6.45 43.60 -75.72
N GLN F 39 -7.13 42.83 -76.55
CA GLN F 39 -6.57 42.41 -77.83
C GLN F 39 -7.68 42.15 -78.83
N ALA F 40 -7.66 42.88 -79.94
CA ALA F 40 -8.51 42.62 -81.08
C ALA F 40 -7.67 42.02 -82.22
N ARG F 41 -8.36 41.40 -83.17
CA ARG F 41 -7.66 40.77 -84.28
C ARG F 41 -6.91 41.80 -85.11
N GLY F 42 -5.62 41.55 -85.33
CA GLY F 42 -4.79 42.49 -86.06
C GLY F 42 -4.73 43.87 -85.43
N GLN F 43 -4.68 43.93 -84.10
CA GLN F 43 -4.77 45.20 -83.40
C GLN F 43 -3.71 45.23 -82.29
N ARG F 44 -3.39 46.44 -81.85
CA ARG F 44 -2.42 46.63 -80.78
C ARG F 44 -2.92 46.01 -79.48
N LEU F 45 -1.97 45.49 -78.69
CA LEU F 45 -2.28 44.92 -77.38
C LEU F 45 -2.27 46.04 -76.34
N GLU F 46 -3.36 46.17 -75.59
CA GLU F 46 -3.53 47.23 -74.62
C GLU F 46 -3.55 46.67 -73.21
N TRP F 47 -3.19 47.51 -72.25
CA TRP F 47 -3.23 47.18 -70.83
C TRP F 47 -4.46 47.80 -70.19
N ILE F 48 -5.01 47.12 -69.19
CA ILE F 48 -6.27 47.57 -68.58
C ILE F 48 -6.07 47.84 -67.10
N GLY F 49 -5.71 46.81 -66.34
CA GLY F 49 -5.58 46.96 -64.91
C GLY F 49 -4.93 45.76 -64.26
N TRP F 50 -4.51 45.95 -63.02
CA TRP F 50 -3.90 44.90 -62.21
C TRP F 50 -4.41 45.04 -60.78
N ILE F 51 -4.56 43.90 -60.11
CA ILE F 51 -5.13 43.88 -58.77
C ILE F 51 -4.24 43.02 -57.87
N VAL F 52 -4.31 43.29 -56.56
CA VAL F 52 -3.69 42.47 -55.53
C VAL F 52 -4.82 41.87 -54.70
N VAL F 53 -4.78 40.56 -54.49
CA VAL F 53 -5.87 39.87 -53.82
C VAL F 53 -5.99 40.26 -52.35
N GLY F 54 -4.88 40.59 -51.70
CA GLY F 54 -4.91 40.88 -50.27
C GLY F 54 -5.41 42.26 -49.90
N SER F 55 -5.52 43.17 -50.86
CA SER F 55 -6.00 44.52 -50.60
C SER F 55 -6.66 45.07 -51.85
N GLY F 56 -7.82 45.69 -51.67
CA GLY F 56 -8.51 46.25 -52.82
C GLY F 56 -7.79 47.47 -53.35
N ASN F 57 -7.10 47.30 -54.48
CA ASN F 57 -6.29 48.34 -55.08
C ASN F 57 -6.11 48.02 -56.56
N THR F 58 -6.15 49.05 -57.38
CA THR F 58 -6.01 48.85 -58.83
C THR F 58 -5.43 50.11 -59.46
N ASN F 59 -4.85 49.93 -60.64
CA ASN F 59 -4.30 51.02 -61.42
C ASN F 59 -4.85 50.95 -62.84
N TYR F 60 -4.84 52.09 -63.52
CA TYR F 60 -5.46 52.20 -64.83
C TYR F 60 -4.51 52.89 -65.80
N ALA F 61 -4.79 52.70 -67.09
CA ALA F 61 -4.04 53.34 -68.15
C ALA F 61 -4.51 54.79 -68.32
N GLN F 62 -4.02 55.45 -69.37
CA GLN F 62 -4.33 56.85 -69.58
C GLN F 62 -5.81 57.07 -69.90
N LYS F 63 -6.48 56.08 -70.47
CA LYS F 63 -7.87 56.21 -70.88
C LYS F 63 -8.82 55.32 -70.09
N PHE F 64 -8.43 54.86 -68.91
CA PHE F 64 -9.26 53.92 -68.16
C PHE F 64 -9.36 54.25 -66.67
N GLN F 65 -9.01 55.48 -66.27
CA GLN F 65 -9.10 55.84 -64.86
C GLN F 65 -10.53 55.71 -64.34
N GLU F 66 -11.49 56.26 -65.07
CA GLU F 66 -12.89 56.19 -64.70
C GLU F 66 -13.54 55.02 -65.44
N ARG F 67 -14.87 54.92 -65.33
CA ARG F 67 -15.72 53.96 -66.05
C ARG F 67 -15.25 52.51 -65.89
N VAL F 68 -14.44 52.22 -64.87
CA VAL F 68 -13.99 50.87 -64.56
C VAL F 68 -14.22 50.60 -63.09
N THR F 69 -14.91 49.49 -62.79
CA THR F 69 -15.11 49.05 -61.41
C THR F 69 -14.77 47.57 -61.31
N ILE F 70 -14.41 47.14 -60.11
CA ILE F 70 -13.97 45.77 -59.86
C ILE F 70 -14.63 45.24 -58.61
N THR F 71 -15.07 43.98 -58.65
CA THR F 71 -15.51 43.25 -57.48
C THR F 71 -14.52 42.12 -57.21
N ARG F 72 -13.99 42.10 -55.99
CA ARG F 72 -12.89 41.20 -55.64
C ARG F 72 -13.37 39.77 -55.44
N ASP F 73 -14.32 39.56 -54.52
CA ASP F 73 -14.91 38.25 -54.24
C ASP F 73 -13.83 37.22 -53.90
N MET F 74 -13.23 37.43 -52.72
CA MET F 74 -12.18 36.54 -52.24
C MET F 74 -12.62 35.09 -52.23
N SER F 75 -13.88 34.83 -51.90
CA SER F 75 -14.41 33.48 -51.91
C SER F 75 -14.53 32.96 -53.33
N THR F 76 -14.30 31.66 -53.50
CA THR F 76 -14.35 30.94 -54.77
C THR F 76 -13.29 31.40 -55.76
N SER F 77 -12.40 32.30 -55.35
CA SER F 77 -11.25 32.72 -56.15
C SER F 77 -11.67 33.24 -57.52
N THR F 78 -12.74 34.03 -57.56
CA THR F 78 -13.22 34.66 -58.78
C THR F 78 -13.28 36.18 -58.59
N ALA F 79 -13.01 36.91 -59.67
CA ALA F 79 -13.04 38.36 -59.65
C ALA F 79 -13.74 38.88 -60.88
N TYR F 80 -14.59 39.89 -60.70
CA TYR F 80 -15.36 40.44 -61.81
C TYR F 80 -14.98 41.90 -62.06
N MET F 81 -15.13 42.30 -63.31
CA MET F 81 -14.88 43.68 -63.72
C MET F 81 -16.06 44.20 -64.53
N GLU F 82 -16.35 45.48 -64.32
CA GLU F 82 -17.34 46.24 -65.08
C GLU F 82 -16.61 47.35 -65.82
N LEU F 83 -16.87 47.46 -67.12
CA LEU F 83 -16.16 48.35 -68.04
C LEU F 83 -17.16 49.25 -68.77
N SER F 84 -18.00 49.94 -68.00
CA SER F 84 -19.05 50.78 -68.58
C SER F 84 -18.44 51.89 -69.44
N SER F 85 -19.33 52.60 -70.14
CA SER F 85 -18.96 53.63 -71.11
C SER F 85 -18.08 53.04 -72.22
N LEU F 86 -18.52 51.90 -72.76
CA LEU F 86 -17.79 51.18 -73.79
C LEU F 86 -18.28 51.64 -75.16
N ARG F 87 -17.40 52.31 -75.91
CA ARG F 87 -17.76 52.82 -77.22
C ARG F 87 -17.78 51.70 -78.25
N SER F 88 -18.26 52.03 -79.45
CA SER F 88 -18.36 51.05 -80.53
C SER F 88 -17.00 50.53 -80.97
N GLU F 89 -15.93 51.29 -80.74
CA GLU F 89 -14.59 50.88 -81.14
C GLU F 89 -13.87 50.13 -80.01
N ASP F 90 -14.54 49.10 -79.47
CA ASP F 90 -13.98 48.34 -78.36
C ASP F 90 -14.22 46.84 -78.49
N THR F 91 -14.57 46.36 -79.68
CA THR F 91 -14.83 44.93 -79.90
C THR F 91 -13.48 44.20 -79.91
N ALA F 92 -13.02 43.86 -78.70
CA ALA F 92 -11.73 43.22 -78.53
C ALA F 92 -11.82 42.17 -77.42
N VAL F 93 -10.91 41.21 -77.48
CA VAL F 93 -10.83 40.15 -76.48
C VAL F 93 -10.11 40.68 -75.25
N TYR F 94 -10.56 40.23 -74.07
CA TYR F 94 -10.06 40.75 -72.80
C TYR F 94 -8.93 39.93 -72.20
N TYR F 95 -9.04 38.59 -72.22
CA TYR F 95 -8.08 37.70 -71.58
C TYR F 95 -7.98 37.91 -70.07
N CYS F 96 -7.31 36.98 -69.39
CA CYS F 96 -7.01 37.09 -67.97
C CYS F 96 -5.63 36.50 -67.74
N ALA F 97 -5.01 36.86 -66.63
CA ALA F 97 -3.67 36.37 -66.33
C ALA F 97 -3.47 36.32 -64.82
N ALA F 98 -2.65 35.36 -64.39
CA ALA F 98 -2.32 35.19 -62.97
C ALA F 98 -1.10 34.29 -62.81
N PRO F 99 -0.14 34.66 -61.98
CA PRO F 99 1.04 33.82 -61.78
C PRO F 99 0.73 32.60 -60.91
N TYR F 100 1.57 31.58 -61.07
CA TYR F 100 1.52 30.41 -60.20
C TYR F 100 2.15 30.74 -58.86
N CYS F 101 1.37 30.64 -57.79
CA CYS F 101 1.85 31.10 -56.49
C CYS F 101 1.35 30.20 -55.37
N SER F 102 2.23 29.91 -54.43
CA SER F 102 1.89 29.12 -53.25
C SER F 102 2.88 29.44 -52.15
N GLY F 103 2.40 30.06 -51.07
CA GLY F 103 3.20 30.39 -49.92
C GLY F 103 3.61 31.85 -49.82
N GLY F 104 3.52 32.60 -50.92
CA GLY F 104 3.85 34.01 -50.89
C GLY F 104 5.03 34.37 -51.77
N SER F 105 6.07 33.55 -51.74
CA SER F 105 7.22 33.68 -52.63
C SER F 105 7.02 32.73 -53.80
N CYS F 106 6.95 33.29 -55.00
CA CYS F 106 6.51 32.51 -56.15
C CYS F 106 7.01 33.16 -57.43
N PHE F 107 6.45 32.71 -58.55
CA PHE F 107 6.82 33.23 -59.86
C PHE F 107 6.46 34.71 -59.97
N ASP F 108 7.28 35.46 -60.71
CA ASP F 108 7.09 36.88 -60.87
C ASP F 108 6.37 37.27 -62.16
N GLY F 109 6.56 36.51 -63.23
CA GLY F 109 5.84 36.77 -64.46
C GLY F 109 4.44 36.20 -64.44
N PHE F 110 3.68 36.52 -65.49
CA PHE F 110 2.34 35.98 -65.68
C PHE F 110 2.45 34.79 -66.63
N ASP F 111 2.28 33.58 -66.09
CA ASP F 111 2.48 32.36 -66.85
C ASP F 111 1.15 31.76 -67.34
N ILE F 112 0.23 31.49 -66.44
CA ILE F 112 -1.06 30.91 -66.81
C ILE F 112 -2.00 32.05 -67.18
N TRP F 113 -2.56 31.99 -68.39
CA TRP F 113 -3.44 33.03 -68.88
C TRP F 113 -4.83 32.45 -69.12
N GLY F 114 -5.77 33.34 -69.45
CA GLY F 114 -7.15 32.95 -69.68
C GLY F 114 -7.40 32.52 -71.10
N GLN F 115 -8.68 32.33 -71.42
CA GLN F 115 -9.10 31.90 -72.75
C GLN F 115 -9.66 33.03 -73.60
N GLY F 116 -10.22 34.07 -72.98
CA GLY F 116 -10.70 35.21 -73.72
C GLY F 116 -12.21 35.35 -73.77
N THR F 117 -12.69 36.59 -73.85
CA THR F 117 -14.11 36.88 -73.99
C THR F 117 -14.34 37.64 -75.29
N MET F 118 -15.28 37.16 -76.09
CA MET F 118 -15.57 37.77 -77.40
C MET F 118 -16.79 38.68 -77.21
N VAL F 119 -16.53 39.91 -76.78
CA VAL F 119 -17.56 40.92 -76.58
C VAL F 119 -17.69 41.76 -77.84
N THR F 120 -18.92 41.91 -78.33
CA THR F 120 -19.19 42.62 -79.57
C THR F 120 -20.28 43.66 -79.35
N VAL F 121 -20.23 44.73 -80.14
CA VAL F 121 -21.19 45.82 -80.05
C VAL F 121 -21.77 46.05 -81.44
N SER F 122 -23.09 46.19 -81.51
CA SER F 122 -23.79 46.44 -82.76
C SER F 122 -25.14 47.06 -82.43
N SER F 123 -25.93 47.32 -83.48
CA SER F 123 -27.24 47.92 -83.31
C SER F 123 -28.25 46.90 -82.81
N GLU G 1 7.37 56.36 -71.50
CA GLU G 1 6.81 55.11 -71.00
C GLU G 1 6.62 54.10 -72.12
N ILE G 2 6.02 54.54 -73.22
CA ILE G 2 5.83 53.70 -74.41
C ILE G 2 6.65 54.34 -75.53
N VAL G 3 7.93 53.96 -75.61
CA VAL G 3 8.81 54.41 -76.69
C VAL G 3 9.54 53.18 -77.21
N LEU G 4 8.95 52.00 -77.01
CA LEU G 4 9.64 50.74 -77.29
C LEU G 4 10.23 50.72 -78.70
N THR G 5 9.37 50.79 -79.71
CA THR G 5 9.77 50.91 -81.11
C THR G 5 10.87 49.91 -81.46
N GLN G 6 10.49 48.63 -81.40
CA GLN G 6 11.45 47.55 -81.64
C GLN G 6 12.03 47.66 -83.04
N SER G 7 13.34 47.47 -83.13
CA SER G 7 14.03 47.56 -84.41
C SER G 7 13.56 46.50 -85.41
N PRO G 8 13.47 45.21 -85.06
CA PRO G 8 12.96 44.24 -86.03
C PRO G 8 11.46 44.43 -86.25
N GLY G 9 11.07 44.55 -87.52
CA GLY G 9 9.67 44.72 -87.86
C GLY G 9 9.11 43.49 -88.56
N THR G 10 9.00 43.56 -89.88
CA THR G 10 8.55 42.45 -90.70
C THR G 10 9.75 41.86 -91.43
N LEU G 11 10.03 40.59 -91.19
CA LEU G 11 11.14 39.90 -91.83
C LEU G 11 10.82 38.42 -91.94
N SER G 12 11.52 37.75 -92.85
CA SER G 12 11.36 36.32 -93.07
C SER G 12 12.70 35.63 -92.88
N LEU G 13 12.67 34.43 -92.30
CA LEU G 13 13.90 33.71 -92.00
C LEU G 13 13.70 32.22 -92.18
N SER G 14 14.77 31.53 -92.59
CA SER G 14 14.84 30.08 -92.69
C SER G 14 15.61 29.51 -91.52
N PRO G 15 15.42 28.23 -91.19
CA PRO G 15 16.16 27.63 -90.07
C PRO G 15 17.66 27.76 -90.25
N GLY G 16 18.35 28.09 -89.15
CA GLY G 16 19.76 28.35 -89.20
C GLY G 16 20.09 29.82 -89.45
N GLU G 17 19.46 30.70 -88.67
CA GLU G 17 19.59 32.15 -88.83
C GLU G 17 20.13 32.76 -87.54
N ARG G 18 20.31 34.08 -87.57
CA ARG G 18 20.81 34.87 -86.44
C ARG G 18 19.91 36.07 -86.20
N ALA G 19 18.60 35.82 -86.19
CA ALA G 19 17.64 36.89 -85.93
C ALA G 19 17.78 37.39 -84.49
N THR G 20 17.79 38.71 -84.34
CA THR G 20 17.93 39.34 -83.03
C THR G 20 16.65 40.12 -82.72
N LEU G 21 16.02 39.79 -81.60
CA LEU G 21 14.81 40.48 -81.15
C LEU G 21 15.16 41.41 -80.01
N SER G 22 14.70 42.65 -80.09
CA SER G 22 15.14 43.69 -79.18
C SER G 22 13.97 44.53 -78.68
N CYS G 23 14.08 44.97 -77.43
CA CYS G 23 13.16 45.93 -76.83
C CYS G 23 13.95 47.09 -76.23
N ARG G 24 13.41 48.29 -76.40
CA ARG G 24 13.93 49.50 -75.76
C ARG G 24 13.10 49.84 -74.53
N ALA G 25 13.61 50.76 -73.73
CA ALA G 25 12.91 51.23 -72.54
C ALA G 25 13.06 52.74 -72.42
N SER G 26 12.01 53.39 -71.91
CA SER G 26 12.09 54.84 -71.70
C SER G 26 13.15 55.18 -70.66
N GLN G 27 13.19 54.43 -69.56
CA GLN G 27 14.14 54.64 -68.48
C GLN G 27 14.97 53.37 -68.29
N SER G 28 15.79 53.36 -67.25
CA SER G 28 16.61 52.20 -66.93
C SER G 28 15.77 51.24 -66.09
N VAL G 29 15.33 50.15 -66.70
CA VAL G 29 14.51 49.15 -66.03
C VAL G 29 15.41 48.08 -65.43
N SER G 30 15.18 47.75 -64.17
CA SER G 30 15.98 46.75 -63.48
C SER G 30 15.78 45.37 -64.11
N SER G 31 16.78 44.52 -63.93
CA SER G 31 16.72 43.17 -64.48
C SER G 31 15.61 42.38 -63.81
N SER G 32 15.05 41.42 -64.55
CA SER G 32 13.91 40.61 -64.14
C SER G 32 12.64 41.43 -63.97
N TYR G 33 12.54 42.58 -64.64
CA TYR G 33 11.34 43.39 -64.67
C TYR G 33 10.83 43.62 -66.09
N LEU G 34 11.13 42.71 -67.01
CA LEU G 34 10.65 42.76 -68.37
C LEU G 34 10.04 41.39 -68.69
N ALA G 35 9.37 41.28 -69.83
CA ALA G 35 8.84 40.00 -70.27
C ALA G 35 8.77 39.98 -71.78
N TRP G 36 8.94 38.79 -72.33
CA TRP G 36 8.83 38.54 -73.77
C TRP G 36 7.72 37.53 -74.01
N TYR G 37 6.78 37.85 -74.88
CA TYR G 37 5.69 36.96 -75.22
C TYR G 37 5.80 36.48 -76.66
N GLN G 38 5.65 35.16 -76.84
CA GLN G 38 5.51 34.54 -78.17
C GLN G 38 4.02 34.30 -78.39
N GLN G 39 3.40 35.10 -79.25
CA GLN G 39 1.97 35.05 -79.47
C GLN G 39 1.67 34.51 -80.86
N LYS G 40 0.82 33.48 -80.91
CA LYS G 40 0.34 32.87 -82.15
C LYS G 40 -1.14 33.19 -82.34
N PRO G 41 -1.56 33.52 -83.56
CA PRO G 41 -2.99 33.81 -83.80
C PRO G 41 -3.86 32.63 -83.41
N GLY G 42 -4.73 32.87 -82.42
CA GLY G 42 -5.65 31.85 -81.93
C GLY G 42 -5.47 31.49 -80.46
N GLN G 43 -4.56 32.11 -79.73
CA GLN G 43 -4.38 31.79 -78.32
C GLN G 43 -3.77 33.00 -77.62
N ALA G 44 -3.81 32.96 -76.29
CA ALA G 44 -3.22 34.02 -75.49
C ALA G 44 -1.71 33.99 -75.61
N PRO G 45 -1.04 35.14 -75.42
CA PRO G 45 0.43 35.16 -75.51
C PRO G 45 1.06 34.28 -74.44
N ARG G 46 2.20 33.69 -74.79
CA ARG G 46 2.90 32.75 -73.93
C ARG G 46 4.13 33.42 -73.34
N LEU G 47 4.28 33.33 -72.02
CA LEU G 47 5.44 33.87 -71.35
C LEU G 47 6.59 32.88 -71.42
N LEU G 48 7.75 33.35 -71.90
CA LEU G 48 8.93 32.51 -72.05
C LEU G 48 10.10 32.95 -71.18
N ILE G 49 10.48 34.23 -71.26
CA ILE G 49 11.61 34.76 -70.52
C ILE G 49 11.19 36.08 -69.88
N TYR G 50 11.63 36.29 -68.64
CA TYR G 50 11.26 37.47 -67.86
C TYR G 50 12.50 38.28 -67.54
N GLY G 51 12.55 39.51 -68.06
CA GLY G 51 13.61 40.44 -67.70
C GLY G 51 14.98 40.10 -68.21
N ALA G 52 15.09 39.28 -69.25
CA ALA G 52 16.37 38.88 -69.83
C ALA G 52 17.31 38.29 -68.78
N SER G 53 16.75 37.46 -67.89
CA SER G 53 17.51 36.79 -66.86
C SER G 53 17.57 35.27 -67.08
N SER G 54 16.42 34.63 -67.19
CA SER G 54 16.35 33.20 -67.48
C SER G 54 14.98 32.88 -68.04
N ARG G 55 14.88 31.73 -68.69
CA ARG G 55 13.62 31.30 -69.28
C ARG G 55 12.63 30.92 -68.17
N ALA G 56 11.44 30.51 -68.59
CA ALA G 56 10.39 30.13 -67.65
C ALA G 56 10.65 28.71 -67.13
N THR G 57 9.65 28.14 -66.45
CA THR G 57 9.80 26.83 -65.83
C THR G 57 10.14 25.74 -66.84
N GLY G 58 9.24 25.47 -67.77
CA GLY G 58 9.50 24.45 -68.77
C GLY G 58 9.21 24.90 -70.19
N PHE G 59 10.24 24.99 -71.02
CA PHE G 59 10.13 25.44 -72.40
C PHE G 59 11.31 24.87 -73.18
N PRO G 60 11.21 24.82 -74.51
CA PRO G 60 12.31 24.28 -75.32
C PRO G 60 13.60 25.06 -75.12
N ASP G 61 14.71 24.35 -75.25
CA ASP G 61 16.04 24.86 -74.94
C ASP G 61 16.65 25.57 -76.15
N ARG G 62 17.97 25.79 -76.09
CA ARG G 62 18.80 26.35 -77.17
C ARG G 62 18.21 27.61 -77.81
N PHE G 63 17.56 28.45 -76.99
CA PHE G 63 17.29 29.83 -77.39
C PHE G 63 16.98 30.65 -76.14
N SER G 64 17.73 31.73 -75.95
CA SER G 64 17.59 32.66 -74.82
C SER G 64 18.58 33.79 -75.04
N GLY G 65 18.35 34.90 -74.36
CA GLY G 65 19.23 36.06 -74.49
C GLY G 65 19.12 37.00 -73.32
N SER G 66 20.13 37.86 -73.19
CA SER G 66 20.19 38.87 -72.15
C SER G 66 20.64 40.19 -72.75
N GLY G 67 20.26 41.28 -72.08
CA GLY G 67 20.61 42.61 -72.55
C GLY G 67 21.14 43.53 -71.47
N SER G 68 21.23 44.82 -71.78
CA SER G 68 21.70 45.82 -70.84
C SER G 68 20.53 46.36 -70.03
N GLY G 69 20.75 47.44 -69.29
CA GLY G 69 19.71 48.00 -68.44
C GLY G 69 18.59 48.68 -69.20
N THR G 70 18.81 49.03 -70.46
CA THR G 70 17.78 49.66 -71.29
C THR G 70 17.57 48.92 -72.61
N ASP G 71 18.64 48.39 -73.20
CA ASP G 71 18.56 47.59 -74.42
C ASP G 71 18.44 46.13 -74.00
N PHE G 72 17.29 45.52 -74.25
CA PHE G 72 17.06 44.12 -73.89
C PHE G 72 16.93 43.30 -75.17
N THR G 73 17.89 42.44 -75.45
CA THR G 73 17.90 41.69 -76.70
C THR G 73 18.12 40.21 -76.45
N LEU G 74 17.54 39.40 -77.34
CA LEU G 74 17.75 37.96 -77.37
C LEU G 74 17.92 37.51 -78.82
N THR G 75 18.30 36.25 -79.00
CA THR G 75 18.57 35.70 -80.31
C THR G 75 17.97 34.31 -80.44
N ILE G 76 17.74 33.90 -81.69
CA ILE G 76 17.19 32.60 -82.03
C ILE G 76 18.14 31.92 -83.01
N SER G 77 18.39 30.63 -82.80
CA SER G 77 19.28 29.87 -83.66
C SER G 77 18.67 28.51 -83.96
N ARG G 78 18.61 28.16 -85.25
CA ARG G 78 18.11 26.87 -85.72
C ARG G 78 16.73 26.56 -85.15
N LEU G 79 15.78 27.46 -85.45
CA LEU G 79 14.45 27.35 -84.87
C LEU G 79 13.72 26.12 -85.40
N GLU G 80 12.95 25.49 -84.54
CA GLU G 80 12.06 24.40 -84.92
C GLU G 80 10.81 24.97 -85.60
N PRO G 81 10.10 24.15 -86.38
CA PRO G 81 9.17 24.72 -87.39
C PRO G 81 8.12 25.66 -86.84
N GLU G 82 7.54 25.40 -85.66
CA GLU G 82 6.40 26.21 -85.24
C GLU G 82 6.81 27.52 -84.58
N ASP G 83 8.10 27.83 -84.54
CA ASP G 83 8.56 29.07 -83.95
C ASP G 83 8.45 30.23 -84.94
N PHE G 84 7.27 30.41 -85.52
CA PHE G 84 7.03 31.44 -86.53
C PHE G 84 5.79 32.23 -86.11
N ALA G 85 5.97 33.24 -85.27
CA ALA G 85 4.87 34.06 -84.78
C ALA G 85 5.45 35.38 -84.27
N VAL G 86 4.60 36.18 -83.64
CA VAL G 86 4.94 37.55 -83.26
C VAL G 86 5.61 37.56 -81.90
N TYR G 87 6.50 38.52 -81.69
CA TYR G 87 7.19 38.74 -80.42
C TYR G 87 6.71 40.05 -79.80
N TYR G 88 6.43 40.01 -78.51
CA TYR G 88 5.89 41.17 -77.81
C TYR G 88 6.74 41.48 -76.57
N CYS G 89 6.91 42.77 -76.31
CA CYS G 89 7.69 43.27 -75.18
C CYS G 89 6.73 43.79 -74.12
N GLN G 90 6.89 43.32 -72.88
CA GLN G 90 5.97 43.65 -71.80
C GLN G 90 6.76 44.21 -70.63
N GLN G 91 6.27 45.30 -70.05
CA GLN G 91 7.04 46.05 -69.05
C GLN G 91 6.40 45.95 -67.68
N TYR G 92 7.25 46.02 -66.65
CA TYR G 92 6.87 45.90 -65.25
C TYR G 92 7.37 47.11 -64.48
N GLY G 93 6.98 47.15 -63.19
CA GLY G 93 7.46 48.16 -62.27
C GLY G 93 6.62 49.41 -62.12
N ASN G 94 6.50 50.20 -63.17
CA ASN G 94 5.84 51.51 -63.09
C ASN G 94 4.62 51.54 -64.01
N SER G 95 3.50 52.03 -63.47
CA SER G 95 2.26 52.17 -64.23
C SER G 95 2.26 53.46 -65.05
N PRO G 96 1.55 53.49 -66.18
CA PRO G 96 0.80 52.37 -66.78
C PRO G 96 1.73 51.36 -67.46
N TRP G 97 1.30 50.10 -67.48
CA TRP G 97 2.15 49.01 -67.97
C TRP G 97 1.78 48.69 -69.43
N THR G 98 2.13 49.63 -70.29
CA THR G 98 1.90 49.47 -71.72
C THR G 98 2.76 48.34 -72.28
N PHE G 99 2.36 47.83 -73.43
CA PHE G 99 2.94 46.62 -74.00
C PHE G 99 3.54 46.90 -75.38
N GLY G 100 4.00 45.83 -76.04
CA GLY G 100 4.77 45.96 -77.26
C GLY G 100 3.93 46.22 -78.49
N GLN G 101 4.62 46.39 -79.62
CA GLN G 101 3.99 46.74 -80.89
C GLN G 101 3.78 45.53 -81.79
N GLY G 102 4.85 44.79 -82.10
CA GLY G 102 4.73 43.61 -82.93
C GLY G 102 5.86 43.39 -83.90
N THR G 103 6.38 42.16 -83.93
CA THR G 103 7.43 41.75 -84.85
C THR G 103 7.04 40.43 -85.49
N LYS G 104 6.84 40.43 -86.80
CA LYS G 104 6.36 39.25 -87.52
C LYS G 104 7.50 38.53 -88.20
N VAL G 105 7.37 37.21 -88.31
CA VAL G 105 8.34 36.36 -89.01
C VAL G 105 7.58 35.41 -89.92
N GLU G 106 8.15 35.16 -91.09
CA GLU G 106 7.53 34.31 -92.10
C GLU G 106 8.65 33.69 -92.94
N ILE G 107 8.29 33.15 -94.10
CA ILE G 107 9.22 32.48 -95.00
C ILE G 107 9.24 33.26 -96.32
N ARG G 108 10.43 33.38 -96.91
CA ARG G 108 10.56 33.88 -98.29
C ARG G 108 9.47 33.31 -99.21
N GLN H 1 59.71 -37.90 -34.82
CA GLN H 1 59.57 -37.64 -36.25
C GLN H 1 58.18 -38.04 -36.74
N VAL H 2 57.60 -37.20 -37.59
CA VAL H 2 56.27 -37.46 -38.11
C VAL H 2 56.35 -38.46 -39.26
N GLN H 3 55.60 -39.55 -39.15
CA GLN H 3 55.54 -40.54 -40.21
C GLN H 3 54.30 -41.41 -40.01
N LEU H 4 53.87 -42.04 -41.09
CA LEU H 4 52.75 -42.97 -41.07
C LEU H 4 53.22 -44.32 -41.58
N VAL H 5 53.02 -45.36 -40.77
CA VAL H 5 53.43 -46.73 -41.11
C VAL H 5 52.18 -47.50 -41.48
N GLU H 6 52.15 -48.02 -42.70
CA GLU H 6 51.01 -48.77 -43.22
C GLU H 6 51.40 -50.23 -43.40
N SER H 7 50.50 -51.13 -43.00
CA SER H 7 50.75 -52.56 -43.09
C SER H 7 49.43 -53.28 -43.24
N GLY H 8 49.51 -54.54 -43.70
CA GLY H 8 48.34 -55.37 -43.90
C GLY H 8 47.88 -55.48 -45.34
N GLY H 9 48.34 -54.60 -46.22
CA GLY H 9 47.97 -54.71 -47.62
C GLY H 9 48.64 -55.87 -48.32
N GLY H 10 47.99 -56.36 -49.36
CA GLY H 10 48.51 -57.49 -50.10
C GLY H 10 47.49 -58.03 -51.07
N VAL H 11 47.75 -59.24 -51.55
CA VAL H 11 46.88 -59.89 -52.51
C VAL H 11 45.63 -60.39 -51.80
N VAL H 12 44.46 -60.01 -52.32
CA VAL H 12 43.19 -60.41 -51.74
C VAL H 12 42.33 -61.02 -52.84
N GLN H 13 41.84 -62.24 -52.60
CA GLN H 13 40.86 -62.83 -53.48
C GLN H 13 39.57 -62.02 -53.42
N PRO H 14 38.89 -61.80 -54.55
CA PRO H 14 37.60 -61.10 -54.50
C PRO H 14 36.61 -61.80 -53.59
N GLY H 15 35.87 -61.01 -52.83
CA GLY H 15 34.91 -61.53 -51.87
C GLY H 15 35.45 -61.75 -50.48
N ARG H 16 36.76 -61.62 -50.27
CA ARG H 16 37.37 -61.82 -48.97
C ARG H 16 37.62 -60.47 -48.30
N SER H 17 37.54 -60.48 -46.97
CA SER H 17 37.62 -59.25 -46.18
C SER H 17 38.99 -59.11 -45.54
N LEU H 18 39.58 -57.93 -45.66
CA LEU H 18 40.88 -57.62 -45.08
C LEU H 18 40.81 -56.30 -44.33
N ARG H 19 41.52 -56.24 -43.20
CA ARG H 19 41.53 -55.07 -42.34
C ARG H 19 42.95 -54.50 -42.30
N LEU H 20 43.13 -53.29 -42.83
CA LEU H 20 44.44 -52.65 -42.81
C LEU H 20 44.84 -52.26 -41.39
N SER H 21 46.14 -52.00 -41.22
CA SER H 21 46.69 -51.50 -39.98
C SER H 21 47.59 -50.31 -40.29
N CYS H 22 47.50 -49.26 -39.47
CA CYS H 22 48.36 -48.12 -39.66
C CYS H 22 48.68 -47.49 -38.30
N ALA H 23 49.94 -47.07 -38.15
CA ALA H 23 50.41 -46.41 -36.95
C ALA H 23 50.97 -45.04 -37.31
N ALA H 24 50.94 -44.14 -36.33
CA ALA H 24 51.39 -42.76 -36.52
C ALA H 24 52.51 -42.45 -35.54
N SER H 25 53.50 -41.69 -36.02
CA SER H 25 54.65 -41.30 -35.20
C SER H 25 54.84 -39.80 -35.30
N GLY H 26 55.15 -39.17 -34.17
CA GLY H 26 55.44 -37.76 -34.12
C GLY H 26 54.29 -36.88 -33.69
N PHE H 27 53.11 -37.43 -33.45
CA PHE H 27 51.94 -36.64 -33.09
C PHE H 27 50.91 -37.56 -32.45
N THR H 28 49.70 -37.02 -32.22
CA THR H 28 48.56 -37.79 -31.76
C THR H 28 47.48 -37.71 -32.83
N LEU H 29 47.06 -38.88 -33.34
CA LEU H 29 46.08 -38.91 -34.42
C LEU H 29 44.73 -38.39 -33.96
N SER H 30 44.47 -38.41 -32.65
CA SER H 30 43.20 -37.94 -32.10
C SER H 30 43.02 -36.44 -32.25
N SER H 31 44.06 -35.71 -32.64
CA SER H 31 43.96 -34.28 -32.86
C SER H 31 43.97 -33.90 -34.33
N TYR H 32 44.30 -34.82 -35.23
CA TYR H 32 44.51 -34.50 -36.63
C TYR H 32 43.61 -35.34 -37.52
N GLY H 33 43.25 -34.78 -38.67
CA GLY H 33 42.49 -35.50 -39.67
C GLY H 33 43.41 -36.42 -40.47
N MET H 34 42.85 -37.51 -40.96
CA MET H 34 43.61 -38.55 -41.63
C MET H 34 42.90 -39.01 -42.88
N HIS H 35 43.65 -39.20 -43.96
CA HIS H 35 43.11 -39.49 -45.28
C HIS H 35 43.53 -40.88 -45.74
N TRP H 36 42.64 -41.57 -46.44
CA TRP H 36 42.96 -42.78 -47.18
C TRP H 36 42.87 -42.48 -48.67
N VAL H 37 44.02 -42.49 -49.35
CA VAL H 37 44.08 -42.15 -50.77
C VAL H 37 44.83 -43.26 -51.48
N ARG H 38 44.11 -44.07 -52.26
CA ARG H 38 44.74 -45.09 -53.08
C ARG H 38 45.24 -44.48 -54.38
N GLN H 39 46.37 -45.01 -54.85
CA GLN H 39 46.99 -44.53 -56.08
C GLN H 39 47.15 -45.71 -57.03
N ALA H 40 46.67 -45.57 -58.25
CA ALA H 40 46.79 -46.67 -59.19
C ALA H 40 47.69 -46.29 -60.35
N PRO H 41 48.68 -47.10 -60.70
CA PRO H 41 49.48 -46.83 -61.89
C PRO H 41 48.62 -46.83 -63.13
N GLY H 42 48.89 -45.89 -64.04
CA GLY H 42 48.06 -45.74 -65.22
C GLY H 42 46.70 -45.13 -64.96
N LYS H 43 46.47 -44.59 -63.78
CA LYS H 43 45.19 -44.02 -63.39
C LYS H 43 45.43 -42.71 -62.65
N GLY H 44 44.34 -42.07 -62.23
CA GLY H 44 44.45 -40.90 -61.40
C GLY H 44 44.36 -41.23 -59.91
N LEU H 45 44.81 -40.29 -59.08
CA LEU H 45 44.76 -40.49 -57.64
C LEU H 45 43.31 -40.58 -57.19
N GLU H 46 43.02 -41.55 -56.32
CA GLU H 46 41.67 -41.85 -55.89
C GLU H 46 41.58 -41.74 -54.39
N TRP H 47 40.49 -41.14 -53.91
CA TRP H 47 40.24 -40.95 -52.48
C TRP H 47 39.18 -41.94 -52.01
N VAL H 48 39.46 -42.62 -50.90
CA VAL H 48 38.54 -43.63 -50.37
C VAL H 48 37.74 -43.06 -49.20
N ALA H 49 38.42 -42.71 -48.11
CA ALA H 49 37.72 -42.35 -46.89
C ALA H 49 38.61 -41.48 -46.02
N VAL H 50 37.97 -40.83 -45.04
CA VAL H 50 38.67 -40.02 -44.05
C VAL H 50 38.11 -40.34 -42.67
N ILE H 51 38.90 -40.07 -41.65
CA ILE H 51 38.49 -40.18 -40.26
C ILE H 51 38.69 -38.81 -39.61
N SER H 52 37.66 -38.32 -38.94
CA SER H 52 37.74 -37.01 -38.31
C SER H 52 38.74 -37.04 -37.17
N TYR H 53 39.33 -35.87 -36.89
CA TYR H 53 40.25 -35.77 -35.76
C TYR H 53 39.56 -36.13 -34.45
N ASP H 54 38.36 -35.59 -34.22
CA ASP H 54 37.58 -36.01 -33.07
C ASP H 54 36.78 -37.28 -33.32
N GLY H 55 36.71 -37.74 -34.58
CA GLY H 55 35.97 -38.94 -34.92
C GLY H 55 34.48 -38.76 -35.02
N SER H 56 33.97 -37.54 -34.87
CA SER H 56 32.53 -37.31 -34.89
C SER H 56 31.94 -37.58 -36.27
N ASN H 57 32.64 -37.17 -37.33
CA ASN H 57 32.14 -37.29 -38.69
C ASN H 57 33.06 -38.18 -39.51
N LYS H 58 32.46 -39.15 -40.20
CA LYS H 58 33.20 -40.04 -41.08
C LYS H 58 32.51 -40.08 -42.43
N TYR H 59 33.27 -39.84 -43.49
CA TYR H 59 32.73 -39.75 -44.83
C TYR H 59 33.47 -40.70 -45.77
N TYR H 60 32.73 -41.23 -46.73
CA TYR H 60 33.25 -42.19 -47.69
C TYR H 60 32.84 -41.77 -49.09
N VAL H 61 33.73 -42.01 -50.05
CA VAL H 61 33.37 -41.77 -51.45
C VAL H 61 32.31 -42.79 -51.86
N ASP H 62 31.53 -42.43 -52.89
CA ASP H 62 30.38 -43.25 -53.27
C ASP H 62 30.77 -44.65 -53.71
N SER H 63 32.05 -44.88 -54.03
CA SER H 63 32.51 -46.20 -54.43
C SER H 63 32.96 -47.06 -53.27
N VAL H 64 32.98 -46.52 -52.05
CA VAL H 64 33.42 -47.27 -50.87
C VAL H 64 32.44 -47.21 -49.72
N LYS H 65 31.35 -46.44 -49.85
CA LYS H 65 30.45 -46.25 -48.72
C LYS H 65 29.77 -47.56 -48.34
N GLY H 66 29.79 -47.87 -47.04
CA GLY H 66 29.17 -49.07 -46.51
C GLY H 66 29.92 -50.36 -46.76
N ARG H 67 30.78 -50.41 -47.78
CA ARG H 67 31.57 -51.60 -48.07
C ARG H 67 32.97 -51.56 -47.48
N PHE H 68 33.56 -50.37 -47.38
CA PHE H 68 34.83 -50.17 -46.70
C PHE H 68 34.62 -49.16 -45.59
N THR H 69 34.92 -49.56 -44.36
CA THR H 69 34.68 -48.73 -43.18
C THR H 69 35.98 -48.60 -42.39
N ILE H 70 36.22 -47.39 -41.89
CA ILE H 70 37.45 -47.06 -41.18
C ILE H 70 37.16 -47.03 -39.68
N SER H 71 38.12 -47.51 -38.89
CA SER H 71 38.02 -47.51 -37.44
C SER H 71 39.31 -46.96 -36.84
N ARG H 72 39.21 -46.32 -35.69
CA ARG H 72 40.35 -45.73 -35.01
C ARG H 72 40.38 -46.20 -33.56
N ASP H 73 41.58 -46.41 -33.03
CA ASP H 73 41.79 -46.50 -31.59
C ASP H 73 42.98 -45.61 -31.24
N ASN H 74 42.65 -44.45 -30.66
CA ASN H 74 43.66 -43.43 -30.37
C ASN H 74 44.49 -43.79 -29.13
N SER H 75 43.96 -44.65 -28.25
CA SER H 75 44.70 -45.03 -27.06
C SER H 75 46.01 -45.71 -27.42
N LYS H 76 46.00 -46.51 -28.49
CA LYS H 76 47.20 -47.17 -28.98
C LYS H 76 47.73 -46.50 -30.25
N ASN H 77 47.04 -45.47 -30.75
CA ASN H 77 47.43 -44.76 -31.96
C ASN H 77 47.47 -45.71 -33.16
N THR H 78 46.31 -46.28 -33.48
CA THR H 78 46.21 -47.17 -34.62
C THR H 78 44.94 -46.88 -35.40
N LEU H 79 45.02 -47.06 -36.71
CA LEU H 79 43.89 -46.88 -37.62
C LEU H 79 43.74 -48.15 -38.45
N TYR H 80 42.53 -48.71 -38.48
CA TYR H 80 42.23 -49.93 -39.21
C TYR H 80 41.29 -49.60 -40.37
N LEU H 81 41.72 -49.93 -41.58
CA LEU H 81 40.87 -49.79 -42.76
C LEU H 81 40.35 -51.16 -43.17
N GLN H 82 39.03 -51.27 -43.30
CA GLN H 82 38.37 -52.53 -43.63
C GLN H 82 38.08 -52.58 -45.13
N MET H 83 38.45 -53.68 -45.77
CA MET H 83 38.16 -53.93 -47.18
C MET H 83 37.30 -55.18 -47.27
N ASN H 84 35.98 -55.01 -47.34
CA ASN H 84 35.06 -56.13 -47.42
C ASN H 84 34.69 -56.40 -48.87
N SER H 85 34.67 -57.68 -49.23
CA SER H 85 34.21 -58.14 -50.54
C SER H 85 34.93 -57.39 -51.67
N LEU H 86 36.23 -57.67 -51.76
CA LEU H 86 37.09 -56.96 -52.70
C LEU H 86 36.61 -57.13 -54.14
N ARG H 87 36.59 -56.03 -54.88
CA ARG H 87 36.39 -56.02 -56.32
C ARG H 87 37.69 -55.64 -57.02
N ALA H 88 37.74 -55.94 -58.33
CA ALA H 88 38.97 -55.77 -59.09
C ALA H 88 39.44 -54.32 -59.14
N GLU H 89 38.50 -53.37 -59.06
CA GLU H 89 38.88 -51.96 -59.14
C GLU H 89 39.62 -51.48 -57.90
N ASP H 90 39.66 -52.29 -56.83
CA ASP H 90 40.35 -51.91 -55.61
C ASP H 90 41.86 -52.09 -55.69
N THR H 91 42.35 -52.68 -56.78
CA THR H 91 43.79 -52.90 -56.95
C THR H 91 44.47 -51.55 -57.20
N ALA H 92 45.07 -50.99 -56.15
CA ALA H 92 45.76 -49.72 -56.24
C ALA H 92 46.71 -49.61 -55.05
N VAL H 93 47.69 -48.71 -55.18
CA VAL H 93 48.67 -48.47 -54.13
C VAL H 93 48.03 -47.55 -53.11
N TYR H 94 47.58 -48.11 -51.99
CA TYR H 94 46.86 -47.36 -50.97
C TYR H 94 47.82 -46.60 -50.08
N TYR H 95 47.50 -45.33 -49.79
CA TYR H 95 48.30 -44.49 -48.92
C TYR H 95 47.44 -43.93 -47.79
N CYS H 96 48.11 -43.61 -46.68
CA CYS H 96 47.52 -42.91 -45.56
C CYS H 96 48.20 -41.55 -45.40
N ALA H 97 47.40 -40.52 -45.15
CA ALA H 97 47.88 -39.15 -45.04
C ALA H 97 47.36 -38.53 -43.75
N ARG H 98 48.01 -37.44 -43.35
CA ARG H 98 47.66 -36.69 -42.15
C ARG H 98 47.27 -35.28 -42.55
N GLY H 99 46.37 -34.67 -41.76
CA GLY H 99 45.88 -33.35 -42.07
C GLY H 99 46.00 -32.34 -40.95
N TRP H 100 45.27 -31.22 -41.06
CA TRP H 100 45.34 -30.17 -40.05
C TRP H 100 44.70 -30.65 -38.74
N ALA H 101 44.72 -29.78 -37.75
CA ALA H 101 44.29 -30.12 -36.41
C ALA H 101 43.43 -28.99 -35.82
N TYR H 102 42.83 -29.29 -34.67
CA TYR H 102 42.14 -28.27 -33.89
C TYR H 102 43.09 -27.20 -33.38
N TRP H 103 44.39 -27.49 -33.32
CA TRP H 103 45.37 -26.55 -32.80
C TRP H 103 45.28 -25.22 -33.54
N GLU H 104 45.19 -25.27 -34.86
CA GLU H 104 44.84 -24.12 -35.69
C GLU H 104 43.36 -24.25 -36.00
N LEU H 105 42.52 -23.48 -35.32
CA LEU H 105 41.08 -23.57 -35.55
C LEU H 105 40.76 -23.16 -36.98
N LEU H 106 40.10 -24.05 -37.71
CA LEU H 106 39.88 -23.90 -39.13
C LEU H 106 38.40 -24.10 -39.45
N PRO H 107 37.93 -23.56 -40.57
CA PRO H 107 36.51 -23.67 -40.91
C PRO H 107 36.12 -25.11 -41.23
N ASP H 108 34.82 -25.28 -41.50
CA ASP H 108 34.27 -26.58 -41.85
C ASP H 108 34.83 -27.03 -43.20
N TYR H 109 34.40 -28.21 -43.65
CA TYR H 109 34.98 -28.89 -44.81
C TYR H 109 36.49 -28.80 -44.74
N TYR H 110 37.04 -29.46 -43.72
CA TYR H 110 38.44 -29.32 -43.32
C TYR H 110 39.39 -29.54 -44.49
N TYR H 111 40.60 -29.01 -44.34
CA TYR H 111 41.70 -29.24 -45.26
C TYR H 111 42.73 -30.16 -44.62
N GLY H 112 43.51 -30.84 -45.45
CA GLY H 112 44.51 -31.75 -44.93
C GLY H 112 45.62 -32.10 -45.90
N MET H 113 46.16 -33.31 -45.74
CA MET H 113 47.13 -33.90 -46.67
C MET H 113 48.42 -33.06 -46.74
N ASP H 114 49.07 -32.96 -45.58
CA ASP H 114 50.38 -32.32 -45.52
C ASP H 114 51.53 -33.31 -45.45
N VAL H 115 51.30 -34.48 -44.86
CA VAL H 115 52.27 -35.57 -44.85
C VAL H 115 51.52 -36.87 -45.06
N TRP H 116 52.21 -37.86 -45.62
CA TRP H 116 51.63 -39.18 -45.83
C TRP H 116 52.71 -40.24 -45.75
N GLY H 117 52.29 -41.46 -45.42
CA GLY H 117 53.21 -42.56 -45.24
C GLY H 117 53.65 -43.21 -46.54
N GLN H 118 54.45 -44.25 -46.39
CA GLN H 118 54.99 -44.96 -47.55
C GLN H 118 53.91 -45.66 -48.37
N GLY H 119 52.77 -46.00 -47.75
CA GLY H 119 51.66 -46.57 -48.47
C GLY H 119 51.82 -48.04 -48.81
N THR H 120 50.74 -48.80 -48.71
CA THR H 120 50.76 -50.23 -48.97
C THR H 120 49.76 -50.57 -50.06
N THR H 121 50.18 -51.44 -50.98
CA THR H 121 49.37 -51.81 -52.13
C THR H 121 48.54 -53.04 -51.84
N VAL H 122 47.27 -53.01 -52.24
CA VAL H 122 46.40 -54.19 -52.27
C VAL H 122 46.17 -54.55 -53.73
N THR H 123 46.28 -55.84 -54.03
CA THR H 123 46.14 -56.34 -55.40
C THR H 123 45.02 -57.37 -55.43
N VAL H 124 43.91 -57.02 -56.06
CA VAL H 124 42.76 -57.92 -56.17
C VAL H 124 43.04 -58.81 -57.38
N SER H 125 43.68 -59.94 -57.13
CA SER H 125 44.13 -60.85 -58.17
C SER H 125 43.33 -62.14 -58.12
N SER H 126 43.01 -62.66 -59.30
CA SER H 126 42.25 -63.90 -59.41
C SER H 126 43.20 -65.12 -59.48
N GLN I 1 28.70 -35.35 -61.74
CA GLN I 1 29.97 -35.04 -61.09
C GLN I 1 30.87 -34.24 -62.03
N THR I 2 31.16 -33.00 -61.65
CA THR I 2 31.98 -32.13 -62.47
C THR I 2 33.43 -32.62 -62.49
N VAL I 3 34.18 -32.14 -63.49
CA VAL I 3 35.53 -32.61 -63.74
C VAL I 3 36.47 -31.41 -63.78
N VAL I 4 37.66 -31.59 -63.20
CA VAL I 4 38.74 -30.60 -63.30
C VAL I 4 39.61 -30.97 -64.48
N THR I 5 39.87 -29.98 -65.35
CA THR I 5 40.59 -30.21 -66.59
C THR I 5 42.06 -29.87 -66.40
N GLN I 6 42.93 -30.76 -66.89
CA GLN I 6 44.37 -30.55 -66.84
C GLN I 6 45.01 -31.10 -68.12
N GLU I 7 46.10 -30.47 -68.52
CA GLU I 7 46.90 -30.96 -69.63
C GLU I 7 47.71 -32.18 -69.20
N PRO I 8 47.82 -33.21 -70.06
CA PRO I 8 48.49 -34.44 -69.62
C PRO I 8 49.98 -34.30 -69.38
N SER I 9 50.72 -33.70 -70.31
CA SER I 9 52.17 -33.57 -70.14
C SER I 9 52.69 -32.48 -71.06
N PHE I 10 53.64 -31.70 -70.53
CA PHE I 10 54.31 -30.65 -71.28
C PHE I 10 55.74 -31.09 -71.61
N SER I 11 56.40 -30.27 -72.43
CA SER I 11 57.82 -30.44 -72.73
C SER I 11 58.36 -29.08 -73.15
N VAL I 12 59.03 -28.41 -72.21
CA VAL I 12 59.56 -27.07 -72.42
C VAL I 12 61.02 -27.05 -71.97
N SER I 13 61.83 -26.28 -72.67
CA SER I 13 63.26 -26.23 -72.40
C SER I 13 63.52 -25.67 -71.00
N PRO I 14 64.64 -26.07 -70.37
CA PRO I 14 64.97 -25.54 -69.05
C PRO I 14 65.17 -24.03 -69.08
N GLY I 15 64.85 -23.39 -67.96
CA GLY I 15 64.91 -21.95 -67.85
C GLY I 15 63.68 -21.23 -68.36
N GLY I 16 62.67 -21.95 -68.82
CA GLY I 16 61.46 -21.35 -69.34
C GLY I 16 60.33 -21.35 -68.34
N THR I 17 59.46 -20.35 -68.46
CA THR I 17 58.29 -20.21 -67.59
C THR I 17 57.17 -21.09 -68.13
N VAL I 18 56.67 -21.98 -67.29
CA VAL I 18 55.63 -22.93 -67.67
C VAL I 18 54.45 -22.79 -66.71
N THR I 19 53.24 -22.90 -67.26
CA THR I 19 52.02 -22.83 -66.47
C THR I 19 51.40 -24.21 -66.33
N LEU I 20 50.83 -24.46 -65.15
CA LEU I 20 50.05 -25.66 -64.86
C LEU I 20 48.63 -25.22 -64.56
N THR I 21 47.65 -25.87 -65.19
CA THR I 21 46.27 -25.41 -65.17
C THR I 21 45.35 -26.47 -64.57
N CYS I 22 44.35 -26.00 -63.82
CA CYS I 22 43.28 -26.84 -63.29
C CYS I 22 41.99 -26.05 -63.36
N GLY I 23 41.01 -26.55 -64.13
CA GLY I 23 39.79 -25.84 -64.38
C GLY I 23 38.56 -26.54 -63.80
N LEU I 24 37.40 -26.08 -64.25
CA LEU I 24 36.13 -26.64 -63.82
C LEU I 24 35.17 -26.70 -65.00
N SER I 25 34.44 -27.81 -65.11
CA SER I 25 33.40 -27.95 -66.12
C SER I 25 32.03 -27.54 -65.62
N SER I 26 31.93 -27.09 -64.36
CA SER I 26 30.66 -26.71 -63.76
C SER I 26 30.51 -25.21 -63.56
N GLY I 27 31.56 -24.44 -63.76
CA GLY I 27 31.47 -23.00 -63.57
C GLY I 27 32.79 -22.43 -63.08
N SER I 28 32.66 -21.38 -62.26
CA SER I 28 33.82 -20.66 -61.76
C SER I 28 34.45 -21.38 -60.56
N VAL I 29 35.77 -21.25 -60.47
CA VAL I 29 36.52 -21.79 -59.33
C VAL I 29 36.93 -20.64 -58.44
N SER I 30 36.65 -20.76 -57.15
CA SER I 30 37.10 -19.83 -56.13
C SER I 30 37.96 -20.57 -55.11
N THR I 31 38.59 -19.79 -54.23
CA THR I 31 39.39 -20.39 -53.16
C THR I 31 38.54 -21.14 -52.16
N ALA I 32 37.22 -21.00 -52.19
CA ALA I 32 36.36 -21.85 -51.39
C ALA I 32 36.50 -23.31 -51.80
N TYR I 33 36.88 -23.57 -53.05
CA TYR I 33 37.24 -24.92 -53.46
C TYR I 33 38.60 -25.33 -52.95
N PHE I 34 39.36 -24.40 -52.36
CA PHE I 34 40.69 -24.60 -51.79
C PHE I 34 41.64 -25.26 -52.79
N PRO I 35 42.07 -24.54 -53.83
CA PRO I 35 43.08 -25.11 -54.74
C PRO I 35 44.36 -25.44 -54.00
N SER I 36 44.99 -26.55 -54.39
CA SER I 36 46.22 -27.01 -53.76
C SER I 36 46.93 -27.95 -54.71
N TRP I 37 48.24 -27.74 -54.88
CA TRP I 37 49.06 -28.48 -55.84
C TRP I 37 49.98 -29.42 -55.08
N TYR I 38 49.75 -30.72 -55.23
CA TYR I 38 50.65 -31.74 -54.73
C TYR I 38 51.25 -32.48 -55.92
N GLN I 39 52.57 -32.61 -55.93
CA GLN I 39 53.28 -33.18 -57.07
C GLN I 39 53.67 -34.62 -56.78
N GLN I 40 53.50 -35.47 -57.79
CA GLN I 40 53.89 -36.88 -57.70
C GLN I 40 55.00 -37.16 -58.69
N THR I 41 56.12 -37.70 -58.20
CA THR I 41 57.15 -38.26 -59.06
C THR I 41 56.95 -39.76 -59.14
N PRO I 42 56.69 -40.33 -60.31
CA PRO I 42 56.31 -41.75 -60.38
C PRO I 42 57.38 -42.65 -59.79
N GLY I 43 56.92 -43.73 -59.15
CA GLY I 43 57.79 -44.66 -58.47
C GLY I 43 57.81 -44.52 -56.96
N GLN I 44 57.22 -43.47 -56.42
CA GLN I 44 57.19 -43.25 -54.97
C GLN I 44 55.96 -42.43 -54.63
N ALA I 45 55.89 -41.94 -53.40
CA ALA I 45 54.77 -41.15 -52.92
C ALA I 45 54.85 -39.72 -53.45
N PRO I 46 53.69 -39.03 -53.60
CA PRO I 46 53.72 -37.64 -54.05
C PRO I 46 54.25 -36.69 -52.99
N ARG I 47 54.37 -35.41 -53.33
CA ARG I 47 54.82 -34.38 -52.41
C ARG I 47 53.94 -33.15 -52.54
N THR I 48 53.75 -32.45 -51.41
CA THR I 48 52.99 -31.21 -51.39
C THR I 48 53.87 -30.05 -51.85
N LEU I 49 53.36 -29.28 -52.81
CA LEU I 49 54.01 -28.03 -53.23
C LEU I 49 53.30 -26.81 -52.70
N ILE I 50 52.03 -26.65 -53.03
CA ILE I 50 51.27 -25.44 -52.75
C ILE I 50 49.95 -25.82 -52.08
N TYR I 51 49.50 -24.99 -51.15
CA TYR I 51 48.15 -25.13 -50.62
C TYR I 51 47.62 -23.76 -50.26
N GLY I 52 46.31 -23.63 -50.23
CA GLY I 52 45.69 -22.36 -49.89
C GLY I 52 45.75 -21.31 -50.97
N THR I 53 46.20 -21.68 -52.18
CA THR I 53 46.26 -20.81 -53.35
C THR I 53 47.39 -19.80 -53.21
N ASN I 54 47.96 -19.67 -52.00
CA ASN I 54 49.03 -18.71 -51.78
C ASN I 54 50.17 -19.22 -50.92
N THR I 55 50.11 -20.44 -50.40
CA THR I 55 51.08 -20.93 -49.42
C THR I 55 51.82 -22.14 -49.96
N ARG I 56 53.15 -22.08 -49.91
CA ARG I 56 54.00 -23.19 -50.29
C ARG I 56 54.21 -24.13 -49.11
N SER I 57 54.70 -25.34 -49.41
CA SER I 57 54.99 -26.31 -48.39
C SER I 57 56.35 -26.02 -47.75
N SER I 58 56.79 -26.94 -46.89
CA SER I 58 58.08 -26.78 -46.22
C SER I 58 59.22 -27.11 -47.17
N GLY I 59 60.01 -26.11 -47.53
CA GLY I 59 61.18 -26.31 -48.37
C GLY I 59 60.90 -26.37 -49.85
N VAL I 60 59.65 -26.26 -50.27
CA VAL I 60 59.34 -26.27 -51.71
C VAL I 60 59.91 -25.00 -52.34
N PRO I 61 60.57 -25.10 -53.49
CA PRO I 61 61.19 -23.91 -54.10
C PRO I 61 60.17 -22.84 -54.42
N ASP I 62 60.61 -21.59 -54.33
CA ASP I 62 59.74 -20.44 -54.54
C ASP I 62 59.54 -20.11 -56.00
N ARG I 63 60.18 -20.85 -56.91
CA ARG I 63 59.96 -20.66 -58.34
C ARG I 63 58.53 -21.00 -58.75
N PHE I 64 57.79 -21.73 -57.90
CA PHE I 64 56.43 -22.12 -58.19
C PHE I 64 55.49 -21.06 -57.61
N SER I 65 54.91 -20.25 -58.50
CA SER I 65 53.97 -19.21 -58.11
C SER I 65 52.58 -19.64 -58.53
N GLY I 66 51.68 -19.78 -57.56
CA GLY I 66 50.33 -20.25 -57.81
C GLY I 66 49.29 -19.28 -57.30
N SER I 67 48.17 -19.23 -58.01
CA SER I 67 47.03 -18.39 -57.66
C SER I 67 45.83 -18.91 -58.46
N ILE I 68 44.75 -18.14 -58.45
CA ILE I 68 43.60 -18.40 -59.31
C ILE I 68 43.70 -17.49 -60.53
N LEU I 69 43.60 -18.09 -61.72
CA LEU I 69 43.72 -17.38 -62.98
C LEU I 69 42.35 -17.40 -63.67
N GLY I 70 41.60 -16.31 -63.52
CA GLY I 70 40.26 -16.28 -64.06
C GLY I 70 39.38 -17.28 -63.34
N ASN I 71 39.04 -18.37 -64.03
CA ASN I 71 38.23 -19.44 -63.45
C ASN I 71 39.04 -20.72 -63.26
N LYS I 72 40.35 -20.65 -63.42
CA LYS I 72 41.21 -21.82 -63.46
C LYS I 72 42.35 -21.65 -62.46
N ALA I 73 42.62 -22.68 -61.67
CA ALA I 73 43.74 -22.67 -60.76
C ALA I 73 45.04 -22.96 -61.52
N ALA I 74 46.00 -22.05 -61.43
CA ALA I 74 47.24 -22.16 -62.18
C ALA I 74 48.45 -22.00 -61.26
N LEU I 75 49.49 -22.74 -61.58
CA LEU I 75 50.77 -22.70 -60.87
C LEU I 75 51.88 -22.45 -61.88
N THR I 76 52.66 -21.41 -61.65
CA THR I 76 53.64 -20.93 -62.63
C THR I 76 55.06 -21.20 -62.13
N ILE I 77 55.88 -21.78 -63.00
CA ILE I 77 57.27 -22.08 -62.70
C ILE I 77 58.17 -21.24 -63.60
N THR I 78 59.15 -20.58 -63.01
CA THR I 78 60.13 -19.78 -63.73
C THR I 78 61.51 -20.40 -63.56
N GLY I 79 62.26 -20.46 -64.65
CA GLY I 79 63.58 -21.07 -64.63
C GLY I 79 63.51 -22.58 -64.47
N ALA I 80 63.00 -23.27 -65.49
CA ALA I 80 62.81 -24.70 -65.41
C ALA I 80 64.13 -25.43 -65.19
N GLN I 81 64.08 -26.47 -64.37
CA GLN I 81 65.26 -27.22 -63.97
C GLN I 81 65.05 -28.70 -64.31
N ALA I 82 66.15 -29.45 -64.32
CA ALA I 82 66.09 -30.85 -64.72
C ALA I 82 65.18 -31.66 -63.80
N ASP I 83 65.23 -31.40 -62.50
CA ASP I 83 64.42 -32.15 -61.54
C ASP I 83 63.02 -31.59 -61.37
N ASP I 84 62.64 -30.58 -62.16
CA ASP I 84 61.27 -30.06 -62.10
C ASP I 84 60.26 -30.99 -62.76
N GLU I 85 60.72 -32.00 -63.50
CA GLU I 85 59.79 -32.93 -64.14
C GLU I 85 59.10 -33.79 -63.09
N SER I 86 57.77 -33.86 -63.16
CA SER I 86 56.96 -34.56 -62.17
C SER I 86 55.51 -34.52 -62.65
N ASP I 87 54.67 -35.31 -61.98
CA ASP I 87 53.23 -35.28 -62.17
C ASP I 87 52.61 -34.39 -61.12
N TYR I 88 51.88 -33.37 -61.55
CA TYR I 88 51.34 -32.36 -60.66
C TYR I 88 49.83 -32.51 -60.57
N TYR I 89 49.34 -32.72 -59.35
CA TYR I 89 47.94 -32.97 -59.09
C TYR I 89 47.36 -31.82 -58.28
N CYS I 90 46.29 -31.20 -58.79
CA CYS I 90 45.55 -30.25 -57.99
C CYS I 90 44.65 -30.99 -56.99
N VAL I 91 44.36 -30.31 -55.88
CA VAL I 91 43.54 -30.85 -54.80
C VAL I 91 42.44 -29.82 -54.56
N LEU I 92 41.29 -30.03 -55.21
CA LEU I 92 40.15 -29.12 -55.13
C LEU I 92 39.06 -29.77 -54.29
N TYR I 93 38.37 -28.96 -53.49
CA TYR I 93 37.48 -29.47 -52.45
C TYR I 93 36.05 -29.04 -52.71
N MET I 94 35.14 -30.01 -52.74
CA MET I 94 33.73 -29.77 -52.56
C MET I 94 33.40 -29.83 -51.07
N GLY I 95 32.20 -29.36 -50.72
CA GLY I 95 31.79 -29.30 -49.33
C GLY I 95 31.75 -30.63 -48.60
N ARG I 96 32.43 -30.70 -47.45
CA ARG I 96 32.31 -31.78 -46.48
C ARG I 96 32.65 -33.14 -47.09
N GLY I 97 33.92 -33.28 -47.46
CA GLY I 97 34.49 -34.58 -47.76
C GLY I 97 34.44 -35.04 -49.20
N ILE I 98 33.78 -34.30 -50.08
CA ILE I 98 33.81 -34.62 -51.52
C ILE I 98 35.04 -33.90 -52.06
N VAL I 99 36.12 -34.66 -52.23
CA VAL I 99 37.41 -34.13 -52.68
C VAL I 99 37.55 -34.38 -54.17
N VAL I 100 37.93 -33.35 -54.91
CA VAL I 100 38.01 -33.40 -56.37
C VAL I 100 39.47 -33.27 -56.77
N PHE I 101 39.89 -34.09 -57.74
CA PHE I 101 41.24 -34.07 -58.27
C PHE I 101 41.20 -33.80 -59.77
N GLY I 102 42.29 -33.23 -60.27
CA GLY I 102 42.43 -32.96 -61.69
C GLY I 102 42.98 -34.16 -62.45
N GLY I 103 43.30 -33.91 -63.72
CA GLY I 103 43.82 -34.95 -64.58
C GLY I 103 45.29 -35.27 -64.40
N GLY I 104 46.02 -34.42 -63.67
CA GLY I 104 47.45 -34.63 -63.52
C GLY I 104 48.24 -34.21 -64.73
N THR I 105 49.44 -33.67 -64.53
CA THR I 105 50.30 -33.22 -65.62
C THR I 105 51.72 -33.68 -65.35
N LYS I 106 52.17 -34.69 -66.09
CA LYS I 106 53.56 -35.15 -66.01
C LYS I 106 54.42 -34.17 -66.80
N LEU I 107 54.64 -33.00 -66.20
CA LEU I 107 55.49 -32.00 -66.81
C LEU I 107 56.90 -32.55 -67.03
N THR I 108 57.46 -32.26 -68.20
CA THR I 108 58.81 -32.69 -68.55
C THR I 108 59.62 -31.47 -68.98
N VAL I 109 60.90 -31.47 -68.61
CA VAL I 109 61.81 -30.38 -68.92
C VAL I 109 62.83 -30.88 -69.93
N LEU I 110 62.92 -30.21 -71.06
CA LEU I 110 63.82 -30.63 -72.14
C LEU I 110 65.28 -30.46 -71.74
N GLN J 1 -68.39 -31.27 -27.82
CA GLN J 1 -67.51 -31.49 -28.95
C GLN J 1 -66.97 -30.17 -29.48
N VAL J 2 -65.78 -30.20 -30.08
CA VAL J 2 -65.15 -29.01 -30.61
C VAL J 2 -66.00 -28.48 -31.75
N GLN J 3 -66.67 -27.35 -31.52
CA GLN J 3 -67.62 -26.81 -32.47
C GLN J 3 -67.69 -25.30 -32.35
N LEU J 4 -67.83 -24.63 -33.48
CA LEU J 4 -68.02 -23.18 -33.54
C LEU J 4 -69.37 -22.92 -34.20
N VAL J 5 -70.31 -22.37 -33.44
CA VAL J 5 -71.66 -22.13 -33.93
C VAL J 5 -71.85 -20.61 -34.10
N GLU J 6 -72.31 -20.22 -35.28
CA GLU J 6 -72.51 -18.82 -35.62
C GLU J 6 -73.99 -18.49 -35.48
N SER J 7 -74.30 -17.45 -34.71
CA SER J 7 -75.67 -17.00 -34.51
C SER J 7 -75.74 -15.49 -34.74
N GLY J 8 -76.89 -15.04 -35.23
CA GLY J 8 -77.11 -13.64 -35.54
C GLY J 8 -77.36 -13.34 -37.00
N GLY J 9 -77.45 -14.36 -37.85
CA GLY J 9 -77.74 -14.13 -39.24
C GLY J 9 -79.17 -13.67 -39.47
N GLY J 10 -79.37 -12.94 -40.56
CA GLY J 10 -80.67 -12.41 -40.88
C GLY J 10 -80.56 -11.28 -41.87
N VAL J 11 -81.62 -10.46 -41.92
CA VAL J 11 -81.72 -9.33 -42.84
C VAL J 11 -81.44 -8.06 -42.06
N VAL J 12 -80.37 -7.37 -42.43
CA VAL J 12 -80.00 -6.09 -41.84
C VAL J 12 -79.95 -5.05 -42.95
N GLN J 13 -80.65 -3.94 -42.76
CA GLN J 13 -80.75 -2.93 -43.79
C GLN J 13 -79.39 -2.27 -44.00
N PRO J 14 -79.11 -1.78 -45.22
CA PRO J 14 -77.80 -1.15 -45.47
C PRO J 14 -77.59 0.06 -44.58
N GLY J 15 -76.34 0.23 -44.15
CA GLY J 15 -75.97 1.32 -43.26
C GLY J 15 -76.17 1.05 -41.79
N ARG J 16 -76.65 -0.14 -41.42
CA ARG J 16 -76.88 -0.49 -40.03
C ARG J 16 -75.74 -1.36 -39.50
N SER J 17 -75.89 -1.85 -38.27
CA SER J 17 -74.84 -2.59 -37.59
C SER J 17 -75.39 -3.91 -37.05
N LEU J 18 -74.47 -4.83 -36.78
CA LEU J 18 -74.80 -6.11 -36.20
C LEU J 18 -73.58 -6.68 -35.49
N ARG J 19 -73.82 -7.35 -34.37
CA ARG J 19 -72.78 -8.04 -33.62
C ARG J 19 -73.02 -9.54 -33.78
N LEU J 20 -72.32 -10.14 -34.74
CA LEU J 20 -72.50 -11.57 -35.00
C LEU J 20 -71.81 -12.36 -33.89
N SER J 21 -72.54 -13.32 -33.32
CA SER J 21 -72.07 -14.10 -32.19
C SER J 21 -71.49 -15.42 -32.67
N CYS J 22 -70.37 -15.82 -32.07
CA CYS J 22 -69.74 -17.11 -32.34
C CYS J 22 -69.51 -17.79 -30.99
N ALA J 23 -70.19 -18.92 -30.78
CA ALA J 23 -70.07 -19.67 -29.54
C ALA J 23 -69.21 -20.90 -29.79
N ALA J 24 -68.22 -21.10 -28.92
CA ALA J 24 -67.29 -22.20 -29.03
C ALA J 24 -67.59 -23.23 -27.96
N SER J 25 -67.62 -24.51 -28.35
CA SER J 25 -67.85 -25.62 -27.43
C SER J 25 -66.73 -26.62 -27.57
N GLY J 26 -66.28 -27.18 -26.43
CA GLY J 26 -65.29 -28.22 -26.40
C GLY J 26 -63.87 -27.74 -26.17
N PHE J 27 -63.53 -26.55 -26.65
CA PHE J 27 -62.18 -26.02 -26.57
C PHE J 27 -62.21 -24.60 -26.01
N THR J 28 -61.03 -24.11 -25.64
CA THR J 28 -60.87 -22.81 -25.01
C THR J 28 -60.39 -21.79 -26.04
N LEU J 29 -61.14 -20.69 -26.16
CA LEU J 29 -60.85 -19.71 -27.21
C LEU J 29 -59.47 -19.09 -27.03
N SER J 30 -59.07 -18.82 -25.79
CA SER J 30 -57.79 -18.14 -25.55
C SER J 30 -56.60 -18.98 -26.00
N SER J 31 -56.78 -20.27 -26.20
CA SER J 31 -55.69 -21.15 -26.60
C SER J 31 -55.59 -21.34 -28.10
N TYR J 32 -56.49 -20.75 -28.90
CA TYR J 32 -56.47 -20.96 -30.34
C TYR J 32 -56.87 -19.68 -31.05
N GLY J 33 -56.47 -19.58 -32.31
CA GLY J 33 -56.81 -18.45 -33.15
C GLY J 33 -58.02 -18.73 -34.01
N MET J 34 -58.69 -17.66 -34.43
CA MET J 34 -59.89 -17.76 -35.24
C MET J 34 -59.71 -17.09 -36.60
N HIS J 35 -60.42 -17.62 -37.59
CA HIS J 35 -60.45 -17.09 -38.94
C HIS J 35 -61.90 -16.91 -39.35
N TRP J 36 -62.24 -15.70 -39.81
CA TRP J 36 -63.56 -15.42 -40.38
C TRP J 36 -63.45 -15.47 -41.90
N VAL J 37 -64.30 -16.27 -42.53
CA VAL J 37 -64.26 -16.48 -43.97
C VAL J 37 -65.62 -16.12 -44.56
N ARG J 38 -65.63 -15.25 -45.56
CA ARG J 38 -66.84 -14.94 -46.30
C ARG J 38 -66.89 -15.76 -47.58
N GLN J 39 -67.93 -16.56 -47.73
CA GLN J 39 -68.07 -17.48 -48.86
C GLN J 39 -69.40 -17.17 -49.54
N ALA J 40 -69.34 -16.46 -50.66
CA ALA J 40 -70.56 -16.21 -51.43
C ALA J 40 -70.87 -17.41 -52.31
N PRO J 41 -72.15 -17.71 -52.52
CA PRO J 41 -72.52 -18.85 -53.38
C PRO J 41 -71.98 -18.67 -54.79
N GLY J 42 -71.49 -19.78 -55.36
CA GLY J 42 -71.01 -19.77 -56.72
C GLY J 42 -69.69 -19.07 -56.95
N LYS J 43 -68.97 -18.71 -55.89
CA LYS J 43 -67.71 -17.99 -56.01
C LYS J 43 -66.74 -18.55 -54.97
N GLY J 44 -65.62 -17.84 -54.80
CA GLY J 44 -64.58 -18.28 -53.89
C GLY J 44 -64.69 -17.66 -52.51
N LEU J 45 -64.14 -18.38 -51.54
CA LEU J 45 -64.10 -17.88 -50.16
C LEU J 45 -63.12 -16.72 -50.05
N GLU J 46 -63.31 -15.91 -49.03
CA GLU J 46 -62.49 -14.71 -48.83
C GLU J 46 -62.26 -14.49 -47.35
N TRP J 47 -61.06 -14.02 -47.01
CA TRP J 47 -60.64 -13.86 -45.62
C TRP J 47 -60.93 -12.44 -45.15
N VAL J 48 -61.53 -12.31 -43.98
CA VAL J 48 -61.96 -11.01 -43.48
C VAL J 48 -61.36 -10.70 -42.11
N ALA J 49 -61.70 -11.51 -41.12
CA ALA J 49 -61.32 -11.22 -39.75
C ALA J 49 -60.59 -12.40 -39.15
N VAL J 50 -59.43 -12.13 -38.54
CA VAL J 50 -58.62 -13.13 -37.88
C VAL J 50 -58.05 -12.52 -36.61
N ILE J 51 -58.02 -13.31 -35.55
CA ILE J 51 -57.52 -12.88 -34.25
C ILE J 51 -56.63 -13.98 -33.68
N SER J 52 -55.52 -13.58 -33.08
CA SER J 52 -54.62 -14.53 -32.45
C SER J 52 -55.26 -15.11 -31.18
N TYR J 53 -54.62 -16.16 -30.66
CA TYR J 53 -55.12 -16.81 -29.46
C TYR J 53 -55.15 -15.86 -28.27
N ASP J 54 -54.11 -15.05 -28.10
CA ASP J 54 -54.00 -14.17 -26.94
C ASP J 54 -54.63 -12.80 -27.15
N GLY J 55 -55.12 -12.51 -28.36
CA GLY J 55 -55.66 -11.19 -28.62
C GLY J 55 -54.63 -10.09 -28.60
N SER J 56 -53.35 -10.41 -28.79
CA SER J 56 -52.30 -9.41 -28.69
C SER J 56 -52.29 -8.45 -29.88
N ASN J 57 -52.87 -8.84 -31.01
CA ASN J 57 -52.90 -7.97 -32.17
C ASN J 57 -54.07 -8.36 -33.05
N LYS J 58 -54.42 -7.48 -34.00
CA LYS J 58 -55.59 -7.66 -34.85
C LYS J 58 -55.14 -7.67 -36.31
N TYR J 59 -55.66 -8.62 -37.08
CA TYR J 59 -55.34 -8.74 -38.49
C TYR J 59 -56.63 -8.79 -39.30
N TYR J 60 -56.62 -8.16 -40.47
CA TYR J 60 -57.78 -8.14 -41.36
C TYR J 60 -57.30 -8.11 -42.81
N VAL J 61 -58.26 -8.00 -43.72
CA VAL J 61 -57.97 -7.80 -45.14
C VAL J 61 -58.22 -6.33 -45.45
N ASP J 62 -57.70 -5.89 -46.60
CA ASP J 62 -57.75 -4.47 -46.96
C ASP J 62 -59.19 -3.98 -47.09
N SER J 63 -60.08 -4.81 -47.65
CA SER J 63 -61.46 -4.39 -47.88
C SER J 63 -62.24 -4.19 -46.58
N VAL J 64 -61.74 -4.70 -45.46
CA VAL J 64 -62.46 -4.62 -44.19
C VAL J 64 -61.69 -3.84 -43.13
N LYS J 65 -60.67 -3.08 -43.53
CA LYS J 65 -59.92 -2.28 -42.57
C LYS J 65 -60.79 -1.14 -42.05
N GLY J 66 -60.99 -1.11 -40.74
CA GLY J 66 -61.70 -0.01 -40.11
C GLY J 66 -63.20 0.01 -40.31
N ARG J 67 -63.78 -1.04 -40.88
CA ARG J 67 -65.23 -1.11 -41.04
C ARG J 67 -65.86 -2.34 -40.39
N PHE J 68 -65.06 -3.32 -39.94
CA PHE J 68 -65.55 -4.45 -39.17
C PHE J 68 -64.65 -4.66 -37.97
N THR J 69 -65.25 -4.95 -36.82
CA THR J 69 -64.52 -5.11 -35.57
C THR J 69 -64.87 -6.47 -34.97
N ILE J 70 -63.86 -7.19 -34.52
CA ILE J 70 -64.02 -8.49 -33.88
C ILE J 70 -63.46 -8.42 -32.48
N SER J 71 -64.25 -8.88 -31.51
CA SER J 71 -63.90 -8.83 -30.09
C SER J 71 -64.13 -10.19 -29.46
N ARG J 72 -63.53 -10.39 -28.29
CA ARG J 72 -63.47 -11.70 -27.66
C ARG J 72 -63.84 -11.61 -26.20
N ASP J 73 -64.36 -12.72 -25.67
CA ASP J 73 -64.65 -12.87 -24.24
C ASP J 73 -64.07 -14.21 -23.81
N ASN J 74 -62.85 -14.18 -23.27
CA ASN J 74 -62.19 -15.38 -22.80
C ASN J 74 -62.71 -15.85 -21.46
N SER J 75 -63.45 -15.00 -20.74
CA SER J 75 -64.02 -15.40 -19.46
C SER J 75 -65.07 -16.50 -19.65
N LYS J 76 -65.84 -16.43 -20.74
CA LYS J 76 -66.87 -17.41 -21.02
C LYS J 76 -66.80 -17.98 -22.42
N ASN J 77 -65.66 -17.83 -23.11
CA ASN J 77 -65.42 -18.49 -24.40
C ASN J 77 -66.47 -18.09 -25.44
N THR J 78 -66.46 -16.80 -25.79
CA THR J 78 -67.42 -16.27 -26.74
C THR J 78 -66.73 -15.28 -27.68
N LEU J 79 -67.27 -15.12 -28.88
CA LEU J 79 -66.72 -14.27 -29.91
C LEU J 79 -67.81 -13.35 -30.43
N TYR J 80 -67.48 -12.06 -30.64
CA TYR J 80 -68.44 -11.07 -31.10
C TYR J 80 -67.87 -10.36 -32.33
N LEU J 81 -68.43 -10.65 -33.50
CA LEU J 81 -68.04 -9.97 -34.73
C LEU J 81 -69.00 -8.81 -34.95
N GLN J 82 -68.50 -7.58 -34.77
CA GLN J 82 -69.31 -6.38 -34.96
C GLN J 82 -69.26 -5.98 -36.42
N MET J 83 -70.44 -5.84 -37.02
CA MET J 83 -70.58 -5.48 -38.43
C MET J 83 -70.93 -4.00 -38.53
N ASN J 84 -70.23 -3.27 -39.39
CA ASN J 84 -70.43 -1.83 -39.52
C ASN J 84 -70.37 -1.44 -40.99
N SER J 85 -71.19 -0.47 -41.37
CA SER J 85 -71.25 0.06 -42.73
C SER J 85 -71.47 -1.06 -43.76
N LEU J 86 -72.54 -1.81 -43.52
CA LEU J 86 -72.83 -2.96 -44.37
C LEU J 86 -73.28 -2.53 -45.76
N ARG J 87 -72.93 -3.34 -46.76
CA ARG J 87 -73.28 -3.08 -48.14
C ARG J 87 -73.90 -4.33 -48.74
N ALA J 88 -74.52 -4.17 -49.91
CA ALA J 88 -75.28 -5.26 -50.53
C ALA J 88 -74.39 -6.44 -50.91
N GLU J 89 -73.13 -6.17 -51.26
CA GLU J 89 -72.24 -7.24 -51.68
C GLU J 89 -71.69 -8.06 -50.51
N ASP J 90 -71.96 -7.66 -49.27
CA ASP J 90 -71.51 -8.40 -48.11
C ASP J 90 -72.25 -9.73 -47.93
N THR J 91 -73.31 -9.96 -48.69
CA THR J 91 -74.12 -11.17 -48.53
C THR J 91 -73.31 -12.39 -48.93
N ALA J 92 -72.88 -13.17 -47.93
CA ALA J 92 -72.12 -14.38 -48.16
C ALA J 92 -72.27 -15.27 -46.92
N VAL J 93 -71.82 -16.51 -47.05
CA VAL J 93 -71.87 -17.47 -45.95
C VAL J 93 -70.57 -17.38 -45.18
N TYR J 94 -70.66 -17.05 -43.89
CA TYR J 94 -69.49 -16.76 -43.08
C TYR J 94 -69.18 -17.96 -42.19
N TYR J 95 -67.94 -18.42 -42.23
CA TYR J 95 -67.48 -19.56 -41.44
C TYR J 95 -66.40 -19.11 -40.47
N CYS J 96 -66.41 -19.70 -39.28
CA CYS J 96 -65.37 -19.49 -38.28
C CYS J 96 -64.51 -20.74 -38.19
N ALA J 97 -63.21 -20.58 -38.46
CA ALA J 97 -62.26 -21.66 -38.44
C ALA J 97 -61.28 -21.45 -37.28
N ARG J 98 -60.70 -22.55 -36.80
CA ARG J 98 -59.88 -22.54 -35.60
C ARG J 98 -58.41 -22.64 -35.97
N GLY J 99 -57.58 -21.78 -35.36
CA GLY J 99 -56.16 -21.77 -35.65
C GLY J 99 -55.35 -22.57 -34.63
N TRP J 100 -54.09 -22.84 -34.99
CA TRP J 100 -53.26 -23.70 -34.17
C TRP J 100 -52.95 -23.03 -32.84
N ALA J 101 -52.53 -23.85 -31.88
CA ALA J 101 -52.35 -23.44 -30.50
C ALA J 101 -50.89 -23.15 -30.18
N TYR J 102 -50.68 -22.33 -29.15
CA TYR J 102 -49.34 -22.06 -28.66
C TYR J 102 -48.76 -23.26 -27.91
N TRP J 103 -49.60 -24.23 -27.54
CA TRP J 103 -49.09 -25.43 -26.88
C TRP J 103 -48.09 -26.17 -27.75
N GLU J 104 -48.20 -26.02 -29.07
CA GLU J 104 -47.22 -26.52 -30.02
C GLU J 104 -46.50 -25.31 -30.60
N LEU J 105 -45.19 -25.25 -30.43
CA LEU J 105 -44.42 -24.10 -30.88
C LEU J 105 -44.39 -24.08 -32.40
N LEU J 106 -45.20 -23.21 -33.00
CA LEU J 106 -45.28 -23.06 -34.44
C LEU J 106 -44.71 -21.71 -34.85
N PRO J 107 -44.13 -21.61 -36.05
CA PRO J 107 -43.55 -20.33 -36.48
C PRO J 107 -44.60 -19.26 -36.74
N ASP J 108 -44.17 -18.11 -37.25
CA ASP J 108 -45.08 -16.98 -37.47
C ASP J 108 -45.87 -17.25 -38.75
N TYR J 109 -46.58 -16.23 -39.24
CA TYR J 109 -47.65 -16.40 -40.22
C TYR J 109 -48.48 -17.64 -39.88
N TYR J 110 -49.09 -17.56 -38.70
CA TYR J 110 -49.63 -18.75 -38.03
C TYR J 110 -50.62 -19.49 -38.92
N TYR J 111 -50.43 -20.80 -39.01
CA TYR J 111 -51.35 -21.64 -39.74
C TYR J 111 -52.63 -21.85 -38.94
N GLY J 112 -53.75 -21.99 -39.63
CA GLY J 112 -55.02 -22.19 -38.96
C GLY J 112 -56.00 -23.03 -39.75
N MET J 113 -57.27 -22.67 -39.66
CA MET J 113 -58.38 -23.25 -40.43
C MET J 113 -58.25 -24.78 -40.55
N ASP J 114 -58.33 -25.41 -39.38
CA ASP J 114 -58.36 -26.86 -39.29
C ASP J 114 -59.76 -27.44 -39.12
N VAL J 115 -60.63 -26.77 -38.37
CA VAL J 115 -62.00 -27.23 -38.15
C VAL J 115 -62.91 -26.01 -38.11
N TRP J 116 -64.15 -26.19 -38.58
CA TRP J 116 -65.10 -25.10 -38.64
C TRP J 116 -66.51 -25.67 -38.65
N GLY J 117 -67.47 -24.82 -38.28
CA GLY J 117 -68.86 -25.22 -38.17
C GLY J 117 -69.63 -25.07 -39.46
N GLN J 118 -70.96 -25.01 -39.32
CA GLN J 118 -71.83 -24.89 -40.48
C GLN J 118 -71.81 -23.50 -41.08
N GLY J 119 -71.52 -22.47 -40.28
CA GLY J 119 -71.50 -21.11 -40.75
C GLY J 119 -72.89 -20.50 -40.83
N THR J 120 -72.92 -19.17 -40.92
CA THR J 120 -74.17 -18.44 -41.04
C THR J 120 -73.95 -17.25 -41.97
N THR J 121 -74.95 -17.00 -42.80
CA THR J 121 -74.90 -15.93 -43.80
C THR J 121 -75.61 -14.69 -43.30
N VAL J 122 -75.41 -13.58 -44.02
CA VAL J 122 -76.05 -12.30 -43.71
C VAL J 122 -76.77 -11.83 -44.96
N THR J 123 -77.77 -10.98 -44.74
CA THR J 123 -78.60 -10.43 -45.82
C THR J 123 -78.66 -8.91 -45.65
N VAL J 124 -78.14 -8.19 -46.63
CA VAL J 124 -78.15 -6.73 -46.62
C VAL J 124 -78.79 -6.28 -47.94
N SER J 125 -80.08 -5.94 -47.89
CA SER J 125 -80.79 -5.45 -49.05
C SER J 125 -81.92 -4.52 -48.60
N SER J 126 -82.30 -3.62 -49.50
CA SER J 126 -83.36 -2.65 -49.20
C SER J 126 -84.41 -2.62 -50.31
N GLN K 1 -50.43 -6.69 -54.61
CA GLN K 1 -51.38 -7.78 -54.42
C GLN K 1 -51.20 -8.85 -55.49
N THR K 2 -51.29 -10.11 -55.09
CA THR K 2 -51.10 -11.24 -55.99
C THR K 2 -52.38 -12.07 -56.10
N VAL K 3 -52.48 -12.81 -57.20
CA VAL K 3 -53.62 -13.67 -57.47
C VAL K 3 -53.12 -15.08 -57.72
N VAL K 4 -53.76 -16.06 -57.08
CA VAL K 4 -53.40 -17.46 -57.24
C VAL K 4 -54.01 -17.99 -58.53
N THR K 5 -53.24 -18.77 -59.27
CA THR K 5 -53.67 -19.29 -60.57
C THR K 5 -54.38 -20.62 -60.37
N GLN K 6 -55.65 -20.67 -60.77
CA GLN K 6 -56.45 -21.89 -60.68
C GLN K 6 -57.32 -22.02 -61.92
N GLU K 7 -57.87 -23.24 -62.12
CA GLU K 7 -58.76 -23.65 -63.19
C GLU K 7 -60.20 -23.71 -62.69
N PRO K 8 -61.18 -23.37 -63.53
CA PRO K 8 -62.58 -23.36 -63.08
C PRO K 8 -63.13 -24.73 -62.66
N SER K 9 -63.05 -25.74 -63.51
CA SER K 9 -63.69 -27.01 -63.18
C SER K 9 -63.05 -28.15 -63.96
N PHE K 10 -63.03 -29.33 -63.33
CA PHE K 10 -62.48 -30.55 -63.91
C PHE K 10 -63.58 -31.60 -64.05
N SER K 11 -63.35 -32.56 -64.95
CA SER K 11 -64.27 -33.67 -65.17
C SER K 11 -63.44 -34.93 -65.39
N VAL K 12 -63.42 -35.81 -64.39
CA VAL K 12 -62.61 -37.02 -64.41
C VAL K 12 -63.47 -38.19 -63.92
N SER K 13 -63.34 -39.33 -64.59
CA SER K 13 -64.10 -40.52 -64.24
C SER K 13 -63.66 -41.05 -62.88
N PRO K 14 -64.55 -41.78 -62.19
CA PRO K 14 -64.18 -42.33 -60.86
C PRO K 14 -63.05 -43.33 -60.96
N GLY K 15 -62.27 -43.41 -59.88
CA GLY K 15 -61.19 -44.37 -59.79
C GLY K 15 -59.86 -43.92 -60.37
N GLY K 16 -59.80 -42.74 -60.98
CA GLY K 16 -58.60 -42.26 -61.62
C GLY K 16 -57.79 -41.31 -60.75
N THR K 17 -56.67 -40.89 -61.30
CA THR K 17 -55.74 -39.96 -60.64
C THR K 17 -55.77 -38.64 -61.39
N VAL K 18 -56.07 -37.55 -60.66
CA VAL K 18 -56.12 -36.22 -61.24
C VAL K 18 -55.21 -35.30 -60.44
N THR K 19 -54.78 -34.22 -61.09
CA THR K 19 -53.90 -33.23 -60.49
C THR K 19 -54.62 -31.90 -60.40
N LEU K 20 -54.56 -31.28 -59.22
CA LEU K 20 -55.06 -29.94 -58.99
C LEU K 20 -53.88 -29.00 -58.82
N THR K 21 -53.97 -27.82 -59.45
CA THR K 21 -52.83 -26.92 -59.53
C THR K 21 -53.17 -25.56 -58.93
N CYS K 22 -52.20 -25.00 -58.20
CA CYS K 22 -52.26 -23.64 -57.69
C CYS K 22 -50.86 -23.07 -57.70
N GLY K 23 -50.69 -21.87 -58.27
CA GLY K 23 -49.40 -21.25 -58.39
C GLY K 23 -49.42 -19.81 -57.93
N LEU K 24 -48.22 -19.24 -57.82
CA LEU K 24 -48.03 -17.85 -57.43
C LEU K 24 -47.78 -16.99 -58.67
N SER K 25 -48.56 -15.93 -58.83
CA SER K 25 -48.36 -15.03 -59.95
C SER K 25 -47.15 -14.13 -59.74
N SER K 26 -46.74 -13.93 -58.49
CA SER K 26 -45.65 -13.01 -58.17
C SER K 26 -44.26 -13.64 -58.27
N GLY K 27 -44.17 -14.95 -58.44
CA GLY K 27 -42.88 -15.59 -58.56
C GLY K 27 -42.98 -17.08 -58.29
N SER K 28 -41.81 -17.70 -58.16
CA SER K 28 -41.74 -19.12 -57.87
C SER K 28 -42.28 -19.43 -56.48
N VAL K 29 -42.79 -20.63 -56.30
CA VAL K 29 -43.43 -21.06 -55.07
C VAL K 29 -42.45 -21.86 -54.24
N SER K 30 -42.26 -21.46 -53.00
CA SER K 30 -41.52 -22.23 -52.00
C SER K 30 -42.48 -22.71 -50.92
N THR K 31 -42.03 -23.71 -50.16
CA THR K 31 -42.89 -24.31 -49.14
C THR K 31 -43.22 -23.34 -48.01
N ALA K 32 -42.52 -22.21 -47.92
CA ALA K 32 -42.85 -21.20 -46.91
C ALA K 32 -44.21 -20.57 -47.16
N TYR K 33 -44.76 -20.69 -48.37
CA TYR K 33 -46.07 -20.12 -48.68
C TYR K 33 -47.21 -20.89 -48.04
N PHE K 34 -46.95 -22.09 -47.53
CA PHE K 34 -47.95 -22.95 -46.90
C PHE K 34 -49.18 -23.13 -47.79
N PRO K 35 -49.05 -23.80 -48.94
CA PRO K 35 -50.26 -24.14 -49.71
C PRO K 35 -51.18 -25.05 -48.91
N SER K 36 -52.48 -24.80 -49.03
CA SER K 36 -53.49 -25.62 -48.38
C SER K 36 -54.61 -25.89 -49.36
N TRP K 37 -55.16 -27.10 -49.31
CA TRP K 37 -56.19 -27.54 -50.25
C TRP K 37 -57.41 -27.99 -49.47
N TYR K 38 -58.55 -27.36 -49.72
CA TYR K 38 -59.81 -27.72 -49.06
C TYR K 38 -60.88 -28.01 -50.10
N GLN K 39 -61.78 -28.93 -49.75
CA GLN K 39 -62.91 -29.28 -50.59
C GLN K 39 -64.16 -28.58 -50.08
N GLN K 40 -64.91 -27.97 -51.00
CA GLN K 40 -66.09 -27.18 -50.67
C GLN K 40 -67.28 -27.82 -51.38
N THR K 41 -68.02 -28.66 -50.69
CA THR K 41 -69.27 -29.18 -51.23
C THR K 41 -70.29 -28.04 -51.25
N PRO K 42 -70.87 -27.73 -52.40
CA PRO K 42 -71.73 -26.54 -52.50
C PRO K 42 -72.89 -26.59 -51.52
N GLY K 43 -73.08 -25.48 -50.81
CA GLY K 43 -74.14 -25.37 -49.83
C GLY K 43 -73.86 -26.01 -48.48
N GLN K 44 -72.68 -26.59 -48.29
CA GLN K 44 -72.33 -27.27 -47.04
C GLN K 44 -71.02 -26.69 -46.50
N ALA K 45 -70.52 -27.29 -45.43
CA ALA K 45 -69.29 -26.84 -44.79
C ALA K 45 -68.09 -27.59 -45.34
N PRO K 46 -66.99 -26.87 -45.60
CA PRO K 46 -65.79 -27.52 -46.14
C PRO K 46 -65.16 -28.46 -45.11
N ARG K 47 -64.36 -29.39 -45.63
CA ARG K 47 -63.59 -30.33 -44.81
C ARG K 47 -62.11 -30.14 -45.09
N THR K 48 -61.31 -30.05 -44.03
CA THR K 48 -59.87 -29.92 -44.19
C THR K 48 -59.31 -31.11 -44.95
N LEU K 49 -58.51 -30.84 -45.99
CA LEU K 49 -57.85 -31.91 -46.73
C LEU K 49 -56.34 -31.85 -46.63
N ILE K 50 -55.72 -30.74 -47.02
CA ILE K 50 -54.26 -30.65 -47.12
C ILE K 50 -53.80 -29.37 -46.47
N TYR K 51 -52.85 -29.48 -45.53
CA TYR K 51 -52.14 -28.33 -44.99
C TYR K 51 -50.66 -28.67 -44.94
N GLY K 52 -49.82 -27.68 -45.26
CA GLY K 52 -48.40 -27.89 -45.27
C GLY K 52 -47.85 -28.59 -46.48
N THR K 53 -48.70 -28.89 -47.48
CA THR K 53 -48.30 -29.46 -48.77
C THR K 53 -47.86 -30.92 -48.60
N ASN K 54 -47.75 -31.39 -47.35
CA ASN K 54 -47.27 -32.74 -47.11
C ASN K 54 -48.06 -33.51 -46.03
N THR K 55 -49.12 -32.93 -45.48
CA THR K 55 -49.87 -33.57 -44.41
C THR K 55 -51.36 -33.60 -44.73
N ARG K 56 -52.00 -34.71 -44.42
CA ARG K 56 -53.44 -34.84 -44.57
C ARG K 56 -54.14 -34.32 -43.32
N SER K 57 -55.47 -34.23 -43.40
CA SER K 57 -56.27 -34.03 -42.20
C SER K 57 -56.56 -35.37 -41.53
N SER K 58 -57.02 -35.30 -40.28
CA SER K 58 -57.33 -36.51 -39.55
C SER K 58 -58.47 -37.27 -40.21
N GLY K 59 -58.24 -38.56 -40.47
CA GLY K 59 -59.24 -39.41 -41.10
C GLY K 59 -59.31 -39.34 -42.60
N VAL K 60 -58.58 -38.43 -43.23
CA VAL K 60 -58.61 -38.34 -44.70
C VAL K 60 -57.89 -39.54 -45.31
N PRO K 61 -58.45 -40.19 -46.33
CA PRO K 61 -57.78 -41.33 -46.95
C PRO K 61 -56.49 -40.90 -47.64
N ASP K 62 -55.77 -41.90 -48.14
CA ASP K 62 -54.51 -41.68 -48.86
C ASP K 62 -54.72 -41.20 -50.29
N ARG K 63 -55.94 -40.81 -50.63
CA ARG K 63 -56.28 -40.44 -52.00
C ARG K 63 -55.92 -38.99 -52.35
N PHE K 64 -56.15 -38.04 -51.44
CA PHE K 64 -55.89 -36.62 -51.71
C PHE K 64 -54.56 -36.25 -51.05
N SER K 65 -53.50 -36.16 -51.87
CA SER K 65 -52.17 -35.79 -51.41
C SER K 65 -51.68 -34.57 -52.17
N GLY K 66 -51.10 -33.61 -51.44
CA GLY K 66 -50.56 -32.41 -52.04
C GLY K 66 -49.07 -32.51 -52.27
N SER K 67 -48.55 -31.59 -53.10
CA SER K 67 -47.14 -31.56 -53.44
C SER K 67 -46.82 -30.21 -54.06
N ILE K 68 -45.56 -30.04 -54.46
CA ILE K 68 -45.07 -28.83 -55.11
C ILE K 68 -44.54 -29.21 -56.49
N LEU K 69 -44.91 -28.43 -57.50
CA LEU K 69 -44.56 -28.73 -58.89
C LEU K 69 -44.08 -27.45 -59.56
N GLY K 70 -42.76 -27.31 -59.69
CA GLY K 70 -42.19 -26.11 -60.28
C GLY K 70 -42.55 -24.86 -59.50
N ASN K 71 -43.30 -23.96 -60.12
CA ASN K 71 -43.87 -22.80 -59.46
C ASN K 71 -45.37 -22.98 -59.21
N LYS K 72 -45.80 -24.24 -59.09
CA LYS K 72 -47.20 -24.57 -58.88
C LYS K 72 -47.30 -25.58 -57.74
N ALA K 73 -48.36 -25.45 -56.94
CA ALA K 73 -48.67 -26.45 -55.92
C ALA K 73 -49.58 -27.51 -56.55
N ALA K 74 -49.25 -28.78 -56.33
CA ALA K 74 -49.94 -29.89 -56.97
C ALA K 74 -50.58 -30.78 -55.91
N LEU K 75 -51.88 -31.04 -56.08
CA LEU K 75 -52.62 -31.97 -55.25
C LEU K 75 -52.99 -33.19 -56.08
N THR K 76 -52.61 -34.37 -55.60
CA THR K 76 -52.81 -35.61 -56.35
C THR K 76 -54.00 -36.37 -55.79
N ILE K 77 -54.85 -36.86 -56.67
CA ILE K 77 -56.04 -37.63 -56.30
C ILE K 77 -55.97 -38.99 -56.97
N THR K 78 -55.91 -40.05 -56.17
CA THR K 78 -55.86 -41.42 -56.68
C THR K 78 -57.14 -42.15 -56.26
N GLY K 79 -57.78 -42.81 -57.21
CA GLY K 79 -59.03 -43.48 -56.93
C GLY K 79 -60.17 -42.51 -56.71
N ALA K 80 -60.57 -41.80 -57.75
CA ALA K 80 -61.65 -40.83 -57.64
C ALA K 80 -62.96 -41.53 -57.27
N GLN K 81 -63.78 -40.84 -56.48
CA GLN K 81 -65.04 -41.38 -56.00
C GLN K 81 -66.14 -40.36 -56.28
N ALA K 82 -67.38 -40.84 -56.32
CA ALA K 82 -68.52 -39.98 -56.66
C ALA K 82 -68.62 -38.77 -55.74
N ASP K 83 -68.17 -38.90 -54.49
CA ASP K 83 -68.20 -37.77 -53.57
C ASP K 83 -67.11 -36.74 -53.87
N ASP K 84 -66.07 -37.12 -54.62
CA ASP K 84 -64.98 -36.19 -54.88
C ASP K 84 -65.39 -35.01 -55.74
N GLU K 85 -66.55 -35.07 -56.40
CA GLU K 85 -67.03 -33.93 -57.18
C GLU K 85 -67.40 -32.81 -56.21
N SER K 86 -66.62 -31.73 -56.22
CA SER K 86 -66.75 -30.70 -55.22
C SER K 86 -65.91 -29.49 -55.63
N ASP K 87 -66.16 -28.37 -54.98
CA ASP K 87 -65.35 -27.18 -55.18
C ASP K 87 -64.10 -27.26 -54.31
N TYR K 88 -62.97 -26.83 -54.86
CA TYR K 88 -61.69 -26.92 -54.19
C TYR K 88 -61.01 -25.56 -54.16
N TYR K 89 -60.38 -25.25 -53.03
CA TYR K 89 -59.82 -23.94 -52.78
C TYR K 89 -58.42 -24.07 -52.19
N CYS K 90 -57.52 -23.20 -52.66
CA CYS K 90 -56.15 -23.15 -52.19
C CYS K 90 -55.94 -21.99 -51.24
N VAL K 91 -54.96 -22.15 -50.35
CA VAL K 91 -54.59 -21.14 -49.38
C VAL K 91 -53.08 -20.93 -49.46
N LEU K 92 -52.65 -19.70 -49.66
CA LEU K 92 -51.24 -19.33 -49.63
C LEU K 92 -51.02 -18.29 -48.54
N TYR K 93 -49.85 -18.34 -47.91
CA TYR K 93 -49.59 -17.56 -46.71
C TYR K 93 -48.60 -16.43 -47.00
N MET K 94 -49.07 -15.20 -46.84
CA MET K 94 -48.22 -14.02 -46.71
C MET K 94 -48.13 -13.67 -45.24
N GLY K 95 -46.90 -13.38 -44.80
CA GLY K 95 -46.53 -13.30 -43.40
C GLY K 95 -47.48 -12.60 -42.43
N ARG K 96 -47.63 -13.19 -41.24
CA ARG K 96 -48.41 -12.63 -40.15
C ARG K 96 -49.89 -12.46 -40.54
N GLY K 97 -50.44 -13.50 -41.17
CA GLY K 97 -51.88 -13.60 -41.31
C GLY K 97 -52.48 -12.98 -42.56
N ILE K 98 -51.97 -13.33 -43.74
CA ILE K 98 -52.61 -13.01 -45.01
C ILE K 98 -52.79 -14.34 -45.75
N VAL K 99 -53.97 -14.93 -45.65
CA VAL K 99 -54.29 -16.17 -46.34
C VAL K 99 -54.99 -15.83 -47.66
N VAL K 100 -54.52 -16.41 -48.75
CA VAL K 100 -54.96 -16.05 -50.09
C VAL K 100 -55.60 -17.28 -50.73
N PHE K 101 -56.76 -17.06 -51.35
CA PHE K 101 -57.50 -18.10 -52.05
C PHE K 101 -57.59 -17.77 -53.53
N GLY K 102 -57.43 -18.79 -54.37
CA GLY K 102 -57.43 -18.64 -55.80
C GLY K 102 -58.81 -18.81 -56.41
N GLY K 103 -58.81 -19.16 -57.71
CA GLY K 103 -60.04 -19.30 -58.45
C GLY K 103 -60.95 -20.42 -57.96
N GLY K 104 -60.37 -21.50 -57.46
CA GLY K 104 -61.17 -22.65 -57.05
C GLY K 104 -61.55 -23.52 -58.23
N THR K 105 -61.51 -24.85 -58.05
CA THR K 105 -61.75 -25.78 -59.14
C THR K 105 -62.88 -26.73 -58.76
N LYS K 106 -63.86 -26.87 -59.63
CA LYS K 106 -64.95 -27.81 -59.41
C LYS K 106 -64.54 -29.15 -60.01
N LEU K 107 -64.01 -30.03 -59.16
CA LEU K 107 -63.58 -31.36 -59.57
C LEU K 107 -64.82 -32.25 -59.62
N THR K 108 -65.38 -32.41 -60.82
CA THR K 108 -66.54 -33.27 -61.03
C THR K 108 -66.08 -34.69 -61.34
N VAL K 109 -66.81 -35.66 -60.82
CA VAL K 109 -66.51 -37.08 -60.98
C VAL K 109 -67.60 -37.68 -61.85
N LEU K 110 -67.22 -38.21 -63.01
CA LEU K 110 -68.17 -38.74 -63.98
C LEU K 110 -68.70 -40.10 -63.54
N MET L 2 -18.05 -8.11 -62.42
CA MET L 2 -17.28 -7.59 -63.55
C MET L 2 -17.01 -8.67 -64.59
N GLN L 3 -16.62 -9.86 -64.13
CA GLN L 3 -16.20 -10.95 -65.00
C GLN L 3 -17.23 -12.07 -64.96
N LEU L 4 -17.73 -12.43 -66.14
CA LEU L 4 -18.66 -13.55 -66.29
C LEU L 4 -18.21 -14.39 -67.48
N VAL L 5 -17.99 -15.68 -67.24
CA VAL L 5 -17.32 -16.56 -68.19
C VAL L 5 -18.24 -17.71 -68.54
N GLN L 6 -18.37 -17.99 -69.84
CA GLN L 6 -19.12 -19.10 -70.38
C GLN L 6 -18.16 -20.21 -70.80
N SER L 7 -18.68 -21.21 -71.50
CA SER L 7 -17.87 -22.23 -72.13
C SER L 7 -17.47 -21.78 -73.54
N GLY L 8 -16.69 -22.61 -74.22
CA GLY L 8 -16.28 -22.33 -75.58
C GLY L 8 -17.26 -22.86 -76.59
N PRO L 9 -16.84 -23.00 -77.85
CA PRO L 9 -17.72 -23.57 -78.86
C PRO L 9 -18.00 -25.04 -78.59
N GLU L 10 -19.19 -25.48 -78.98
CA GLU L 10 -19.66 -26.83 -78.71
C GLU L 10 -20.04 -27.50 -80.01
N VAL L 11 -19.55 -28.72 -80.21
CA VAL L 11 -19.99 -29.60 -81.29
C VAL L 11 -20.60 -30.82 -80.62
N LYS L 12 -21.90 -31.02 -80.81
CA LYS L 12 -22.66 -31.95 -79.98
C LYS L 12 -23.60 -32.79 -80.84
N LYS L 13 -23.94 -33.99 -80.33
CA LYS L 13 -24.83 -34.88 -81.07
C LYS L 13 -26.29 -34.52 -80.77
N PRO L 14 -27.15 -34.51 -81.78
CA PRO L 14 -28.50 -33.92 -81.62
C PRO L 14 -29.48 -34.75 -80.78
N GLY L 15 -29.52 -34.54 -79.47
CA GLY L 15 -30.63 -35.07 -78.70
C GLY L 15 -30.40 -35.86 -77.43
N THR L 16 -29.25 -35.70 -76.77
CA THR L 16 -29.07 -36.28 -75.44
C THR L 16 -29.41 -35.27 -74.34
N SER L 17 -28.71 -34.16 -74.30
CA SER L 17 -28.89 -33.12 -73.28
C SER L 17 -28.06 -31.91 -73.71
N VAL L 18 -28.02 -30.89 -72.85
CA VAL L 18 -27.08 -29.78 -73.00
C VAL L 18 -26.33 -29.62 -71.70
N LYS L 19 -25.06 -29.24 -71.81
CA LYS L 19 -24.23 -28.79 -70.71
C LYS L 19 -23.78 -27.37 -71.04
N VAL L 20 -24.02 -26.42 -70.13
CA VAL L 20 -23.51 -25.06 -70.34
C VAL L 20 -23.40 -24.39 -68.99
N SER L 21 -22.45 -23.45 -68.86
CA SER L 21 -22.12 -22.83 -67.60
C SER L 21 -22.01 -21.32 -67.74
N CYS L 22 -22.33 -20.61 -66.66
CA CYS L 22 -21.98 -19.20 -66.53
C CYS L 22 -21.40 -19.02 -65.12
N LYS L 23 -20.12 -18.68 -65.02
CA LYS L 23 -19.50 -18.43 -63.72
C LYS L 23 -19.19 -16.94 -63.60
N ALA L 24 -19.63 -16.34 -62.50
CA ALA L 24 -19.54 -14.90 -62.32
C ALA L 24 -18.51 -14.56 -61.24
N SER L 25 -18.07 -13.31 -61.27
CA SER L 25 -17.10 -12.79 -60.31
C SER L 25 -17.12 -11.28 -60.41
N GLY L 26 -16.24 -10.63 -59.65
CA GLY L 26 -16.19 -9.19 -59.59
C GLY L 26 -17.22 -8.56 -58.68
N PHE L 27 -18.04 -9.37 -57.99
CA PHE L 27 -19.05 -8.87 -57.08
C PHE L 27 -19.41 -9.96 -56.09
N THR L 28 -20.10 -9.56 -55.02
CA THR L 28 -20.60 -10.53 -54.04
C THR L 28 -21.65 -11.41 -54.68
N PHE L 29 -21.35 -12.70 -54.82
CA PHE L 29 -22.25 -13.65 -55.46
C PHE L 29 -23.20 -14.33 -54.48
N THR L 30 -23.19 -13.90 -53.21
CA THR L 30 -24.11 -14.48 -52.24
C THR L 30 -25.55 -14.10 -52.53
N SER L 31 -25.79 -12.92 -53.09
CA SER L 31 -27.15 -12.48 -53.42
C SER L 31 -27.04 -11.64 -54.70
N SER L 32 -27.45 -12.23 -55.82
CA SER L 32 -27.32 -11.60 -57.13
C SER L 32 -28.33 -12.25 -58.06
N ALA L 33 -28.15 -12.08 -59.36
CA ALA L 33 -28.95 -12.77 -60.36
C ALA L 33 -28.05 -13.23 -61.50
N VAL L 34 -28.44 -14.34 -62.12
CA VAL L 34 -27.81 -14.82 -63.35
C VAL L 34 -28.91 -14.99 -64.38
N GLN L 35 -28.70 -14.42 -65.56
CA GLN L 35 -29.73 -14.33 -66.59
C GLN L 35 -29.25 -15.06 -67.84
N TRP L 36 -30.07 -15.99 -68.32
CA TRP L 36 -29.81 -16.75 -69.53
C TRP L 36 -30.81 -16.29 -70.58
N VAL L 37 -30.33 -16.07 -71.80
CA VAL L 37 -31.15 -15.62 -72.92
C VAL L 37 -30.88 -16.54 -74.12
N ARG L 38 -31.50 -16.22 -75.25
CA ARG L 38 -31.29 -16.97 -76.48
C ARG L 38 -31.11 -16.00 -77.64
N GLN L 39 -30.03 -16.20 -78.40
CA GLN L 39 -29.70 -15.35 -79.54
C GLN L 39 -29.06 -16.23 -80.60
N ALA L 40 -29.17 -15.81 -81.86
CA ALA L 40 -28.48 -16.48 -82.94
C ALA L 40 -28.08 -15.45 -83.99
N ARG L 41 -27.08 -15.81 -84.79
CA ARG L 41 -26.61 -14.93 -85.86
C ARG L 41 -27.75 -14.57 -86.81
N GLY L 42 -28.03 -13.27 -86.90
CA GLY L 42 -29.14 -12.79 -87.72
C GLY L 42 -30.47 -13.37 -87.33
N GLN L 43 -30.76 -13.39 -86.02
CA GLN L 43 -31.97 -14.04 -85.52
C GLN L 43 -32.55 -13.23 -84.38
N ARG L 44 -33.85 -13.43 -84.15
CA ARG L 44 -34.54 -12.75 -83.06
C ARG L 44 -33.97 -13.18 -81.71
N LEU L 45 -33.88 -12.22 -80.79
CA LEU L 45 -33.41 -12.50 -79.44
C LEU L 45 -34.53 -13.12 -78.60
N GLU L 46 -34.17 -14.03 -77.71
CA GLU L 46 -35.14 -14.77 -76.92
C GLU L 46 -34.62 -14.90 -75.49
N TRP L 47 -35.56 -15.15 -74.57
CA TRP L 47 -35.28 -15.16 -73.14
C TRP L 47 -35.36 -16.59 -72.60
N ILE L 48 -34.39 -16.96 -71.75
CA ILE L 48 -34.32 -18.28 -71.15
C ILE L 48 -34.81 -18.28 -69.71
N GLY L 49 -34.14 -17.54 -68.83
CA GLY L 49 -34.50 -17.60 -67.43
C GLY L 49 -33.63 -16.69 -66.57
N TRP L 50 -34.03 -16.60 -65.30
CA TRP L 50 -33.30 -15.83 -64.30
C TRP L 50 -33.25 -16.66 -63.02
N ILE L 51 -32.05 -16.92 -62.50
CA ILE L 51 -31.91 -17.76 -61.33
C ILE L 51 -30.84 -17.17 -60.42
N VAL L 52 -30.69 -17.71 -59.21
CA VAL L 52 -29.65 -17.31 -58.28
C VAL L 52 -29.14 -18.60 -57.63
N VAL L 53 -28.14 -18.50 -56.75
CA VAL L 53 -27.62 -19.64 -56.02
C VAL L 53 -28.29 -19.80 -54.66
N GLY L 54 -28.72 -18.69 -54.05
CA GLY L 54 -29.36 -18.71 -52.75
C GLY L 54 -30.45 -19.75 -52.58
N SER L 55 -31.52 -19.64 -53.34
CA SER L 55 -32.64 -20.57 -53.23
C SER L 55 -33.39 -20.63 -54.54
N GLY L 56 -34.16 -21.70 -54.72
CA GLY L 56 -34.92 -21.91 -55.93
C GLY L 56 -35.99 -20.87 -56.18
N ASN L 57 -35.75 -19.99 -57.15
CA ASN L 57 -36.72 -18.99 -57.56
C ASN L 57 -36.52 -18.77 -59.05
N THR L 58 -37.31 -19.45 -59.88
CA THR L 58 -37.08 -19.43 -61.32
C THR L 58 -38.41 -19.46 -62.07
N ASN L 59 -38.38 -18.89 -63.26
CA ASN L 59 -39.46 -18.99 -64.22
C ASN L 59 -38.87 -19.10 -65.61
N TYR L 60 -39.63 -19.66 -66.54
CA TYR L 60 -39.18 -19.89 -67.90
C TYR L 60 -40.13 -19.22 -68.89
N ALA L 61 -39.67 -19.13 -70.14
CA ALA L 61 -40.56 -18.76 -71.22
C ALA L 61 -41.59 -19.85 -71.46
N GLN L 62 -42.56 -19.56 -72.33
CA GLN L 62 -43.68 -20.47 -72.51
C GLN L 62 -43.29 -21.79 -73.18
N LYS L 63 -42.26 -21.78 -74.04
CA LYS L 63 -41.87 -22.98 -74.76
C LYS L 63 -40.65 -23.65 -74.14
N PHE L 64 -40.08 -23.10 -73.08
CA PHE L 64 -38.92 -23.66 -72.39
C PHE L 64 -39.26 -24.01 -70.94
N GLN L 65 -40.53 -24.22 -70.65
CA GLN L 65 -40.95 -24.60 -69.29
C GLN L 65 -40.41 -25.98 -68.92
N GLU L 66 -40.47 -26.93 -69.85
CA GLU L 66 -40.02 -28.28 -69.62
C GLU L 66 -38.66 -28.51 -70.26
N ARG L 67 -38.20 -29.77 -70.22
CA ARG L 67 -36.91 -30.21 -70.77
C ARG L 67 -35.80 -29.22 -70.45
N VAL L 68 -35.67 -28.89 -69.17
CA VAL L 68 -34.72 -27.90 -68.70
C VAL L 68 -34.34 -28.20 -67.26
N THR L 69 -33.05 -28.07 -66.93
CA THR L 69 -32.61 -28.10 -65.55
C THR L 69 -31.55 -27.02 -65.36
N ILE L 70 -31.51 -26.43 -64.16
CA ILE L 70 -30.44 -25.51 -63.79
C ILE L 70 -30.00 -25.86 -62.38
N THR L 71 -28.70 -26.11 -62.20
CA THR L 71 -28.12 -26.35 -60.89
C THR L 71 -27.44 -25.09 -60.38
N ARG L 72 -27.69 -24.78 -59.11
CA ARG L 72 -27.23 -23.52 -58.53
C ARG L 72 -25.72 -23.48 -58.42
N ASP L 73 -25.11 -24.56 -57.91
CA ASP L 73 -23.66 -24.69 -57.83
C ASP L 73 -23.03 -23.56 -57.00
N MET L 74 -23.33 -23.62 -55.70
CA MET L 74 -22.79 -22.65 -54.74
C MET L 74 -21.33 -22.32 -55.02
N SER L 75 -20.49 -23.35 -55.14
CA SER L 75 -19.05 -23.16 -55.20
C SER L 75 -18.61 -22.48 -56.48
N THR L 76 -17.50 -21.76 -56.40
CA THR L 76 -16.82 -21.09 -57.51
C THR L 76 -17.68 -20.02 -58.19
N SER L 77 -18.82 -19.66 -57.60
CA SER L 77 -19.68 -18.59 -58.10
C SER L 77 -20.08 -18.84 -59.57
N THR L 78 -20.82 -19.93 -59.76
CA THR L 78 -21.23 -20.36 -61.09
C THR L 78 -22.68 -20.83 -61.06
N ALA L 79 -23.21 -21.10 -62.25
CA ALA L 79 -24.53 -21.68 -62.42
C ALA L 79 -24.52 -22.53 -63.67
N TYR L 80 -25.22 -23.66 -63.63
CA TYR L 80 -25.18 -24.63 -64.73
C TYR L 80 -26.57 -24.80 -65.32
N MET L 81 -26.66 -24.80 -66.65
CA MET L 81 -27.85 -25.21 -67.37
C MET L 81 -27.60 -26.56 -68.04
N GLU L 82 -28.58 -27.46 -67.95
CA GLU L 82 -28.42 -28.83 -68.41
C GLU L 82 -29.74 -29.35 -68.95
N LEU L 83 -29.61 -30.48 -69.67
CA LEU L 83 -30.73 -31.33 -70.08
C LEU L 83 -31.71 -30.59 -70.99
N SER L 84 -31.18 -30.18 -72.14
CA SER L 84 -31.96 -29.55 -73.20
C SER L 84 -33.03 -30.46 -73.80
N SER L 85 -32.60 -31.57 -74.42
CA SER L 85 -33.47 -32.38 -75.27
C SER L 85 -34.13 -31.53 -76.36
N LEU L 86 -33.32 -30.70 -77.03
CA LEU L 86 -33.83 -29.70 -77.95
C LEU L 86 -33.89 -30.29 -79.36
N ARG L 87 -34.13 -29.43 -80.36
CA ARG L 87 -34.13 -29.84 -81.75
C ARG L 87 -32.75 -29.59 -82.37
N SER L 88 -32.61 -30.01 -83.64
CA SER L 88 -31.34 -29.90 -84.34
C SER L 88 -31.08 -28.51 -84.91
N GLU L 89 -32.11 -27.74 -85.20
CA GLU L 89 -31.95 -26.43 -85.83
C GLU L 89 -31.80 -25.31 -84.81
N ASP L 90 -30.83 -25.45 -83.90
CA ASP L 90 -30.63 -24.49 -82.84
C ASP L 90 -29.15 -24.12 -82.70
N THR L 91 -28.50 -23.82 -83.82
CA THR L 91 -27.13 -23.30 -83.79
C THR L 91 -27.22 -21.83 -83.37
N ALA L 92 -27.33 -21.62 -82.06
CA ALA L 92 -27.66 -20.32 -81.51
C ALA L 92 -26.75 -19.98 -80.34
N VAL L 93 -26.78 -18.72 -79.94
CA VAL L 93 -25.98 -18.17 -78.85
C VAL L 93 -26.82 -18.19 -77.58
N TYR L 94 -26.17 -18.50 -76.45
CA TYR L 94 -26.85 -18.54 -75.16
C TYR L 94 -26.65 -17.29 -74.33
N TYR L 95 -25.44 -16.74 -74.31
CA TYR L 95 -25.10 -15.57 -73.50
C TYR L 95 -25.30 -15.80 -72.01
N CYS L 96 -24.80 -14.88 -71.19
CA CYS L 96 -25.03 -14.91 -69.75
C CYS L 96 -25.07 -13.46 -69.27
N ALA L 97 -25.64 -13.26 -68.08
CA ALA L 97 -25.73 -11.92 -67.50
C ALA L 97 -25.60 -12.02 -65.98
N ALA L 98 -24.88 -11.06 -65.39
CA ALA L 98 -24.68 -11.03 -63.95
C ALA L 98 -24.40 -9.61 -63.46
N PRO L 99 -25.34 -9.00 -62.74
CA PRO L 99 -25.09 -7.66 -62.19
C PRO L 99 -24.18 -7.72 -60.97
N TYR L 100 -23.63 -6.56 -60.62
CA TYR L 100 -22.75 -6.46 -59.47
C TYR L 100 -23.56 -6.14 -58.22
N CYS L 101 -23.15 -6.70 -57.08
CA CYS L 101 -23.79 -6.40 -55.81
C CYS L 101 -22.75 -6.43 -54.70
N SER L 102 -22.97 -5.58 -53.69
CA SER L 102 -22.07 -5.47 -52.56
C SER L 102 -22.87 -4.96 -51.37
N GLY L 103 -23.22 -5.86 -50.46
CA GLY L 103 -24.00 -5.54 -49.29
C GLY L 103 -25.48 -5.86 -49.38
N GLY L 104 -26.01 -6.02 -50.60
CA GLY L 104 -27.40 -6.37 -50.77
C GLY L 104 -28.18 -5.37 -51.60
N SER L 105 -27.92 -4.08 -51.37
CA SER L 105 -28.54 -3.03 -52.17
C SER L 105 -27.63 -2.74 -53.36
N CYS L 106 -28.11 -3.03 -54.56
CA CYS L 106 -27.23 -3.05 -55.73
C CYS L 106 -28.05 -2.77 -56.98
N PHE L 107 -27.39 -2.84 -58.13
CA PHE L 107 -27.97 -2.47 -59.41
C PHE L 107 -29.07 -3.47 -59.82
N ASP L 108 -29.98 -2.98 -60.66
CA ASP L 108 -31.07 -3.80 -61.16
C ASP L 108 -30.82 -4.37 -62.54
N GLY L 109 -30.08 -3.66 -63.40
CA GLY L 109 -29.87 -4.12 -64.74
C GLY L 109 -28.78 -5.17 -64.86
N PHE L 110 -28.79 -5.87 -66.00
CA PHE L 110 -27.81 -6.90 -66.31
C PHE L 110 -26.81 -6.30 -67.28
N ASP L 111 -25.82 -5.58 -66.76
CA ASP L 111 -24.83 -4.93 -67.61
C ASP L 111 -23.67 -5.85 -67.99
N ILE L 112 -23.18 -6.66 -67.05
CA ILE L 112 -22.10 -7.60 -67.33
C ILE L 112 -22.70 -8.77 -68.11
N TRP L 113 -22.63 -8.68 -69.43
CA TRP L 113 -23.12 -9.73 -70.32
C TRP L 113 -21.99 -10.69 -70.66
N GLY L 114 -22.37 -11.90 -71.06
CA GLY L 114 -21.40 -12.90 -71.46
C GLY L 114 -20.88 -12.65 -72.85
N GLN L 115 -20.13 -13.63 -73.36
CA GLN L 115 -19.56 -13.54 -74.70
C GLN L 115 -20.28 -14.40 -75.72
N GLY L 116 -20.94 -15.48 -75.31
CA GLY L 116 -21.68 -16.32 -76.22
C GLY L 116 -21.10 -17.71 -76.36
N THR L 117 -21.92 -18.68 -76.77
CA THR L 117 -21.49 -20.04 -76.97
C THR L 117 -21.91 -20.52 -78.36
N MET L 118 -21.03 -21.28 -78.99
CA MET L 118 -21.26 -21.82 -80.33
C MET L 118 -21.67 -23.28 -80.19
N VAL L 119 -22.97 -23.54 -80.12
CA VAL L 119 -23.51 -24.89 -80.05
C VAL L 119 -23.92 -25.32 -81.46
N THR L 120 -23.41 -26.47 -81.90
CA THR L 120 -23.65 -26.97 -83.25
C THR L 120 -24.02 -28.44 -83.16
N VAL L 121 -25.25 -28.76 -83.54
CA VAL L 121 -25.71 -30.14 -83.66
C VAL L 121 -26.12 -30.37 -85.11
N SER L 122 -25.49 -31.36 -85.74
CA SER L 122 -25.72 -31.63 -87.15
C SER L 122 -25.20 -33.04 -87.46
N SER L 123 -25.13 -33.38 -88.74
CA SER L 123 -24.64 -34.68 -89.17
C SER L 123 -23.14 -34.62 -89.48
N GLU M 1 -48.23 -11.06 -74.96
CA GLU M 1 -47.32 -10.55 -73.95
C GLU M 1 -46.19 -9.73 -74.58
N ILE M 2 -46.12 -9.77 -75.91
CA ILE M 2 -45.09 -9.05 -76.67
C ILE M 2 -45.80 -8.21 -77.72
N VAL M 3 -45.95 -6.91 -77.45
CA VAL M 3 -46.67 -6.01 -78.34
C VAL M 3 -45.85 -4.74 -78.56
N LEU M 4 -44.54 -4.82 -78.29
CA LEU M 4 -43.68 -3.66 -78.38
C LEU M 4 -43.66 -3.10 -79.80
N THR M 5 -43.12 -3.87 -80.74
CA THR M 5 -43.11 -3.52 -82.17
C THR M 5 -42.66 -2.07 -82.38
N GLN M 6 -41.41 -1.81 -82.00
CA GLN M 6 -40.87 -0.46 -82.06
C GLN M 6 -40.97 0.10 -83.47
N SER M 7 -41.34 1.38 -83.55
CA SER M 7 -41.56 2.02 -84.85
C SER M 7 -40.32 2.05 -85.73
N PRO M 8 -39.13 2.45 -85.25
CA PRO M 8 -37.98 2.50 -86.15
C PRO M 8 -37.54 1.11 -86.58
N GLY M 9 -37.32 0.95 -87.89
CA GLY M 9 -36.86 -0.31 -88.44
C GLY M 9 -35.45 -0.21 -88.96
N THR M 10 -35.29 -0.04 -90.27
CA THR M 10 -34.00 0.19 -90.90
C THR M 10 -34.08 1.48 -91.70
N LEU M 11 -33.63 2.58 -91.10
CA LEU M 11 -33.65 3.89 -91.72
C LEU M 11 -32.24 4.48 -91.73
N SER M 12 -31.89 5.15 -92.83
CA SER M 12 -30.57 5.72 -93.01
C SER M 12 -30.61 7.20 -92.64
N LEU M 13 -29.59 7.65 -91.91
CA LEU M 13 -29.51 9.03 -91.45
C LEU M 13 -28.11 9.57 -91.64
N SER M 14 -28.02 10.85 -92.02
CA SER M 14 -26.76 11.56 -92.04
C SER M 14 -26.38 11.98 -90.62
N PRO M 15 -25.09 12.19 -90.35
CA PRO M 15 -24.68 12.61 -89.00
C PRO M 15 -25.32 13.93 -88.60
N GLY M 16 -25.71 14.02 -87.32
CA GLY M 16 -26.38 15.21 -86.83
C GLY M 16 -27.88 15.20 -87.05
N GLU M 17 -28.55 14.17 -86.54
CA GLU M 17 -29.97 13.96 -86.75
C GLU M 17 -30.75 14.29 -85.48
N ARG M 18 -32.05 14.01 -85.52
CA ARG M 18 -32.95 14.24 -84.38
C ARG M 18 -33.54 12.90 -83.95
N ALA M 19 -32.70 11.88 -83.81
CA ALA M 19 -33.20 10.51 -83.66
C ALA M 19 -34.02 10.37 -82.38
N THR M 20 -35.15 9.69 -82.49
CA THR M 20 -36.00 9.39 -81.34
C THR M 20 -36.19 7.89 -81.25
N LEU M 21 -35.61 7.29 -80.21
CA LEU M 21 -35.69 5.85 -79.99
C LEU M 21 -36.83 5.58 -79.00
N SER M 22 -37.80 4.77 -79.42
CA SER M 22 -39.03 4.57 -78.67
C SER M 22 -39.32 3.08 -78.50
N CYS M 23 -39.66 2.69 -77.27
CA CYS M 23 -40.15 1.34 -76.97
C CYS M 23 -41.55 1.44 -76.39
N ARG M 24 -42.43 0.54 -76.81
CA ARG M 24 -43.73 0.41 -76.17
C ARG M 24 -43.65 -0.57 -75.01
N ALA M 25 -44.77 -0.80 -74.34
CA ALA M 25 -44.84 -1.70 -73.21
C ALA M 25 -46.09 -2.55 -73.32
N SER M 26 -45.95 -3.84 -73.00
CA SER M 26 -47.10 -4.75 -73.04
C SER M 26 -48.14 -4.36 -71.99
N GLN M 27 -47.71 -4.19 -70.74
CA GLN M 27 -48.57 -3.80 -69.64
C GLN M 27 -48.09 -2.49 -69.05
N SER M 28 -48.79 -2.03 -68.00
CA SER M 28 -48.41 -0.81 -67.29
C SER M 28 -47.25 -1.14 -66.36
N VAL M 29 -46.11 -1.49 -66.96
CA VAL M 29 -44.93 -1.88 -66.22
C VAL M 29 -44.27 -0.64 -65.64
N SER M 30 -43.85 -0.73 -64.39
CA SER M 30 -43.27 0.42 -63.70
C SER M 30 -41.94 0.81 -64.35
N SER M 31 -41.53 2.05 -64.10
CA SER M 31 -40.26 2.54 -64.61
C SER M 31 -39.11 1.77 -63.97
N SER M 32 -37.94 1.86 -64.61
CA SER M 32 -36.72 1.14 -64.27
C SER M 32 -36.83 -0.36 -64.52
N TYR M 33 -37.96 -0.82 -65.04
CA TYR M 33 -38.12 -2.21 -65.45
C TYR M 33 -37.92 -2.38 -66.96
N LEU M 34 -37.45 -1.35 -67.64
CA LEU M 34 -37.10 -1.41 -69.05
C LEU M 34 -35.59 -1.36 -69.21
N ALA M 35 -35.11 -1.76 -70.38
CA ALA M 35 -33.69 -1.76 -70.67
C ALA M 35 -33.48 -1.52 -72.16
N TRP M 36 -32.47 -0.71 -72.48
CA TRP M 36 -32.08 -0.47 -73.87
C TRP M 36 -30.72 -1.11 -74.07
N TYR M 37 -30.66 -2.17 -74.86
CA TYR M 37 -29.44 -2.96 -75.03
C TYR M 37 -28.82 -2.66 -76.39
N GLN M 38 -27.55 -2.27 -76.38
CA GLN M 38 -26.82 -1.96 -77.60
C GLN M 38 -25.91 -3.14 -77.94
N GLN M 39 -26.30 -3.92 -78.94
CA GLN M 39 -25.50 -5.06 -79.40
C GLN M 39 -24.78 -4.68 -80.68
N LYS M 40 -23.46 -4.66 -80.62
CA LYS M 40 -22.70 -4.63 -81.86
C LYS M 40 -22.62 -6.03 -82.44
N PRO M 41 -22.86 -6.20 -83.74
CA PRO M 41 -22.85 -7.55 -84.32
C PRO M 41 -21.55 -8.29 -84.03
N GLY M 42 -21.68 -9.52 -83.50
CA GLY M 42 -20.56 -10.32 -83.10
C GLY M 42 -20.31 -10.37 -81.62
N GLN M 43 -20.87 -9.45 -80.84
CA GLN M 43 -20.69 -9.41 -79.40
C GLN M 43 -22.03 -9.18 -78.71
N ALA M 44 -22.03 -9.39 -77.41
CA ALA M 44 -23.26 -9.33 -76.63
C ALA M 44 -23.78 -7.90 -76.52
N PRO M 45 -25.08 -7.72 -76.30
CA PRO M 45 -25.63 -6.38 -76.06
C PRO M 45 -25.11 -5.79 -74.77
N ARG M 46 -25.05 -4.46 -74.73
CA ARG M 46 -24.58 -3.72 -73.57
C ARG M 46 -25.73 -2.92 -72.97
N LEU M 47 -25.74 -2.85 -71.64
CA LEU M 47 -26.78 -2.12 -70.91
C LEU M 47 -26.33 -0.67 -70.71
N LEU M 48 -27.11 0.26 -71.27
CA LEU M 48 -26.81 1.69 -71.14
C LEU M 48 -27.88 2.42 -70.35
N ILE M 49 -29.14 2.33 -70.76
CA ILE M 49 -30.24 3.04 -70.12
C ILE M 49 -31.27 2.02 -69.65
N TYR M 50 -31.56 2.03 -68.35
CA TYR M 50 -32.52 1.10 -67.77
C TYR M 50 -33.79 1.86 -67.41
N GLY M 51 -34.92 1.41 -67.95
CA GLY M 51 -36.22 1.96 -67.62
C GLY M 51 -36.40 3.41 -68.01
N ALA M 52 -35.49 3.93 -68.84
CA ALA M 52 -35.53 5.34 -69.26
C ALA M 52 -35.59 6.28 -68.06
N SER M 53 -34.90 5.92 -66.97
CA SER M 53 -34.88 6.72 -65.76
C SER M 53 -33.53 7.36 -65.50
N SER M 54 -32.45 6.59 -65.62
CA SER M 54 -31.11 7.12 -65.42
C SER M 54 -30.10 6.25 -66.16
N ARG M 55 -28.95 6.84 -66.46
CA ARG M 55 -27.91 6.17 -67.22
C ARG M 55 -27.22 5.10 -66.37
N ALA M 56 -26.32 4.36 -67.01
CA ALA M 56 -25.45 3.42 -66.31
C ALA M 56 -24.23 4.17 -65.75
N THR M 57 -23.26 3.43 -65.23
CA THR M 57 -22.09 4.06 -64.64
C THR M 57 -21.28 4.82 -65.69
N GLY M 58 -20.72 4.11 -66.66
CA GLY M 58 -19.87 4.73 -67.65
C GLY M 58 -20.24 4.44 -69.09
N PHE M 59 -20.65 5.47 -69.83
CA PHE M 59 -21.08 5.35 -71.22
C PHE M 59 -21.13 6.76 -71.82
N PRO M 60 -21.29 6.89 -73.15
CA PRO M 60 -21.31 8.23 -73.75
C PRO M 60 -22.45 9.08 -73.19
N ASP M 61 -22.18 10.38 -73.14
CA ASP M 61 -23.08 11.34 -72.51
C ASP M 61 -24.03 11.95 -73.55
N ARG M 62 -24.71 13.03 -73.15
CA ARG M 62 -25.63 13.82 -73.98
C ARG M 62 -26.58 12.96 -74.81
N PHE M 63 -27.10 11.89 -74.21
CA PHE M 63 -28.32 11.25 -74.71
C PHE M 63 -28.99 10.53 -73.56
N SER M 64 -30.25 10.87 -73.31
CA SER M 64 -31.04 10.29 -72.23
C SER M 64 -32.48 10.75 -72.40
N GLY M 65 -33.41 9.89 -72.06
CA GLY M 65 -34.83 10.21 -72.18
C GLY M 65 -35.63 9.55 -71.09
N SER M 66 -36.74 10.19 -70.73
CA SER M 66 -37.68 9.66 -69.75
C SER M 66 -38.97 9.29 -70.45
N GLY M 67 -39.46 8.08 -70.20
CA GLY M 67 -40.63 7.59 -70.89
C GLY M 67 -41.85 7.39 -70.00
N SER M 68 -43.01 7.24 -70.63
CA SER M 68 -44.26 7.02 -69.92
C SER M 68 -44.41 5.53 -69.60
N GLY M 69 -45.60 5.13 -69.15
CA GLY M 69 -45.84 3.74 -68.83
C GLY M 69 -45.76 2.82 -70.05
N THR M 70 -46.21 3.30 -71.20
CA THR M 70 -46.21 2.50 -72.42
C THR M 70 -45.46 3.14 -73.58
N ASP M 71 -44.79 4.27 -73.35
CA ASP M 71 -44.03 4.97 -74.40
C ASP M 71 -42.73 5.48 -73.79
N PHE M 72 -41.67 4.68 -73.86
CA PHE M 72 -40.36 5.08 -73.38
C PHE M 72 -39.57 5.63 -74.56
N THR M 73 -39.28 6.93 -74.54
CA THR M 73 -38.61 7.59 -75.64
C THR M 73 -37.34 8.28 -75.16
N LEU M 74 -36.29 8.22 -75.98
CA LEU M 74 -35.04 8.90 -75.70
C LEU M 74 -34.57 9.58 -76.98
N THR M 75 -33.77 10.64 -76.81
CA THR M 75 -33.31 11.46 -77.91
C THR M 75 -31.83 11.21 -78.18
N ILE M 76 -31.51 10.88 -79.42
CA ILE M 76 -30.13 10.77 -79.90
C ILE M 76 -29.86 11.97 -80.79
N SER M 77 -28.84 12.73 -80.45
CA SER M 77 -28.50 13.97 -81.15
C SER M 77 -27.01 13.99 -81.43
N ARG M 78 -26.64 14.00 -82.71
CA ARG M 78 -25.24 14.04 -83.14
C ARG M 78 -24.45 12.87 -82.54
N LEU M 79 -24.89 11.66 -82.89
CA LEU M 79 -24.31 10.46 -82.31
C LEU M 79 -22.88 10.26 -82.79
N GLU M 80 -22.07 9.60 -81.96
CA GLU M 80 -20.71 9.31 -82.30
C GLU M 80 -20.66 8.18 -83.33
N PRO M 81 -19.52 8.01 -84.03
CA PRO M 81 -19.53 7.13 -85.21
C PRO M 81 -19.95 5.68 -84.95
N GLU M 82 -19.61 5.09 -83.81
CA GLU M 82 -19.79 3.66 -83.64
C GLU M 82 -21.07 3.30 -82.88
N ASP M 83 -21.97 4.25 -82.67
CA ASP M 83 -23.30 3.93 -82.15
C ASP M 83 -24.26 3.58 -83.28
N PHE M 84 -23.86 2.64 -84.13
CA PHE M 84 -24.63 2.23 -85.30
C PHE M 84 -24.73 0.71 -85.29
N ALA M 85 -25.75 0.19 -84.61
CA ALA M 85 -25.95 -1.26 -84.48
C ALA M 85 -27.40 -1.50 -84.09
N VAL M 86 -27.70 -2.74 -83.73
CA VAL M 86 -29.06 -3.12 -83.36
C VAL M 86 -29.32 -2.72 -81.90
N TYR M 87 -30.53 -2.22 -81.65
CA TYR M 87 -30.95 -1.78 -80.32
C TYR M 87 -32.12 -2.66 -79.86
N TYR M 88 -32.07 -3.07 -78.60
CA TYR M 88 -33.03 -4.01 -78.04
C TYR M 88 -33.86 -3.34 -76.96
N CYS M 89 -35.17 -3.48 -77.06
CA CYS M 89 -36.09 -3.06 -76.02
C CYS M 89 -36.32 -4.27 -75.11
N GLN M 90 -36.09 -4.10 -73.81
CA GLN M 90 -36.10 -5.22 -72.88
C GLN M 90 -37.00 -4.89 -71.71
N GLN M 91 -37.75 -5.88 -71.24
CA GLN M 91 -38.75 -5.68 -70.19
C GLN M 91 -38.40 -6.48 -68.95
N TYR M 92 -38.60 -5.88 -67.78
CA TYR M 92 -38.47 -6.54 -66.49
C TYR M 92 -39.84 -6.62 -65.82
N GLY M 93 -39.88 -7.28 -64.66
CA GLY M 93 -41.09 -7.33 -63.86
C GLY M 93 -42.03 -8.48 -64.21
N ASN M 94 -42.06 -8.87 -65.48
CA ASN M 94 -43.00 -9.89 -65.96
C ASN M 94 -42.31 -11.22 -66.16
N SER M 95 -43.00 -12.30 -65.80
CA SER M 95 -42.49 -13.65 -66.03
C SER M 95 -43.26 -14.28 -67.18
N PRO M 96 -42.63 -14.57 -68.32
CA PRO M 96 -41.21 -14.41 -68.65
C PRO M 96 -40.81 -12.98 -69.04
N TRP M 97 -39.51 -12.69 -69.03
CA TRP M 97 -38.98 -11.40 -69.47
C TRP M 97 -38.83 -11.42 -70.99
N THR M 98 -39.95 -11.21 -71.68
CA THR M 98 -39.94 -11.23 -73.13
C THR M 98 -39.09 -10.09 -73.68
N PHE M 99 -38.54 -10.30 -74.87
CA PHE M 99 -37.56 -9.40 -75.47
C PHE M 99 -38.12 -8.72 -76.71
N GLY M 100 -37.50 -7.60 -77.07
CA GLY M 100 -37.94 -6.79 -78.19
C GLY M 100 -37.44 -7.30 -79.53
N GLN M 101 -37.68 -6.50 -80.56
CA GLN M 101 -37.39 -6.90 -81.93
C GLN M 101 -35.99 -6.46 -82.36
N GLY M 102 -35.73 -5.15 -82.35
CA GLY M 102 -34.46 -4.63 -82.81
C GLY M 102 -34.61 -3.40 -83.68
N THR M 103 -33.68 -2.44 -83.54
CA THR M 103 -33.72 -1.19 -84.30
C THR M 103 -32.41 -1.03 -85.05
N LYS M 104 -32.51 -0.72 -86.35
CA LYS M 104 -31.34 -0.51 -87.19
C LYS M 104 -31.31 0.94 -87.67
N VAL M 105 -30.12 1.54 -87.62
CA VAL M 105 -29.88 2.86 -88.18
C VAL M 105 -28.58 2.82 -88.98
N GLU M 106 -28.50 3.64 -90.02
CA GLU M 106 -27.35 3.65 -90.91
C GLU M 106 -27.28 5.02 -91.59
N ILE M 107 -26.46 5.09 -92.65
CA ILE M 107 -26.22 6.33 -93.38
C ILE M 107 -26.50 6.06 -94.86
N ARG M 108 -27.08 7.05 -95.55
CA ARG M 108 -27.19 7.01 -97.01
C ARG M 108 -25.93 6.48 -97.69
N MET N 2 11.31 -4.23 -64.20
CA MET N 2 10.33 -3.79 -65.19
C MET N 2 10.98 -2.91 -66.25
N GLN N 3 12.02 -2.18 -65.85
CA GLN N 3 12.72 -1.26 -66.72
C GLN N 3 14.17 -1.70 -66.88
N LEU N 4 14.64 -1.73 -68.12
CA LEU N 4 16.04 -2.05 -68.43
C LEU N 4 16.52 -1.04 -69.47
N VAL N 5 17.42 -0.15 -69.06
CA VAL N 5 17.84 0.99 -69.86
C VAL N 5 19.32 0.86 -70.18
N GLN N 6 19.66 1.14 -71.44
CA GLN N 6 20.99 1.07 -72.01
C GLN N 6 21.50 2.46 -72.34
N SER N 7 22.66 2.50 -73.01
CA SER N 7 23.19 3.73 -73.58
C SER N 7 22.54 3.98 -74.94
N GLY N 8 23.00 5.01 -75.65
CA GLY N 8 22.44 5.37 -76.93
C GLY N 8 23.36 5.02 -78.09
N PRO N 9 23.03 5.52 -79.28
CA PRO N 9 23.89 5.25 -80.45
C PRO N 9 25.23 5.94 -80.30
N GLU N 10 26.27 5.29 -80.81
CA GLU N 10 27.64 5.75 -80.65
C GLU N 10 28.40 5.60 -81.95
N VAL N 11 29.35 6.50 -82.16
CA VAL N 11 30.33 6.42 -83.24
C VAL N 11 31.71 6.59 -82.62
N LYS N 12 32.53 5.54 -82.67
CA LYS N 12 33.85 5.56 -82.07
C LYS N 12 34.85 4.91 -83.02
N LYS N 13 36.12 5.27 -82.85
CA LYS N 13 37.15 4.79 -83.74
C LYS N 13 37.35 3.29 -83.52
N PRO N 14 37.64 2.52 -84.59
CA PRO N 14 37.67 1.06 -84.45
C PRO N 14 38.81 0.54 -83.61
N GLY N 15 38.63 0.49 -82.28
CA GLY N 15 39.62 -0.10 -81.42
C GLY N 15 40.03 0.68 -80.18
N THR N 16 39.18 1.61 -79.71
CA THR N 16 39.47 2.30 -78.46
C THR N 16 38.83 1.60 -77.27
N SER N 17 37.49 1.57 -77.23
CA SER N 17 36.75 0.97 -76.11
C SER N 17 35.25 1.02 -76.40
N VAL N 18 34.46 0.48 -75.48
CA VAL N 18 33.00 0.60 -75.55
C VAL N 18 32.44 0.50 -74.13
N LYS N 19 31.54 1.43 -73.79
CA LYS N 19 30.87 1.46 -72.50
C LYS N 19 29.40 1.16 -72.73
N VAL N 20 29.00 -0.09 -72.50
CA VAL N 20 27.61 -0.51 -72.63
C VAL N 20 27.05 -0.73 -71.24
N SER N 21 25.85 -0.17 -71.00
CA SER N 21 25.23 -0.15 -69.70
C SER N 21 23.92 -0.94 -69.74
N CYS N 22 23.59 -1.57 -68.61
CA CYS N 22 22.32 -2.26 -68.45
C CYS N 22 21.85 -1.94 -67.03
N LYS N 23 20.92 -0.99 -66.91
CA LYS N 23 20.36 -0.65 -65.60
C LYS N 23 18.95 -1.23 -65.50
N ALA N 24 18.73 -2.02 -64.46
CA ALA N 24 17.50 -2.80 -64.31
C ALA N 24 16.80 -2.41 -63.01
N SER N 25 15.48 -2.28 -63.08
CA SER N 25 14.66 -1.96 -61.93
C SER N 25 13.38 -2.80 -61.98
N GLY N 26 12.53 -2.60 -60.97
CA GLY N 26 11.30 -3.36 -60.87
C GLY N 26 11.42 -4.72 -60.22
N PHE N 27 12.62 -5.11 -59.81
CA PHE N 27 12.81 -6.38 -59.12
C PHE N 27 14.06 -6.28 -58.25
N THR N 28 14.18 -7.21 -57.31
CA THR N 28 15.28 -7.19 -56.36
C THR N 28 16.59 -7.47 -57.07
N PHE N 29 17.56 -6.58 -56.89
CA PHE N 29 18.87 -6.70 -57.51
C PHE N 29 19.94 -7.16 -56.53
N THR N 30 19.53 -7.67 -55.36
CA THR N 30 20.51 -8.21 -54.43
C THR N 30 21.05 -9.56 -54.89
N SER N 31 20.17 -10.39 -55.46
CA SER N 31 20.57 -11.67 -56.06
C SER N 31 19.79 -11.80 -57.37
N SER N 32 20.41 -11.41 -58.47
CA SER N 32 19.77 -11.40 -59.77
C SER N 32 20.79 -11.80 -60.81
N ALA N 33 20.43 -11.67 -62.08
CA ALA N 33 21.29 -12.08 -63.19
C ALA N 33 21.17 -11.08 -64.32
N VAL N 34 22.20 -11.07 -65.17
CA VAL N 34 22.22 -10.26 -66.38
C VAL N 34 22.68 -11.15 -67.53
N GLN N 35 22.33 -10.74 -68.75
CA GLN N 35 22.64 -11.52 -69.94
C GLN N 35 23.32 -10.61 -70.96
N TRP N 36 24.40 -11.11 -71.56
CA TRP N 36 25.14 -10.38 -72.59
C TRP N 36 25.12 -11.21 -73.87
N VAL N 37 24.56 -10.64 -74.93
CA VAL N 37 24.41 -11.34 -76.19
C VAL N 37 24.91 -10.45 -77.32
N ARG N 38 25.01 -11.04 -78.50
CA ARG N 38 25.35 -10.30 -79.72
C ARG N 38 24.35 -10.69 -80.80
N GLN N 39 23.81 -9.68 -81.48
CA GLN N 39 22.73 -9.87 -82.45
C GLN N 39 22.85 -8.78 -83.51
N ALA N 40 23.32 -9.16 -84.70
CA ALA N 40 23.45 -8.24 -85.82
C ALA N 40 22.27 -8.41 -86.76
N ARG N 41 21.82 -7.30 -87.35
CA ARG N 41 20.77 -7.33 -88.36
C ARG N 41 21.28 -8.11 -89.57
N GLY N 42 20.81 -9.34 -89.72
CA GLY N 42 21.32 -10.26 -90.71
C GLY N 42 22.07 -11.45 -90.14
N GLN N 43 22.27 -11.48 -88.82
CA GLN N 43 22.92 -12.59 -88.13
C GLN N 43 21.94 -13.20 -87.13
N ARG N 44 22.36 -14.30 -86.52
CA ARG N 44 21.54 -14.98 -85.53
C ARG N 44 21.89 -14.45 -84.14
N LEU N 45 21.28 -15.03 -83.11
CA LEU N 45 21.57 -14.67 -81.73
C LEU N 45 22.76 -15.49 -81.23
N GLU N 46 23.77 -14.80 -80.70
CA GLU N 46 24.92 -15.47 -80.12
C GLU N 46 25.17 -14.91 -78.72
N TRP N 47 26.04 -15.59 -77.98
CA TRP N 47 26.26 -15.34 -76.56
C TRP N 47 27.59 -14.65 -76.35
N ILE N 48 27.69 -13.86 -75.28
CA ILE N 48 28.92 -13.16 -74.92
C ILE N 48 29.36 -13.49 -73.49
N GLY N 49 28.47 -13.29 -72.53
CA GLY N 49 28.83 -13.55 -71.14
C GLY N 49 27.60 -13.52 -70.25
N TRP N 50 27.80 -13.98 -69.02
CA TRP N 50 26.73 -14.06 -68.04
C TRP N 50 27.28 -13.61 -66.69
N ILE N 51 26.48 -12.83 -65.96
CA ILE N 51 26.83 -12.37 -64.62
C ILE N 51 25.59 -12.50 -63.73
N VAL N 52 25.75 -13.17 -62.59
CA VAL N 52 24.70 -13.27 -61.58
C VAL N 52 25.09 -12.39 -60.41
N VAL N 53 24.15 -11.55 -59.97
CA VAL N 53 24.45 -10.57 -58.93
C VAL N 53 24.58 -11.26 -57.58
N GLY N 54 25.63 -10.91 -56.85
CA GLY N 54 25.89 -11.50 -55.56
C GLY N 54 27.30 -12.03 -55.48
N SER N 55 27.83 -12.48 -56.62
CA SER N 55 29.18 -13.01 -56.67
C SER N 55 29.75 -12.77 -58.06
N GLY N 56 31.04 -12.46 -58.11
CA GLY N 56 31.71 -12.23 -59.38
C GLY N 56 32.23 -13.50 -59.99
N ASN N 57 31.45 -14.05 -60.93
CA ASN N 57 31.80 -15.31 -61.58
C ASN N 57 31.40 -15.20 -63.04
N THR N 58 32.37 -14.94 -63.91
CA THR N 58 32.09 -14.64 -65.30
C THR N 58 32.67 -15.70 -66.22
N ASN N 59 31.88 -16.08 -67.23
CA ASN N 59 32.33 -16.94 -68.31
C ASN N 59 31.93 -16.32 -69.63
N TYR N 60 32.69 -16.63 -70.67
CA TYR N 60 32.49 -16.03 -71.99
C TYR N 60 32.43 -17.12 -73.06
N ALA N 61 31.95 -16.73 -74.24
CA ALA N 61 31.95 -17.63 -75.38
C ALA N 61 33.38 -17.94 -75.81
N GLN N 62 33.50 -18.83 -76.81
CA GLN N 62 34.80 -19.31 -77.23
C GLN N 62 35.70 -18.19 -77.76
N LYS N 63 35.12 -17.06 -78.16
CA LYS N 63 35.89 -15.96 -78.73
C LYS N 63 36.11 -14.80 -77.77
N PHE N 64 35.45 -14.79 -76.62
CA PHE N 64 35.41 -13.60 -75.76
C PHE N 64 35.97 -13.82 -74.36
N GLN N 65 36.75 -14.88 -74.11
CA GLN N 65 37.35 -15.05 -72.79
C GLN N 65 38.25 -13.87 -72.44
N GLU N 66 39.02 -13.39 -73.42
CA GLU N 66 39.85 -12.21 -73.21
C GLU N 66 39.10 -10.99 -73.71
N ARG N 67 39.69 -9.81 -73.46
CA ARG N 67 39.26 -8.52 -74.00
C ARG N 67 37.80 -8.19 -73.72
N VAL N 68 37.15 -8.95 -72.83
CA VAL N 68 35.76 -8.71 -72.46
C VAL N 68 35.67 -8.76 -70.95
N THR N 69 35.15 -7.69 -70.35
CA THR N 69 34.94 -7.63 -68.90
C THR N 69 33.54 -7.09 -68.62
N ILE N 70 32.96 -7.55 -67.52
CA ILE N 70 31.68 -7.04 -67.04
C ILE N 70 31.86 -6.60 -65.60
N THR N 71 31.59 -5.32 -65.34
CA THR N 71 31.57 -4.79 -63.99
C THR N 71 30.16 -4.90 -63.44
N ARG N 72 30.02 -5.65 -62.34
CA ARG N 72 28.70 -5.90 -61.77
C ARG N 72 28.03 -4.61 -61.32
N ASP N 73 28.82 -3.65 -60.84
CA ASP N 73 28.37 -2.28 -60.54
C ASP N 73 27.19 -2.31 -59.56
N MET N 74 27.51 -2.74 -58.34
CA MET N 74 26.49 -2.88 -57.30
C MET N 74 25.70 -1.60 -57.07
N SER N 75 26.34 -0.45 -57.30
CA SER N 75 25.64 0.83 -57.17
C SER N 75 24.63 1.00 -58.30
N THR N 76 23.51 1.64 -57.97
CA THR N 76 22.44 2.03 -58.90
C THR N 76 21.82 0.84 -59.63
N SER N 77 22.13 -0.39 -59.22
CA SER N 77 21.53 -1.61 -59.78
C SER N 77 21.72 -1.67 -61.30
N THR N 78 22.91 -1.31 -61.76
CA THR N 78 23.25 -1.38 -63.17
C THR N 78 24.48 -2.25 -63.34
N ALA N 79 24.82 -2.54 -64.60
CA ALA N 79 26.01 -3.31 -64.93
C ALA N 79 26.65 -2.72 -66.17
N TYR N 80 27.99 -2.74 -66.21
CA TYR N 80 28.74 -2.23 -67.34
C TYR N 80 29.48 -3.38 -68.03
N MET N 81 29.74 -3.23 -69.32
CA MET N 81 30.59 -4.19 -70.02
C MET N 81 31.57 -3.45 -70.92
N GLU N 82 32.84 -3.81 -70.81
CA GLU N 82 33.93 -3.24 -71.59
C GLU N 82 34.50 -4.28 -72.55
N LEU N 83 34.69 -3.87 -73.80
CA LEU N 83 35.30 -4.72 -74.82
C LEU N 83 36.46 -3.98 -75.47
N SER N 84 37.59 -4.66 -75.57
CA SER N 84 38.75 -4.14 -76.27
C SER N 84 39.00 -4.98 -77.52
N SER N 85 39.79 -4.41 -78.44
CA SER N 85 40.05 -5.03 -79.74
C SER N 85 38.75 -5.29 -80.49
N LEU N 86 37.83 -4.33 -80.43
CA LEU N 86 36.56 -4.42 -81.15
C LEU N 86 36.79 -3.99 -82.59
N ARG N 87 36.87 -4.96 -83.50
CA ARG N 87 37.18 -4.65 -84.89
C ARG N 87 35.97 -4.01 -85.57
N SER N 88 36.14 -3.70 -86.86
CA SER N 88 35.06 -3.06 -87.61
C SER N 88 33.87 -3.99 -87.79
N GLU N 89 34.12 -5.28 -87.92
CA GLU N 89 33.05 -6.24 -88.19
C GLU N 89 32.36 -6.62 -86.88
N ASP N 90 31.88 -5.62 -86.13
CA ASP N 90 31.06 -5.86 -84.95
C ASP N 90 29.90 -4.88 -84.86
N THR N 91 29.32 -4.50 -86.00
CA THR N 91 28.16 -3.62 -85.98
C THR N 91 26.95 -4.45 -85.58
N ALA N 92 26.91 -4.85 -84.31
CA ALA N 92 25.85 -5.69 -83.76
C ALA N 92 25.44 -5.13 -82.41
N VAL N 93 24.14 -5.17 -82.12
CA VAL N 93 23.63 -4.57 -80.89
C VAL N 93 24.01 -5.44 -79.71
N TYR N 94 24.41 -4.78 -78.62
CA TYR N 94 24.93 -5.49 -77.45
C TYR N 94 23.80 -6.12 -76.63
N TYR N 95 22.65 -5.45 -76.55
CA TYR N 95 21.49 -5.93 -75.79
C TYR N 95 21.76 -6.10 -74.29
N CYS N 96 20.68 -6.28 -73.54
CA CYS N 96 20.73 -6.55 -72.11
C CYS N 96 19.53 -7.43 -71.75
N ALA N 97 19.65 -8.14 -70.64
CA ALA N 97 18.54 -8.94 -70.14
C ALA N 97 18.72 -9.18 -68.65
N ALA N 98 17.61 -9.47 -67.98
CA ALA N 98 17.61 -9.72 -66.55
C ALA N 98 16.33 -10.42 -66.11
N PRO N 99 16.43 -11.51 -65.35
CA PRO N 99 15.23 -12.19 -64.88
C PRO N 99 14.57 -11.46 -63.74
N TYR N 100 13.24 -11.57 -63.70
CA TYR N 100 12.48 -11.03 -62.58
C TYR N 100 12.83 -11.82 -61.32
N CYS N 101 13.23 -11.11 -60.26
CA CYS N 101 13.61 -11.78 -59.03
C CYS N 101 13.08 -11.02 -57.82
N SER N 102 12.70 -11.77 -56.79
CA SER N 102 12.16 -11.20 -55.56
C SER N 102 12.45 -12.16 -54.42
N GLY N 103 13.41 -11.78 -53.57
CA GLY N 103 13.76 -12.57 -52.40
C GLY N 103 14.87 -13.57 -52.61
N GLY N 104 15.23 -13.89 -53.85
CA GLY N 104 16.28 -14.84 -54.12
C GLY N 104 15.81 -16.02 -54.93
N SER N 105 14.62 -16.51 -54.64
CA SER N 105 13.98 -17.57 -55.44
C SER N 105 13.12 -16.91 -56.50
N CYS N 106 13.40 -17.19 -57.76
CA CYS N 106 12.77 -16.45 -58.84
C CYS N 106 12.90 -17.24 -60.15
N PHE N 107 12.52 -16.59 -61.24
CA PHE N 107 12.47 -17.22 -62.56
C PHE N 107 13.87 -17.52 -63.07
N ASP N 108 13.93 -18.34 -64.11
CA ASP N 108 15.18 -18.75 -64.72
C ASP N 108 15.50 -17.98 -66.02
N GLY N 109 14.50 -17.77 -66.88
CA GLY N 109 14.74 -17.10 -68.13
C GLY N 109 14.81 -15.59 -67.99
N PHE N 110 15.24 -14.95 -69.08
CA PHE N 110 15.39 -13.51 -69.13
C PHE N 110 14.12 -12.91 -69.74
N ASP N 111 13.22 -12.44 -68.89
CA ASP N 111 12.00 -11.80 -69.35
C ASP N 111 12.17 -10.30 -69.58
N ILE N 112 12.84 -9.61 -68.67
CA ILE N 112 13.11 -8.18 -68.84
C ILE N 112 14.31 -8.01 -69.75
N TRP N 113 14.15 -7.24 -70.82
CA TRP N 113 15.19 -7.08 -71.82
C TRP N 113 15.41 -5.60 -72.12
N GLY N 114 16.56 -5.31 -72.71
CA GLY N 114 16.93 -3.95 -73.04
C GLY N 114 16.28 -3.46 -74.32
N GLN N 115 16.69 -2.27 -74.75
CA GLN N 115 16.12 -1.63 -75.92
C GLN N 115 17.06 -1.61 -77.12
N GLY N 116 18.36 -1.62 -76.91
CA GLY N 116 19.31 -1.64 -78.01
C GLY N 116 20.11 -0.36 -78.12
N THR N 117 21.30 -0.49 -78.68
CA THR N 117 22.19 0.63 -78.94
C THR N 117 22.92 0.39 -80.26
N MET N 118 23.37 1.49 -80.87
CA MET N 118 24.04 1.45 -82.16
C MET N 118 25.53 1.67 -81.96
N VAL N 119 26.33 0.62 -82.20
CA VAL N 119 27.78 0.73 -82.26
C VAL N 119 28.18 0.80 -83.73
N THR N 120 28.86 1.88 -84.11
CA THR N 120 29.17 2.14 -85.51
C THR N 120 30.60 2.64 -85.62
N VAL N 121 31.35 2.05 -86.56
CA VAL N 121 32.73 2.41 -86.82
C VAL N 121 32.88 2.68 -88.31
N SER N 122 33.59 3.75 -88.64
CA SER N 122 33.80 4.15 -90.03
C SER N 122 35.07 4.98 -90.11
N SER N 123 35.28 5.62 -91.26
CA SER N 123 36.46 6.44 -91.47
C SER N 123 36.40 7.74 -90.67
N GLU O 1 26.78 -28.97 -78.41
CA GLU O 1 25.91 -28.02 -77.71
C GLU O 1 25.05 -27.26 -78.71
N ILE O 2 25.55 -27.14 -79.95
CA ILE O 2 24.90 -26.35 -81.00
C ILE O 2 24.74 -27.25 -82.22
N VAL O 3 23.61 -27.96 -82.30
CA VAL O 3 23.25 -28.68 -83.52
C VAL O 3 21.78 -28.37 -83.81
N LEU O 4 21.29 -27.24 -83.29
CA LEU O 4 19.85 -26.98 -83.26
C LEU O 4 19.24 -27.08 -84.67
N THR O 5 19.69 -26.21 -85.57
CA THR O 5 19.45 -26.34 -87.01
C THR O 5 18.03 -26.79 -87.31
N GLN O 6 17.06 -25.94 -86.95
CA GLN O 6 15.65 -26.28 -87.11
C GLN O 6 15.35 -26.72 -88.53
N SER O 7 14.68 -27.87 -88.65
CA SER O 7 14.36 -28.39 -89.98
C SER O 7 13.39 -27.50 -90.74
N PRO O 8 12.28 -27.02 -90.15
CA PRO O 8 11.48 -25.99 -90.83
C PRO O 8 12.33 -24.80 -91.28
N GLY O 9 12.30 -24.49 -92.56
CA GLY O 9 13.06 -23.38 -93.08
C GLY O 9 12.19 -22.21 -93.49
N THR O 10 12.07 -22.00 -94.81
CA THR O 10 11.24 -20.94 -95.36
C THR O 10 9.98 -21.55 -95.95
N LEU O 11 8.82 -21.09 -95.49
CA LEU O 11 7.55 -21.62 -95.95
C LEU O 11 6.47 -20.55 -95.77
N SER O 12 5.48 -20.60 -96.66
CA SER O 12 4.34 -19.70 -96.61
C SER O 12 3.12 -20.49 -96.13
N LEU O 13 2.47 -20.00 -95.08
CA LEU O 13 1.36 -20.70 -94.47
C LEU O 13 0.15 -19.77 -94.35
N SER O 14 -1.03 -20.38 -94.38
CA SER O 14 -2.32 -19.75 -94.21
C SER O 14 -2.82 -19.93 -92.78
N PRO O 15 -3.76 -19.11 -92.32
CA PRO O 15 -4.32 -19.33 -90.98
C PRO O 15 -5.00 -20.68 -90.90
N GLY O 16 -4.88 -21.31 -89.72
CA GLY O 16 -5.24 -22.71 -89.58
C GLY O 16 -4.16 -23.58 -90.17
N GLU O 17 -2.93 -23.39 -89.69
CA GLU O 17 -1.74 -24.00 -90.27
C GLU O 17 -1.33 -25.24 -89.47
N ARG O 18 -0.42 -26.01 -90.05
CA ARG O 18 0.09 -27.24 -89.46
C ARG O 18 1.61 -27.21 -89.41
N ALA O 19 2.17 -26.09 -88.96
CA ALA O 19 3.61 -25.93 -88.84
C ALA O 19 4.00 -25.84 -87.37
N THR O 20 5.11 -26.48 -87.02
CA THR O 20 5.60 -26.53 -85.65
C THR O 20 6.98 -25.91 -85.56
N LEU O 21 7.41 -25.65 -84.33
CA LEU O 21 8.74 -25.12 -84.04
C LEU O 21 9.55 -26.20 -83.34
N SER O 22 10.74 -26.50 -83.88
CA SER O 22 11.52 -27.65 -83.45
C SER O 22 12.98 -27.24 -83.27
N CYS O 23 13.57 -27.67 -82.16
CA CYS O 23 14.97 -27.43 -81.85
C CYS O 23 15.66 -28.77 -81.64
N ARG O 24 16.84 -28.95 -82.26
CA ARG O 24 17.66 -30.11 -82.00
C ARG O 24 18.53 -29.87 -80.75
N ALA O 25 19.29 -30.89 -80.36
CA ALA O 25 20.17 -30.79 -79.20
C ALA O 25 21.29 -31.81 -79.33
N SER O 26 22.53 -31.36 -79.12
CA SER O 26 23.66 -32.28 -79.12
C SER O 26 23.64 -33.14 -77.86
N GLN O 27 23.20 -32.58 -76.74
CA GLN O 27 23.14 -33.28 -75.47
C GLN O 27 21.77 -33.05 -74.85
N SER O 28 21.36 -34.00 -74.01
CA SER O 28 20.05 -33.94 -73.37
C SER O 28 20.04 -32.85 -72.31
N VAL O 29 19.88 -31.60 -72.73
CA VAL O 29 19.77 -30.49 -71.79
C VAL O 29 18.53 -30.66 -70.94
N SER O 30 18.65 -30.40 -69.64
CA SER O 30 17.54 -30.62 -68.72
C SER O 30 16.36 -29.72 -69.07
N SER O 31 15.17 -30.19 -68.73
CA SER O 31 13.96 -29.40 -68.96
C SER O 31 14.04 -28.10 -68.17
N SER O 32 13.38 -27.08 -68.71
CA SER O 32 13.38 -25.69 -68.22
C SER O 32 14.74 -25.02 -68.40
N TYR O 33 15.73 -25.73 -68.95
CA TYR O 33 17.00 -25.11 -69.35
C TYR O 33 17.05 -24.87 -70.85
N LEU O 34 15.89 -24.85 -71.50
CA LEU O 34 15.74 -24.47 -72.90
C LEU O 34 14.74 -23.32 -72.95
N ALA O 35 14.62 -22.70 -74.12
CA ALA O 35 13.62 -21.65 -74.33
C ALA O 35 13.50 -21.36 -75.82
N TRP O 36 12.45 -20.63 -76.16
CA TRP O 36 12.19 -20.21 -77.54
C TRP O 36 11.96 -18.71 -77.54
N TYR O 37 12.68 -18.01 -78.42
CA TYR O 37 12.67 -16.56 -78.46
C TYR O 37 11.99 -16.09 -79.74
N GLN O 38 10.98 -15.24 -79.60
CA GLN O 38 10.29 -14.62 -80.73
C GLN O 38 10.80 -13.19 -80.85
N GLN O 39 11.87 -13.01 -81.62
CA GLN O 39 12.42 -11.67 -81.84
C GLN O 39 11.58 -10.95 -82.88
N LYS O 40 11.12 -9.75 -82.54
CA LYS O 40 10.44 -8.89 -83.48
C LYS O 40 11.43 -7.87 -84.00
N PRO O 41 11.72 -7.82 -85.30
CA PRO O 41 12.76 -6.92 -85.81
C PRO O 41 12.48 -5.47 -85.43
N GLY O 42 13.55 -4.77 -85.04
CA GLY O 42 13.45 -3.42 -84.55
C GLY O 42 13.42 -3.30 -83.04
N GLN O 43 13.37 -4.41 -82.31
CA GLN O 43 13.37 -4.38 -80.86
C GLN O 43 13.98 -5.68 -80.34
N ALA O 44 14.20 -5.71 -79.03
CA ALA O 44 14.84 -6.86 -78.41
C ALA O 44 13.89 -8.07 -78.41
N PRO O 45 14.45 -9.29 -78.42
CA PRO O 45 13.60 -10.48 -78.36
C PRO O 45 12.92 -10.64 -77.01
N ARG O 46 11.95 -11.55 -76.98
CA ARG O 46 11.18 -11.86 -75.79
C ARG O 46 11.30 -13.33 -75.45
N LEU O 47 10.98 -13.67 -74.20
CA LEU O 47 10.94 -15.05 -73.72
C LEU O 47 9.48 -15.43 -73.48
N LEU O 48 9.03 -16.49 -74.14
CA LEU O 48 7.63 -16.91 -74.06
C LEU O 48 7.46 -18.25 -73.35
N ILE O 49 8.13 -19.30 -73.83
CA ILE O 49 8.05 -20.62 -73.23
C ILE O 49 9.48 -21.15 -73.07
N TYR O 50 9.78 -21.68 -71.89
CA TYR O 50 11.13 -22.09 -71.55
C TYR O 50 11.17 -23.60 -71.27
N GLY O 51 12.10 -24.28 -71.93
CA GLY O 51 12.38 -25.68 -71.63
C GLY O 51 11.22 -26.63 -71.82
N ALA O 52 10.24 -26.27 -72.65
CA ALA O 52 9.05 -27.08 -72.87
C ALA O 52 8.35 -27.39 -71.54
N SER O 53 8.33 -26.40 -70.65
CA SER O 53 7.78 -26.57 -69.31
C SER O 53 6.51 -25.74 -69.09
N SER O 54 6.59 -24.42 -69.28
CA SER O 54 5.43 -23.57 -69.05
C SER O 54 5.63 -22.24 -69.77
N ARG O 55 4.53 -21.50 -69.90
CA ARG O 55 4.53 -20.18 -70.48
C ARG O 55 5.21 -19.17 -69.55
N ALA O 56 5.60 -18.03 -70.10
CA ALA O 56 6.14 -16.93 -69.31
C ALA O 56 4.98 -16.21 -68.61
N THR O 57 5.26 -15.05 -68.02
CA THR O 57 4.27 -14.33 -67.23
C THR O 57 3.06 -13.94 -68.06
N GLY O 58 3.25 -13.09 -69.07
CA GLY O 58 2.15 -12.71 -69.94
C GLY O 58 2.47 -12.87 -71.41
N PHE O 59 1.81 -13.80 -72.08
CA PHE O 59 2.02 -14.05 -73.50
C PHE O 59 0.87 -14.88 -74.02
N PRO O 60 0.63 -14.88 -75.33
CA PRO O 60 -0.53 -15.60 -75.88
C PRO O 60 -0.50 -17.08 -75.54
N ASP O 61 -1.68 -17.62 -75.25
CA ASP O 61 -1.85 -19.01 -74.86
C ASP O 61 -2.06 -19.91 -76.08
N ARG O 62 -2.54 -21.14 -75.82
CA ARG O 62 -2.95 -22.14 -76.83
C ARG O 62 -1.89 -22.39 -77.90
N PHE O 63 -0.61 -22.17 -77.59
CA PHE O 63 0.46 -22.76 -78.37
C PHE O 63 1.62 -23.08 -77.44
N SER O 64 2.05 -24.33 -77.44
CA SER O 64 3.12 -24.82 -76.58
C SER O 64 3.42 -26.25 -76.99
N GLY O 65 4.42 -26.85 -76.34
CA GLY O 65 4.77 -28.22 -76.61
C GLY O 65 5.78 -28.79 -75.64
N SER O 66 5.82 -30.12 -75.53
CA SER O 66 6.79 -30.82 -74.70
C SER O 66 7.77 -31.54 -75.61
N GLY O 67 9.07 -31.29 -75.42
CA GLY O 67 10.09 -31.82 -76.29
C GLY O 67 10.67 -33.15 -75.79
N SER O 68 11.37 -33.82 -76.70
CA SER O 68 12.03 -35.08 -76.42
C SER O 68 13.44 -34.81 -75.92
N GLY O 69 14.28 -35.85 -75.87
CA GLY O 69 15.64 -35.69 -75.38
C GLY O 69 16.46 -34.72 -76.23
N THR O 70 16.34 -34.84 -77.55
CA THR O 70 17.03 -33.93 -78.46
C THR O 70 16.09 -33.17 -79.39
N ASP O 71 14.90 -33.70 -79.68
CA ASP O 71 13.92 -33.04 -80.54
C ASP O 71 12.91 -32.35 -79.64
N PHE O 72 13.09 -31.05 -79.42
CA PHE O 72 12.16 -30.25 -78.63
C PHE O 72 11.19 -29.56 -79.57
N THR O 73 9.92 -29.94 -79.51
CA THR O 73 8.94 -29.46 -80.47
C THR O 73 7.76 -28.82 -79.75
N LEU O 74 7.22 -27.79 -80.37
CA LEU O 74 6.00 -27.14 -79.91
C LEU O 74 5.13 -26.82 -81.12
N THR O 75 3.82 -26.76 -80.89
CA THR O 75 2.86 -26.63 -81.97
C THR O 75 2.19 -25.27 -81.95
N ILE O 76 1.95 -24.72 -83.14
CA ILE O 76 1.19 -23.49 -83.33
C ILE O 76 -0.07 -23.85 -84.12
N SER O 77 -1.23 -23.47 -83.59
CA SER O 77 -2.51 -23.77 -84.22
C SER O 77 -3.35 -22.50 -84.30
N ARG O 78 -3.87 -22.22 -85.49
CA ARG O 78 -4.80 -21.11 -85.72
C ARG O 78 -4.20 -19.78 -85.25
N LEU O 79 -3.11 -19.39 -85.90
CA LEU O 79 -2.41 -18.17 -85.49
C LEU O 79 -3.14 -16.94 -86.00
N GLU O 80 -3.15 -15.90 -85.20
CA GLU O 80 -3.66 -14.62 -85.67
C GLU O 80 -2.58 -13.91 -86.48
N PRO O 81 -2.97 -12.99 -87.38
CA PRO O 81 -2.06 -12.58 -88.47
C PRO O 81 -0.75 -11.93 -88.04
N GLU O 82 -0.63 -11.39 -86.82
CA GLU O 82 0.61 -10.70 -86.48
C GLU O 82 1.65 -11.62 -85.86
N ASP O 83 1.35 -12.91 -85.67
CA ASP O 83 2.33 -13.88 -85.19
C ASP O 83 3.17 -14.43 -86.35
N PHE O 84 3.82 -13.51 -87.06
CA PHE O 84 4.65 -13.83 -88.21
C PHE O 84 5.99 -13.11 -88.03
N ALA O 85 7.00 -13.82 -87.54
CA ALA O 85 8.30 -13.21 -87.25
C ALA O 85 9.35 -14.30 -87.22
N VAL O 86 10.56 -13.94 -86.81
CA VAL O 86 11.68 -14.88 -86.73
C VAL O 86 11.67 -15.58 -85.38
N TYR O 87 12.10 -16.84 -85.36
CA TYR O 87 12.12 -17.66 -84.16
C TYR O 87 13.55 -18.10 -83.87
N TYR O 88 13.86 -18.30 -82.59
CA TYR O 88 15.18 -18.74 -82.19
C TYR O 88 15.09 -19.73 -81.04
N CYS O 89 16.11 -20.58 -80.93
CA CYS O 89 16.26 -21.50 -79.81
C CYS O 89 17.23 -20.88 -78.81
N GLN O 90 17.05 -21.20 -77.53
CA GLN O 90 17.98 -20.78 -76.49
C GLN O 90 18.25 -21.94 -75.56
N GLN O 91 19.52 -22.13 -75.19
CA GLN O 91 19.97 -23.28 -74.42
C GLN O 91 20.65 -22.83 -73.15
N TYR O 92 20.23 -23.38 -72.02
CA TYR O 92 20.94 -23.26 -70.76
C TYR O 92 21.71 -24.55 -70.48
N GLY O 93 22.44 -24.56 -69.38
CA GLY O 93 23.17 -25.76 -68.98
C GLY O 93 24.47 -25.95 -69.75
N ASN O 94 24.43 -25.72 -71.06
CA ASN O 94 25.56 -25.94 -71.94
C ASN O 94 26.39 -24.67 -72.03
N SER O 95 27.67 -24.76 -71.66
CA SER O 95 28.56 -23.60 -71.70
C SER O 95 29.40 -23.64 -72.97
N PRO O 96 29.38 -22.58 -73.80
CA PRO O 96 28.64 -21.33 -73.62
C PRO O 96 27.16 -21.47 -73.94
N TRP O 97 26.32 -20.62 -73.33
CA TRP O 97 24.87 -20.72 -73.49
C TRP O 97 24.51 -20.20 -74.89
N THR O 98 24.73 -21.05 -75.88
CA THR O 98 24.48 -20.69 -77.27
C THR O 98 22.98 -20.65 -77.55
N PHE O 99 22.63 -20.02 -78.67
CA PHE O 99 21.24 -19.75 -79.04
C PHE O 99 20.92 -20.38 -80.39
N GLY O 100 19.71 -20.09 -80.88
CA GLY O 100 19.22 -20.67 -82.11
C GLY O 100 19.74 -19.99 -83.35
N GLN O 101 19.34 -20.55 -84.49
CA GLN O 101 19.79 -20.07 -85.80
C GLN O 101 18.82 -19.08 -86.42
N GLY O 102 17.54 -19.44 -86.47
CA GLY O 102 16.53 -18.56 -87.04
C GLY O 102 15.51 -19.28 -87.89
N THR O 103 14.23 -19.05 -87.62
CA THR O 103 13.14 -19.66 -88.36
C THR O 103 12.26 -18.54 -88.93
N LYS O 104 12.12 -18.51 -90.25
CA LYS O 104 11.34 -17.49 -90.93
C LYS O 104 10.07 -18.07 -91.50
N VAL O 105 8.98 -17.31 -91.41
CA VAL O 105 7.69 -17.69 -91.96
C VAL O 105 7.11 -16.50 -92.71
N GLU O 106 6.19 -16.79 -93.63
CA GLU O 106 5.56 -15.76 -94.44
C GLU O 106 4.18 -16.26 -94.86
N ILE O 107 3.54 -15.51 -95.77
CA ILE O 107 2.20 -15.82 -96.26
C ILE O 107 2.23 -15.80 -97.78
N ARG O 108 1.62 -16.80 -98.40
CA ARG O 108 1.53 -16.87 -99.84
C ARG O 108 0.36 -16.01 -100.35
C1 NAG P . -24.30 -7.21 85.20
C2 NAG P . -25.20 -7.30 86.42
C3 NAG P . -25.88 -8.65 86.47
C4 NAG P . -26.63 -8.92 85.16
C5 NAG P . -25.67 -8.75 83.98
C6 NAG P . -26.37 -8.87 82.64
C7 NAG P . -24.76 -6.14 88.54
C8 NAG P . -23.86 -6.05 89.73
N2 NAG P . -24.44 -7.07 87.64
O3 NAG P . -26.80 -8.69 87.56
O4 NAG P . -27.16 -10.24 85.15
O5 NAG P . -25.07 -7.45 84.01
O6 NAG P . -27.63 -8.22 82.65
O7 NAG P . -25.73 -5.41 88.39
C1 NAG P . -28.58 -10.13 85.24
C2 NAG P . -29.20 -11.26 84.42
C3 NAG P . -30.72 -11.23 84.52
C4 NAG P . -31.15 -11.25 85.99
C5 NAG P . -30.46 -10.11 86.74
C6 NAG P . -30.75 -10.13 88.23
C7 NAG P . -28.37 -12.25 82.33
C8 NAG P . -27.98 -11.99 80.91
N2 NAG P . -28.78 -11.19 83.03
O3 NAG P . -31.27 -12.35 83.84
O4 NAG P . -32.56 -11.08 86.09
O5 NAG P . -29.03 -10.22 86.60
O6 NAG P . -32.09 -10.52 88.49
O7 NAG P . -28.33 -13.38 82.83
C1 NAG Q . -20.28 4.76 101.25
C2 NAG Q . -21.57 5.03 102.01
C3 NAG Q . -21.44 4.59 103.46
C4 NAG Q . -20.99 3.14 103.54
C5 NAG Q . -19.75 2.92 102.67
C6 NAG Q . -19.35 1.46 102.56
C7 NAG Q . -22.79 6.93 101.03
C8 NAG Q . -23.03 8.41 101.09
N2 NAG Q . -21.92 6.45 101.93
O3 NAG Q . -22.69 4.74 104.11
O4 NAG Q . -20.66 2.83 104.89
O5 NAG Q . -19.98 3.37 101.33
O6 NAG Q . -20.50 0.63 102.38
O7 NAG Q . -23.33 6.21 100.20
C1 NAG Q . -21.55 1.82 105.39
C2 NAG Q . -21.22 1.59 106.87
C3 NAG Q . -22.16 0.56 107.47
C4 NAG Q . -23.61 0.96 107.24
C5 NAG Q . -23.85 1.22 105.75
C6 NAG Q . -25.24 1.72 105.46
C7 NAG Q . -19.14 1.32 108.15
C8 NAG Q . -17.73 0.83 108.13
N2 NAG Q . -19.83 1.17 107.02
O3 NAG Q . -21.91 0.45 108.87
O4 NAG Q . -24.49 -0.06 107.69
O5 NAG Q . -22.93 2.21 105.26
O6 NAG Q . -26.19 1.19 106.37
O7 NAG Q . -19.64 1.83 109.15
C1 NAG R . -5.09 18.02 107.45
C2 NAG R . -5.45 19.39 106.87
C3 NAG R . -4.40 20.42 107.23
C4 NAG R . -4.18 20.44 108.73
C5 NAG R . -3.87 19.04 109.25
C6 NAG R . -3.78 18.98 110.76
C7 NAG R . -6.81 19.24 104.82
C8 NAG R . -6.79 19.17 103.33
N2 NAG R . -5.62 19.31 105.42
O3 NAG R . -4.81 21.69 106.77
O4 NAG R . -3.08 21.29 109.05
O5 NAG R . -4.92 18.13 108.87
O6 NAG R . -5.06 18.95 111.36
O7 NAG R . -7.86 19.24 105.47
C1 NAG R . -3.57 22.54 109.56
C2 NAG R . -2.46 23.20 110.37
C3 NAG R . -2.91 24.57 110.88
C4 NAG R . -3.41 25.42 109.73
C5 NAG R . -4.48 24.68 108.95
C6 NAG R . -4.94 25.43 107.71
C7 NAG R . -0.85 21.80 111.56
C8 NAG R . -0.60 20.95 112.78
N2 NAG R . -2.06 22.35 111.48
O3 NAG R . -1.83 25.21 111.54
O4 NAG R . -3.95 26.65 110.22
O5 NAG R . -3.98 23.42 108.49
O6 NAG R . -4.44 26.76 107.70
O7 NAG R . 0.02 21.97 110.71
C1 NAG S . -24.46 -26.53 73.26
C2 NAG S . -25.26 -27.51 74.11
C3 NAG S . -26.04 -28.47 73.21
C4 NAG S . -26.88 -27.68 72.20
C5 NAG S . -26.01 -26.67 71.46
C6 NAG S . -26.82 -25.76 70.55
C7 NAG S . -24.06 -27.82 76.23
C8 NAG S . -23.16 -28.71 77.03
N2 NAG S . -24.40 -28.25 75.01
O3 NAG S . -26.88 -29.28 74.02
O4 NAG S . -27.44 -28.58 71.25
O5 NAG S . -25.33 -25.82 72.39
O6 NAG S . -27.35 -26.48 69.45
O7 NAG S . -24.47 -26.74 76.67
C1 NAG S . -28.86 -28.68 71.46
C2 NAG S . -29.51 -29.15 70.15
C3 NAG S . -31.02 -29.34 70.36
C4 NAG S . -31.28 -30.26 71.53
C5 NAG S . -30.57 -29.76 72.77
C6 NAG S . -30.69 -30.70 73.95
C7 NAG S . -29.24 -28.55 67.78
C8 NAG S . -28.96 -27.46 66.81
N2 NAG S . -29.26 -28.20 69.08
O3 NAG S . -31.59 -29.87 69.17
O4 NAG S . -32.68 -30.34 71.78
O5 NAG S . -29.16 -29.61 72.51
O6 NAG S . -29.44 -31.29 74.28
O7 NAG S . -29.44 -29.72 67.43
C1 NAG T . 16.48 18.75 85.62
C2 NAG T . 16.90 19.40 86.94
C3 NAG T . 16.12 20.70 87.16
C4 NAG T . 16.23 21.62 85.96
C5 NAG T . 15.85 20.86 84.69
C6 NAG T . 16.08 21.65 83.42
C7 NAG T . 17.58 18.35 89.05
C8 NAG T . 17.22 17.36 90.11
N2 NAG T . 16.70 18.50 88.05
O3 NAG T . 16.62 21.36 88.32
O4 NAG T . 15.36 22.72 86.13
O5 NAG T . 16.66 19.68 84.56
O6 NAG T . 17.00 21.00 82.56
O7 NAG T . 18.62 19.00 89.10
C1 NAG T . 16.09 23.97 85.95
C2 NAG T . 15.07 25.08 85.75
C3 NAG T . 15.77 26.41 85.58
C4 NAG T . 16.72 26.66 86.74
C5 NAG T . 17.67 25.48 86.92
C6 NAG T . 18.56 25.61 88.14
C7 NAG T . 12.88 24.75 84.70
C8 NAG T . 12.16 24.44 83.42
N2 NAG T . 14.21 24.79 84.61
O3 NAG T . 14.81 27.45 85.49
O4 NAG T . 17.48 27.84 86.50
O5 NAG T . 16.92 24.27 87.08
O6 NAG T . 18.02 26.54 89.07
O7 NAG T . 12.29 24.94 85.75
C1 NAG U . 26.56 8.12 100.13
C2 NAG U . 27.50 8.99 100.94
C3 NAG U . 27.11 8.96 102.41
C4 NAG U . 25.63 9.30 102.59
C5 NAG U . 24.76 8.48 101.65
C6 NAG U . 23.31 8.92 101.65
C7 NAG U . 29.67 8.99 99.79
C8 NAG U . 31.05 8.43 99.75
N2 NAG U . 28.87 8.55 100.77
O3 NAG U . 27.91 9.88 103.13
O4 NAG U . 25.25 9.00 103.93
O5 NAG U . 25.23 8.59 100.30
O6 NAG U . 23.17 10.21 101.10
O7 NAG U . 29.27 9.79 98.94
C1 NAG U . 24.85 10.18 104.65
C2 NAG U . 25.01 9.86 106.14
C3 NAG U . 24.62 11.08 106.98
C4 NAG U . 25.40 12.31 106.52
C5 NAG U . 25.23 12.52 105.03
C6 NAG U . 26.08 13.65 104.49
C7 NAG U . 24.78 7.55 106.91
C8 NAG U . 23.81 6.46 107.27
N2 NAG U . 24.22 8.71 106.52
O3 NAG U . 24.88 10.81 108.35
O4 NAG U . 24.93 13.47 107.22
O5 NAG U . 25.62 11.34 104.31
O6 NAG U . 27.45 13.42 104.72
O7 NAG U . 25.98 7.40 106.98
C1 NAG V . 31.03 -12.10 104.01
C2 NAG V . 32.38 -12.46 103.39
C3 NAG V . 32.70 -13.94 103.62
C4 NAG V . 32.58 -14.29 105.10
C5 NAG V . 31.23 -13.84 105.65
C6 NAG V . 31.12 -14.02 107.14
C7 NAG V . 33.00 -11.05 101.47
C8 NAG V . 32.93 -10.88 99.99
N2 NAG V . 32.40 -12.15 101.97
O3 NAG V . 34.00 -14.22 103.14
O4 NAG V . 32.69 -15.69 105.28
O5 NAG V . 31.03 -12.44 105.39
O6 NAG V . 32.36 -13.79 107.79
O7 NAG V . 33.57 -10.24 102.20
C1 NAG V . 34.01 -16.04 105.72
C2 NAG V . 33.90 -16.96 106.94
C3 NAG V . 35.29 -17.43 107.38
C4 NAG V . 36.04 -18.05 106.21
C5 NAG V . 36.08 -17.07 105.05
C6 NAG V . 36.73 -17.66 103.81
C7 NAG V . 32.53 -16.99 108.96
C8 NAG V . 31.87 -16.14 110.03
N2 NAG V . 33.21 -16.31 108.03
O3 NAG V . 35.16 -18.37 108.44
O4 NAG V . 37.38 -18.36 106.61
O5 NAG V . 34.75 -16.70 104.68
O6 NAG V . 37.28 -18.94 104.09
O7 NAG V . 32.45 -18.21 108.96
C1 NAG W . -0.83 29.25 75.87
C2 NAG W . -1.28 30.33 76.84
C3 NAG W . -1.80 31.53 76.07
C4 NAG W . -0.75 32.01 75.07
C5 NAG W . -0.30 30.86 74.18
C6 NAG W . 0.84 31.23 73.26
C7 NAG W . -2.48 30.32 78.97
C8 NAG W . -3.58 29.68 79.78
N2 NAG W . -2.29 29.82 77.75
O3 NAG W . -2.12 32.57 76.98
O4 NAG W . -1.29 33.03 74.24
O5 NAG W . 0.16 29.77 74.99
O6 NAG W . 0.46 32.29 72.39
O7 NAG W . -1.81 31.24 79.42
C1 NAG W . -0.81 34.32 74.70
C2 NAG W . -0.76 35.30 73.52
C3 NAG W . -0.32 36.67 74.01
C4 NAG W . -1.21 37.15 75.15
C5 NAG W . -1.24 36.10 76.26
C6 NAG W . -2.20 36.44 77.37
C7 NAG W . 0.03 35.18 71.21
C8 NAG W . 1.03 34.59 70.27
N2 NAG W . 0.13 34.81 72.49
O3 NAG W . -0.40 37.60 72.93
O4 NAG W . -0.71 38.36 75.69
O5 NAG W . -1.68 34.84 75.72
O6 NAG W . -2.25 37.84 77.59
O7 NAG W . -0.85 35.95 70.82
C1 NAG X . 17.99 -29.80 83.04
C2 NAG X . 19.04 -30.34 84.03
C3 NAG X . 20.44 -30.03 83.54
C4 NAG X . 20.64 -30.59 82.14
C5 NAG X . 19.60 -29.97 81.21
C6 NAG X . 19.68 -30.50 79.81
C7 NAG X . 18.17 -30.44 86.31
C8 NAG X . 18.04 -29.73 87.63
N2 NAG X . 18.83 -29.79 85.35
O3 NAG X . 21.39 -30.62 84.42
O4 NAG X . 21.96 -30.33 81.66
O5 NAG X . 18.28 -30.28 81.71
O6 NAG X . 18.54 -30.11 79.04
O7 NAG X . 17.70 -31.56 86.13
C1 NAG X . 22.66 -31.59 81.62
C2 NAG X . 24.05 -31.39 81.02
C3 NAG X . 24.81 -32.71 81.02
C4 NAG X . 24.84 -33.31 82.42
C5 NAG X . 23.41 -33.44 82.96
C6 NAG X . 23.37 -33.92 84.39
C7 NAG X . 24.95 -30.14 79.11
C8 NAG X . 24.69 -29.65 77.72
N2 NAG X . 23.96 -30.85 79.67
O3 NAG X . 26.15 -32.49 80.57
O4 NAG X . 25.44 -34.60 82.39
O5 NAG X . 22.76 -32.16 82.93
O6 NAG X . 24.37 -34.89 84.64
O7 NAG X . 25.99 -29.88 79.72
C1 NAG Y . 5.65 -33.91 98.51
C2 NAG Y . 6.18 -35.25 99.01
C3 NAG Y . 6.44 -35.19 100.50
C4 NAG Y . 7.37 -34.03 100.83
C5 NAG Y . 6.84 -32.73 100.23
C6 NAG Y . 7.81 -31.58 100.39
C7 NAG Y . 5.63 -37.57 98.40
C8 NAG Y . 4.55 -38.54 98.11
N2 NAG Y . 5.24 -36.32 98.69
O3 NAG Y . 7.03 -36.42 100.93
O4 NAG Y . 7.48 -33.89 102.24
O5 NAG Y . 6.60 -32.88 98.82
O6 NAG Y . 9.15 -31.98 100.13
O7 NAG Y . 6.82 -37.88 98.39
C1 NAG Y . 8.80 -34.26 102.68
C2 NAG Y . 8.77 -34.52 104.18
C3 NAG Y . 10.15 -34.97 104.67
C4 NAG Y . 10.63 -36.16 103.85
C5 NAG Y . 10.60 -35.84 102.36
C6 NAG Y . 10.96 -37.00 101.49
C7 NAG Y . 7.82 -33.39 106.14
C8 NAG Y . 7.43 -32.07 106.73
N2 NAG Y . 8.34 -33.34 104.90
O3 NAG Y . 10.07 -35.34 106.04
O4 NAG Y . 11.96 -36.49 104.23
O5 NAG Y . 9.27 -35.43 101.99
O6 NAG Y . 11.57 -38.05 102.25
O7 NAG Y . 7.68 -34.44 106.75
C1 NAG Z . -13.50 -27.74 104.29
C2 NAG Z . -14.49 -28.81 103.80
C3 NAG Z . -15.92 -28.44 104.20
C4 NAG Z . -16.00 -28.17 105.69
C5 NAG Z . -15.00 -27.09 106.08
C6 NAG Z . -14.95 -26.81 107.56
C7 NAG Z . -14.80 -30.08 101.72
C8 NAG Z . -14.62 -30.08 100.23
N2 NAG Z . -14.39 -28.98 102.36
O3 NAG Z . -16.81 -29.49 103.84
O4 NAG Z . -17.32 -27.75 106.03
O5 NAG Z . -13.68 -27.52 105.70
O6 NAG Z . -14.82 -28.00 108.31
O7 NAG Z . -15.28 -31.04 102.32
C1 NAG Z . -17.86 -28.63 107.06
C2 NAG Z . -19.38 -28.47 107.09
C3 NAG Z . -19.98 -29.40 108.15
C4 NAG Z . -19.52 -30.83 107.91
C5 NAG Z . -18.00 -30.90 107.82
C6 NAG Z . -17.49 -32.27 107.47
C7 NAG Z . -20.91 -26.55 106.95
C8 NAG Z . -21.13 -25.11 107.32
N2 NAG Z . -19.76 -27.09 107.37
O3 NAG Z . -21.40 -29.32 108.11
O4 NAG Z . -19.98 -31.67 108.97
O5 NAG Z . -17.53 -30.00 106.81
O6 NAG Z . -18.54 -33.14 107.08
O7 NAG Z . -21.73 -27.19 106.31
C1 NAG AA . -34.34 -36.02 3.19
C2 NAG AA . -35.38 -36.36 4.26
C3 NAG AA . -35.76 -37.83 4.18
C4 NAG AA . -36.23 -38.19 2.78
C5 NAG AA . -35.14 -37.82 1.77
C6 NAG AA . -35.56 -38.05 0.34
C7 NAG AA . -35.59 -35.29 6.46
C8 NAG AA . -34.94 -35.05 7.79
N2 NAG AA . -34.90 -36.03 5.59
O3 NAG AA . -36.80 -38.11 5.12
O4 NAG AA . -36.56 -39.57 2.68
O5 NAG AA . -34.83 -36.43 1.89
O6 NAG AA . -34.99 -39.25 -0.18
O7 NAG AA . -36.70 -34.86 6.19
C1 NAG AA . -35.48 -40.41 3.14
C2 NAG AA . -36.05 -41.51 4.03
C3 NAG AA . -34.95 -42.44 4.50
C4 NAG AA . -34.17 -42.98 3.30
C5 NAG AA . -33.68 -41.82 2.43
C6 NAG AA . -33.00 -42.28 1.16
C7 NAG AA . -37.71 -41.58 5.85
C8 NAG AA . -38.31 -40.85 7.00
N2 NAG AA . -36.75 -40.94 5.18
O3 NAG AA . -35.51 -43.53 5.22
O4 NAG AA . -33.06 -43.75 3.74
O5 NAG AA . -34.78 -41.00 2.04
O6 NAG AA . -33.22 -41.36 0.10
O7 NAG AA . -38.07 -42.72 5.53
C1 NAG BA . 35.40 -19.03 71.65
C2 NAG BA . 36.68 -19.11 72.48
C3 NAG BA . 37.89 -19.12 71.57
C4 NAG BA . 37.77 -20.22 70.53
C5 NAG BA . 36.43 -20.12 69.80
C6 NAG BA . 36.20 -21.27 68.84
C7 NAG BA . 36.85 -18.21 74.75
C8 NAG BA . 36.92 -16.98 75.60
N2 NAG BA . 36.75 -18.02 73.44
O3 NAG BA . 39.07 -19.30 72.36
O4 NAG BA . 38.83 -20.12 69.59
O5 NAG BA . 35.35 -20.12 70.74
O6 NAG BA . 37.15 -21.29 67.79
O7 NAG BA . 36.89 -19.33 75.25
C1 NAG BA . 39.76 -21.20 69.82
C2 NAG BA . 40.68 -21.30 68.60
C3 NAG BA . 41.71 -22.41 68.82
C4 NAG BA . 42.46 -22.18 70.13
C5 NAG BA . 41.48 -22.02 71.28
C6 NAG BA . 42.14 -21.67 72.59
C7 NAG BA . 39.89 -20.69 66.37
C8 NAG BA . 39.06 -21.09 65.19
N2 NAG BA . 39.92 -21.55 67.39
O3 NAG BA . 42.63 -22.43 67.74
O4 NAG BA . 43.32 -23.28 70.41
O5 NAG BA . 40.54 -20.97 71.00
O6 NAG BA . 41.30 -21.93 73.70
O7 NAG BA . 40.51 -19.63 66.38
C1 NAG CA . -10.32 22.73 89.21
C2 NAG CA . -9.81 22.98 90.62
C3 NAG CA . -10.26 24.35 91.12
C4 NAG CA . -9.85 25.43 90.13
C5 NAG CA . -10.38 25.10 88.74
C6 NAG CA . -9.91 26.06 87.67
C7 NAG CA . -9.43 21.28 92.35
C8 NAG CA . -10.06 20.23 93.22
N2 NAG CA . -10.25 21.94 91.53
O3 NAG CA . -9.67 24.62 92.39
O4 NAG CA . -10.38 26.69 90.54
O5 NAG CA . -9.91 23.79 88.35
O6 NAG CA . -9.10 27.09 88.23
O7 NAG CA . -8.22 21.51 92.39
C1 NAG DA . -21.92 12.11 86.84
C2 NAG DA . -23.25 11.59 86.30
C3 NAG DA . -23.66 12.36 85.05
C4 NAG DA . -23.66 13.85 85.33
C5 NAG DA . -22.32 14.29 85.90
C6 NAG DA . -22.29 15.74 86.31
C7 NAG DA . -24.22 9.33 86.23
C8 NAG DA . -23.98 7.89 85.89
N2 NAG DA . -23.19 10.16 86.03
O3 NAG DA . -24.95 11.93 84.63
O4 NAG DA . -23.91 14.57 84.13
O5 NAG DA . -22.01 13.52 87.07
O6 NAG DA . -22.74 15.90 87.66
O7 NAG DA . -25.29 9.73 86.66
C1 NAG EA . -32.43 25.55 55.67
C2 NAG EA . -33.22 26.73 55.10
C3 NAG EA . -32.34 27.98 55.06
C4 NAG EA . -31.76 28.25 56.44
C5 NAG EA . -31.03 27.01 56.96
C6 NAG EA . -30.53 27.17 58.37
C7 NAG EA . -34.93 25.88 53.56
C8 NAG EA . -35.30 25.64 52.12
N2 NAG EA . -33.74 26.43 53.78
O3 NAG EA . -33.13 29.09 54.64
O4 NAG EA . -30.85 29.34 56.38
O5 NAG EA . -31.93 25.89 56.97
O6 NAG EA . -29.17 27.61 58.40
O7 NAG EA . -35.68 25.58 54.48
C1 NAG FA . -23.57 28.90 37.81
C2 NAG FA . -23.95 30.30 37.33
C3 NAG FA . -22.84 31.29 37.66
C4 NAG FA . -22.54 31.24 39.15
C5 NAG FA . -22.21 29.82 39.57
C6 NAG FA . -22.01 29.67 41.07
C7 NAG FA . -25.08 31.15 35.33
C8 NAG FA . -25.25 31.02 33.83
N2 NAG FA . -24.22 30.29 35.90
O3 NAG FA . -23.26 32.59 37.29
O4 NAG FA . -21.43 32.09 39.44
O5 NAG FA . -23.28 28.93 39.21
O6 NAG FA . -23.20 29.97 41.78
O7 NAG FA . -25.68 32.00 35.97
C1 NAG GA . -39.47 -24.62 26.76
C2 NAG GA . -40.32 -24.55 28.03
C3 NAG GA . -40.50 -25.94 28.62
C4 NAG GA . -41.07 -26.89 27.56
C5 NAG GA . -40.17 -26.87 26.33
C6 NAG GA . -40.72 -27.71 25.19
C7 NAG GA . -40.44 -23.01 29.94
C8 NAG GA . -39.67 -22.13 30.87
N2 NAG GA . -39.72 -23.66 29.01
O3 NAG GA . -41.39 -25.89 29.73
O4 NAG GA . -41.12 -28.21 28.07
O5 NAG GA . -40.06 -25.53 25.83
O6 NAG GA . -40.58 -29.09 25.47
O7 NAG GA . -41.66 -23.14 30.02
C1 NAG HA . -54.94 -19.04 -7.16
C2 NAG HA . -54.81 -18.47 -8.57
C3 NAG HA . -55.46 -19.42 -9.58
C4 NAG HA . -54.89 -20.82 -9.44
C5 NAG HA . -54.99 -21.29 -7.99
C6 NAG HA . -54.33 -22.62 -7.75
C7 NAG HA . -54.71 -16.03 -8.87
C8 NAG HA . -55.50 -14.76 -8.93
N2 NAG HA . -55.42 -17.15 -8.66
O3 NAG HA . -55.24 -18.93 -10.89
O4 NAG HA . -55.58 -21.73 -10.28
O5 NAG HA . -54.36 -20.35 -7.12
O6 NAG HA . -52.95 -22.48 -7.48
O7 NAG HA . -53.50 -16.05 -9.01
C1 NAG IA . 35.80 -8.39 86.00
C2 NAG IA . 36.02 -9.25 87.23
C3 NAG IA . 37.49 -9.25 87.62
C4 NAG IA . 38.36 -9.64 86.43
C5 NAG IA . 38.04 -8.76 85.23
C6 NAG IA . 38.76 -9.21 83.98
C7 NAG IA . 34.71 -9.67 89.27
C8 NAG IA . 33.88 -9.07 90.35
N2 NAG IA . 35.19 -8.83 88.34
O3 NAG IA . 37.71 -10.16 88.70
O4 NAG IA . 39.74 -9.48 86.78
O5 NAG IA . 36.64 -8.83 84.93
O6 NAG IA . 38.54 -10.59 83.71
O7 NAG IA . 34.96 -10.87 89.23
C1 NAG JA . 32.08 6.69 84.62
C2 NAG JA . 31.97 8.06 83.94
C3 NAG JA . 32.75 8.05 82.63
C4 NAG JA . 34.18 7.60 82.85
C5 NAG JA . 34.20 6.25 83.56
C6 NAG JA . 35.59 5.80 83.93
C7 NAG JA . 30.16 9.69 83.57
C8 NAG JA . 28.70 9.88 83.34
N2 NAG JA . 30.58 8.42 83.71
O3 NAG JA . 32.73 9.35 82.05
O4 NAG JA . 34.87 7.48 81.61
O5 NAG JA . 33.46 6.34 84.79
O6 NAG JA . 36.06 6.46 85.10
O7 NAG JA . 30.94 10.63 83.63
C1 NAG KA . 41.90 3.95 33.66
C2 NAG KA . 43.09 3.16 33.10
C3 NAG KA . 43.21 1.81 33.80
C4 NAG KA . 43.30 2.00 35.30
C5 NAG KA . 42.09 2.81 35.78
C6 NAG KA . 42.15 3.12 37.25
C7 NAG KA . 43.96 3.18 30.79
C8 NAG KA . 43.64 2.95 29.36
N2 NAG KA . 42.95 2.98 31.66
O3 NAG KA . 44.38 1.15 33.32
O4 NAG KA . 43.31 0.74 35.95
O5 NAG KA . 42.04 4.06 35.09
O6 NAG KA . 43.22 2.45 37.89
O7 NAG KA . 45.07 3.53 31.17
C1 NAG LA . 2.72 43.72 30.58
C2 NAG LA . 3.27 44.11 31.94
C3 NAG LA . 2.13 44.62 32.83
C4 NAG LA . 1.39 45.76 32.14
C5 NAG LA . 0.94 45.32 30.75
C6 NAG LA . 0.31 46.44 29.94
C7 NAG LA . 5.28 42.86 32.56
C8 NAG LA . 5.82 41.64 33.25
N2 NAG LA . 3.95 43.00 32.58
O3 NAG LA . 2.68 45.09 34.07
O4 NAG LA . 0.24 46.13 32.90
O5 NAG LA . 2.05 44.84 29.99
O6 NAG LA . 1.25 47.03 29.06
O7 NAG LA . 6.01 43.67 32.01
C1 NAG MA . 47.98 -12.36 0.15
C2 NAG MA . 48.31 -13.51 1.09
C3 NAG MA . 49.55 -13.18 1.91
C4 NAG MA . 50.71 -12.84 0.97
C5 NAG MA . 50.30 -11.74 0.00
C6 NAG MA . 51.35 -11.44 -1.04
C7 NAG MA . 46.21 -14.65 1.63
C8 NAG MA . 45.13 -14.84 2.64
N2 NAG MA . 47.19 -13.80 1.96
O3 NAG MA . 49.90 -14.31 2.71
O4 NAG MA . 51.84 -12.41 1.72
O5 NAG MA . 49.10 -12.11 -0.71
O6 NAG MA . 52.67 -11.55 -0.50
O7 NAG MA . 46.20 -15.23 0.55
C1 NAG NA . -14.39 -32.97 85.77
C2 NAG NA . -15.34 -32.43 86.85
C3 NAG NA . -16.28 -33.54 87.32
C4 NAG NA . -17.01 -34.16 86.14
C5 NAG NA . -16.00 -34.64 85.10
C6 NAG NA . -16.65 -35.15 83.84
C7 NAG NA . -15.02 -30.84 88.68
C8 NAG NA . -14.13 -30.40 89.81
N2 NAG NA . -14.59 -31.88 87.97
O3 NAG NA . -17.23 -32.98 88.23
O4 NAG NA . -17.78 -35.27 86.57
O5 NAG NA . -15.15 -33.55 84.70
O6 NAG NA . -17.93 -34.57 83.65
O7 NAG NA . -16.08 -30.27 88.43
C1 NAG OA . -13.40 -40.15 32.04
C2 NAG OA . -13.77 -41.38 31.20
C3 NAG OA . -14.70 -42.30 31.99
C4 NAG OA . -14.09 -42.64 33.34
C5 NAG OA . -13.71 -41.36 34.09
C6 NAG OA . -13.00 -41.63 35.39
C7 NAG OA . -13.76 -40.94 28.78
C8 NAG OA . -14.57 -40.51 27.60
N2 NAG OA . -14.41 -40.98 29.94
O3 NAG OA . -14.94 -43.49 31.25
O4 NAG OA . -15.01 -43.38 34.12
O5 NAG OA . -12.83 -40.58 33.28
O6 NAG OA . -12.24 -42.82 35.33
O7 NAG OA . -12.57 -41.24 28.68
C1 NAG PA . 42.03 -25.77 23.71
C2 NAG PA . 42.61 -26.72 24.76
C3 NAG PA . 43.86 -26.12 25.39
C4 NAG PA . 44.86 -25.73 24.31
C5 NAG PA . 44.20 -24.81 23.29
C6 NAG PA . 45.09 -24.46 22.13
C7 NAG PA . 40.68 -27.96 25.65
C8 NAG PA . 39.76 -28.14 26.81
N2 NAG PA . 41.63 -27.02 25.79
O3 NAG PA . 44.46 -27.08 26.26
O4 NAG PA . 45.98 -25.06 24.90
O5 NAG PA . 43.03 -25.44 22.74
O6 NAG PA . 44.34 -24.17 20.96
O7 NAG PA . 40.58 -28.62 24.62
C1 NAG QA . 43.88 -38.08 -11.86
C2 NAG QA . 42.97 -37.43 -12.91
C3 NAG QA . 43.71 -37.27 -14.24
C4 NAG QA . 45.02 -36.53 -14.03
C5 NAG QA . 45.85 -37.24 -12.99
C6 NAG QA . 47.15 -36.53 -12.68
C7 NAG QA . 40.61 -37.67 -13.54
C8 NAG QA . 39.45 -38.61 -13.67
N2 NAG QA . 41.75 -38.20 -13.09
O3 NAG QA . 42.89 -36.54 -15.15
O4 NAG QA . 45.74 -36.47 -15.25
O5 NAG QA . 45.11 -37.34 -11.75
O6 NAG QA . 47.07 -35.15 -13.02
O7 NAG QA . 40.52 -36.48 -13.85
#